data_6DVC
#
_entry.id   6DVC
#
_cell.length_a   146.319
_cell.length_b   161.519
_cell.length_c   240.586
_cell.angle_alpha   90.00
_cell.angle_beta   90.00
_cell.angle_gamma   90.00
#
_symmetry.space_group_name_H-M   'P 21 21 21'
#
loop_
_entity.id
_entity.type
_entity.pdbx_description
1 polymer 'DNA-directed RNA polymerase subunit alpha'
2 polymer 'DNA-directed RNA polymerase subunit beta'
3 polymer "DNA-directed RNA polymerase subunit beta'"
4 polymer 'DNA-directed RNA polymerase subunit omega'
5 polymer 'ECF RNA polymerase sigma factor SigL'
6 polymer "DNA (5'-D(*GP*CP*AP*TP*CP*CP*GP*TP*GP*AP*GP*TP*CP*GP*AP*GP*G)-3')"
7 polymer "DNA (5'-D(P*CP*GP*TP*GP*TP*CP*AP*GP*TP*AP*GP*TP*GP*TP*CP*AP*CP*GP*GP*AP*TP*GP*C)-3')"
8 polymer "RNA (5'-R(*CP*UP*CP*GP*A)-3')"
9 non-polymer 'ZINC ION'
#
loop_
_entity_poly.entity_id
_entity_poly.type
_entity_poly.pdbx_seq_one_letter_code
_entity_poly.pdbx_strand_id
1 'polypeptide(L)'
;MGHHHHHHHHHHMLISQRPTLSEDVLTDNRSQFVIEPLEPGFGYTLGNSLRRTLLSSIPGAAVTSIRIDGVLHEFTTVPG
VKEDVTEIILNLKSLVVSSEEDEPVTMYLRKQGPGEVTAGDIVPPAGVTVHNPGMHIATLNDKGKLEVELVVERGRGYVP
AVQNRASGAEIGRIPVDSIYSPVLKVTYKVDATRVEQRTDFDKLILDVETKNSISPRDALASAGKTLVELFGLARELNVE
AEGIEIGPSPAEADHIASFALPIDDLDLTVRSYNCLKREGVHTVGELVARTESDLLDIRNFGQKSIDEVKIKLHQLGLSL
KDSPPSFDPSEVAGYDVATGTWSTEGAYDEQDYAETEQL
;
A,B
2 'polypeptide(L)'
;MLEGCILADSRQSKTAASPSPSRPQSSSNNSVPGAPNRVSFAKLREPLEVPGLLDVQTDSFEWLIGSPRWRESAAERGDV
NPVGGLEEVLYELSPIEDFSGSMSLSFSDPRFDDVKAPVDECKDKDMTYAAPLFVTAEFINNNTGEIKSQTVFMGDFPMM
TEKGTFIINGTERVVVSQLVRSPGVYFDETIDKSTDKTLHSVKVIPSRGAWLEFDVDKRDTVGVRIDRKRRQPVTVLLKA
LGWTSEQIVERFGFSEIMRSTLEKDNTVGTDEALLDIYRKLRPGEPPTKESAQTLLENLFFKEKRYDLARVGRYKVNKKL
GLHVGEPITSSTLTEEDVVATIEYLVRLHEGQTTMTVPGGVEVPVETDDIDHFGNRRLRTVGELIQNQIRVGMSRMERVV
RERMTTQDVEAITPQTLINIRPVVAAIKEFFGTSQLSQFMDQNNPLSGLTHKRRLSALGPGGLSRERAGLEVRDVHPSHY
GRMCPIETPEGPNIGLIGSLSVYARVNPFGFIETPYRKVVDGVVSDEIVYLTADEEDRHVVAQANSPIDADGRFVEPRVL
VRRKAGEVEYVPSSEVDYMDVSPRQMVSVATAMIPFLEHDDANRALMGANMQRQAVPLVRSEAPLVGTGMELRAAIDAGD
VVVAEESGVIEEVSADYITVMHDNGTRRTYRMRKFARSNHGTCANQCPIVDAGDRVEAGQVIADGPCTDDGEMALGKNLL
VAIMPWEGHNYEDAIILSNRLVEEDVLTSIHIEEHEIDARDTKLGAEEITRDIPNISDEVLADLDERGIVRIGAEVRDGD
ILVGKVTPKGETELTPEERLLRAIFGEKAREVRDTSLKVPHGESGKVIGIRVFSREDEDELPAGVNELVRVYVAQKRKIS
DGDKLAGRHGNKGVIGKILPVEDMPFLADGTPVDIILNTHGVPRRMNIGQILETHLGWCAHSGWKVDAAKGVPDWAARLP
DELLEAQPNAIVSTPVFDGAQEAELQGLLSCTLPNRDGDVLVDADGKAMLFDGRSGEPFPYPVTVGYMYIMKLHHLVDDK
IHARSTGPYSMITQQPLGGKAQFGGQRFGEMECWAMQAYGAAYTLQELLTIKSDDTVGRVKVYEAIVKGENIPEPGIPES
FKVLLKELQSLCLNVEVLSSDGAAIELREGEDEDLERAAANLGINLSRNESASVEDLA
;
C
3 'polypeptide(L)'
;MLDVNFFDELRIGLATAEDIRQWSYGEVKKPETINYRTLKPEKDGLFCEKIFGPTRDWECYCGKYKRVRFKGIICERCGV
EVTRAKVRRERMGHIELAAPVTHIWYFKGVPSRLGYLLDLAPKDLEKIIYFAAYVITSVDEEMRHNELSTLEAEMAVERK
AVEDQRDGELEARAQKLEADLAELEAEGAKADARRKVRDGGEREMRQIRDRAQRELDRLEDIWSTFTKLAPKQLIVDENL
YRELVDRYGEYFTGAMGAESIQKLIENFDIDAEAESLRDVIRNGKGQKKLRALKRLKVVAAFQQSGNSPMGMVLDAVPVI
PPELRPMVQLDGGRFATSDLNDLYRRVINRNNRLKRLIDLGAPEIIVNNEKRMLQESVDALFDNGRRGRPVTGPGNRPLK
SLSDLLKGKQGRFRQNLLGKRVDYSGRSVIVVGPQLKLHQCGLPKLMALELFKPFVMKRLVDLNHAQNIKSAKRMVERQR
PQVWDVLEEVIAEHPVLLNRAPTLHRLGIQAFEPMLVEGKAIQLHPLVCEAFNADFDGDQMAVHLPLSAEAQAEARILML
SSNNILSPASGRPLAMPRLDMVTGLYYLTTEVPGDTGEYQPASGDHPETGVYSSPAEAIMAADRGVLSVRAKIKVRLTQL
RPPVEIEAELFGHSGWQPGDAWMAETTLGRVMFNELLPLGYPFVNKQMHKKVQAAIINDLAERYPMIVVAQTVDKLKDAG
FYWATRSGVTVSMADVLVPPRKKEILDHYEERADKVEKQFQRGALNHDERNEALVEIWKEATDEVGQALREHYPDDNPII
TIVDSGATGNFTQTRTLAGMKGLVTNPKGEFIPRPVKSSFREGLTVLEYFINTHGARKGLADTALRTADSGYLTRRLVDV
SQDVIVREHDCQTERGIVVELAERAPDGTLIRDPYIETSAYARTLGTDAVDEAGNVIVERGQDLGDPEIDALLAAGITQV
KVRSVLTCATSTGVCATCYGRSMATGKLVDIGEAVGIVAAQSIGEPGTQLTMRTFHQGGVGEDITGGLPRVQELFEARVP
RGKAPIADVTGRVRLEDGERFYKITIVPDDGGEEVVYDKISKRQRLRVFKHEDGSERVLSDGDHVEVGQQLMEGSADPHE
VLRVQGPREVQIHLVREVQEVYRAQGVSIHDKHIEVIVRQMLRRVTIIDSGSTEFLPGSLIDRAEFEAENRRVVAEGGEP
AAGRPVLMGITKASLATDSWLSAASFQETTRVLTDAAINCRSDKLNGLKENVIIGKLIPAGTGINRYRNIAVQPTEEARA
AAYTIPSYEDQYYSPDFGAATGAAVPLDDYGYSDYR
;
D
4 'polypeptide(L)'
;MSISQSDASLAAVPAVDQFDPSSGASGGYDTPLGITNPPIDELLDRVSSKYALVIYAAKRARQINDYYNQLGEGILEYVG
PLVEPGLQEKPLSIALREIHADLLEHTEGE
;
E
5 'polypeptide(L)'
;MARVSGAAAAEAALMRALYDEHAAVLWRYALRLTGDAAQAEDVVQETLLRAWQHPEVIGDTARPARAWLFTVARNMIIDE
RRSARFRNVVGSTDQSGTPEQSTPDEVNAALDRLLIADALAQLSAEHRAVIQRSYYRGWSTAQIATDLGIAEGTVKSRLH
YAVRALRLTLQELGVTR
;
F
6 'polydeoxyribonucleotide' (DG)(DC)(DA)(DT)(DC)(DC)(DG)(DT)(DG)(DA)(DG)(DT)(DC)(DG)(DA)(DG)(DG) G
7 'polydeoxyribonucleotide'
;(DC)(DG)(DT)(DG)(DT)(DC)(DA)(DG)(DT)(DA)(DG)(DC)(DT)(DG)(DT)(DC)(DA)(DC)(DG)(DG)
(DA)(DT)(DG)(DC)
;
H
8 'polyribonucleotide' CUCGA I
#
loop_
_chem_comp.id
_chem_comp.type
_chem_comp.name
_chem_comp.formula
A RNA linking ADENOSINE-5'-MONOPHOSPHATE 'C10 H14 N5 O7 P'
C RNA linking CYTIDINE-5'-MONOPHOSPHATE 'C9 H14 N3 O8 P'
DA DNA linking 2'-DEOXYADENOSINE-5'-MONOPHOSPHATE 'C10 H14 N5 O6 P'
DC DNA linking 2'-DEOXYCYTIDINE-5'-MONOPHOSPHATE 'C9 H14 N3 O7 P'
DG DNA linking 2'-DEOXYGUANOSINE-5'-MONOPHOSPHATE 'C10 H14 N5 O7 P'
DT DNA linking THYMIDINE-5'-MONOPHOSPHATE 'C10 H15 N2 O8 P'
G RNA linking GUANOSINE-5'-MONOPHOSPHATE 'C10 H14 N5 O8 P'
U RNA linking URIDINE-5'-MONOPHOSPHATE 'C9 H13 N2 O9 P'
ZN non-polymer 'ZINC ION' 'Zn 2'
#
# COMPACT_ATOMS: atom_id res chain seq x y z
N LEU A 14 12.65 -51.95 44.56
CA LEU A 14 12.00 -50.74 44.08
C LEU A 14 10.49 -50.87 44.09
N ILE A 15 9.88 -50.62 45.26
CA ILE A 15 8.45 -50.78 45.45
C ILE A 15 7.89 -49.49 46.06
N SER A 16 6.57 -49.45 46.24
CA SER A 16 5.87 -48.22 46.54
C SER A 16 5.98 -47.83 48.01
N GLN A 17 6.15 -46.53 48.25
CA GLN A 17 5.93 -45.91 49.54
C GLN A 17 5.05 -44.69 49.31
N ARG A 18 3.93 -44.62 50.01
CA ARG A 18 2.95 -43.58 49.75
C ARG A 18 3.56 -42.19 49.97
N PRO A 19 3.32 -41.24 49.08
CA PRO A 19 3.96 -39.92 49.20
C PRO A 19 3.33 -39.09 50.31
N THR A 20 4.12 -38.13 50.80
CA THR A 20 3.76 -37.31 51.94
C THR A 20 3.89 -35.83 51.57
N LEU A 21 2.97 -35.02 52.08
CA LEU A 21 2.96 -33.58 51.85
C LEU A 21 3.06 -32.87 53.19
N SER A 22 4.11 -32.07 53.35
CA SER A 22 4.34 -31.33 54.59
C SER A 22 4.61 -29.86 54.26
N GLU A 23 4.11 -28.98 55.13
CA GLU A 23 4.10 -27.54 54.87
C GLU A 23 5.25 -26.86 55.62
N ASP A 24 5.82 -25.83 54.98
CA ASP A 24 6.83 -24.96 55.58
C ASP A 24 6.44 -23.52 55.32
N VAL A 25 6.43 -22.70 56.38
CA VAL A 25 6.00 -21.31 56.28
C VAL A 25 7.22 -20.41 56.16
N LEU A 26 7.14 -19.43 55.26
CA LEU A 26 8.16 -18.40 55.11
C LEU A 26 7.69 -17.05 55.66
N THR A 27 6.52 -16.59 55.23
CA THR A 27 5.91 -15.38 55.75
C THR A 27 4.44 -15.67 55.99
N ASP A 28 3.68 -14.62 56.33
CA ASP A 28 2.25 -14.78 56.57
C ASP A 28 1.46 -15.04 55.30
N ASN A 29 2.04 -14.82 54.12
CA ASN A 29 1.36 -15.04 52.86
C ASN A 29 2.24 -15.79 51.86
N ARG A 30 3.15 -16.62 52.36
CA ARG A 30 3.98 -17.45 51.50
C ARG A 30 4.37 -18.71 52.25
N SER A 31 4.21 -19.86 51.59
CA SER A 31 4.56 -21.14 52.18
C SER A 31 5.11 -22.06 51.11
N GLN A 32 6.07 -22.89 51.49
CA GLN A 32 6.59 -23.95 50.63
C GLN A 32 5.97 -25.28 51.04
N PHE A 33 5.73 -26.13 50.04
CA PHE A 33 5.15 -27.45 50.25
C PHE A 33 6.04 -28.48 49.57
N VAL A 34 6.49 -29.47 50.34
CA VAL A 34 7.33 -30.54 49.83
C VAL A 34 6.49 -31.80 49.71
N ILE A 35 6.56 -32.45 48.55
CA ILE A 35 5.83 -33.68 48.28
C ILE A 35 6.81 -34.74 47.82
N GLU A 36 6.95 -35.80 48.60
CA GLU A 36 7.89 -36.88 48.32
C GLU A 36 7.39 -38.14 49.00
N PRO A 37 7.73 -39.33 48.47
CA PRO A 37 8.49 -39.52 47.25
C PRO A 37 7.60 -39.66 46.02
N LEU A 38 8.05 -39.12 44.90
CA LEU A 38 7.35 -39.20 43.63
C LEU A 38 8.20 -39.94 42.62
N GLU A 39 7.54 -40.56 41.64
CA GLU A 39 8.26 -41.28 40.61
C GLU A 39 9.20 -40.35 39.86
N PRO A 40 10.28 -40.87 39.28
CA PRO A 40 11.20 -40.02 38.53
C PRO A 40 10.51 -39.40 37.31
N GLY A 41 10.68 -38.10 37.15
CA GLY A 41 10.04 -37.35 36.09
C GLY A 41 8.62 -36.92 36.38
N PHE A 42 8.10 -37.23 37.57
CA PHE A 42 6.72 -36.91 37.93
C PHE A 42 6.58 -35.59 38.66
N GLY A 43 7.69 -35.06 39.19
CA GLY A 43 7.60 -33.88 40.05
C GLY A 43 7.26 -32.62 39.27
N TYR A 44 7.80 -32.47 38.06
CA TYR A 44 7.56 -31.26 37.29
C TYR A 44 6.10 -31.15 36.87
N THR A 45 5.48 -32.27 36.52
CA THR A 45 4.10 -32.22 36.06
C THR A 45 3.12 -31.95 37.19
N LEU A 46 3.41 -32.47 38.38
CA LEU A 46 2.53 -32.21 39.53
C LEU A 46 2.61 -30.75 39.95
N GLY A 47 3.82 -30.18 39.99
CA GLY A 47 3.96 -28.78 40.33
C GLY A 47 3.26 -27.87 39.34
N ASN A 48 3.29 -28.23 38.05
CA ASN A 48 2.62 -27.42 37.04
C ASN A 48 1.11 -27.50 37.20
N SER A 49 0.56 -28.71 37.30
CA SER A 49 -0.88 -28.87 37.43
C SER A 49 -1.42 -28.17 38.67
N LEU A 50 -0.60 -28.04 39.72
CA LEU A 50 -1.01 -27.25 40.87
C LEU A 50 -0.84 -25.76 40.61
N ARG A 51 0.26 -25.36 39.96
CA ARG A 51 0.47 -23.95 39.66
C ARG A 51 -0.60 -23.41 38.73
N ARG A 52 -0.94 -24.17 37.69
CA ARG A 52 -1.94 -23.70 36.73
C ARG A 52 -3.30 -23.57 37.39
N THR A 53 -3.66 -24.51 38.28
CA THR A 53 -4.93 -24.42 38.96
C THR A 53 -4.92 -23.32 40.02
N LEU A 54 -3.76 -23.07 40.64
CA LEU A 54 -3.67 -22.00 41.64
C LEU A 54 -3.83 -20.62 40.99
N LEU A 55 -3.13 -20.38 39.89
CA LEU A 55 -3.12 -19.06 39.27
C LEU A 55 -4.43 -18.71 38.58
N SER A 56 -5.38 -19.63 38.49
CA SER A 56 -6.55 -19.37 37.67
C SER A 56 -7.87 -19.67 38.37
N SER A 57 -7.94 -20.73 39.17
CA SER A 57 -9.24 -21.20 39.65
C SER A 57 -9.33 -21.26 41.16
N ILE A 58 -8.92 -20.20 41.85
CA ILE A 58 -9.05 -20.11 43.30
C ILE A 58 -10.09 -19.04 43.59
N PRO A 59 -11.14 -19.36 44.35
CA PRO A 59 -12.21 -18.38 44.57
C PRO A 59 -11.77 -17.20 45.41
N GLY A 60 -12.30 -16.03 45.08
CA GLY A 60 -12.00 -14.81 45.80
C GLY A 60 -13.06 -13.77 45.51
N ALA A 61 -12.93 -12.64 46.20
CA ALA A 61 -13.87 -11.53 46.05
C ALA A 61 -13.15 -10.31 45.50
N ALA A 62 -13.90 -9.48 44.77
CA ALA A 62 -13.38 -8.24 44.22
C ALA A 62 -14.54 -7.28 44.01
N VAL A 63 -14.20 -6.02 43.79
CA VAL A 63 -15.21 -4.99 43.57
C VAL A 63 -15.66 -5.05 42.11
N THR A 64 -16.97 -5.16 41.90
CA THR A 64 -17.53 -5.21 40.55
C THR A 64 -17.62 -3.83 39.93
N SER A 65 -18.32 -2.92 40.60
CA SER A 65 -18.57 -1.58 40.07
C SER A 65 -18.52 -0.59 41.22
N ILE A 66 -18.27 0.68 40.87
CA ILE A 66 -18.27 1.74 41.87
C ILE A 66 -19.31 2.78 41.48
N ARG A 67 -19.50 3.78 42.34
CA ARG A 67 -20.46 4.85 42.06
C ARG A 67 -20.04 6.07 42.87
N ILE A 68 -19.49 7.07 42.18
CA ILE A 68 -19.13 8.35 42.79
C ILE A 68 -20.26 9.33 42.50
N ASP A 69 -20.62 10.13 43.52
CA ASP A 69 -21.83 10.95 43.42
C ASP A 69 -21.68 12.05 42.38
N GLY A 70 -20.58 12.80 42.42
CA GLY A 70 -20.41 13.93 41.53
C GLY A 70 -20.14 13.59 40.08
N VAL A 71 -19.89 12.32 39.77
CA VAL A 71 -19.48 11.91 38.43
C VAL A 71 -20.55 11.05 37.80
N LEU A 72 -20.46 10.94 36.47
CA LEU A 72 -21.34 10.07 35.70
C LEU A 72 -20.59 9.11 34.79
N HIS A 73 -19.27 9.21 34.71
CA HIS A 73 -18.46 8.30 33.90
C HIS A 73 -17.01 8.42 34.36
N GLU A 74 -16.17 7.51 33.83
CA GLU A 74 -14.78 7.44 34.25
C GLU A 74 -14.00 8.71 33.90
N PHE A 75 -14.35 9.36 32.80
CA PHE A 75 -13.49 10.38 32.19
C PHE A 75 -13.89 11.77 32.66
N THR A 76 -13.59 12.04 33.93
CA THR A 76 -13.88 13.33 34.53
C THR A 76 -13.07 13.47 35.81
N THR A 77 -13.25 14.60 36.49
CA THR A 77 -12.55 14.90 37.73
C THR A 77 -13.57 15.19 38.84
N VAL A 78 -13.09 15.11 40.08
CA VAL A 78 -13.85 15.50 41.26
C VAL A 78 -13.20 16.74 41.85
N PRO A 79 -13.97 17.78 42.21
CA PRO A 79 -13.36 18.98 42.75
C PRO A 79 -12.62 18.71 44.05
N GLY A 80 -11.37 19.19 44.12
CA GLY A 80 -10.58 19.08 45.33
C GLY A 80 -9.68 17.88 45.41
N VAL A 81 -9.93 16.84 44.62
CA VAL A 81 -9.09 15.66 44.63
C VAL A 81 -8.02 15.80 43.55
N LYS A 82 -6.83 15.25 43.83
CA LYS A 82 -5.72 15.39 42.92
C LYS A 82 -5.81 14.43 41.74
N GLU A 83 -6.42 13.27 41.93
CA GLU A 83 -6.52 12.24 40.90
C GLU A 83 -7.86 12.34 40.18
N ASP A 84 -7.84 12.12 38.87
CA ASP A 84 -9.09 12.00 38.13
C ASP A 84 -9.76 10.66 38.45
N VAL A 85 -11.00 10.52 37.98
CA VAL A 85 -11.76 9.32 38.29
C VAL A 85 -11.11 8.08 37.68
N THR A 86 -10.47 8.24 36.52
CA THR A 86 -9.74 7.12 35.93
C THR A 86 -8.62 6.66 36.82
N GLU A 87 -7.82 7.60 37.34
CA GLU A 87 -6.72 7.24 38.22
C GLU A 87 -7.21 6.67 39.55
N ILE A 88 -8.34 7.16 40.04
CA ILE A 88 -8.90 6.61 41.28
C ILE A 88 -9.34 5.16 41.07
N ILE A 89 -9.88 4.86 39.88
CA ILE A 89 -10.30 3.50 39.60
C ILE A 89 -9.09 2.58 39.47
N LEU A 90 -8.01 3.08 38.87
CA LEU A 90 -6.79 2.27 38.76
C LEU A 90 -6.20 1.97 40.14
N ASN A 91 -6.28 2.93 41.05
CA ASN A 91 -5.83 2.69 42.42
C ASN A 91 -6.73 1.69 43.13
N LEU A 92 -8.03 1.67 42.80
CA LEU A 92 -8.95 0.71 43.37
C LEU A 92 -8.81 -0.68 42.77
N LYS A 93 -8.11 -0.82 41.64
CA LYS A 93 -7.82 -2.15 41.13
C LYS A 93 -6.82 -2.89 41.98
N SER A 94 -6.08 -2.18 42.84
CA SER A 94 -5.16 -2.80 43.77
C SER A 94 -5.84 -3.30 45.04
N LEU A 95 -7.11 -2.97 45.24
CA LEU A 95 -7.82 -3.35 46.46
C LEU A 95 -7.94 -4.86 46.57
N VAL A 96 -7.57 -5.39 47.74
CA VAL A 96 -7.77 -6.81 48.05
C VAL A 96 -8.87 -6.91 49.10
N VAL A 97 -9.86 -7.76 48.84
CA VAL A 97 -11.04 -7.85 49.68
C VAL A 97 -11.58 -9.28 49.58
N SER A 98 -12.14 -9.76 50.69
CA SER A 98 -12.84 -11.03 50.73
C SER A 98 -14.26 -10.81 51.21
N SER A 99 -15.16 -11.71 50.82
CA SER A 99 -16.57 -11.58 51.12
C SER A 99 -17.15 -12.95 51.48
N GLU A 100 -17.97 -12.98 52.52
CA GLU A 100 -18.62 -14.21 52.94
C GLU A 100 -19.97 -14.43 52.27
N GLU A 101 -20.54 -13.38 51.67
CA GLU A 101 -21.93 -13.43 51.24
C GLU A 101 -22.12 -14.21 49.94
N ASP A 102 -21.11 -14.22 49.06
CA ASP A 102 -21.22 -14.82 47.73
C ASP A 102 -22.39 -14.22 46.94
N GLU A 103 -22.71 -12.96 47.22
CA GLU A 103 -23.76 -12.23 46.55
C GLU A 103 -23.40 -10.75 46.56
N PRO A 104 -23.93 -9.96 45.62
CA PRO A 104 -23.57 -8.54 45.57
C PRO A 104 -23.84 -7.83 46.89
N VAL A 105 -22.87 -7.03 47.33
CA VAL A 105 -22.96 -6.29 48.58
C VAL A 105 -22.14 -5.02 48.45
N THR A 106 -22.57 -3.96 49.11
CA THR A 106 -22.10 -2.61 48.85
C THR A 106 -21.19 -2.11 49.97
N MET A 107 -20.04 -1.56 49.59
CA MET A 107 -19.14 -0.86 50.49
C MET A 107 -19.28 0.64 50.28
N TYR A 108 -19.06 1.41 51.35
CA TYR A 108 -19.24 2.86 51.32
C TYR A 108 -17.95 3.55 51.75
N LEU A 109 -17.82 4.81 51.31
CA LEU A 109 -16.62 5.60 51.61
C LEU A 109 -16.98 7.07 51.53
N ARG A 110 -16.96 7.76 52.67
CA ARG A 110 -17.16 9.20 52.75
C ARG A 110 -15.99 9.83 53.47
N LYS A 111 -15.35 10.81 52.83
CA LYS A 111 -14.22 11.50 53.44
C LYS A 111 -14.21 12.94 52.99
N GLN A 112 -14.06 13.85 53.96
CA GLN A 112 -13.97 15.28 53.70
C GLN A 112 -12.52 15.72 53.83
N GLY A 113 -12.05 16.48 52.84
CA GLY A 113 -10.69 16.98 52.86
C GLY A 113 -10.50 18.06 53.91
N PRO A 114 -9.23 18.43 54.18
CA PRO A 114 -8.01 17.89 53.55
C PRO A 114 -7.63 16.51 54.07
N GLY A 115 -6.55 15.96 53.54
CA GLY A 115 -6.04 14.67 53.93
C GLY A 115 -6.02 13.68 52.77
N GLU A 116 -5.60 12.47 53.10
CA GLU A 116 -5.47 11.39 52.12
C GLU A 116 -6.51 10.32 52.43
N VAL A 117 -7.22 9.87 51.39
CA VAL A 117 -8.16 8.77 51.51
C VAL A 117 -7.42 7.47 51.25
N THR A 118 -7.49 6.55 52.20
CA THR A 118 -6.87 5.24 52.09
C THR A 118 -7.95 4.16 52.07
N ALA A 119 -7.52 2.92 51.88
CA ALA A 119 -8.46 1.79 51.90
C ALA A 119 -9.07 1.59 53.28
N GLY A 120 -8.39 2.02 54.34
CA GLY A 120 -8.96 1.92 55.68
C GLY A 120 -10.15 2.82 55.91
N ASP A 121 -10.28 3.88 55.11
CA ASP A 121 -11.42 4.78 55.23
C ASP A 121 -12.72 4.18 54.71
N ILE A 122 -12.66 2.99 54.11
CA ILE A 122 -13.87 2.32 53.63
C ILE A 122 -14.54 1.62 54.80
N VAL A 123 -15.87 1.73 54.88
CA VAL A 123 -16.64 1.03 55.89
C VAL A 123 -17.26 -0.22 55.26
N PRO A 124 -16.71 -1.39 55.49
CA PRO A 124 -17.24 -2.60 54.87
C PRO A 124 -18.44 -3.13 55.63
N PRO A 125 -19.45 -3.64 54.92
CA PRO A 125 -20.58 -4.26 55.60
C PRO A 125 -20.17 -5.59 56.23
N ALA A 126 -21.09 -6.14 57.01
CA ALA A 126 -20.84 -7.42 57.67
C ALA A 126 -20.62 -8.51 56.62
N GLY A 127 -19.49 -9.20 56.73
CA GLY A 127 -19.17 -10.28 55.80
C GLY A 127 -17.93 -10.02 54.98
N VAL A 128 -17.71 -8.77 54.58
CA VAL A 128 -16.55 -8.42 53.77
C VAL A 128 -15.58 -7.61 54.62
N THR A 129 -14.32 -7.61 54.21
CA THR A 129 -13.26 -6.97 54.98
C THR A 129 -12.12 -6.58 54.06
N VAL A 130 -11.52 -5.43 54.33
CA VAL A 130 -10.40 -4.90 53.56
C VAL A 130 -9.09 -5.37 54.19
N HIS A 131 -8.17 -5.84 53.35
CA HIS A 131 -6.95 -6.50 53.82
C HIS A 131 -5.70 -5.66 53.66
N ASN A 132 -5.81 -4.39 53.28
CA ASN A 132 -4.67 -3.47 53.26
C ASN A 132 -5.17 -2.05 53.49
N PRO A 133 -5.46 -1.71 54.75
CA PRO A 133 -6.07 -0.41 55.05
C PRO A 133 -5.17 0.78 54.76
N GLY A 134 -3.93 0.53 54.33
CA GLY A 134 -2.98 1.58 54.06
C GLY A 134 -2.82 1.97 52.61
N MET A 135 -3.62 1.40 51.71
CA MET A 135 -3.47 1.69 50.29
C MET A 135 -3.92 3.11 49.97
N HIS A 136 -3.08 3.85 49.25
CA HIS A 136 -3.46 5.19 48.80
C HIS A 136 -4.57 5.10 47.77
N ILE A 137 -5.58 5.96 47.92
CA ILE A 137 -6.71 6.04 47.00
C ILE A 137 -6.79 7.40 46.33
N ALA A 138 -6.76 8.48 47.11
CA ALA A 138 -6.87 9.81 46.55
C ALA A 138 -6.34 10.83 47.56
N THR A 139 -5.95 11.99 47.04
CA THR A 139 -5.49 13.11 47.84
C THR A 139 -6.50 14.24 47.76
N LEU A 140 -6.96 14.71 48.92
CA LEU A 140 -7.99 15.72 49.01
C LEU A 140 -7.43 16.98 49.66
N ASN A 141 -7.83 18.14 49.16
CA ASN A 141 -7.45 19.41 49.77
C ASN A 141 -8.63 19.96 50.56
N ASP A 142 -8.65 21.28 50.78
CA ASP A 142 -9.71 21.88 51.59
C ASP A 142 -11.08 21.71 50.94
N LYS A 143 -11.17 21.96 49.63
CA LYS A 143 -12.43 21.90 48.92
C LYS A 143 -12.83 20.49 48.51
N GLY A 144 -12.01 19.48 48.86
CA GLY A 144 -12.23 18.13 48.37
C GLY A 144 -13.21 17.34 49.22
N LYS A 145 -14.08 16.59 48.54
CA LYS A 145 -15.04 15.71 49.18
C LYS A 145 -15.24 14.49 48.28
N LEU A 146 -15.07 13.30 48.83
CA LEU A 146 -15.16 12.06 48.07
C LEU A 146 -16.18 11.14 48.72
N GLU A 147 -17.22 10.78 47.95
CA GLU A 147 -18.27 9.88 48.42
C GLU A 147 -18.45 8.78 47.38
N VAL A 148 -18.07 7.55 47.73
CA VAL A 148 -17.99 6.46 46.78
C VAL A 148 -18.74 5.25 47.33
N GLU A 149 -19.55 4.61 46.49
CA GLU A 149 -20.13 3.31 46.77
C GLU A 149 -19.38 2.25 45.98
N LEU A 150 -19.19 1.07 46.57
CA LEU A 150 -18.39 0.02 45.96
C LEU A 150 -19.14 -1.31 46.08
N VAL A 151 -19.58 -1.83 44.94
CA VAL A 151 -20.24 -3.14 44.91
C VAL A 151 -19.18 -4.22 44.86
N VAL A 152 -19.26 -5.18 45.78
CA VAL A 152 -18.30 -6.26 45.90
C VAL A 152 -19.04 -7.58 45.70
N GLU A 153 -18.69 -8.31 44.66
CA GLU A 153 -19.19 -9.65 44.40
C GLU A 153 -18.07 -10.67 44.61
N ARG A 154 -18.39 -11.93 44.39
CA ARG A 154 -17.45 -13.02 44.58
C ARG A 154 -17.45 -13.91 43.35
N GLY A 155 -16.28 -14.14 42.79
CA GLY A 155 -16.11 -14.98 41.62
C GLY A 155 -14.74 -15.61 41.62
N ARG A 156 -14.23 -15.90 40.42
CA ARG A 156 -12.89 -16.45 40.30
C ARG A 156 -12.29 -15.98 38.97
N GLY A 157 -10.95 -15.98 38.93
CA GLY A 157 -10.27 -15.56 37.72
C GLY A 157 -10.40 -14.06 37.50
N TYR A 158 -10.52 -13.68 36.23
CA TYR A 158 -10.60 -12.28 35.82
C TYR A 158 -11.78 -12.12 34.87
N VAL A 159 -12.71 -11.25 35.22
CA VAL A 159 -13.86 -10.92 34.36
C VAL A 159 -13.78 -9.43 34.06
N PRO A 160 -13.88 -9.03 32.80
CA PRO A 160 -13.84 -7.60 32.47
C PRO A 160 -15.10 -6.90 32.98
N ALA A 161 -15.06 -5.58 32.88
CA ALA A 161 -16.19 -4.76 33.34
C ALA A 161 -17.46 -5.13 32.58
N VAL A 162 -18.51 -5.47 33.32
CA VAL A 162 -19.78 -5.83 32.70
C VAL A 162 -20.44 -4.59 32.12
N GLN A 163 -20.86 -4.69 30.86
CA GLN A 163 -21.42 -3.55 30.16
C GLN A 163 -22.71 -3.07 30.85
N ASN A 164 -23.03 -1.80 30.64
CA ASN A 164 -24.30 -1.26 31.11
C ASN A 164 -25.48 -1.74 30.26
N ARG A 165 -25.23 -2.15 29.02
CA ARG A 165 -26.29 -2.72 28.20
C ARG A 165 -26.62 -4.15 28.60
N ALA A 166 -25.64 -4.90 29.07
CA ALA A 166 -25.89 -6.27 29.51
C ALA A 166 -26.48 -6.31 30.91
N SER A 167 -25.99 -5.46 31.81
CA SER A 167 -26.53 -5.36 33.15
C SER A 167 -27.71 -4.39 33.17
N GLY A 168 -28.45 -4.40 34.27
CA GLY A 168 -29.50 -3.44 34.51
C GLY A 168 -29.03 -2.15 35.13
N ALA A 169 -27.71 -1.96 35.25
CA ALA A 169 -27.18 -0.75 35.88
C ALA A 169 -27.52 0.47 35.05
N GLU A 170 -27.82 1.57 35.74
CA GLU A 170 -28.19 2.81 35.09
C GLU A 170 -26.94 3.67 34.89
N ILE A 171 -27.14 4.96 34.58
CA ILE A 171 -26.06 5.78 34.04
C ILE A 171 -25.00 6.06 35.11
N GLY A 172 -25.43 6.26 36.37
CA GLY A 172 -24.48 6.65 37.40
C GLY A 172 -23.41 5.61 37.68
N ARG A 173 -23.73 4.34 37.50
CA ARG A 173 -22.82 3.26 37.88
C ARG A 173 -21.64 3.16 36.92
N ILE A 174 -20.47 2.89 37.47
CA ILE A 174 -19.23 2.77 36.72
C ILE A 174 -18.67 1.37 36.92
N PRO A 175 -18.82 0.48 35.94
CA PRO A 175 -18.27 -0.87 36.08
C PRO A 175 -16.75 -0.87 36.02
N VAL A 176 -16.15 -1.81 36.75
CA VAL A 176 -14.71 -1.96 36.83
C VAL A 176 -14.36 -3.41 36.51
N ASP A 177 -13.14 -3.63 36.04
CA ASP A 177 -12.64 -4.99 35.88
C ASP A 177 -12.47 -5.63 37.25
N SER A 178 -12.70 -6.95 37.31
CA SER A 178 -12.65 -7.70 38.55
C SER A 178 -11.55 -8.75 38.46
N ILE A 179 -10.56 -8.63 39.33
CA ILE A 179 -9.49 -9.62 39.43
C ILE A 179 -9.70 -10.43 40.70
N TYR A 180 -10.39 -11.57 40.58
CA TYR A 180 -10.82 -12.33 41.75
C TYR A 180 -9.72 -13.20 42.35
N SER A 181 -8.68 -13.51 41.59
CA SER A 181 -7.71 -14.51 42.06
C SER A 181 -6.97 -13.99 43.29
N PRO A 182 -6.92 -14.76 44.37
CA PRO A 182 -6.22 -14.31 45.59
C PRO A 182 -4.78 -14.76 45.70
N VAL A 183 -4.30 -15.63 44.81
CA VAL A 183 -2.91 -16.05 44.81
C VAL A 183 -2.11 -15.03 44.01
N LEU A 184 -0.87 -14.80 44.43
CA LEU A 184 -0.03 -13.76 43.84
C LEU A 184 1.07 -14.32 42.94
N LYS A 185 1.83 -15.30 43.43
CA LYS A 185 2.96 -15.82 42.67
C LYS A 185 3.22 -17.27 43.09
N VAL A 186 3.32 -18.15 42.11
CA VAL A 186 3.49 -19.58 42.34
C VAL A 186 4.64 -20.09 41.48
N THR A 187 5.51 -20.91 42.07
CA THR A 187 6.59 -21.56 41.36
C THR A 187 6.86 -22.92 41.99
N TYR A 188 7.85 -23.63 41.46
CA TYR A 188 8.22 -24.92 42.00
C TYR A 188 9.63 -25.28 41.56
N LYS A 189 10.21 -26.25 42.27
CA LYS A 189 11.47 -26.85 41.89
C LYS A 189 11.45 -28.30 42.36
N VAL A 190 12.17 -29.16 41.64
CA VAL A 190 12.28 -30.57 42.00
C VAL A 190 13.74 -30.93 42.17
N ASP A 191 13.98 -31.92 43.01
CA ASP A 191 15.32 -32.46 43.26
C ASP A 191 15.30 -33.93 42.86
N ALA A 192 15.92 -34.25 41.73
CA ALA A 192 15.93 -35.61 41.21
C ALA A 192 17.09 -36.39 41.82
N THR A 193 16.81 -37.61 42.26
CA THR A 193 17.84 -38.52 42.79
C THR A 193 18.25 -39.44 41.64
N ARG A 194 19.30 -39.05 40.92
CA ARG A 194 19.76 -39.77 39.75
C ARG A 194 20.98 -40.65 40.05
N VAL A 195 21.23 -40.95 41.32
CA VAL A 195 22.29 -41.89 41.66
C VAL A 195 21.91 -43.26 41.13
N GLU A 196 22.71 -43.78 40.20
CA GLU A 196 22.43 -45.07 39.56
C GLU A 196 22.37 -46.18 40.59
N GLN A 197 21.16 -46.55 40.99
CA GLN A 197 20.93 -47.59 41.99
C GLN A 197 19.48 -48.06 41.86
N ARG A 198 19.04 -48.90 42.79
CA ARG A 198 17.68 -49.41 42.75
C ARG A 198 16.65 -48.36 43.13
N THR A 199 17.06 -47.25 43.76
CA THR A 199 16.14 -46.26 44.31
C THR A 199 16.36 -44.93 43.62
N ASP A 200 15.41 -44.51 42.80
CA ASP A 200 15.35 -43.19 42.21
C ASP A 200 13.99 -42.57 42.52
N PHE A 201 13.99 -41.30 42.89
CA PHE A 201 12.74 -40.62 43.23
C PHE A 201 12.90 -39.13 43.06
N ASP A 202 11.77 -38.45 42.90
CA ASP A 202 11.71 -37.00 42.75
C ASP A 202 11.02 -36.39 43.97
N LYS A 203 11.54 -35.25 44.43
CA LYS A 203 10.94 -34.48 45.51
C LYS A 203 10.52 -33.13 44.96
N LEU A 204 9.23 -32.84 45.03
CA LEU A 204 8.68 -31.58 44.53
C LEU A 204 8.60 -30.57 45.66
N ILE A 205 9.04 -29.34 45.38
CA ILE A 205 8.96 -28.23 46.32
C ILE A 205 8.09 -27.16 45.69
N LEU A 206 6.82 -27.09 46.12
CA LEU A 206 5.89 -26.11 45.59
C LEU A 206 5.94 -24.84 46.44
N ASP A 207 5.98 -23.68 45.78
CA ASP A 207 6.06 -22.39 46.43
C ASP A 207 4.81 -21.59 46.07
N VAL A 208 4.09 -21.11 47.07
CA VAL A 208 2.82 -20.43 46.89
C VAL A 208 2.82 -19.13 47.68
N GLU A 209 2.55 -18.01 47.00
CA GLU A 209 2.41 -16.71 47.63
C GLU A 209 1.02 -16.17 47.33
N THR A 210 0.34 -15.67 48.36
CA THR A 210 -1.00 -15.12 48.21
C THR A 210 -0.99 -13.63 48.55
N LYS A 211 -2.18 -13.04 48.56
CA LYS A 211 -2.35 -11.59 48.71
C LYS A 211 -3.12 -11.24 49.97
N ASN A 212 -2.83 -11.94 51.07
CA ASN A 212 -3.44 -11.77 52.40
C ASN A 212 -4.95 -11.97 52.42
N SER A 213 -5.57 -12.31 51.29
CA SER A 213 -7.00 -12.65 51.30
C SER A 213 -7.23 -14.03 51.89
N ILE A 214 -6.37 -14.99 51.53
CA ILE A 214 -6.39 -16.33 52.11
C ILE A 214 -4.95 -16.74 52.38
N SER A 215 -4.80 -17.78 53.20
CA SER A 215 -3.48 -18.31 53.49
C SER A 215 -3.04 -19.28 52.39
N PRO A 216 -1.73 -19.45 52.20
CA PRO A 216 -1.26 -20.30 51.09
C PRO A 216 -1.78 -21.73 51.15
N ARG A 217 -1.96 -22.30 52.33
CA ARG A 217 -2.46 -23.67 52.40
C ARG A 217 -3.93 -23.75 52.04
N ASP A 218 -4.69 -22.68 52.28
CA ASP A 218 -6.09 -22.66 51.87
C ASP A 218 -6.20 -22.66 50.35
N ALA A 219 -5.33 -21.92 49.67
CA ALA A 219 -5.33 -21.91 48.21
C ALA A 219 -4.98 -23.29 47.67
N LEU A 220 -3.89 -23.89 48.16
CA LEU A 220 -3.51 -25.22 47.71
C LEU A 220 -4.60 -26.25 48.01
N ALA A 221 -5.33 -26.07 49.11
CA ALA A 221 -6.45 -26.96 49.39
C ALA A 221 -7.56 -26.80 48.37
N SER A 222 -7.82 -25.55 47.95
CA SER A 222 -8.83 -25.34 46.93
C SER A 222 -8.40 -25.95 45.59
N ALA A 223 -7.14 -25.78 45.23
CA ALA A 223 -6.63 -26.43 44.03
C ALA A 223 -6.60 -27.94 44.18
N GLY A 224 -6.48 -28.43 45.42
CA GLY A 224 -6.55 -29.87 45.63
C GLY A 224 -7.94 -30.43 45.36
N LYS A 225 -8.97 -29.79 45.93
CA LYS A 225 -10.33 -30.24 45.67
C LYS A 225 -10.72 -30.04 44.21
N THR A 226 -10.14 -29.05 43.54
CA THR A 226 -10.41 -28.85 42.13
C THR A 226 -9.90 -30.02 41.29
N LEU A 227 -8.69 -30.48 41.58
CA LEU A 227 -8.08 -31.54 40.78
C LEU A 227 -8.55 -32.93 41.19
N VAL A 228 -8.84 -33.13 42.49
CA VAL A 228 -9.44 -34.39 42.92
C VAL A 228 -10.78 -34.59 42.24
N GLU A 229 -11.61 -33.55 42.21
CA GLU A 229 -12.88 -33.62 41.50
C GLU A 229 -12.66 -33.85 40.02
N LEU A 230 -11.67 -33.18 39.43
CA LEU A 230 -11.48 -33.23 37.99
C LEU A 230 -10.92 -34.57 37.53
N PHE A 231 -9.83 -35.01 38.16
CA PHE A 231 -9.22 -36.28 37.77
C PHE A 231 -10.11 -37.46 38.10
N GLY A 232 -11.13 -37.28 38.95
CA GLY A 232 -12.10 -38.34 39.19
C GLY A 232 -12.95 -38.71 37.99
N LEU A 233 -12.80 -37.98 36.88
CA LEU A 233 -13.52 -38.31 35.66
C LEU A 233 -12.90 -39.50 34.93
N ALA A 234 -11.59 -39.72 35.10
CA ALA A 234 -10.94 -40.87 34.49
C ALA A 234 -11.20 -42.15 35.27
N ARG A 235 -11.60 -42.05 36.53
CA ARG A 235 -11.82 -43.22 37.37
C ARG A 235 -13.16 -43.90 37.05
N GLU A 236 -14.16 -43.14 36.64
CA GLU A 236 -15.43 -43.74 36.27
C GLU A 236 -15.30 -44.52 34.96
N LEU A 237 -15.89 -45.71 34.94
CA LEU A 237 -15.77 -46.58 33.78
C LEU A 237 -16.80 -46.19 32.72
N ASN A 238 -16.68 -46.79 31.54
CA ASN A 238 -17.55 -46.48 30.42
C ASN A 238 -18.77 -47.39 30.39
N MET B 13 -16.72 -21.47 44.24
CA MET B 13 -16.59 -20.60 43.08
C MET B 13 -17.88 -20.58 42.26
N LEU B 14 -17.81 -21.12 41.04
CA LEU B 14 -18.96 -21.21 40.17
C LEU B 14 -18.98 -22.59 39.54
N ILE B 15 -20.18 -23.09 39.24
CA ILE B 15 -20.35 -24.44 38.75
C ILE B 15 -19.84 -24.56 37.31
N SER B 16 -19.10 -25.64 37.04
CA SER B 16 -18.60 -25.96 35.71
C SER B 16 -18.96 -27.41 35.43
N GLN B 17 -20.11 -27.63 34.81
CA GLN B 17 -20.68 -28.96 34.68
C GLN B 17 -20.51 -29.52 33.27
N ARG B 18 -20.92 -30.77 33.11
CA ARG B 18 -20.94 -31.55 31.88
C ARG B 18 -19.56 -31.87 31.28
N PRO B 19 -18.57 -32.33 32.07
CA PRO B 19 -17.38 -32.92 31.43
C PRO B 19 -17.46 -34.44 31.38
N THR B 20 -17.38 -35.01 30.19
CA THR B 20 -17.62 -36.43 30.00
C THR B 20 -16.39 -37.11 29.39
N LEU B 21 -16.34 -38.44 29.55
CA LEU B 21 -15.23 -39.26 29.06
C LEU B 21 -15.79 -40.31 28.12
N SER B 22 -15.34 -40.27 26.86
CA SER B 22 -15.73 -41.24 25.85
C SER B 22 -14.50 -42.00 25.37
N GLU B 23 -14.73 -43.19 24.82
CA GLU B 23 -13.65 -44.07 24.42
C GLU B 23 -13.90 -44.59 23.00
N ASP B 24 -12.89 -44.45 22.14
CA ASP B 24 -12.88 -45.07 20.82
C ASP B 24 -11.81 -46.16 20.81
N VAL B 25 -12.22 -47.38 20.48
CA VAL B 25 -11.35 -48.54 20.56
C VAL B 25 -10.73 -48.76 19.18
N LEU B 26 -9.46 -48.40 19.04
CA LEU B 26 -8.72 -48.65 17.80
C LEU B 26 -8.43 -50.14 17.66
N THR B 27 -7.55 -50.66 18.52
CA THR B 27 -7.28 -52.09 18.60
C THR B 27 -7.66 -52.58 19.99
N ASP B 28 -7.48 -53.89 20.22
CA ASP B 28 -7.84 -54.48 21.50
C ASP B 28 -6.99 -53.96 22.65
N ASN B 29 -5.80 -53.44 22.37
CA ASN B 29 -4.91 -52.90 23.39
C ASN B 29 -4.41 -51.52 22.97
N ARG B 30 -5.30 -50.70 22.39
CA ARG B 30 -4.99 -49.32 22.07
C ARG B 30 -6.30 -48.59 21.86
N SER B 31 -6.55 -47.55 22.65
CA SER B 31 -7.79 -46.81 22.58
C SER B 31 -7.51 -45.31 22.65
N GLN B 32 -8.45 -44.53 22.15
CA GLN B 32 -8.42 -43.08 22.22
C GLN B 32 -9.52 -42.59 23.14
N PHE B 33 -9.15 -41.78 24.12
CA PHE B 33 -10.09 -41.21 25.08
C PHE B 33 -10.21 -39.71 24.86
N VAL B 34 -11.42 -39.18 25.08
CA VAL B 34 -11.69 -37.76 24.93
C VAL B 34 -12.39 -37.26 26.19
N ILE B 35 -11.84 -36.22 26.79
CA ILE B 35 -12.44 -35.54 27.94
C ILE B 35 -12.95 -34.20 27.45
N GLU B 36 -14.28 -34.05 27.40
CA GLU B 36 -14.89 -32.93 26.72
C GLU B 36 -16.22 -32.54 27.34
N PRO B 37 -16.47 -31.25 27.57
CA PRO B 37 -15.47 -30.19 27.42
C PRO B 37 -14.90 -29.73 28.76
N LEU B 38 -13.68 -29.19 28.73
CA LEU B 38 -13.00 -28.72 29.92
C LEU B 38 -12.88 -27.21 29.90
N GLU B 39 -12.91 -26.61 31.09
CA GLU B 39 -12.76 -25.17 31.20
C GLU B 39 -11.40 -24.75 30.65
N PRO B 40 -11.32 -23.60 29.96
CA PRO B 40 -10.02 -23.11 29.50
C PRO B 40 -9.16 -22.68 30.68
N GLY B 41 -7.95 -23.23 30.74
CA GLY B 41 -7.50 -24.24 29.80
C GLY B 41 -7.03 -25.48 30.55
N PHE B 42 -8.00 -26.20 31.14
CA PHE B 42 -7.67 -27.32 32.01
C PHE B 42 -7.14 -28.53 31.25
N GLY B 43 -7.42 -28.63 29.95
CA GLY B 43 -6.90 -29.75 29.18
C GLY B 43 -5.38 -29.83 29.24
N TYR B 44 -4.71 -28.67 29.11
CA TYR B 44 -3.26 -28.65 29.21
C TYR B 44 -2.78 -28.97 30.61
N THR B 45 -3.50 -28.50 31.64
CA THR B 45 -3.10 -28.76 33.02
C THR B 45 -3.00 -30.25 33.30
N LEU B 46 -4.06 -30.99 32.95
CA LEU B 46 -4.12 -32.41 33.25
C LEU B 46 -3.69 -33.29 32.08
N GLY B 47 -3.41 -32.71 30.91
CA GLY B 47 -2.99 -33.51 29.79
C GLY B 47 -1.66 -34.20 30.01
N ASN B 48 -0.65 -33.43 30.43
CA ASN B 48 0.65 -34.01 30.71
C ASN B 48 0.66 -34.84 31.98
N SER B 49 -0.25 -34.55 32.92
CA SER B 49 -0.29 -35.31 34.17
C SER B 49 -0.87 -36.70 33.94
N LEU B 50 -1.94 -36.80 33.15
CA LEU B 50 -2.51 -38.10 32.84
C LEU B 50 -1.52 -38.96 32.07
N ARG B 51 -0.77 -38.36 31.15
CA ARG B 51 0.20 -39.13 30.38
C ARG B 51 1.31 -39.67 31.26
N ARG B 52 1.92 -38.79 32.07
CA ARG B 52 3.02 -39.22 32.93
C ARG B 52 2.56 -40.22 33.97
N THR B 53 1.30 -40.13 34.41
CA THR B 53 0.78 -41.09 35.38
C THR B 53 0.59 -42.46 34.74
N LEU B 54 0.09 -42.49 33.51
CA LEU B 54 -0.04 -43.76 32.79
C LEU B 54 1.33 -44.40 32.57
N LEU B 55 2.30 -43.61 32.10
CA LEU B 55 3.58 -44.14 31.67
C LEU B 55 4.51 -44.51 32.82
N SER B 56 4.26 -44.00 34.04
CA SER B 56 5.26 -44.13 35.09
C SER B 56 4.69 -44.53 36.45
N SER B 57 3.40 -44.87 36.55
CA SER B 57 2.81 -45.14 37.85
C SER B 57 1.71 -46.20 37.73
N ILE B 58 2.01 -47.29 37.03
CA ILE B 58 1.13 -48.46 36.99
C ILE B 58 1.98 -49.69 37.28
N PRO B 59 1.64 -50.48 38.29
CA PRO B 59 2.50 -51.61 38.67
C PRO B 59 2.48 -52.70 37.60
N GLY B 60 3.68 -53.13 37.20
CA GLY B 60 3.81 -54.20 36.23
C GLY B 60 5.08 -55.00 36.49
N ALA B 61 5.23 -56.08 35.73
CA ALA B 61 6.37 -56.97 35.87
C ALA B 61 7.09 -57.12 34.54
N ALA B 62 8.41 -57.24 34.59
CA ALA B 62 9.23 -57.38 33.41
C ALA B 62 10.54 -58.05 33.77
N VAL B 63 11.29 -58.45 32.74
CA VAL B 63 12.56 -59.14 32.94
C VAL B 63 13.60 -58.15 33.43
N THR B 64 14.28 -58.50 34.51
CA THR B 64 15.32 -57.65 35.10
C THR B 64 16.71 -58.01 34.57
N SER B 65 17.04 -59.29 34.56
CA SER B 65 18.32 -59.75 34.03
C SER B 65 18.14 -61.16 33.47
N ILE B 66 19.05 -61.55 32.58
CA ILE B 66 19.06 -62.90 32.02
C ILE B 66 20.47 -63.46 32.11
N ARG B 67 20.56 -64.77 31.94
CA ARG B 67 21.86 -65.46 31.92
C ARG B 67 21.77 -66.61 30.95
N ILE B 68 22.66 -66.64 29.97
CA ILE B 68 22.66 -67.62 28.89
C ILE B 68 23.79 -68.60 29.11
N ASP B 69 23.47 -69.90 29.08
CA ASP B 69 24.50 -70.92 29.24
C ASP B 69 25.40 -70.93 28.02
N GLY B 70 26.71 -70.92 28.25
CA GLY B 70 27.68 -70.84 27.18
C GLY B 70 28.15 -69.44 26.85
N VAL B 71 27.62 -68.42 27.52
CA VAL B 71 27.98 -67.03 27.29
C VAL B 71 28.58 -66.50 28.60
N LEU B 72 29.90 -66.35 28.64
CA LEU B 72 30.60 -65.94 29.85
C LEU B 72 31.30 -64.61 29.67
N HIS B 73 32.32 -64.53 28.80
CA HIS B 73 33.10 -63.30 28.62
C HIS B 73 32.98 -62.74 27.21
N GLU B 74 32.08 -63.29 26.38
CA GLU B 74 32.01 -62.88 24.98
C GLU B 74 30.89 -61.86 24.76
N PHE B 75 29.64 -62.29 24.93
CA PHE B 75 28.44 -61.48 24.69
C PHE B 75 28.32 -61.05 23.22
N THR B 76 29.06 -61.70 22.32
CA THR B 76 28.99 -61.37 20.91
C THR B 76 28.09 -62.33 20.13
N THR B 77 28.27 -63.64 20.31
CA THR B 77 27.50 -64.63 19.59
C THR B 77 27.18 -65.79 20.52
N VAL B 78 26.02 -66.40 20.31
CA VAL B 78 25.60 -67.60 21.01
C VAL B 78 25.71 -68.77 20.03
N PRO B 79 26.49 -69.80 20.33
CA PRO B 79 26.59 -70.93 19.40
C PRO B 79 25.34 -71.80 19.45
N GLY B 80 24.92 -72.26 18.27
CA GLY B 80 23.74 -73.10 18.15
C GLY B 80 22.47 -72.37 17.78
N VAL B 81 22.49 -71.04 17.69
CA VAL B 81 21.33 -70.26 17.30
C VAL B 81 21.76 -69.19 16.30
N LYS B 82 20.81 -68.80 15.44
CA LYS B 82 21.11 -67.79 14.44
C LYS B 82 21.23 -66.40 15.06
N GLU B 83 20.32 -66.06 15.97
CA GLU B 83 20.37 -64.77 16.63
C GLU B 83 21.62 -64.65 17.50
N ASP B 84 22.19 -63.44 17.52
CA ASP B 84 23.31 -63.16 18.40
C ASP B 84 22.78 -62.80 19.79
N VAL B 85 23.65 -62.25 20.64
CA VAL B 85 23.27 -62.01 22.03
C VAL B 85 22.24 -60.89 22.13
N THR B 86 22.53 -59.74 21.53
CA THR B 86 21.66 -58.58 21.70
C THR B 86 20.30 -58.80 21.06
N GLU B 87 20.21 -59.62 20.02
CA GLU B 87 18.91 -59.89 19.41
C GLU B 87 18.07 -60.79 20.32
N ILE B 88 18.70 -61.68 21.08
CA ILE B 88 17.98 -62.46 22.08
C ILE B 88 17.45 -61.54 23.17
N ILE B 89 18.24 -60.55 23.58
CA ILE B 89 17.85 -59.65 24.65
C ILE B 89 16.64 -58.80 24.23
N LEU B 90 16.59 -58.42 22.96
CA LEU B 90 15.52 -57.55 22.49
C LEU B 90 14.16 -58.25 22.57
N ASN B 91 14.01 -59.39 21.89
CA ASN B 91 12.74 -60.09 21.93
C ASN B 91 12.42 -60.66 23.31
N LEU B 92 13.43 -60.83 24.17
CA LEU B 92 13.16 -61.17 25.56
C LEU B 92 12.67 -59.97 26.34
N LYS B 93 13.12 -58.77 25.96
CA LYS B 93 12.65 -57.56 26.62
C LYS B 93 11.16 -57.32 26.34
N SER B 94 10.71 -57.66 25.14
CA SER B 94 9.31 -57.49 24.76
C SER B 94 8.42 -58.61 25.28
N LEU B 95 8.94 -59.55 26.06
CA LEU B 95 8.13 -60.60 26.64
C LEU B 95 7.21 -59.99 27.71
N VAL B 96 5.91 -60.14 27.50
CA VAL B 96 4.92 -59.61 28.44
C VAL B 96 4.68 -60.66 29.53
N VAL B 97 4.66 -60.21 30.78
CA VAL B 97 4.56 -61.12 31.92
C VAL B 97 3.90 -60.39 33.08
N SER B 98 3.26 -61.17 33.95
CA SER B 98 2.60 -60.64 35.14
C SER B 98 2.87 -61.60 36.30
N SER B 99 3.05 -61.03 37.49
CA SER B 99 3.36 -61.83 38.68
C SER B 99 2.52 -61.34 39.86
N GLU B 100 2.18 -62.29 40.74
CA GLU B 100 1.48 -61.98 41.98
C GLU B 100 2.44 -61.89 43.17
N GLU B 101 3.72 -62.14 42.98
CA GLU B 101 4.71 -62.06 44.03
C GLU B 101 5.58 -60.83 43.80
N ASP B 102 5.76 -60.02 44.84
CA ASP B 102 6.53 -58.79 44.70
C ASP B 102 8.02 -59.07 44.58
N GLU B 103 8.51 -60.04 45.33
CA GLU B 103 9.93 -60.38 45.31
C GLU B 103 10.32 -60.94 43.94
N PRO B 104 11.61 -60.86 43.59
CA PRO B 104 12.04 -61.39 42.29
C PRO B 104 11.77 -62.88 42.16
N VAL B 105 11.52 -63.30 40.92
CA VAL B 105 11.19 -64.68 40.59
C VAL B 105 12.06 -65.13 39.43
N THR B 106 12.74 -66.26 39.59
CA THR B 106 13.63 -66.79 38.56
C THR B 106 12.91 -67.85 37.74
N MET B 107 12.97 -67.70 36.43
CA MET B 107 12.41 -68.68 35.49
C MET B 107 13.53 -69.23 34.63
N TYR B 108 13.29 -70.43 34.08
CA TYR B 108 14.25 -71.10 33.22
C TYR B 108 13.60 -71.42 31.88
N LEU B 109 14.37 -71.25 30.80
CA LEU B 109 13.92 -71.56 29.46
C LEU B 109 14.94 -72.49 28.80
N ARG B 110 14.50 -73.69 28.45
CA ARG B 110 15.39 -74.71 27.90
C ARG B 110 14.69 -75.46 26.78
N LYS B 111 15.37 -75.60 25.65
CA LYS B 111 14.88 -76.41 24.55
C LYS B 111 16.06 -76.81 23.68
N GLN B 112 16.07 -78.07 23.26
CA GLN B 112 17.16 -78.65 22.47
C GLN B 112 16.62 -79.09 21.11
N GLY B 113 17.55 -79.40 20.20
CA GLY B 113 17.21 -79.89 18.90
C GLY B 113 16.88 -78.77 17.93
N PRO B 114 16.99 -79.03 16.63
CA PRO B 114 16.62 -78.01 15.64
C PRO B 114 15.15 -77.68 15.72
N GLY B 115 14.84 -76.39 15.59
CA GLY B 115 13.47 -75.92 15.69
C GLY B 115 13.43 -74.44 16.03
N GLU B 116 12.38 -74.04 16.74
CA GLU B 116 12.16 -72.66 17.10
C GLU B 116 11.77 -72.57 18.56
N VAL B 117 12.24 -71.51 19.24
CA VAL B 117 11.88 -71.25 20.63
C VAL B 117 10.79 -70.20 20.65
N THR B 118 9.81 -70.39 21.55
CA THR B 118 8.75 -69.43 21.76
C THR B 118 8.64 -69.12 23.25
N ALA B 119 7.88 -68.08 23.57
CA ALA B 119 7.59 -67.78 24.97
C ALA B 119 6.62 -68.76 25.59
N GLY B 120 6.07 -69.69 24.82
CA GLY B 120 5.27 -70.76 25.35
C GLY B 120 6.13 -71.94 25.76
N ASP B 121 7.28 -72.08 25.11
CA ASP B 121 8.26 -73.10 25.48
C ASP B 121 8.95 -72.82 26.80
N ILE B 122 8.57 -71.75 27.48
CA ILE B 122 9.10 -71.43 28.80
C ILE B 122 8.24 -72.13 29.84
N VAL B 123 8.84 -72.45 30.98
CA VAL B 123 8.13 -73.05 32.10
C VAL B 123 7.95 -71.97 33.17
N PRO B 124 6.74 -71.51 33.42
CA PRO B 124 6.54 -70.43 34.38
C PRO B 124 6.26 -70.97 35.77
N PRO B 125 7.02 -70.54 36.77
CA PRO B 125 6.71 -70.93 38.15
C PRO B 125 5.36 -70.36 38.58
N ALA B 126 4.83 -70.93 39.65
CA ALA B 126 3.49 -70.56 40.12
C ALA B 126 3.49 -69.11 40.57
N GLY B 127 2.49 -68.36 40.08
CA GLY B 127 2.33 -66.95 40.39
C GLY B 127 2.56 -66.04 39.20
N VAL B 128 3.42 -66.45 38.26
CA VAL B 128 3.72 -65.65 37.09
C VAL B 128 2.94 -66.18 35.91
N THR B 129 2.70 -65.30 34.93
CA THR B 129 1.90 -65.64 33.75
C THR B 129 2.53 -65.00 32.52
N VAL B 130 2.77 -65.80 31.50
CA VAL B 130 3.27 -65.33 30.21
C VAL B 130 2.08 -65.12 29.29
N HIS B 131 1.90 -63.89 28.80
CA HIS B 131 0.71 -63.53 28.05
C HIS B 131 0.87 -63.63 26.54
N ASN B 132 2.09 -63.80 26.02
CA ASN B 132 2.32 -63.95 24.59
C ASN B 132 3.11 -65.23 24.32
N PRO B 133 2.48 -66.39 24.50
CA PRO B 133 3.20 -67.66 24.27
C PRO B 133 3.68 -67.85 22.84
N GLY B 134 3.09 -67.15 21.88
CA GLY B 134 3.48 -67.25 20.49
C GLY B 134 4.59 -66.34 20.05
N MET B 135 5.23 -65.64 20.98
CA MET B 135 6.30 -64.71 20.63
C MET B 135 7.57 -65.47 20.29
N HIS B 136 8.11 -65.21 19.11
CA HIS B 136 9.37 -65.81 18.70
C HIS B 136 10.51 -65.31 19.58
N ILE B 137 11.41 -66.21 19.95
CA ILE B 137 12.57 -65.89 20.78
C ILE B 137 13.88 -66.22 20.08
N ALA B 138 14.00 -67.43 19.56
CA ALA B 138 15.25 -67.86 18.93
C ALA B 138 14.97 -69.02 17.99
N THR B 139 15.75 -69.08 16.91
CA THR B 139 15.76 -70.21 16.00
C THR B 139 16.91 -71.14 16.37
N LEU B 140 16.59 -72.41 16.62
CA LEU B 140 17.59 -73.39 17.03
C LEU B 140 18.22 -74.03 15.80
N ASN B 141 19.55 -74.01 15.75
CA ASN B 141 20.27 -74.64 14.66
C ASN B 141 20.19 -76.17 14.79
N ASP B 142 20.68 -76.86 13.76
CA ASP B 142 20.69 -78.31 13.78
C ASP B 142 21.52 -78.84 14.94
N LYS B 143 20.93 -79.76 15.71
CA LYS B 143 21.55 -80.27 16.94
C LYS B 143 21.88 -79.13 17.90
N GLY B 144 20.99 -78.16 17.97
CA GLY B 144 21.19 -76.97 18.79
C GLY B 144 20.49 -77.06 20.13
N LYS B 145 21.08 -76.39 21.13
CA LYS B 145 20.55 -76.37 22.47
C LYS B 145 20.68 -74.96 23.03
N LEU B 146 19.67 -74.52 23.78
CA LEU B 146 19.66 -73.19 24.37
C LEU B 146 19.11 -73.27 25.78
N GLU B 147 19.95 -72.90 26.75
CA GLU B 147 19.54 -72.77 28.14
C GLU B 147 19.72 -71.32 28.56
N VAL B 148 18.68 -70.73 29.15
CA VAL B 148 18.73 -69.34 29.58
C VAL B 148 17.85 -69.17 30.81
N GLU B 149 18.31 -68.35 31.75
CA GLU B 149 17.61 -68.07 32.99
C GLU B 149 17.11 -66.64 32.98
N LEU B 150 15.84 -66.46 33.35
CA LEU B 150 15.20 -65.14 33.33
C LEU B 150 14.83 -64.72 34.74
N VAL B 151 15.02 -63.43 35.04
CA VAL B 151 14.69 -62.86 36.34
C VAL B 151 13.57 -61.86 36.14
N VAL B 152 12.45 -62.09 36.84
CA VAL B 152 11.25 -61.27 36.71
C VAL B 152 11.00 -60.57 38.04
N GLU B 153 10.78 -59.26 37.99
CA GLU B 153 10.49 -58.46 39.17
C GLU B 153 9.32 -57.53 38.89
N ARG B 154 8.75 -56.99 39.96
CA ARG B 154 7.70 -56.00 39.86
C ARG B 154 8.28 -54.60 40.00
N GLY B 155 7.64 -53.63 39.36
CA GLY B 155 8.08 -52.26 39.43
C GLY B 155 7.18 -51.38 38.60
N ARG B 156 7.55 -50.10 38.51
CA ARG B 156 6.75 -49.12 37.80
C ARG B 156 7.64 -48.28 36.88
N GLY B 157 7.14 -48.04 35.67
CA GLY B 157 7.83 -47.18 34.72
C GLY B 157 8.89 -47.89 33.90
N TYR B 158 9.99 -47.19 33.64
CA TYR B 158 11.09 -47.71 32.84
C TYR B 158 12.39 -47.40 33.56
N VAL B 159 13.16 -48.43 33.87
CA VAL B 159 14.43 -48.31 34.57
C VAL B 159 15.52 -48.86 33.66
N PRO B 160 16.62 -48.14 33.46
CA PRO B 160 17.66 -48.62 32.54
C PRO B 160 18.36 -49.85 33.09
N ALA B 161 19.10 -50.52 32.19
CA ALA B 161 19.78 -51.76 32.56
C ALA B 161 20.94 -51.51 33.51
N VAL B 162 21.58 -50.33 33.42
CA VAL B 162 22.76 -50.06 34.23
C VAL B 162 22.45 -50.14 35.71
N GLN B 163 21.22 -49.80 36.11
CA GLN B 163 20.83 -49.88 37.51
C GLN B 163 20.54 -51.31 37.96
N ASN B 164 20.37 -52.24 37.02
CA ASN B 164 20.22 -53.65 37.34
C ASN B 164 21.56 -54.39 37.36
N ARG B 165 22.67 -53.67 37.48
CA ARG B 165 23.98 -54.31 37.49
C ARG B 165 24.19 -55.15 38.74
N ALA B 166 23.54 -54.80 39.85
CA ALA B 166 23.70 -55.54 41.09
C ALA B 166 22.84 -56.81 41.13
N SER B 167 21.80 -56.88 40.30
CA SER B 167 20.93 -58.05 40.29
C SER B 167 21.59 -59.27 39.68
N GLY B 168 22.60 -59.08 38.84
CA GLY B 168 23.27 -60.19 38.18
C GLY B 168 24.45 -60.70 38.99
N ALA B 169 24.55 -62.02 39.09
CA ALA B 169 25.67 -62.65 39.78
C ALA B 169 26.90 -62.67 38.89
N GLU B 170 28.07 -62.59 39.52
CA GLU B 170 29.33 -62.57 38.79
C GLU B 170 29.59 -63.93 38.13
N ILE B 171 28.79 -64.28 37.14
CA ILE B 171 28.93 -65.54 36.42
C ILE B 171 28.08 -65.49 35.15
N GLY B 172 28.46 -64.59 34.23
CA GLY B 172 27.80 -64.52 32.95
C GLY B 172 26.37 -64.01 32.98
N ARG B 173 26.00 -63.26 34.02
CA ARG B 173 24.67 -62.67 34.10
C ARG B 173 24.71 -61.26 33.53
N ILE B 174 23.74 -60.94 32.67
CA ILE B 174 23.68 -59.66 31.98
C ILE B 174 22.39 -58.97 32.38
N PRO B 175 22.43 -57.70 32.78
CA PRO B 175 21.19 -56.98 33.09
C PRO B 175 20.58 -56.36 31.84
N VAL B 176 19.25 -56.24 31.87
CA VAL B 176 18.50 -55.73 30.73
C VAL B 176 17.64 -54.56 31.19
N ASP B 177 17.20 -53.77 30.21
CA ASP B 177 16.26 -52.69 30.48
C ASP B 177 14.92 -53.29 30.88
N SER B 178 14.32 -52.75 31.94
CA SER B 178 13.08 -53.28 32.50
C SER B 178 11.93 -52.38 32.08
N ILE B 179 11.05 -52.91 31.24
CA ILE B 179 9.85 -52.18 30.81
C ILE B 179 8.74 -52.62 31.77
N TYR B 180 8.79 -52.08 32.99
CA TYR B 180 7.81 -52.44 34.01
C TYR B 180 6.41 -51.98 33.62
N SER B 181 6.30 -50.80 33.04
CA SER B 181 5.00 -50.18 32.81
C SER B 181 4.18 -51.03 31.84
N PRO B 182 2.91 -51.32 32.17
CA PRO B 182 2.07 -52.07 31.21
C PRO B 182 1.72 -51.30 29.96
N VAL B 183 1.76 -49.97 30.00
CA VAL B 183 1.46 -49.16 28.81
C VAL B 183 2.76 -48.88 28.06
N LEU B 184 2.64 -48.78 26.75
CA LEU B 184 3.81 -48.65 25.86
C LEU B 184 4.00 -47.25 25.32
N LYS B 185 2.94 -46.62 24.83
CA LYS B 185 3.05 -45.32 24.18
C LYS B 185 1.78 -44.52 24.42
N VAL B 186 1.94 -43.31 24.95
CA VAL B 186 0.81 -42.42 25.24
C VAL B 186 1.14 -41.03 24.70
N THR B 187 0.21 -40.47 23.92
CA THR B 187 0.33 -39.11 23.41
C THR B 187 -0.99 -38.38 23.63
N TYR B 188 -0.91 -37.06 23.74
CA TYR B 188 -2.10 -36.25 23.99
C TYR B 188 -2.03 -34.95 23.20
N LYS B 189 -3.21 -34.42 22.87
CA LYS B 189 -3.34 -33.12 22.23
C LYS B 189 -4.62 -32.46 22.73
N VAL B 190 -4.65 -31.13 22.66
CA VAL B 190 -5.76 -30.34 23.16
C VAL B 190 -6.34 -29.53 22.00
N ASP B 191 -7.64 -29.66 21.78
CA ASP B 191 -8.36 -28.91 20.77
C ASP B 191 -9.36 -27.96 21.44
N ALA B 192 -10.20 -27.34 20.63
CA ALA B 192 -11.19 -26.38 21.11
C ALA B 192 -12.59 -26.90 20.84
N THR B 193 -13.50 -26.62 21.78
CA THR B 193 -14.90 -27.02 21.67
C THR B 193 -15.76 -25.95 22.32
N ARG B 194 -16.75 -25.46 21.59
CA ARG B 194 -17.68 -24.46 22.10
C ARG B 194 -18.89 -25.14 22.71
N VAL B 195 -19.13 -24.88 24.00
CA VAL B 195 -20.33 -25.42 24.65
C VAL B 195 -21.55 -24.57 24.31
N GLU B 196 -21.45 -23.26 24.53
CA GLU B 196 -22.56 -22.36 24.30
C GLU B 196 -22.19 -21.36 23.20
N GLN B 197 -21.57 -20.26 23.58
CA GLN B 197 -21.17 -19.23 22.63
C GLN B 197 -19.66 -19.07 22.52
N ARG B 198 -18.93 -19.23 23.63
CA ARG B 198 -17.48 -19.08 23.60
C ARG B 198 -16.83 -20.38 23.14
N THR B 199 -15.79 -20.24 22.32
CA THR B 199 -15.07 -21.37 21.75
C THR B 199 -13.78 -21.66 22.51
N ASP B 200 -13.63 -21.13 23.72
CA ASP B 200 -12.39 -21.26 24.46
C ASP B 200 -12.24 -22.61 25.16
N PHE B 201 -13.34 -23.30 25.43
CA PHE B 201 -13.29 -24.53 26.20
C PHE B 201 -12.42 -25.58 25.50
N ASP B 202 -11.71 -26.37 26.30
CA ASP B 202 -10.73 -27.32 25.80
C ASP B 202 -11.31 -28.72 25.68
N LYS B 203 -10.82 -29.46 24.68
CA LYS B 203 -11.16 -30.86 24.48
C LYS B 203 -9.85 -31.64 24.48
N LEU B 204 -9.66 -32.52 25.47
CA LEU B 204 -8.45 -33.31 25.58
C LEU B 204 -8.63 -34.66 24.90
N ILE B 205 -7.60 -35.07 24.15
CA ILE B 205 -7.60 -36.33 23.42
C ILE B 205 -6.38 -37.13 23.89
N LEU B 206 -6.63 -38.30 24.48
CA LEU B 206 -5.58 -39.19 24.93
C LEU B 206 -5.52 -40.41 24.02
N ASP B 207 -4.31 -40.77 23.60
CA ASP B 207 -4.07 -41.96 22.77
C ASP B 207 -3.10 -42.86 23.53
N VAL B 208 -3.60 -43.98 24.03
CA VAL B 208 -2.83 -44.89 24.87
C VAL B 208 -2.75 -46.24 24.17
N GLU B 209 -1.53 -46.71 23.92
CA GLU B 209 -1.26 -48.04 23.39
C GLU B 209 -0.58 -48.85 24.48
N THR B 210 -1.21 -49.95 24.88
CA THR B 210 -0.75 -50.75 26.01
C THR B 210 -0.49 -52.18 25.57
N LYS B 211 0.18 -52.94 26.45
CA LYS B 211 0.37 -54.36 26.24
C LYS B 211 -0.92 -55.11 26.54
N ASN B 212 -0.90 -56.42 26.31
CA ASN B 212 -2.06 -57.25 26.58
C ASN B 212 -2.16 -57.67 28.04
N SER B 213 -1.36 -57.07 28.93
CA SER B 213 -1.50 -57.32 30.36
C SER B 213 -2.80 -56.73 30.89
N ILE B 214 -3.13 -55.51 30.46
CA ILE B 214 -4.38 -54.85 30.83
C ILE B 214 -4.85 -54.01 29.66
N SER B 215 -6.15 -53.73 29.62
CA SER B 215 -6.73 -52.92 28.57
C SER B 215 -6.48 -51.43 28.85
N PRO B 216 -6.60 -50.58 27.82
CA PRO B 216 -6.45 -49.14 28.06
C PRO B 216 -7.47 -48.58 29.05
N ARG B 217 -8.64 -49.20 29.14
CA ARG B 217 -9.65 -48.74 30.11
C ARG B 217 -9.11 -48.80 31.54
N ASP B 218 -8.62 -49.97 31.94
CA ASP B 218 -8.12 -50.15 33.30
C ASP B 218 -6.83 -49.36 33.54
N ALA B 219 -6.03 -49.18 32.50
CA ALA B 219 -4.82 -48.36 32.65
C ALA B 219 -5.18 -46.92 32.99
N LEU B 220 -6.19 -46.37 32.30
CA LEU B 220 -6.63 -45.01 32.61
C LEU B 220 -7.29 -44.94 33.99
N ALA B 221 -8.11 -45.94 34.33
CA ALA B 221 -8.74 -45.97 35.64
C ALA B 221 -7.70 -46.10 36.76
N SER B 222 -6.61 -46.83 36.50
CA SER B 222 -5.55 -46.92 37.49
C SER B 222 -4.83 -45.59 37.66
N ALA B 223 -4.62 -44.86 36.56
CA ALA B 223 -3.97 -43.56 36.65
C ALA B 223 -4.86 -42.54 37.35
N GLY B 224 -6.17 -42.64 37.14
CA GLY B 224 -7.08 -41.73 37.84
C GLY B 224 -7.10 -41.95 39.33
N LYS B 225 -7.13 -43.22 39.76
CA LYS B 225 -7.12 -43.53 41.18
C LYS B 225 -5.87 -42.98 41.86
N THR B 226 -4.70 -43.22 41.27
CA THR B 226 -3.45 -42.75 41.86
C THR B 226 -3.33 -41.24 41.83
N LEU B 227 -4.04 -40.57 40.90
CA LEU B 227 -4.00 -39.11 40.85
C LEU B 227 -4.95 -38.50 41.88
N VAL B 228 -6.16 -39.07 42.02
CA VAL B 228 -7.09 -38.59 43.04
C VAL B 228 -6.47 -38.73 44.43
N GLU B 229 -5.71 -39.81 44.65
CA GLU B 229 -4.98 -39.95 45.91
C GLU B 229 -3.87 -38.92 46.03
N LEU B 230 -3.20 -38.62 44.91
CA LEU B 230 -2.07 -37.68 44.94
C LEU B 230 -2.55 -36.28 45.30
N PHE B 231 -3.50 -35.75 44.53
CA PHE B 231 -4.04 -34.43 44.87
C PHE B 231 -4.92 -34.48 46.10
N GLY B 232 -5.36 -35.67 46.52
CA GLY B 232 -6.05 -35.79 47.79
C GLY B 232 -5.18 -35.37 48.96
N LEU B 233 -3.86 -35.53 48.83
CA LEU B 233 -2.95 -35.06 49.87
C LEU B 233 -3.09 -33.56 50.09
N ALA B 234 -3.31 -32.81 49.01
CA ALA B 234 -3.52 -31.37 49.13
C ALA B 234 -4.94 -31.05 49.57
N ARG B 235 -5.92 -31.84 49.12
CA ARG B 235 -7.31 -31.59 49.49
C ARG B 235 -7.53 -31.77 50.99
N GLU B 236 -6.79 -32.69 51.63
CA GLU B 236 -6.94 -32.95 53.05
C GLU B 236 -6.47 -31.81 53.94
N LEU B 237 -5.89 -30.74 53.37
CA LEU B 237 -5.37 -29.65 54.19
C LEU B 237 -6.48 -28.86 54.86
N ASN B 238 -7.51 -28.50 54.11
CA ASN B 238 -8.55 -27.60 54.64
C ASN B 238 -9.97 -27.98 54.23
N VAL B 239 -10.18 -28.62 53.09
CA VAL B 239 -11.53 -28.90 52.57
C VAL B 239 -12.30 -27.60 52.42
N GLU B 240 -11.90 -26.78 51.45
CA GLU B 240 -12.60 -25.54 51.14
C GLU B 240 -13.53 -25.78 49.95
N ALA B 241 -13.93 -24.70 49.28
CA ALA B 241 -14.95 -24.77 48.23
C ALA B 241 -14.31 -24.62 46.85
N GLU B 242 -15.05 -25.11 45.85
CA GLU B 242 -14.72 -24.96 44.44
C GLU B 242 -15.86 -25.54 43.60
N GLY B 243 -16.26 -24.83 42.55
CA GLY B 243 -17.40 -25.26 41.76
C GLY B 243 -17.14 -26.56 41.01
N ILE B 244 -18.21 -27.34 40.85
CA ILE B 244 -18.10 -28.63 40.17
C ILE B 244 -18.63 -28.52 38.75
N SER C 28 25.36 11.73 35.50
CA SER C 28 23.95 12.06 35.35
C SER C 28 23.67 12.68 34.00
N ASN C 29 22.43 12.59 33.55
CA ASN C 29 22.01 13.10 32.24
C ASN C 29 20.98 14.20 32.42
N ASN C 30 21.25 15.35 31.81
CA ASN C 30 20.31 16.47 31.75
C ASN C 30 19.95 16.98 33.14
N SER C 31 20.96 17.50 33.83
CA SER C 31 20.77 18.06 35.17
C SER C 31 20.66 19.59 35.07
N VAL C 32 19.55 20.02 34.49
CA VAL C 32 19.30 21.45 34.30
C VAL C 32 17.88 21.85 34.72
N PRO C 33 16.81 21.06 34.41
CA PRO C 33 15.47 21.53 34.80
C PRO C 33 14.97 20.98 36.13
N GLY C 34 15.54 19.87 36.59
CA GLY C 34 15.07 19.22 37.80
C GLY C 34 14.40 17.89 37.49
N ALA C 35 14.90 17.22 36.46
CA ALA C 35 14.32 15.98 35.97
C ALA C 35 14.76 14.81 36.86
N PRO C 36 14.16 13.64 36.67
CA PRO C 36 14.67 12.45 37.37
C PRO C 36 16.11 12.16 36.95
N ASN C 37 16.86 11.58 37.89
CA ASN C 37 18.29 11.35 37.72
C ASN C 37 18.51 10.11 36.85
N ARG C 38 18.63 10.34 35.54
CA ARG C 38 18.96 9.28 34.61
C ARG C 38 20.47 9.29 34.41
N VAL C 39 21.11 8.15 34.66
CA VAL C 39 22.57 8.05 34.65
C VAL C 39 23.02 7.62 33.27
N SER C 40 23.97 8.36 32.70
CA SER C 40 24.38 8.17 31.32
C SER C 40 25.71 7.41 31.23
N PHE C 41 25.82 6.58 30.20
CA PHE C 41 27.07 5.91 29.83
C PHE C 41 27.94 6.81 28.97
N ALA C 42 28.05 8.07 29.35
CA ALA C 42 28.68 9.09 28.51
C ALA C 42 30.19 9.11 28.76
N LYS C 43 30.96 8.99 27.68
CA LYS C 43 32.40 9.20 27.72
C LYS C 43 32.80 10.56 27.15
N LEU C 44 31.96 11.18 26.34
CA LEU C 44 32.22 12.48 25.74
C LEU C 44 31.36 13.52 26.43
N ARG C 45 31.96 14.65 26.76
CA ARG C 45 31.23 15.76 27.38
C ARG C 45 30.41 16.49 26.33
N GLU C 46 29.32 17.12 26.78
CA GLU C 46 28.47 17.91 25.90
C GLU C 46 28.89 19.36 25.98
N PRO C 47 29.55 19.91 24.96
CA PRO C 47 29.98 21.31 25.07
C PRO C 47 28.84 22.31 24.91
N LEU C 48 27.86 22.00 24.07
CA LEU C 48 26.74 22.90 23.81
C LEU C 48 25.44 22.15 24.04
N GLU C 49 24.57 22.73 24.86
CA GLU C 49 23.28 22.10 25.16
C GLU C 49 22.30 22.32 24.00
N VAL C 50 21.35 21.39 23.90
CA VAL C 50 20.37 21.37 22.82
C VAL C 50 19.64 22.70 22.75
N PRO C 51 19.49 23.29 21.55
CA PRO C 51 18.76 24.57 21.45
C PRO C 51 17.27 24.40 21.66
N GLY C 52 16.50 25.46 21.41
CA GLY C 52 15.06 25.36 21.47
C GLY C 52 14.51 24.61 20.28
N LEU C 53 13.96 23.41 20.52
CA LEU C 53 13.48 22.58 19.42
C LEU C 53 12.34 23.20 18.64
N LEU C 54 11.69 24.24 19.19
CA LEU C 54 10.58 24.92 18.52
C LEU C 54 11.01 26.24 17.90
N ASP C 55 12.31 26.52 17.83
CA ASP C 55 12.78 27.82 17.36
C ASP C 55 12.48 28.05 15.89
N VAL C 56 12.43 26.98 15.08
CA VAL C 56 12.20 27.15 13.64
C VAL C 56 10.84 27.79 13.39
N GLN C 57 9.81 27.35 14.12
CA GLN C 57 8.49 27.95 13.98
C GLN C 57 8.38 29.27 14.73
N THR C 58 9.07 29.40 15.87
CA THR C 58 8.94 30.58 16.71
C THR C 58 9.67 31.78 16.12
N ASP C 59 10.98 31.65 15.91
CA ASP C 59 11.79 32.77 15.45
C ASP C 59 11.30 33.31 14.10
N SER C 60 10.80 32.42 13.24
CA SER C 60 10.30 32.86 11.94
C SER C 60 9.10 33.79 12.09
N PHE C 61 8.19 33.46 13.01
CA PHE C 61 7.00 34.28 13.19
C PHE C 61 7.27 35.55 13.96
N GLU C 62 8.22 35.52 14.91
CA GLU C 62 8.55 36.72 15.66
C GLU C 62 9.14 37.79 14.76
N TRP C 63 9.95 37.38 13.77
CA TRP C 63 10.48 38.33 12.80
C TRP C 63 9.37 38.89 11.91
N LEU C 64 8.41 38.05 11.53
CA LEU C 64 7.34 38.49 10.64
C LEU C 64 6.51 39.61 11.27
N ILE C 65 6.17 39.48 12.54
CA ILE C 65 5.34 40.46 13.24
C ILE C 65 6.17 41.43 14.06
N GLY C 66 7.51 41.33 13.98
CA GLY C 66 8.39 42.26 14.68
C GLY C 66 8.18 42.32 16.18
N SER C 67 8.18 41.16 16.84
CA SER C 67 8.00 41.11 18.27
C SER C 67 9.22 41.68 18.99
N PRO C 68 9.05 42.17 20.21
CA PRO C 68 10.21 42.69 20.96
C PRO C 68 11.30 41.66 21.19
N ARG C 69 10.96 40.37 21.25
CA ARG C 69 11.99 39.35 21.42
C ARG C 69 12.88 39.25 20.19
N TRP C 70 12.29 39.30 19.00
CA TRP C 70 13.08 39.28 17.78
C TRP C 70 13.93 40.53 17.65
N ARG C 71 13.38 41.69 18.01
CA ARG C 71 14.11 42.94 17.89
C ARG C 71 15.32 42.98 18.81
N GLU C 72 15.14 42.53 20.06
CA GLU C 72 16.28 42.45 20.96
C GLU C 72 17.26 41.37 20.55
N SER C 73 16.78 40.30 19.91
CA SER C 73 17.68 39.29 19.39
C SER C 73 18.52 39.84 18.24
N ALA C 74 17.89 40.58 17.32
CA ALA C 74 18.63 41.23 16.26
C ALA C 74 19.49 42.38 16.76
N ALA C 75 19.12 42.98 17.90
CA ALA C 75 19.90 44.07 18.46
C ALA C 75 21.28 43.59 18.88
N GLU C 76 21.34 42.55 19.72
CA GLU C 76 22.63 42.00 20.12
C GLU C 76 23.32 41.27 18.98
N ARG C 77 22.59 40.92 17.92
CA ARG C 77 23.17 40.29 16.75
C ARG C 77 24.04 41.25 15.95
N GLY C 78 24.04 42.54 16.28
CA GLY C 78 24.80 43.53 15.58
C GLY C 78 24.02 44.35 14.57
N ASP C 79 22.77 43.99 14.32
CA ASP C 79 21.97 44.67 13.32
C ASP C 79 21.78 46.15 13.69
N VAL C 80 21.66 46.97 12.67
CA VAL C 80 21.41 48.40 12.81
C VAL C 80 20.13 48.73 12.05
N ASN C 81 19.14 49.25 12.76
CA ASN C 81 17.79 49.51 12.23
C ASN C 81 17.23 48.25 11.57
N PRO C 82 16.93 47.20 12.33
CA PRO C 82 16.31 46.02 11.73
C PRO C 82 14.86 46.26 11.37
N VAL C 83 14.36 45.44 10.46
CA VAL C 83 13.01 45.59 9.90
C VAL C 83 12.32 44.23 9.91
N GLY C 84 11.15 44.17 10.52
CA GLY C 84 10.37 42.95 10.54
C GLY C 84 9.75 42.64 9.19
N GLY C 85 9.10 41.47 9.12
CA GLY C 85 8.54 41.02 7.86
C GLY C 85 7.38 41.88 7.39
N LEU C 86 6.54 42.33 8.31
CA LEU C 86 5.44 43.22 7.93
C LEU C 86 5.96 44.61 7.57
N GLU C 87 6.89 45.14 8.36
CA GLU C 87 7.49 46.43 8.04
C GLU C 87 8.21 46.39 6.70
N GLU C 88 8.81 45.26 6.36
CA GLU C 88 9.51 45.13 5.08
C GLU C 88 8.54 45.16 3.90
N VAL C 89 7.33 44.64 4.08
CA VAL C 89 6.35 44.67 3.00
C VAL C 89 5.79 46.07 2.83
N LEU C 90 5.59 46.79 3.94
CA LEU C 90 5.05 48.15 3.84
C LEU C 90 6.07 49.12 3.24
N TYR C 91 7.36 48.90 3.49
CA TYR C 91 8.37 49.78 2.91
C TYR C 91 8.57 49.49 1.43
N GLU C 92 8.58 48.21 1.04
CA GLU C 92 8.66 47.88 -0.38
C GLU C 92 7.44 48.38 -1.15
N LEU C 93 6.28 48.41 -0.51
CA LEU C 93 5.07 48.87 -1.16
C LEU C 93 5.02 50.39 -1.27
N SER C 94 5.36 51.08 -0.19
CA SER C 94 5.28 52.53 -0.18
C SER C 94 6.37 53.14 -1.06
N PRO C 95 6.06 54.19 -1.83
CA PRO C 95 4.72 54.79 -1.92
C PRO C 95 3.94 54.35 -3.16
N ILE C 96 2.66 54.66 -3.20
CA ILE C 96 1.79 54.36 -4.34
C ILE C 96 1.50 55.67 -5.06
N GLU C 97 1.88 55.75 -6.33
CA GLU C 97 1.73 56.97 -7.11
C GLU C 97 1.14 56.63 -8.48
N ASP C 98 0.40 57.58 -9.03
CA ASP C 98 -0.16 57.45 -10.37
C ASP C 98 0.90 57.86 -11.40
N PHE C 99 0.48 58.01 -12.65
CA PHE C 99 1.43 58.35 -13.71
C PHE C 99 1.98 59.76 -13.56
N SER C 100 1.17 60.68 -13.00
CA SER C 100 1.59 62.07 -12.91
C SER C 100 2.44 62.33 -11.68
N GLY C 101 2.10 61.71 -10.56
CA GLY C 101 2.71 62.01 -9.29
C GLY C 101 1.96 63.02 -8.45
N SER C 102 0.70 63.33 -8.80
CA SER C 102 -0.10 64.26 -8.03
C SER C 102 -0.67 63.65 -6.76
N MET C 103 -0.80 62.32 -6.72
CA MET C 103 -1.39 61.62 -5.59
C MET C 103 -0.42 60.57 -5.07
N SER C 104 -0.35 60.42 -3.76
CA SER C 104 0.58 59.50 -3.12
C SER C 104 -0.06 58.90 -1.88
N LEU C 105 0.21 57.60 -1.67
CA LEU C 105 -0.24 56.88 -0.47
C LEU C 105 0.94 56.14 0.12
N SER C 106 0.99 56.10 1.45
CA SER C 106 2.12 55.48 2.15
C SER C 106 1.62 54.79 3.42
N PHE C 107 2.36 53.78 3.84
CA PHE C 107 2.03 53.00 5.04
C PHE C 107 3.24 52.94 5.97
N SER C 108 2.97 52.87 7.27
CA SER C 108 4.01 52.81 8.27
C SER C 108 3.41 52.38 9.60
N ASP C 109 4.29 51.96 10.52
CA ASP C 109 3.95 51.60 11.88
C ASP C 109 2.88 50.51 11.94
N PRO C 110 3.22 49.25 11.67
CA PRO C 110 2.25 48.16 11.87
C PRO C 110 2.24 47.71 13.33
N ARG C 111 1.05 47.56 13.89
CA ARG C 111 0.90 47.19 15.28
C ARG C 111 -0.32 46.29 15.44
N PHE C 112 -0.36 45.56 16.54
CA PHE C 112 -1.41 44.59 16.82
C PHE C 112 -2.12 44.94 18.11
N ASP C 113 -3.45 44.84 18.09
CA ASP C 113 -4.24 44.88 19.32
C ASP C 113 -4.25 43.47 19.93
N ASP C 114 -4.85 43.34 21.11
CA ASP C 114 -4.91 42.05 21.78
C ASP C 114 -5.66 41.03 20.92
N VAL C 115 -5.41 39.76 21.22
CA VAL C 115 -6.01 38.67 20.45
C VAL C 115 -7.53 38.68 20.64
N LYS C 116 -8.24 38.28 19.58
CA LYS C 116 -9.71 38.36 19.61
C LYS C 116 -10.30 37.40 20.62
N ALA C 117 -9.87 36.14 20.61
CA ALA C 117 -10.38 35.12 21.50
C ALA C 117 -9.24 34.20 21.92
N PRO C 118 -9.31 33.66 23.13
CA PRO C 118 -8.25 32.74 23.59
C PRO C 118 -8.15 31.50 22.73
N VAL C 119 -7.09 30.73 23.00
CA VAL C 119 -6.76 29.58 22.16
C VAL C 119 -7.86 28.51 22.23
N ASP C 120 -8.27 28.17 23.45
CA ASP C 120 -9.25 27.09 23.60
C ASP C 120 -10.64 27.52 23.15
N GLU C 121 -10.96 28.80 23.24
CA GLU C 121 -12.26 29.26 22.73
C GLU C 121 -12.35 29.11 21.22
N CYS C 122 -11.23 29.29 20.52
CA CYS C 122 -11.23 29.10 19.07
C CYS C 122 -11.43 27.64 18.71
N LYS C 123 -10.80 26.72 19.46
CA LYS C 123 -11.00 25.30 19.21
C LYS C 123 -12.44 24.89 19.43
N ASP C 124 -13.11 25.50 20.42
CA ASP C 124 -14.46 25.11 20.75
C ASP C 124 -15.48 25.68 19.76
N LYS C 125 -15.36 26.96 19.43
CA LYS C 125 -16.32 27.63 18.57
C LYS C 125 -15.91 27.60 17.09
N ASP C 126 -14.85 26.88 16.75
CA ASP C 126 -14.45 26.68 15.35
C ASP C 126 -14.18 28.01 14.63
N MET C 127 -13.46 28.91 15.30
CA MET C 127 -13.01 30.16 14.70
C MET C 127 -11.49 30.15 14.60
N THR C 128 -10.93 31.26 14.15
CA THR C 128 -9.50 31.38 13.89
C THR C 128 -8.84 32.27 14.94
N TYR C 129 -7.72 31.80 15.47
CA TYR C 129 -6.92 32.57 16.43
C TYR C 129 -6.21 33.70 15.69
N ALA C 130 -6.60 34.94 15.98
CA ALA C 130 -6.08 36.08 15.23
C ALA C 130 -6.12 37.34 16.09
N ALA C 131 -5.31 38.31 15.69
CA ALA C 131 -5.28 39.62 16.32
C ALA C 131 -5.44 40.70 15.25
N PRO C 132 -6.19 41.76 15.54
CA PRO C 132 -6.40 42.81 14.53
C PRO C 132 -5.12 43.60 14.28
N LEU C 133 -4.85 43.85 13.01
CA LEU C 133 -3.62 44.52 12.58
C LEU C 133 -3.93 45.96 12.20
N PHE C 134 -3.26 46.90 12.86
CA PHE C 134 -3.41 48.32 12.60
C PHE C 134 -2.15 48.86 11.92
N VAL C 135 -2.34 49.75 10.95
CA VAL C 135 -1.26 50.46 10.28
C VAL C 135 -1.62 51.94 10.24
N THR C 136 -0.61 52.75 9.92
CA THR C 136 -0.78 54.20 9.79
C THR C 136 -0.57 54.58 8.33
N ALA C 137 -1.64 55.04 7.67
CA ALA C 137 -1.61 55.43 6.28
C ALA C 137 -1.93 56.90 6.13
N GLU C 138 -1.38 57.52 5.09
CA GLU C 138 -1.58 58.94 4.85
C GLU C 138 -1.54 59.21 3.35
N PHE C 139 -2.29 60.24 2.93
CA PHE C 139 -2.39 60.63 1.54
C PHE C 139 -1.58 61.90 1.33
N ILE C 140 -0.58 61.83 0.44
CA ILE C 140 0.28 62.96 0.12
C ILE C 140 -0.16 63.52 -1.22
N ASN C 141 -0.61 64.77 -1.23
CA ASN C 141 -1.10 65.43 -2.44
C ASN C 141 -0.09 66.51 -2.82
N ASN C 142 0.58 66.33 -3.96
CA ASN C 142 1.58 67.30 -4.40
C ASN C 142 0.95 68.55 -5.00
N ASN C 143 -0.23 68.44 -5.59
CA ASN C 143 -0.88 69.58 -6.24
C ASN C 143 -1.71 70.44 -5.30
N THR C 144 -1.88 70.01 -4.04
CA THR C 144 -2.59 70.83 -3.06
C THR C 144 -1.78 71.11 -1.80
N GLY C 145 -0.71 70.37 -1.55
CA GLY C 145 0.17 70.64 -0.43
C GLY C 145 -0.47 70.45 0.94
N GLU C 146 -1.17 69.32 1.12
CA GLU C 146 -1.77 69.01 2.41
C GLU C 146 -1.94 67.49 2.51
N ILE C 147 -1.78 66.97 3.71
CA ILE C 147 -1.74 65.53 3.97
C ILE C 147 -2.70 65.19 5.09
N LYS C 148 -3.44 64.10 4.92
CA LYS C 148 -4.34 63.58 5.94
C LYS C 148 -3.85 62.20 6.36
N SER C 149 -3.44 62.07 7.62
CA SER C 149 -2.91 60.84 8.17
C SER C 149 -3.85 60.29 9.24
N GLN C 150 -3.97 58.97 9.28
CA GLN C 150 -4.87 58.31 10.23
C GLN C 150 -4.45 56.85 10.38
N THR C 151 -5.18 56.13 11.22
CA THR C 151 -4.95 54.72 11.47
C THR C 151 -5.97 53.89 10.69
N VAL C 152 -5.49 52.91 9.93
CA VAL C 152 -6.33 52.08 9.08
C VAL C 152 -6.19 50.63 9.52
N PHE C 153 -7.30 49.99 9.85
CA PHE C 153 -7.32 48.58 10.19
C PHE C 153 -7.18 47.74 8.93
N MET C 154 -6.20 46.84 8.93
CA MET C 154 -5.89 46.03 7.75
C MET C 154 -6.67 44.72 7.72
N GLY C 155 -6.67 43.98 8.83
CA GLY C 155 -7.38 42.71 8.87
C GLY C 155 -7.03 41.87 10.07
N ASP C 156 -7.90 40.90 10.38
CA ASP C 156 -7.61 39.97 11.46
C ASP C 156 -6.47 39.04 11.05
N PHE C 157 -5.34 39.14 11.76
CA PHE C 157 -4.11 38.49 11.34
C PHE C 157 -3.92 37.21 12.13
N PRO C 158 -3.86 36.04 11.48
CA PRO C 158 -3.71 34.79 12.22
C PRO C 158 -2.43 34.77 13.04
N MET C 159 -2.58 34.43 14.32
CA MET C 159 -1.47 34.43 15.27
C MET C 159 -1.03 33.01 15.58
N MET C 160 0.27 32.87 15.86
CA MET C 160 0.85 31.58 16.19
C MET C 160 0.82 31.36 17.70
N THR C 161 0.39 30.17 18.10
CA THR C 161 0.33 29.83 19.51
C THR C 161 1.74 29.65 20.09
N GLU C 162 1.80 29.53 21.42
CA GLU C 162 3.08 29.32 22.09
C GLU C 162 3.70 27.97 21.70
N LYS C 163 2.86 27.01 21.31
CA LYS C 163 3.33 25.70 20.86
C LYS C 163 3.76 25.69 19.40
N GLY C 164 3.82 26.86 18.76
CA GLY C 164 4.24 26.94 17.37
C GLY C 164 3.20 26.55 16.36
N THR C 165 1.92 26.58 16.72
CA THR C 165 0.85 26.17 15.83
C THR C 165 -0.11 27.33 15.60
N PHE C 166 -0.85 27.24 14.50
CA PHE C 166 -1.96 28.14 14.21
C PHE C 166 -3.28 27.39 14.38
N ILE C 167 -4.35 28.14 14.59
CA ILE C 167 -5.68 27.57 14.78
C ILE C 167 -6.58 28.18 13.70
N ILE C 168 -6.85 27.40 12.65
CA ILE C 168 -7.71 27.84 11.56
C ILE C 168 -9.03 27.08 11.70
N ASN C 169 -10.10 27.82 11.98
CA ASN C 169 -11.44 27.26 12.13
C ASN C 169 -11.47 26.13 13.16
N GLY C 170 -10.78 26.36 14.28
CA GLY C 170 -10.81 25.43 15.39
C GLY C 170 -9.98 24.19 15.25
N THR C 171 -9.00 24.18 14.34
CA THR C 171 -8.13 23.03 14.14
C THR C 171 -6.68 23.50 14.16
N GLU C 172 -5.88 22.90 15.05
CA GLU C 172 -4.47 23.23 15.11
C GLU C 172 -3.76 22.77 13.85
N ARG C 173 -3.09 23.71 13.18
CA ARG C 173 -2.34 23.42 11.97
C ARG C 173 -0.89 23.83 12.16
N VAL C 174 -0.02 23.30 11.30
CA VAL C 174 1.41 23.53 11.38
C VAL C 174 1.90 24.00 10.01
N VAL C 175 2.49 25.18 9.96
CA VAL C 175 3.10 25.69 8.73
C VAL C 175 4.48 25.07 8.61
N VAL C 176 4.67 24.27 7.56
CA VAL C 176 5.88 23.46 7.40
C VAL C 176 6.92 24.25 6.62
N SER C 177 8.15 24.24 7.10
CA SER C 177 9.25 24.87 6.37
C SER C 177 9.48 24.16 5.04
N GLN C 178 9.74 24.94 4.01
CA GLN C 178 9.83 24.42 2.65
C GLN C 178 11.26 24.53 2.12
N LEU C 179 11.76 23.43 1.58
CA LEU C 179 13.04 23.42 0.88
C LEU C 179 12.80 23.86 -0.56
N VAL C 180 13.35 25.02 -0.92
CA VAL C 180 13.21 25.55 -2.28
C VAL C 180 14.60 25.79 -2.85
N ARG C 181 14.65 25.90 -4.18
CA ARG C 181 15.88 26.25 -4.87
C ARG C 181 16.20 27.72 -4.60
N SER C 182 17.37 27.97 -4.03
CA SER C 182 17.74 29.34 -3.64
C SER C 182 17.87 30.22 -4.88
N PRO C 183 17.50 31.50 -4.76
CA PRO C 183 17.70 32.43 -5.88
C PRO C 183 19.17 32.62 -6.18
N GLY C 184 19.47 32.87 -7.44
CA GLY C 184 20.83 33.07 -7.88
C GLY C 184 21.01 32.58 -9.30
N VAL C 185 22.28 32.44 -9.69
CA VAL C 185 22.66 31.99 -11.03
C VAL C 185 23.29 30.60 -10.89
N TYR C 186 22.81 29.65 -11.68
CA TYR C 186 23.23 28.26 -11.58
C TYR C 186 23.64 27.73 -12.94
N PHE C 187 24.67 26.88 -12.95
CA PHE C 187 25.26 26.34 -14.17
C PHE C 187 25.17 24.83 -14.15
N ASP C 188 24.93 24.23 -15.31
CA ASP C 188 24.73 22.80 -15.45
C ASP C 188 25.56 22.25 -16.60
N GLU C 189 26.13 21.07 -16.40
CA GLU C 189 26.91 20.37 -17.43
C GLU C 189 26.09 19.16 -17.87
N THR C 190 25.33 19.33 -18.94
CA THR C 190 24.51 18.27 -19.51
C THR C 190 25.23 17.62 -20.69
N ILE C 191 24.83 16.38 -20.98
CA ILE C 191 25.40 15.60 -22.08
C ILE C 191 24.32 15.44 -23.14
N ASP C 192 24.64 15.79 -24.38
CA ASP C 192 23.67 15.74 -25.46
C ASP C 192 23.36 14.30 -25.84
N LYS C 193 22.17 14.11 -26.42
CA LYS C 193 21.69 12.76 -26.71
C LYS C 193 22.23 12.25 -28.05
N SER C 194 22.13 13.06 -29.11
CA SER C 194 22.44 12.60 -30.46
C SER C 194 23.91 12.77 -30.82
N THR C 195 24.53 13.89 -30.47
CA THR C 195 25.90 14.17 -30.86
C THR C 195 26.93 13.76 -29.81
N ASP C 196 26.49 13.46 -28.59
CA ASP C 196 27.37 12.95 -27.53
C ASP C 196 28.48 13.94 -27.19
N LYS C 197 28.17 15.23 -27.21
CA LYS C 197 29.09 16.26 -26.82
C LYS C 197 28.62 16.93 -25.53
N THR C 198 29.57 17.43 -24.75
CA THR C 198 29.27 18.03 -23.46
C THR C 198 28.71 19.44 -23.66
N LEU C 199 27.45 19.63 -23.26
CA LEU C 199 26.79 20.92 -23.35
C LEU C 199 26.75 21.60 -21.98
N HIS C 200 26.42 22.89 -21.98
CA HIS C 200 26.35 23.67 -20.76
C HIS C 200 25.18 24.64 -20.84
N SER C 201 24.56 24.90 -19.69
CA SER C 201 23.40 25.77 -19.61
C SER C 201 23.47 26.58 -18.32
N VAL C 202 22.79 27.73 -18.33
CA VAL C 202 22.76 28.65 -17.21
C VAL C 202 21.31 29.00 -16.88
N LYS C 203 21.00 29.14 -15.60
CA LYS C 203 19.69 29.56 -15.14
C LYS C 203 19.86 30.69 -14.13
N VAL C 204 19.09 31.76 -14.30
CA VAL C 204 19.09 32.91 -13.39
C VAL C 204 17.73 32.94 -12.72
N ILE C 205 17.64 32.37 -11.52
CA ILE C 205 16.37 32.19 -10.83
C ILE C 205 16.20 33.36 -9.85
N PRO C 206 15.27 34.28 -10.09
CA PRO C 206 15.06 35.38 -9.16
C PRO C 206 14.15 34.97 -8.01
N SER C 207 14.18 35.80 -6.97
CA SER C 207 13.24 35.63 -5.87
C SER C 207 11.81 35.98 -6.28
N ARG C 208 11.65 36.72 -7.38
CA ARG C 208 10.36 37.07 -7.94
C ARG C 208 10.58 37.67 -9.33
N GLY C 209 9.67 37.38 -10.25
CA GLY C 209 9.73 37.98 -11.57
C GLY C 209 9.90 37.00 -12.71
N ALA C 210 10.42 37.48 -13.83
CA ALA C 210 10.60 36.65 -15.01
C ALA C 210 11.93 35.90 -14.94
N TRP C 211 11.97 34.77 -15.62
CA TRP C 211 13.14 33.90 -15.64
C TRP C 211 13.97 34.13 -16.90
N LEU C 212 15.25 33.81 -16.80
CA LEU C 212 16.20 34.09 -17.87
C LEU C 212 17.25 32.98 -17.87
N GLU C 213 17.29 32.18 -18.93
CA GLU C 213 18.19 31.04 -19.01
C GLU C 213 18.97 31.07 -20.32
N PHE C 214 20.30 31.10 -20.21
CA PHE C 214 21.20 30.99 -21.34
C PHE C 214 21.66 29.55 -21.49
N ASP C 215 22.06 29.18 -22.71
CA ASP C 215 22.48 27.81 -22.96
C ASP C 215 23.34 27.77 -24.22
N VAL C 216 24.16 26.74 -24.32
CA VAL C 216 24.95 26.45 -25.50
C VAL C 216 24.47 25.11 -26.04
N ASP C 217 23.82 25.15 -27.21
CA ASP C 217 23.27 23.95 -27.82
C ASP C 217 24.40 23.11 -28.42
N LYS C 218 24.03 22.10 -29.20
CA LYS C 218 25.01 21.20 -29.79
C LYS C 218 25.62 21.72 -31.08
N ARG C 219 25.23 22.92 -31.53
CA ARG C 219 25.76 23.51 -32.75
C ARG C 219 26.78 24.60 -32.47
N ASP C 220 27.37 24.61 -31.27
CA ASP C 220 28.40 25.58 -30.89
C ASP C 220 27.90 27.02 -31.06
N THR C 221 26.64 27.24 -30.72
CA THR C 221 26.05 28.57 -30.72
C THR C 221 25.44 28.83 -29.35
N VAL C 222 25.32 30.11 -29.00
CA VAL C 222 24.83 30.54 -27.70
C VAL C 222 23.48 31.22 -27.89
N GLY C 223 22.51 30.85 -27.05
CA GLY C 223 21.19 31.43 -27.10
C GLY C 223 20.67 31.75 -25.70
N VAL C 224 19.44 32.23 -25.66
CA VAL C 224 18.81 32.65 -24.41
C VAL C 224 17.31 32.54 -24.53
N ARG C 225 16.68 31.86 -23.56
CA ARG C 225 15.24 31.78 -23.46
C ARG C 225 14.78 32.77 -22.40
N ILE C 226 13.90 33.69 -22.78
CA ILE C 226 13.43 34.75 -21.89
C ILE C 226 12.01 34.41 -21.47
N ASP C 227 11.84 34.00 -20.21
CA ASP C 227 10.53 33.70 -19.64
C ASP C 227 9.82 32.61 -20.46
N ARG C 228 10.50 31.47 -20.61
CA ARG C 228 9.95 30.28 -21.27
C ARG C 228 9.78 30.49 -22.77
N LYS C 229 9.82 31.73 -23.24
CA LYS C 229 9.53 32.05 -24.63
C LYS C 229 10.62 31.49 -25.55
N ARG C 230 10.53 31.81 -26.83
CA ARG C 230 11.41 31.24 -27.84
C ARG C 230 12.87 31.58 -27.56
N ARG C 231 13.76 30.70 -28.02
CA ARG C 231 15.19 30.85 -27.78
C ARG C 231 15.79 31.73 -28.87
N GLN C 232 16.13 32.96 -28.49
CA GLN C 232 16.79 33.95 -29.33
C GLN C 232 18.30 33.78 -29.26
N PRO C 233 19.02 34.14 -30.32
CA PRO C 233 20.49 34.18 -30.23
C PRO C 233 20.93 35.15 -29.14
N VAL C 234 22.03 34.79 -28.47
CA VAL C 234 22.47 35.55 -27.30
C VAL C 234 22.86 36.97 -27.66
N THR C 235 23.21 37.23 -28.92
CA THR C 235 23.56 38.58 -29.33
C THR C 235 22.34 39.45 -29.58
N VAL C 236 21.17 38.84 -29.82
CA VAL C 236 19.95 39.61 -29.96
C VAL C 236 19.65 40.36 -28.66
N LEU C 237 19.91 39.72 -27.52
CA LEU C 237 19.72 40.39 -26.24
C LEU C 237 20.77 41.48 -26.02
N LEU C 238 22.00 41.22 -26.44
CA LEU C 238 23.06 42.21 -26.27
C LEU C 238 22.80 43.45 -27.13
N LYS C 239 22.32 43.26 -28.35
CA LYS C 239 22.03 44.40 -29.21
C LYS C 239 20.85 45.20 -28.70
N ALA C 240 19.85 44.55 -28.10
CA ALA C 240 18.69 45.25 -27.59
C ALA C 240 19.02 46.12 -26.37
N LEU C 241 20.07 45.78 -25.63
CA LEU C 241 20.45 46.54 -24.45
C LEU C 241 21.29 47.78 -24.77
N GLY C 242 21.67 47.96 -26.02
CA GLY C 242 22.48 49.10 -26.41
C GLY C 242 23.95 48.82 -26.63
N TRP C 243 24.35 47.57 -26.80
CA TRP C 243 25.73 47.21 -27.05
C TRP C 243 25.98 47.12 -28.55
N THR C 244 27.03 47.82 -29.01
CA THR C 244 27.38 47.80 -30.41
C THR C 244 27.96 46.45 -30.82
N SER C 245 27.87 46.15 -32.11
CA SER C 245 28.39 44.89 -32.64
C SER C 245 29.91 44.81 -32.51
N GLU C 246 30.60 45.95 -32.37
CA GLU C 246 32.04 45.93 -32.23
C GLU C 246 32.45 45.58 -30.79
N GLN C 247 31.78 46.20 -29.80
CA GLN C 247 32.09 45.90 -28.40
C GLN C 247 31.79 44.45 -28.05
N ILE C 248 30.87 43.80 -28.78
CA ILE C 248 30.59 42.39 -28.54
C ILE C 248 31.78 41.53 -28.96
N VAL C 249 32.37 41.84 -30.12
CA VAL C 249 33.57 41.12 -30.54
C VAL C 249 34.72 41.40 -29.58
N GLU C 250 34.74 42.59 -28.97
CA GLU C 250 35.81 42.93 -28.04
C GLU C 250 35.76 42.09 -26.78
N ARG C 251 34.55 41.77 -26.32
CA ARG C 251 34.37 41.07 -25.05
C ARG C 251 34.44 39.56 -25.19
N PHE C 252 33.85 39.01 -26.27
CA PHE C 252 33.73 37.57 -26.45
C PHE C 252 34.62 37.06 -27.59
N GLY C 253 35.75 37.73 -27.82
CA GLY C 253 36.60 37.36 -28.94
C GLY C 253 37.49 36.15 -28.70
N PHE C 254 37.78 35.82 -27.44
CA PHE C 254 38.68 34.72 -27.13
C PHE C 254 38.08 33.35 -27.42
N SER C 255 36.79 33.28 -27.74
CA SER C 255 36.11 32.02 -28.04
C SER C 255 35.57 32.06 -29.47
N GLU C 256 35.72 30.95 -30.17
CA GLU C 256 35.19 30.84 -31.53
C GLU C 256 33.69 30.57 -31.55
N ILE C 257 33.13 30.08 -30.44
CA ILE C 257 31.70 29.78 -30.41
C ILE C 257 30.86 31.04 -30.31
N MET C 258 31.44 32.15 -29.84
CA MET C 258 30.75 33.44 -29.84
C MET C 258 30.92 34.18 -31.15
N ARG C 259 32.06 34.01 -31.82
CA ARG C 259 32.22 34.55 -33.17
C ARG C 259 31.22 33.92 -34.13
N SER C 260 30.96 32.62 -33.96
CA SER C 260 29.95 31.94 -34.78
C SER C 260 28.54 32.37 -34.38
N THR C 261 28.35 32.94 -33.20
CA THR C 261 27.03 33.38 -32.77
C THR C 261 26.66 34.72 -33.38
N LEU C 262 27.57 35.69 -33.32
CA LEU C 262 27.32 37.00 -33.93
C LEU C 262 27.30 36.90 -35.45
N GLU C 263 27.96 35.90 -36.03
CA GLU C 263 27.95 35.74 -37.48
C GLU C 263 26.65 35.10 -37.96
N LYS C 264 26.26 33.98 -37.34
CA LYS C 264 24.99 33.33 -37.67
C LYS C 264 23.78 34.14 -37.26
N ASP C 265 23.96 35.28 -36.58
CA ASP C 265 22.84 36.10 -36.15
C ASP C 265 22.03 36.58 -37.36
N ASN C 266 20.73 36.76 -37.13
CA ASN C 266 19.81 37.12 -38.21
C ASN C 266 19.73 38.64 -38.38
N THR C 267 19.32 39.35 -37.34
CA THR C 267 19.10 40.79 -37.39
C THR C 267 20.16 41.54 -36.61
N VAL C 268 20.47 42.75 -37.07
CA VAL C 268 21.44 43.62 -36.43
C VAL C 268 20.82 45.01 -36.25
N GLY C 269 21.17 45.66 -35.15
CA GLY C 269 20.64 46.97 -34.84
C GLY C 269 20.09 47.07 -33.44
N THR C 270 20.34 48.19 -32.77
CA THR C 270 19.86 48.35 -31.39
C THR C 270 18.34 48.47 -31.34
N ASP C 271 17.76 49.20 -32.29
CA ASP C 271 16.31 49.34 -32.39
C ASP C 271 15.66 48.21 -33.17
N GLU C 272 16.42 47.22 -33.62
CA GLU C 272 15.92 46.09 -34.38
C GLU C 272 15.74 44.84 -33.53
N ALA C 273 16.80 44.44 -32.82
CA ALA C 273 16.69 43.31 -31.90
C ALA C 273 15.82 43.64 -30.69
N LEU C 274 15.63 44.93 -30.40
CA LEU C 274 14.72 45.32 -29.33
C LEU C 274 13.27 45.06 -29.71
N LEU C 275 12.94 45.23 -30.99
CA LEU C 275 11.60 44.87 -31.47
C LEU C 275 11.48 43.38 -31.71
N ASP C 276 12.59 42.71 -32.04
CA ASP C 276 12.56 41.25 -32.17
C ASP C 276 12.19 40.60 -30.85
N ILE C 277 12.71 41.13 -29.73
CA ILE C 277 12.35 40.61 -28.42
C ILE C 277 10.89 40.93 -28.11
N TYR C 278 10.43 42.10 -28.53
CA TYR C 278 9.05 42.51 -28.22
C TYR C 278 8.04 41.60 -28.90
N ARG C 279 8.28 41.24 -30.16
CA ARG C 279 7.31 40.43 -30.89
C ARG C 279 7.32 38.96 -30.49
N LYS C 280 8.39 38.49 -29.82
CA LYS C 280 8.42 37.15 -29.28
C LYS C 280 7.94 37.07 -27.85
N LEU C 281 8.01 38.18 -27.10
CA LEU C 281 7.63 38.21 -25.69
C LEU C 281 6.16 38.57 -25.51
N ARG C 282 5.70 39.63 -26.19
CA ARG C 282 4.32 40.09 -26.12
C ARG C 282 3.75 40.14 -27.53
N PRO C 283 3.38 38.98 -28.10
CA PRO C 283 2.89 38.96 -29.47
C PRO C 283 1.51 39.60 -29.60
N GLY C 284 1.19 39.98 -30.83
CA GLY C 284 -0.11 40.55 -31.13
C GLY C 284 -0.23 42.04 -30.89
N GLU C 285 0.85 42.71 -30.52
CA GLU C 285 0.81 44.12 -30.18
C GLU C 285 1.72 44.93 -31.11
N PRO C 286 1.38 46.20 -31.36
CA PRO C 286 2.24 47.03 -32.20
C PRO C 286 3.58 47.28 -31.54
N PRO C 287 4.69 46.96 -32.23
CA PRO C 287 6.00 47.11 -31.61
C PRO C 287 6.60 48.50 -31.77
N THR C 288 6.62 49.26 -30.68
CA THR C 288 7.24 50.58 -30.64
C THR C 288 8.62 50.47 -30.00
N LYS C 289 9.55 51.30 -30.48
CA LYS C 289 10.91 51.30 -29.94
C LYS C 289 10.92 51.60 -28.45
N GLU C 290 9.91 52.33 -27.95
CA GLU C 290 9.83 52.69 -26.55
C GLU C 290 8.86 51.83 -25.76
N SER C 291 8.00 51.06 -26.42
CA SER C 291 7.18 50.08 -25.71
C SER C 291 7.99 48.84 -25.35
N ALA C 292 9.04 48.54 -26.12
CA ALA C 292 9.99 47.50 -25.76
C ALA C 292 11.10 48.02 -24.87
N GLN C 293 11.51 49.27 -25.06
CA GLN C 293 12.45 49.91 -24.14
C GLN C 293 11.88 50.02 -22.73
N THR C 294 10.55 50.04 -22.60
CA THR C 294 9.92 50.15 -21.29
C THR C 294 9.90 48.81 -20.57
N LEU C 295 9.51 47.73 -21.25
CA LEU C 295 9.35 46.46 -20.57
C LEU C 295 10.69 45.76 -20.35
N LEU C 296 11.64 45.91 -21.28
CA LEU C 296 12.97 45.33 -21.08
C LEU C 296 13.72 45.99 -19.93
N GLU C 297 13.26 47.14 -19.46
CA GLU C 297 13.76 47.74 -18.22
C GLU C 297 12.92 47.36 -17.00
N ASN C 298 11.62 47.17 -17.18
CA ASN C 298 10.75 46.84 -16.06
C ASN C 298 10.82 45.36 -15.69
N LEU C 299 11.00 44.47 -16.67
CA LEU C 299 10.98 43.04 -16.40
C LEU C 299 12.26 42.54 -15.74
N PHE C 300 13.35 43.30 -15.80
CA PHE C 300 14.62 42.83 -15.27
C PHE C 300 15.41 43.85 -14.48
N PHE C 301 15.07 45.13 -14.51
CA PHE C 301 15.89 46.15 -13.87
C PHE C 301 15.12 47.14 -13.00
N LYS C 302 13.78 47.13 -13.04
CA LYS C 302 12.96 47.91 -12.14
C LYS C 302 12.45 47.02 -11.01
N GLU C 303 12.46 47.53 -9.80
CA GLU C 303 12.14 46.74 -8.61
C GLU C 303 10.66 46.36 -8.54
N LYS C 304 9.88 46.80 -9.54
CA LYS C 304 8.45 46.52 -9.54
C LYS C 304 8.17 45.07 -9.95
N ARG C 305 8.70 44.63 -11.09
CA ARG C 305 8.42 43.32 -11.64
C ARG C 305 9.62 42.38 -11.59
N TYR C 306 10.64 42.71 -10.82
CA TYR C 306 11.81 41.85 -10.69
C TYR C 306 12.53 42.19 -9.38
N ASP C 307 13.04 41.17 -8.71
CA ASP C 307 13.70 41.38 -7.43
C ASP C 307 14.49 40.13 -7.06
N LEU C 308 15.80 40.31 -6.87
CA LEU C 308 16.62 39.32 -6.19
C LEU C 308 16.68 39.68 -4.71
N ALA C 309 16.32 38.73 -3.85
CA ALA C 309 16.36 38.99 -2.42
C ALA C 309 17.79 39.26 -1.97
N ARG C 310 17.93 39.69 -0.71
CA ARG C 310 19.25 39.92 -0.15
C ARG C 310 20.11 38.65 -0.23
N VAL C 311 19.47 37.48 -0.20
CA VAL C 311 20.21 36.24 -0.40
C VAL C 311 20.42 35.96 -1.88
N GLY C 312 19.48 36.35 -2.73
CA GLY C 312 19.65 36.15 -4.17
C GLY C 312 20.72 37.05 -4.75
N ARG C 313 20.81 38.29 -4.27
CA ARG C 313 21.87 39.19 -4.70
C ARG C 313 23.23 38.70 -4.20
N TYR C 314 23.30 38.30 -2.92
CA TYR C 314 24.55 37.83 -2.34
C TYR C 314 25.02 36.53 -3.00
N LYS C 315 24.08 35.67 -3.42
CA LYS C 315 24.46 34.44 -4.09
C LYS C 315 24.99 34.71 -5.49
N VAL C 316 24.54 35.79 -6.13
CA VAL C 316 25.06 36.16 -7.43
C VAL C 316 26.42 36.84 -7.29
N ASN C 317 26.58 37.70 -6.29
CA ASN C 317 27.84 38.41 -6.09
C ASN C 317 28.98 37.47 -5.71
N LYS C 318 28.67 36.26 -5.22
CA LYS C 318 29.70 35.28 -4.95
C LYS C 318 29.94 34.35 -6.12
N LYS C 319 28.87 33.93 -6.82
CA LYS C 319 29.04 33.00 -7.92
C LYS C 319 29.80 33.64 -9.08
N LEU C 320 29.56 34.92 -9.33
CA LEU C 320 30.27 35.63 -10.40
C LEU C 320 31.54 36.31 -9.91
N GLY C 321 31.66 36.59 -8.62
CA GLY C 321 32.83 37.24 -8.09
C GLY C 321 32.90 38.72 -8.40
N LEU C 322 31.80 39.43 -8.15
CA LEU C 322 31.73 40.86 -8.39
C LEU C 322 30.93 41.50 -7.27
N HIS C 323 31.31 42.73 -6.89
CA HIS C 323 30.71 43.46 -5.78
C HIS C 323 30.76 42.65 -4.48
N VAL C 324 31.78 41.80 -4.32
CA VAL C 324 31.89 40.94 -3.16
C VAL C 324 32.29 41.69 -1.91
N GLY C 325 32.58 42.98 -2.01
CA GLY C 325 32.86 43.77 -0.82
C GLY C 325 31.88 44.89 -0.56
N GLU C 326 31.09 45.23 -1.57
CA GLU C 326 30.10 46.28 -1.44
C GLU C 326 28.97 45.84 -0.51
N PRO C 327 28.46 46.74 0.32
CA PRO C 327 27.28 46.41 1.13
C PRO C 327 26.09 46.09 0.25
N ILE C 328 25.32 45.09 0.67
CA ILE C 328 24.18 44.60 -0.12
C ILE C 328 23.09 45.67 -0.15
N THR C 329 23.12 46.51 -1.17
CA THR C 329 22.10 47.53 -1.38
C THR C 329 21.30 47.33 -2.66
N SER C 330 21.88 46.71 -3.68
CA SER C 330 21.19 46.49 -4.95
C SER C 330 20.23 45.31 -4.80
N SER C 331 18.93 45.60 -4.79
CA SER C 331 17.91 44.56 -4.77
C SER C 331 17.42 44.19 -6.17
N THR C 332 18.28 44.35 -7.18
CA THR C 332 17.85 44.18 -8.56
C THR C 332 18.98 43.58 -9.38
N LEU C 333 18.62 43.00 -10.52
CA LEU C 333 19.58 42.53 -11.50
C LEU C 333 20.10 43.71 -12.32
N THR C 334 21.37 43.63 -12.71
CA THR C 334 22.02 44.67 -13.49
C THR C 334 22.52 44.11 -14.81
N GLU C 335 22.78 45.02 -15.75
CA GLU C 335 23.31 44.60 -17.06
C GLU C 335 24.69 43.99 -16.93
N GLU C 336 25.47 44.44 -15.95
CA GLU C 336 26.80 43.88 -15.72
C GLU C 336 26.71 42.39 -15.37
N ASP C 337 25.70 42.01 -14.60
CA ASP C 337 25.54 40.61 -14.22
C ASP C 337 25.22 39.74 -15.42
N VAL C 338 24.40 40.25 -16.34
CA VAL C 338 24.04 39.48 -17.53
C VAL C 338 25.28 39.22 -18.38
N VAL C 339 26.14 40.22 -18.52
CA VAL C 339 27.36 40.05 -19.32
C VAL C 339 28.32 39.08 -18.64
N ALA C 340 28.51 39.24 -17.33
CA ALA C 340 29.39 38.34 -16.59
C ALA C 340 28.86 36.92 -16.58
N THR C 341 27.54 36.75 -16.66
CA THR C 341 26.95 35.42 -16.73
C THR C 341 27.28 34.76 -18.06
N ILE C 342 27.08 35.48 -19.17
CA ILE C 342 27.43 34.94 -20.49
C ILE C 342 28.92 34.68 -20.57
N GLU C 343 29.73 35.51 -19.93
CA GLU C 343 31.17 35.26 -19.88
C GLU C 343 31.47 34.01 -19.07
N TYR C 344 30.75 33.79 -17.98
CA TYR C 344 30.95 32.58 -17.18
C TYR C 344 30.59 31.33 -17.98
N LEU C 345 29.56 31.42 -18.81
CA LEU C 345 29.10 30.26 -19.57
C LEU C 345 30.08 29.90 -20.68
N VAL C 346 30.48 30.89 -21.48
CA VAL C 346 31.30 30.62 -22.65
C VAL C 346 32.67 30.05 -22.25
N ARG C 347 33.21 30.48 -21.12
CA ARG C 347 34.48 29.93 -20.66
C ARG C 347 34.32 28.49 -20.19
N LEU C 348 33.23 28.19 -19.48
CA LEU C 348 33.01 26.84 -18.99
C LEU C 348 32.84 25.84 -20.13
N HIS C 349 32.30 26.29 -21.26
CA HIS C 349 32.02 25.37 -22.35
C HIS C 349 33.30 24.80 -22.96
N GLU C 350 34.36 25.60 -23.03
CA GLU C 350 35.62 25.19 -23.65
C GLU C 350 36.70 24.88 -22.62
N GLY C 351 36.32 24.30 -21.49
CA GLY C 351 37.27 23.73 -20.57
C GLY C 351 37.94 24.67 -19.59
N GLN C 352 37.63 25.97 -19.65
CA GLN C 352 38.25 26.90 -18.70
C GLN C 352 37.77 26.62 -17.29
N THR C 353 38.64 26.90 -16.32
CA THR C 353 38.35 26.62 -14.92
C THR C 353 38.49 27.84 -14.01
N THR C 354 38.82 29.01 -14.54
CA THR C 354 39.01 30.19 -13.72
C THR C 354 38.64 31.43 -14.52
N MET C 355 38.05 32.41 -13.85
CA MET C 355 37.60 33.63 -14.51
C MET C 355 37.52 34.76 -13.49
N THR C 356 37.92 35.95 -13.91
CA THR C 356 37.70 37.17 -13.15
C THR C 356 36.93 38.15 -14.01
N VAL C 357 35.81 38.64 -13.48
CA VAL C 357 35.02 39.63 -14.21
C VAL C 357 35.80 40.93 -14.30
N PRO C 358 35.75 41.65 -15.43
CA PRO C 358 36.40 42.97 -15.51
C PRO C 358 36.04 43.86 -14.33
N GLY C 359 36.99 44.05 -13.42
CA GLY C 359 36.72 44.76 -12.19
C GLY C 359 36.13 43.90 -11.09
N GLY C 360 36.43 42.60 -11.09
CA GLY C 360 35.86 41.71 -10.10
C GLY C 360 36.90 40.71 -9.62
N VAL C 361 36.61 40.13 -8.45
CA VAL C 361 37.53 39.18 -7.85
C VAL C 361 37.54 37.87 -8.65
N GLU C 362 38.57 37.07 -8.42
CA GLU C 362 38.71 35.79 -9.11
C GLU C 362 37.72 34.78 -8.55
N VAL C 363 37.18 33.95 -9.43
CA VAL C 363 36.17 32.96 -9.05
C VAL C 363 36.30 31.74 -9.95
N PRO C 364 36.17 30.53 -9.41
CA PRO C 364 36.29 29.32 -10.25
C PRO C 364 35.09 29.14 -11.16
N VAL C 365 35.33 28.44 -12.27
CA VAL C 365 34.33 28.20 -13.29
C VAL C 365 33.92 26.73 -13.20
N GLU C 366 32.71 26.48 -12.74
CA GLU C 366 32.23 25.12 -12.53
C GLU C 366 30.71 25.10 -12.55
N THR C 367 30.15 23.91 -12.47
CA THR C 367 28.71 23.71 -12.40
C THR C 367 28.28 23.50 -10.95
N ASP C 368 27.02 23.81 -10.67
CA ASP C 368 26.50 23.79 -9.32
C ASP C 368 25.62 22.57 -9.09
N ASP C 369 25.42 22.25 -7.81
CA ASP C 369 24.73 21.02 -7.44
C ASP C 369 23.21 21.18 -7.47
N ILE C 370 22.71 22.32 -7.00
CA ILE C 370 21.29 22.64 -6.80
C ILE C 370 20.65 21.71 -5.77
N ASP C 371 21.34 20.62 -5.41
CA ASP C 371 20.97 19.82 -4.25
C ASP C 371 21.81 20.14 -3.03
N HIS C 372 22.97 20.75 -3.22
CA HIS C 372 23.80 21.18 -2.10
C HIS C 372 23.02 22.15 -1.22
N PHE C 373 23.16 21.99 0.09
CA PHE C 373 22.41 22.84 1.02
C PHE C 373 22.91 24.28 1.07
N GLY C 374 23.88 24.64 0.25
CA GLY C 374 24.28 26.02 0.09
C GLY C 374 23.55 26.67 -1.07
N ASN C 375 23.06 25.83 -1.98
CA ASN C 375 22.21 26.27 -3.07
C ASN C 375 20.76 25.86 -2.90
N ARG C 376 20.45 25.05 -1.88
CA ARG C 376 19.09 24.64 -1.56
C ARG C 376 18.66 25.39 -0.30
N ARG C 377 17.65 26.23 -0.43
CA ARG C 377 17.27 27.16 0.62
C ARG C 377 16.02 26.69 1.35
N LEU C 378 15.92 27.05 2.62
CA LEU C 378 14.77 26.72 3.46
C LEU C 378 14.07 28.01 3.86
N ARG C 379 12.81 28.15 3.47
CA ARG C 379 11.99 29.28 3.89
C ARG C 379 10.94 28.80 4.87
N THR C 380 10.84 29.51 6.00
CA THR C 380 10.03 29.06 7.12
C THR C 380 8.68 29.76 7.17
N VAL C 381 8.10 29.86 8.37
CA VAL C 381 6.71 30.31 8.50
C VAL C 381 6.59 31.78 8.11
N GLY C 382 7.47 32.63 8.65
CA GLY C 382 7.35 34.05 8.40
C GLY C 382 7.45 34.41 6.92
N GLU C 383 8.39 33.79 6.21
CA GLU C 383 8.55 34.10 4.80
C GLU C 383 7.35 33.62 3.98
N LEU C 384 6.88 32.40 4.26
CA LEU C 384 5.73 31.87 3.52
C LEU C 384 4.49 32.73 3.72
N ILE C 385 4.33 33.29 4.93
CA ILE C 385 3.21 34.20 5.18
C ILE C 385 3.48 35.55 4.54
N GLN C 386 4.71 36.04 4.66
CA GLN C 386 5.06 37.34 4.08
C GLN C 386 4.78 37.38 2.58
N ASN C 387 5.14 36.31 1.87
CA ASN C 387 4.90 36.26 0.42
C ASN C 387 3.41 36.35 0.11
N GLN C 388 2.58 35.72 0.94
CA GLN C 388 1.14 35.81 0.72
C GLN C 388 0.60 37.18 1.10
N ILE C 389 1.22 37.85 2.07
CA ILE C 389 0.84 39.22 2.36
C ILE C 389 1.25 40.15 1.21
N ARG C 390 2.45 39.92 0.67
CA ARG C 390 2.93 40.73 -0.44
C ARG C 390 1.99 40.65 -1.64
N VAL C 391 1.53 39.44 -1.97
CA VAL C 391 0.59 39.28 -3.08
C VAL C 391 -0.74 39.92 -2.74
N GLY C 392 -1.19 39.79 -1.49
CA GLY C 392 -2.43 40.44 -1.09
C GLY C 392 -2.32 41.95 -1.11
N MET C 393 -1.15 42.49 -0.75
CA MET C 393 -0.95 43.93 -0.81
C MET C 393 -0.95 44.43 -2.26
N SER C 394 -0.31 43.68 -3.17
CA SER C 394 -0.23 44.11 -4.56
C SER C 394 -1.61 44.15 -5.20
N ARG C 395 -2.48 43.20 -4.86
CA ARG C 395 -3.86 43.24 -5.34
C ARG C 395 -4.60 44.46 -4.81
N MET C 396 -4.29 44.88 -3.58
CA MET C 396 -4.90 46.09 -3.04
C MET C 396 -4.28 47.34 -3.66
N GLU C 397 -2.99 47.30 -3.98
CA GLU C 397 -2.34 48.45 -4.60
C GLU C 397 -3.00 48.81 -5.92
N ARG C 398 -3.39 47.80 -6.71
CA ARG C 398 -4.10 48.06 -7.96
C ARG C 398 -5.46 48.69 -7.69
N VAL C 399 -6.12 48.28 -6.61
CA VAL C 399 -7.37 48.93 -6.21
C VAL C 399 -7.11 50.38 -5.80
N VAL C 400 -5.96 50.64 -5.18
CA VAL C 400 -5.64 52.00 -4.75
C VAL C 400 -5.47 52.92 -5.97
N ARG C 401 -4.64 52.50 -6.92
CA ARG C 401 -4.40 53.32 -8.10
C ARG C 401 -5.67 53.55 -8.91
N GLU C 402 -6.58 52.57 -8.91
CA GLU C 402 -7.84 52.74 -9.62
C GLU C 402 -8.79 53.67 -8.88
N ARG C 403 -8.85 53.54 -7.55
CA ARG C 403 -9.71 54.42 -6.76
C ARG C 403 -9.18 55.85 -6.69
N MET C 404 -7.90 56.06 -7.02
CA MET C 404 -7.35 57.41 -7.02
C MET C 404 -7.86 58.21 -8.22
N THR C 405 -7.72 57.65 -9.42
CA THR C 405 -8.08 58.35 -10.65
C THR C 405 -9.59 58.44 -10.88
N THR C 406 -10.40 57.84 -10.02
CA THR C 406 -11.85 57.90 -10.14
C THR C 406 -12.47 58.91 -9.18
N GLN C 407 -12.08 58.88 -7.92
CA GLN C 407 -12.61 59.79 -6.91
C GLN C 407 -11.98 61.17 -7.06
N ASP C 408 -12.55 62.15 -6.35
CA ASP C 408 -12.02 63.51 -6.40
C ASP C 408 -10.74 63.61 -5.59
N VAL C 409 -9.98 64.67 -5.84
CA VAL C 409 -8.65 64.83 -5.26
C VAL C 409 -8.70 65.72 -4.02
N GLU C 410 -9.85 65.77 -3.36
CA GLU C 410 -9.97 66.54 -2.12
C GLU C 410 -10.83 65.87 -1.05
N ALA C 411 -11.69 64.92 -1.39
CA ALA C 411 -12.42 64.15 -0.38
C ALA C 411 -11.81 62.77 -0.17
N ILE C 412 -10.58 62.55 -0.65
CA ILE C 412 -9.92 61.26 -0.52
C ILE C 412 -9.26 61.16 0.84
N THR C 413 -9.52 60.05 1.54
CA THR C 413 -8.87 59.69 2.79
C THR C 413 -8.23 58.32 2.62
N PRO C 414 -7.31 57.95 3.52
CA PRO C 414 -6.80 56.57 3.48
C PRO C 414 -7.88 55.52 3.58
N GLN C 415 -9.01 55.83 4.22
CA GLN C 415 -10.08 54.84 4.37
C GLN C 415 -10.78 54.57 3.05
N THR C 416 -10.80 55.54 2.14
CA THR C 416 -11.52 55.38 0.87
C THR C 416 -10.69 54.68 -0.20
N LEU C 417 -9.37 54.79 -0.14
CA LEU C 417 -8.50 54.17 -1.13
C LEU C 417 -8.22 52.70 -0.82
N ILE C 418 -8.52 52.24 0.38
CA ILE C 418 -8.07 50.92 0.86
C ILE C 418 -9.27 49.98 0.87
N ASN C 419 -9.13 48.88 0.13
CA ASN C 419 -10.12 47.79 0.12
C ASN C 419 -9.37 46.53 0.57
N ILE C 420 -9.60 46.13 1.82
CA ILE C 420 -8.80 45.08 2.45
C ILE C 420 -9.32 43.69 2.07
N ARG C 421 -10.26 43.64 1.14
CA ARG C 421 -10.84 42.35 0.74
C ARG C 421 -9.81 41.41 0.14
N PRO C 422 -8.98 41.79 -0.84
CA PRO C 422 -8.01 40.84 -1.39
C PRO C 422 -6.86 40.53 -0.44
N VAL C 423 -6.66 41.32 0.60
CA VAL C 423 -5.56 41.07 1.54
C VAL C 423 -5.94 39.95 2.51
N VAL C 424 -7.06 40.11 3.21
CA VAL C 424 -7.49 39.09 4.16
C VAL C 424 -7.88 37.80 3.43
N ALA C 425 -8.36 37.93 2.18
CA ALA C 425 -8.66 36.74 1.40
C ALA C 425 -7.38 36.05 0.89
N ALA C 426 -6.24 36.75 0.92
CA ALA C 426 -4.99 36.14 0.50
C ALA C 426 -4.37 35.32 1.61
N ILE C 427 -4.44 35.82 2.85
CA ILE C 427 -3.95 35.02 3.98
C ILE C 427 -4.92 33.89 4.29
N LYS C 428 -6.21 34.10 4.03
CA LYS C 428 -7.19 33.04 4.22
C LYS C 428 -6.97 31.92 3.20
N GLU C 429 -6.73 32.28 1.94
CA GLU C 429 -6.42 31.28 0.93
C GLU C 429 -5.20 30.45 1.30
N PHE C 430 -4.22 31.07 1.96
CA PHE C 430 -2.99 30.37 2.31
C PHE C 430 -3.24 29.36 3.43
N PHE C 431 -3.63 29.85 4.61
CA PHE C 431 -3.87 28.96 5.74
C PHE C 431 -4.99 27.96 5.44
N GLY C 432 -5.95 28.35 4.60
CA GLY C 432 -7.05 27.45 4.28
C GLY C 432 -6.62 26.35 3.32
N THR C 433 -5.87 26.70 2.28
CA THR C 433 -5.46 25.73 1.26
C THR C 433 -3.99 25.96 0.92
N SER C 434 -3.12 25.06 1.39
CA SER C 434 -1.71 25.11 1.08
C SER C 434 -1.07 23.80 1.50
N GLN C 435 -0.17 23.30 0.65
CA GLN C 435 0.59 22.10 0.99
C GLN C 435 1.48 22.31 2.21
N LEU C 436 1.74 23.58 2.57
CA LEU C 436 2.54 23.91 3.74
C LEU C 436 1.72 24.14 4.99
N SER C 437 0.45 24.52 4.86
CA SER C 437 -0.46 24.60 5.99
C SER C 437 -1.08 23.22 6.18
N GLN C 438 -0.55 22.45 7.11
CA GLN C 438 -0.89 21.04 7.24
C GLN C 438 -1.64 20.78 8.55
N PHE C 439 -2.64 19.90 8.47
CA PHE C 439 -3.32 19.38 9.64
C PHE C 439 -2.32 18.74 10.58
N MET C 440 -2.22 19.27 11.80
CA MET C 440 -1.14 18.89 12.70
C MET C 440 -1.23 17.41 13.10
N ASP C 441 -0.07 16.75 13.08
CA ASP C 441 0.05 15.41 13.62
C ASP C 441 -0.06 15.48 15.15
N GLN C 442 -1.04 14.78 15.72
CA GLN C 442 -1.26 14.80 17.16
C GLN C 442 -1.52 13.41 17.70
N ASN C 443 -0.76 12.41 17.25
CA ASN C 443 -0.84 11.10 17.87
C ASN C 443 -0.26 11.11 19.28
N ASN C 444 0.98 11.60 19.39
CA ASN C 444 1.67 11.75 20.67
C ASN C 444 2.49 13.03 20.60
N PRO C 445 2.94 13.54 21.76
CA PRO C 445 3.72 14.80 21.73
C PRO C 445 4.91 14.78 20.79
N LEU C 446 5.58 13.63 20.64
CA LEU C 446 6.72 13.56 19.74
C LEU C 446 6.31 13.75 18.28
N SER C 447 5.16 13.21 17.91
CA SER C 447 4.68 13.37 16.53
C SER C 447 4.40 14.83 16.22
N GLY C 448 3.91 15.59 17.21
CA GLY C 448 3.68 17.01 16.98
C GLY C 448 4.97 17.80 16.89
N LEU C 449 5.93 17.51 17.78
CA LEU C 449 7.22 18.19 17.72
C LEU C 449 7.92 17.93 16.40
N THR C 450 7.90 16.68 15.93
CA THR C 450 8.54 16.35 14.65
C THR C 450 7.86 17.08 13.50
N HIS C 451 6.53 17.24 13.57
CA HIS C 451 5.81 17.88 12.48
C HIS C 451 6.20 19.35 12.34
N LYS C 452 6.37 20.05 13.46
CA LYS C 452 6.80 21.45 13.42
C LYS C 452 8.24 21.61 12.98
N ARG C 453 9.03 20.53 12.96
CA ARG C 453 10.41 20.58 12.52
C ARG C 453 10.61 19.90 11.17
N ARG C 454 9.54 19.63 10.44
CA ARG C 454 9.65 18.99 9.14
C ARG C 454 10.19 19.95 8.09
N LEU C 455 10.90 19.40 7.11
CA LEU C 455 11.40 20.15 5.97
C LEU C 455 10.86 19.48 4.71
N SER C 456 9.91 20.13 4.03
CA SER C 456 9.21 19.54 2.91
C SER C 456 9.69 20.18 1.61
N ALA C 457 10.06 19.33 0.65
CA ALA C 457 10.46 19.80 -0.67
C ALA C 457 9.25 20.06 -1.58
N LEU C 458 8.13 19.43 -1.29
CA LEU C 458 6.93 19.59 -2.09
C LEU C 458 6.26 20.93 -1.81
N GLY C 459 5.42 21.37 -2.74
CA GLY C 459 4.67 22.58 -2.57
C GLY C 459 4.92 23.59 -3.67
N PRO C 460 4.24 24.74 -3.61
CA PRO C 460 4.46 25.79 -4.62
C PRO C 460 5.88 26.34 -4.53
N GLY C 461 6.48 26.57 -5.68
CA GLY C 461 7.85 27.00 -5.76
C GLY C 461 8.88 25.92 -5.57
N GLY C 462 8.50 24.75 -5.05
CA GLY C 462 9.42 23.64 -4.89
C GLY C 462 9.46 22.75 -6.11
N LEU C 463 8.81 21.59 -6.03
CA LEU C 463 8.78 20.65 -7.13
C LEU C 463 7.52 19.81 -7.06
N SER C 464 7.17 19.21 -8.18
CA SER C 464 6.07 18.26 -8.25
C SER C 464 6.57 16.85 -7.92
N ARG C 465 5.68 16.03 -7.37
CA ARG C 465 6.07 14.65 -7.05
C ARG C 465 6.41 13.88 -8.32
N GLU C 466 5.67 14.13 -9.40
CA GLU C 466 6.02 13.53 -10.69
C GLU C 466 7.31 14.11 -11.25
N ARG C 467 7.80 15.22 -10.70
CA ARG C 467 9.03 15.84 -11.15
C ARG C 467 10.09 15.77 -10.05
N ALA C 468 10.43 14.55 -9.63
CA ALA C 468 11.40 14.35 -8.55
C ALA C 468 12.08 13.00 -8.79
N GLY C 469 13.29 13.04 -9.34
CA GLY C 469 14.04 11.84 -9.59
C GLY C 469 14.69 11.27 -8.34
N LEU C 470 15.42 10.18 -8.53
CA LEU C 470 16.11 9.52 -7.43
C LEU C 470 17.28 10.33 -6.90
N GLU C 471 17.56 11.51 -7.46
CA GLU C 471 18.67 12.33 -7.02
C GLU C 471 18.26 13.40 -6.00
N VAL C 472 17.02 13.88 -6.08
CA VAL C 472 16.55 14.86 -5.11
C VAL C 472 16.27 14.22 -3.76
N ARG C 473 16.09 12.91 -3.73
CA ARG C 473 15.58 12.22 -2.54
C ARG C 473 16.67 11.62 -1.67
N ASP C 474 17.82 11.25 -2.24
CA ASP C 474 18.83 10.55 -1.46
C ASP C 474 19.63 11.53 -0.59
N VAL C 475 20.42 10.95 0.31
CA VAL C 475 21.17 11.74 1.28
C VAL C 475 22.33 12.45 0.59
N HIS C 476 22.50 13.73 0.90
CA HIS C 476 23.58 14.56 0.39
C HIS C 476 24.60 14.83 1.48
N PRO C 477 25.90 14.86 1.15
CA PRO C 477 26.92 15.06 2.19
C PRO C 477 26.79 16.37 2.94
N SER C 478 26.14 17.38 2.36
CA SER C 478 25.92 18.64 3.05
C SER C 478 24.79 18.58 4.06
N HIS C 479 24.03 17.48 4.10
CA HIS C 479 22.96 17.32 5.08
C HIS C 479 23.48 16.99 6.46
N TYR C 480 24.78 16.77 6.61
CA TYR C 480 25.35 16.42 7.91
C TYR C 480 25.07 17.52 8.93
N GLY C 481 24.47 17.15 10.05
CA GLY C 481 24.15 18.11 11.08
C GLY C 481 23.07 19.11 10.73
N ARG C 482 22.44 18.98 9.57
CA ARG C 482 21.39 19.89 9.15
C ARG C 482 20.05 19.18 8.96
N MET C 483 19.97 18.22 8.04
CA MET C 483 18.78 17.40 7.87
C MET C 483 19.12 15.95 8.20
N CYS C 484 18.21 15.30 8.92
CA CYS C 484 18.47 13.93 9.36
C CYS C 484 18.48 12.99 8.15
N PRO C 485 19.43 12.06 8.07
CA PRO C 485 19.44 11.07 7.01
C PRO C 485 18.62 9.83 7.31
N ILE C 486 18.00 9.75 8.50
CA ILE C 486 17.26 8.57 8.89
C ILE C 486 15.77 8.84 8.82
N GLU C 487 15.30 9.82 9.59
CA GLU C 487 13.87 10.08 9.74
C GLU C 487 13.31 10.63 8.43
N THR C 488 12.63 9.77 7.68
CA THR C 488 11.93 10.16 6.45
C THR C 488 10.93 9.06 6.12
N PRO C 489 9.76 9.39 5.60
CA PRO C 489 8.78 8.35 5.26
C PRO C 489 9.34 7.40 4.22
N GLU C 490 8.80 6.17 4.22
CA GLU C 490 9.21 5.14 3.28
C GLU C 490 8.22 4.95 2.15
N GLY C 491 7.17 5.79 2.08
CA GLY C 491 6.20 5.71 1.03
C GLY C 491 6.63 6.48 -0.20
N PRO C 492 5.66 7.04 -0.93
CA PRO C 492 5.98 7.84 -2.11
C PRO C 492 6.64 9.18 -1.79
N ASN C 493 6.67 9.59 -0.52
CA ASN C 493 7.29 10.83 -0.11
C ASN C 493 8.67 10.62 0.49
N ILE C 494 9.36 9.54 0.11
CA ILE C 494 10.68 9.27 0.65
C ILE C 494 11.67 10.27 0.07
N GLY C 495 12.46 10.89 0.95
CA GLY C 495 13.46 11.84 0.53
C GLY C 495 12.94 13.24 0.31
N LEU C 496 11.65 13.35 0.01
CA LEU C 496 11.03 14.66 -0.20
C LEU C 496 10.65 15.34 1.12
N ILE C 497 10.57 14.59 2.21
CA ILE C 497 10.24 15.11 3.52
C ILE C 497 11.32 14.68 4.49
N GLY C 498 12.03 15.64 5.08
CA GLY C 498 13.06 15.37 6.05
C GLY C 498 12.75 16.07 7.37
N SER C 499 13.55 15.75 8.38
CA SER C 499 13.43 16.36 9.70
C SER C 499 14.71 17.13 9.99
N LEU C 500 14.56 18.29 10.63
CA LEU C 500 15.71 19.11 10.97
C LEU C 500 16.56 18.42 12.05
N SER C 501 17.88 18.52 11.90
CA SER C 501 18.77 17.96 12.91
C SER C 501 18.62 18.72 14.22
N VAL C 502 19.17 18.13 15.28
CA VAL C 502 18.91 18.61 16.64
C VAL C 502 19.46 20.03 16.82
N TYR C 503 20.78 20.18 16.66
CA TYR C 503 21.42 21.46 16.92
C TYR C 503 21.30 22.45 15.76
N ALA C 504 20.68 22.05 14.66
CA ALA C 504 20.61 22.90 13.48
C ALA C 504 19.74 24.13 13.73
N ARG C 505 20.01 25.18 12.95
CA ARG C 505 19.22 26.40 13.00
C ARG C 505 19.26 27.03 11.61
N VAL C 506 18.40 28.04 11.43
CA VAL C 506 18.25 28.71 10.14
C VAL C 506 18.69 30.16 10.31
N ASN C 507 19.53 30.63 9.38
CA ASN C 507 19.97 32.02 9.37
C ASN C 507 18.96 32.87 8.62
N PRO C 508 19.01 34.20 8.78
CA PRO C 508 18.06 35.08 8.08
C PRO C 508 18.11 34.95 6.56
N PHE C 509 19.15 34.35 5.99
CA PHE C 509 19.19 34.15 4.54
C PHE C 509 18.32 32.98 4.10
N GLY C 510 18.24 31.93 4.90
CA GLY C 510 17.43 30.78 4.56
C GLY C 510 18.16 29.47 4.59
N PHE C 511 19.49 29.53 4.69
CA PHE C 511 20.29 28.32 4.77
C PHE C 511 20.31 27.79 6.21
N ILE C 512 20.79 26.57 6.36
CA ILE C 512 20.77 25.88 7.65
C ILE C 512 22.19 25.87 8.21
N GLU C 513 22.35 26.42 9.39
CA GLU C 513 23.64 26.47 10.09
C GLU C 513 23.69 25.39 11.16
N THR C 514 24.91 24.89 11.40
CA THR C 514 25.13 23.87 12.41
C THR C 514 26.39 24.23 13.20
N PRO C 515 26.37 24.04 14.52
CA PRO C 515 27.50 24.50 15.34
C PRO C 515 28.71 23.59 15.25
N TYR C 516 29.89 24.20 15.42
CA TYR C 516 31.14 23.48 15.42
C TYR C 516 32.07 24.10 16.45
N ARG C 517 33.01 23.28 16.93
CA ARG C 517 34.01 23.73 17.90
C ARG C 517 35.27 24.16 17.17
N LYS C 518 35.62 25.43 17.29
CA LYS C 518 36.74 25.99 16.54
C LYS C 518 38.06 25.46 17.09
N VAL C 519 38.84 24.79 16.25
CA VAL C 519 40.15 24.27 16.60
C VAL C 519 41.20 25.28 16.16
N VAL C 520 41.93 25.84 17.13
CA VAL C 520 42.91 26.87 16.86
C VAL C 520 44.12 26.27 16.16
N ASP C 521 44.99 25.60 16.95
CA ASP C 521 46.21 24.98 16.43
C ASP C 521 46.25 23.53 16.93
N GLY C 522 45.42 22.68 16.35
CA GLY C 522 45.30 21.32 16.82
C GLY C 522 44.79 21.21 18.23
N VAL C 523 44.15 22.25 18.76
CA VAL C 523 43.68 22.30 20.13
C VAL C 523 42.17 22.56 20.10
N VAL C 524 41.41 21.71 20.79
CA VAL C 524 39.97 21.88 20.87
C VAL C 524 39.65 23.03 21.80
N SER C 525 38.83 23.97 21.33
CA SER C 525 38.41 25.12 22.12
C SER C 525 36.92 25.06 22.38
N ASP C 526 36.50 25.68 23.48
CA ASP C 526 35.08 25.77 23.82
C ASP C 526 34.37 26.87 23.04
N GLU C 527 35.05 27.55 22.14
CA GLU C 527 34.42 28.54 21.28
C GLU C 527 33.63 27.83 20.18
N ILE C 528 32.36 28.17 20.05
CA ILE C 528 31.45 27.50 19.14
C ILE C 528 30.90 28.52 18.15
N VAL C 529 30.95 28.18 16.87
CA VAL C 529 30.49 29.06 15.79
C VAL C 529 29.65 28.24 14.82
N TYR C 530 28.57 28.85 14.32
CA TYR C 530 27.67 28.18 13.38
C TYR C 530 28.15 28.43 11.95
N LEU C 531 28.22 27.36 11.17
CA LEU C 531 28.69 27.41 9.79
C LEU C 531 27.58 26.96 8.85
N THR C 532 27.50 27.61 7.69
CA THR C 532 26.54 27.23 6.66
C THR C 532 27.09 26.05 5.87
N ALA C 533 26.41 25.67 4.79
CA ALA C 533 26.82 24.51 4.01
C ALA C 533 28.13 24.76 3.28
N ASP C 534 28.21 25.86 2.52
CA ASP C 534 29.44 26.15 1.79
C ASP C 534 30.55 26.61 2.72
N GLU C 535 30.20 27.29 3.82
CA GLU C 535 31.22 27.65 4.80
C GLU C 535 31.87 26.43 5.41
N GLU C 536 31.09 25.36 5.61
CA GLU C 536 31.64 24.12 6.12
C GLU C 536 32.58 23.46 5.11
N ASP C 537 32.29 23.61 3.81
CA ASP C 537 33.15 22.99 2.80
C ASP C 537 34.49 23.70 2.69
N ARG C 538 34.56 24.98 3.04
CA ARG C 538 35.82 25.71 3.00
C ARG C 538 36.75 25.36 4.14
N HIS C 539 36.40 24.39 4.98
CA HIS C 539 37.26 23.92 6.06
C HIS C 539 37.19 22.39 6.09
N VAL C 540 37.84 21.80 7.08
CA VAL C 540 37.76 20.37 7.36
C VAL C 540 37.45 20.19 8.83
N VAL C 541 36.55 19.27 9.15
CA VAL C 541 36.02 19.08 10.50
C VAL C 541 36.31 17.67 10.97
N ALA C 542 36.60 17.54 12.26
CA ALA C 542 36.89 16.24 12.86
C ALA C 542 35.61 15.62 13.42
N GLN C 543 35.58 14.29 13.41
CA GLN C 543 34.43 13.58 13.95
C GLN C 543 34.30 13.84 15.45
N ALA C 544 33.07 13.71 15.96
CA ALA C 544 32.79 14.07 17.35
C ALA C 544 33.54 13.17 18.33
N ASN C 545 33.61 11.88 18.03
CA ASN C 545 34.25 10.92 18.93
C ASN C 545 35.75 10.82 18.69
N SER C 546 36.42 11.98 18.66
CA SER C 546 37.87 11.96 18.52
C SER C 546 38.54 11.90 19.88
N PRO C 547 39.60 11.09 20.02
CA PRO C 547 40.36 11.08 21.28
C PRO C 547 41.07 12.41 21.47
N ILE C 548 40.75 13.08 22.58
CA ILE C 548 41.23 14.44 22.84
C ILE C 548 41.90 14.48 24.20
N ASP C 549 43.04 15.15 24.27
CA ASP C 549 43.71 15.41 25.54
C ASP C 549 42.85 16.30 26.43
N ALA C 550 43.09 16.21 27.74
CA ALA C 550 42.39 17.09 28.68
C ALA C 550 42.67 18.56 28.40
N ASP C 551 43.78 18.88 27.74
CA ASP C 551 44.05 20.25 27.34
C ASP C 551 43.40 20.60 26.01
N GLY C 552 43.31 19.64 25.09
CA GLY C 552 42.62 19.87 23.85
C GLY C 552 43.32 19.31 22.62
N ARG C 553 44.52 18.78 22.80
CA ARG C 553 45.30 18.26 21.67
C ARG C 553 44.84 16.86 21.29
N PHE C 554 44.76 16.60 19.99
CA PHE C 554 44.36 15.29 19.50
C PHE C 554 45.39 14.24 19.85
N VAL C 555 44.91 13.04 20.21
CA VAL C 555 45.80 11.96 20.59
C VAL C 555 46.52 11.41 19.36
N GLU C 556 45.77 11.11 18.30
CA GLU C 556 46.46 10.61 17.11
C GLU C 556 46.76 11.77 16.16
N PRO C 557 47.90 11.71 15.46
CA PRO C 557 48.16 12.71 14.42
C PRO C 557 47.14 12.64 13.29
N ARG C 558 46.78 11.43 12.86
CA ARG C 558 45.80 11.23 11.81
C ARG C 558 44.45 10.87 12.44
N VAL C 559 43.42 11.63 12.06
CA VAL C 559 42.07 11.44 12.61
C VAL C 559 41.07 11.43 11.46
N LEU C 560 39.97 10.69 11.67
CA LEU C 560 38.89 10.66 10.70
C LEU C 560 38.27 12.05 10.56
N VAL C 561 38.36 12.60 9.35
CA VAL C 561 37.95 13.97 9.07
C VAL C 561 37.09 13.99 7.81
N ARG C 562 36.03 14.80 7.83
CA ARG C 562 35.15 14.95 6.68
C ARG C 562 35.61 16.14 5.84
N ARG C 563 35.68 15.93 4.52
CA ARG C 563 36.12 16.96 3.59
C ARG C 563 35.04 17.21 2.55
N LYS C 564 35.22 18.29 1.79
CA LYS C 564 34.28 18.66 0.74
C LYS C 564 34.06 17.50 -0.22
N ALA C 565 32.87 17.48 -0.84
CA ALA C 565 32.44 16.43 -1.77
C ALA C 565 32.28 15.08 -1.11
N GLY C 566 32.05 15.04 0.20
CA GLY C 566 31.80 13.79 0.90
C GLY C 566 33.00 12.87 0.95
N GLU C 567 34.15 13.39 1.35
CA GLU C 567 35.38 12.60 1.47
C GLU C 567 35.70 12.39 2.94
N VAL C 568 35.94 11.15 3.32
CA VAL C 568 36.34 10.78 4.67
C VAL C 568 37.72 10.15 4.60
N GLU C 569 38.66 10.70 5.38
CA GLU C 569 40.03 10.23 5.36
C GLU C 569 40.76 10.74 6.60
N TYR C 570 41.89 10.11 6.89
CA TYR C 570 42.76 10.59 7.95
C TYR C 570 43.52 11.83 7.48
N VAL C 571 43.94 12.65 8.44
CA VAL C 571 44.58 13.93 8.13
C VAL C 571 45.36 14.40 9.35
N PRO C 572 46.42 15.18 9.18
CA PRO C 572 47.23 15.60 10.34
C PRO C 572 46.42 16.41 11.34
N SER C 573 46.84 16.34 12.61
CA SER C 573 46.16 17.06 13.67
C SER C 573 46.27 18.57 13.50
N SER C 574 47.31 19.04 12.82
CA SER C 574 47.50 20.46 12.55
C SER C 574 46.66 20.95 11.38
N GLU C 575 45.79 20.10 10.83
CA GLU C 575 44.92 20.47 9.73
C GLU C 575 43.46 20.63 10.15
N VAL C 576 43.06 20.04 11.28
CA VAL C 576 41.67 20.11 11.73
C VAL C 576 41.32 21.55 12.09
N ASP C 577 40.32 22.10 11.40
CA ASP C 577 39.87 23.46 11.65
C ASP C 577 38.75 23.53 12.67
N TYR C 578 37.77 22.63 12.56
CA TYR C 578 36.65 22.55 13.49
C TYR C 578 36.39 21.09 13.82
N MET C 579 35.44 20.86 14.73
CA MET C 579 35.00 19.51 15.02
C MET C 579 33.55 19.54 15.50
N ASP C 580 32.91 18.38 15.49
CA ASP C 580 31.49 18.30 15.80
C ASP C 580 31.24 18.59 17.27
N VAL C 581 30.05 19.12 17.55
CA VAL C 581 29.66 19.45 18.92
C VAL C 581 29.34 18.17 19.69
N SER C 582 28.39 17.40 19.21
CA SER C 582 27.91 16.19 19.85
C SER C 582 27.88 15.04 18.85
N PRO C 583 28.00 13.79 19.32
CA PRO C 583 27.85 12.66 18.38
C PRO C 583 26.51 12.66 17.66
N ARG C 584 25.42 12.94 18.36
CA ARG C 584 24.08 12.96 17.80
C ARG C 584 23.80 14.22 16.99
N GLN C 585 24.83 14.94 16.56
CA GLN C 585 24.64 16.19 15.84
C GLN C 585 23.93 16.01 14.51
N MET C 586 24.04 14.82 13.90
CA MET C 586 23.51 14.59 12.56
C MET C 586 22.12 14.00 12.54
N VAL C 587 21.59 13.56 13.67
CA VAL C 587 20.31 12.86 13.70
C VAL C 587 19.21 13.82 14.13
N SER C 588 17.97 13.37 13.97
CA SER C 588 16.80 14.14 14.38
C SER C 588 16.44 13.84 15.84
N VAL C 589 15.45 14.57 16.34
CA VAL C 589 15.03 14.39 17.74
C VAL C 589 14.49 12.97 17.94
N ALA C 590 13.61 12.53 17.05
CA ALA C 590 13.06 11.18 17.18
C ALA C 590 14.12 10.12 16.95
N THR C 591 15.02 10.34 15.99
CA THR C 591 16.10 9.38 15.75
C THR C 591 17.04 9.32 16.94
N ALA C 592 17.34 10.46 17.56
CA ALA C 592 18.18 10.51 18.74
C ALA C 592 17.57 9.82 19.95
N MET C 593 16.36 9.29 19.83
CA MET C 593 15.68 8.62 20.93
C MET C 593 15.79 7.10 20.85
N ILE C 594 16.58 6.58 19.91
CA ILE C 594 16.74 5.15 19.72
C ILE C 594 18.01 4.72 20.44
N PRO C 595 17.92 3.97 21.54
CA PRO C 595 19.13 3.50 22.21
C PRO C 595 19.86 2.47 21.35
N PHE C 596 21.18 2.47 21.47
CA PHE C 596 22.04 1.60 20.67
C PHE C 596 21.74 1.75 19.18
N LEU C 597 21.53 2.99 18.74
CA LEU C 597 21.24 3.26 17.33
C LEU C 597 22.39 2.82 16.44
N GLU C 598 23.62 2.91 16.93
CA GLU C 598 24.79 2.52 16.15
C GLU C 598 24.84 1.03 15.84
N HIS C 599 23.97 0.23 16.45
CA HIS C 599 23.92 -1.21 16.20
C HIS C 599 22.74 -1.61 15.31
N ASP C 600 22.01 -0.64 14.77
CA ASP C 600 20.84 -0.89 13.93
C ASP C 600 21.09 -0.34 12.54
N ASP C 601 20.77 -1.12 11.52
CA ASP C 601 20.92 -0.66 10.14
C ASP C 601 19.96 0.50 9.88
N ALA C 602 20.28 1.28 8.85
CA ALA C 602 19.49 2.48 8.55
C ALA C 602 18.05 2.16 8.20
N ASN C 603 17.80 0.99 7.61
CA ASN C 603 16.44 0.63 7.20
C ASN C 603 15.53 0.51 8.42
N ARG C 604 15.89 -0.36 9.37
CA ARG C 604 15.06 -0.52 10.56
C ARG C 604 15.14 0.69 11.49
N ALA C 605 16.23 1.46 11.42
CA ALA C 605 16.29 2.69 12.20
C ALA C 605 15.30 3.72 11.69
N LEU C 606 15.14 3.80 10.37
CA LEU C 606 14.11 4.66 9.79
C LEU C 606 12.73 4.29 10.30
N MET C 607 12.40 3.01 10.27
CA MET C 607 11.11 2.56 10.80
C MET C 607 11.02 2.79 12.31
N GLY C 608 12.14 2.64 13.02
CA GLY C 608 12.11 2.85 14.46
C GLY C 608 11.74 4.27 14.84
N ALA C 609 12.27 5.24 14.12
CA ALA C 609 11.94 6.64 14.41
C ALA C 609 10.55 7.00 13.87
N ASN C 610 10.17 6.44 12.73
CA ASN C 610 8.86 6.75 12.16
C ASN C 610 7.73 6.15 12.98
N MET C 611 7.96 5.02 13.64
CA MET C 611 6.92 4.39 14.43
C MET C 611 6.82 4.96 15.85
N GLN C 612 7.87 5.61 16.34
CA GLN C 612 7.75 6.32 17.61
C GLN C 612 6.72 7.43 17.52
N ARG C 613 6.61 8.08 16.37
CA ARG C 613 5.58 9.09 16.16
C ARG C 613 4.18 8.49 16.05
N GLN C 614 4.07 7.17 15.93
CA GLN C 614 2.78 6.50 15.84
C GLN C 614 2.35 5.89 17.17
N ALA C 615 3.09 6.13 18.25
CA ALA C 615 2.74 5.59 19.55
C ALA C 615 1.44 6.20 20.05
N VAL C 616 0.67 5.39 20.76
CA VAL C 616 -0.63 5.79 21.28
C VAL C 616 -0.48 6.12 22.77
N PRO C 617 -0.96 7.25 23.25
CA PRO C 617 -0.87 7.57 24.67
C PRO C 617 -1.71 6.60 25.50
N LEU C 618 -1.05 5.93 26.43
CA LEU C 618 -1.71 4.92 27.27
C LEU C 618 -2.37 5.58 28.47
N VAL C 619 -3.15 4.78 29.20
CA VAL C 619 -3.86 5.28 30.38
C VAL C 619 -2.86 5.78 31.41
N ARG C 620 -1.93 4.92 31.82
CA ARG C 620 -0.80 5.29 32.64
C ARG C 620 0.47 5.14 31.83
N SER C 621 1.47 5.97 32.13
CA SER C 621 2.70 6.04 31.35
C SER C 621 3.89 5.60 32.19
N GLU C 622 4.79 4.83 31.57
CA GLU C 622 6.03 4.39 32.19
C GLU C 622 7.20 4.91 31.37
N ALA C 623 8.11 5.61 32.03
CA ALA C 623 9.36 5.99 31.37
C ALA C 623 10.20 4.75 31.11
N PRO C 624 10.93 4.71 30.00
CA PRO C 624 11.72 3.51 29.68
C PRO C 624 12.91 3.36 30.63
N LEU C 625 13.24 2.11 30.95
CA LEU C 625 14.44 1.83 31.73
C LEU C 625 15.69 2.20 30.95
N VAL C 626 15.78 1.74 29.71
CA VAL C 626 16.90 2.06 28.84
C VAL C 626 16.52 3.29 28.02
N GLY C 627 17.13 4.42 28.34
CA GLY C 627 16.86 5.65 27.63
C GLY C 627 18.06 6.19 26.89
N THR C 628 17.93 7.41 26.36
CA THR C 628 19.01 8.07 25.66
C THR C 628 19.31 9.46 26.20
N GLY C 629 18.47 10.01 27.07
CA GLY C 629 18.62 11.36 27.55
C GLY C 629 17.81 12.40 26.79
N MET C 630 17.44 12.10 25.54
CA MET C 630 16.66 13.03 24.73
C MET C 630 15.19 13.08 25.15
N GLU C 631 14.70 12.05 25.86
CA GLU C 631 13.28 11.99 26.19
C GLU C 631 12.81 13.16 27.03
N LEU C 632 13.70 13.74 27.84
CA LEU C 632 13.32 14.86 28.69
C LEU C 632 13.10 16.12 27.87
N ARG C 633 14.13 16.53 27.11
CA ARG C 633 14.01 17.75 26.31
C ARG C 633 12.99 17.58 25.19
N ALA C 634 12.78 16.36 24.70
CA ALA C 634 11.76 16.14 23.68
C ALA C 634 10.37 16.36 24.25
N ALA C 635 10.15 15.99 25.51
CA ALA C 635 8.85 16.16 26.13
C ALA C 635 8.58 17.62 26.48
N ILE C 636 9.58 18.30 27.05
CA ILE C 636 9.38 19.68 27.49
C ILE C 636 9.23 20.61 26.29
N ASP C 637 10.12 20.48 25.30
CA ASP C 637 10.05 21.35 24.13
C ASP C 637 8.84 21.06 23.26
N ALA C 638 8.19 19.90 23.42
CA ALA C 638 7.00 19.60 22.65
C ALA C 638 5.86 20.54 23.02
N GLY C 639 5.68 20.81 24.30
CA GLY C 639 4.63 21.69 24.77
C GLY C 639 3.39 21.00 25.29
N ASP C 640 3.42 19.68 25.48
CA ASP C 640 2.29 18.95 26.02
C ASP C 640 2.44 18.64 27.50
N VAL C 641 3.43 19.25 28.16
CA VAL C 641 3.55 19.18 29.62
C VAL C 641 3.26 20.57 30.18
N VAL C 642 3.35 20.73 31.49
CA VAL C 642 3.10 22.00 32.16
C VAL C 642 4.36 22.36 32.93
N VAL C 643 5.09 23.35 32.44
CA VAL C 643 6.32 23.81 33.08
C VAL C 643 6.03 25.10 33.83
N ALA C 644 6.64 25.25 35.00
CA ALA C 644 6.46 26.46 35.79
C ALA C 644 7.22 27.62 35.16
N GLU C 645 6.53 28.73 34.94
CA GLU C 645 7.17 29.91 34.36
C GLU C 645 8.10 30.58 35.36
N GLU C 646 7.64 30.76 36.59
CA GLU C 646 8.41 31.41 37.64
C GLU C 646 8.49 30.50 38.85
N SER C 647 9.61 30.61 39.58
CA SER C 647 9.80 29.80 40.77
C SER C 647 8.81 30.20 41.86
N GLY C 648 8.49 29.24 42.72
CA GLY C 648 7.57 29.51 43.81
C GLY C 648 7.17 28.21 44.50
N VAL C 649 6.12 28.32 45.31
CA VAL C 649 5.58 27.20 46.05
C VAL C 649 4.17 26.91 45.53
N ILE C 650 3.72 25.68 45.73
CA ILE C 650 2.40 25.25 45.30
C ILE C 650 1.39 25.64 46.36
N GLU C 651 0.48 26.57 46.01
CA GLU C 651 -0.52 27.02 46.96
C GLU C 651 -1.69 26.05 47.03
N GLU C 652 -2.25 25.66 45.88
CA GLU C 652 -3.34 24.71 45.84
C GLU C 652 -3.17 23.86 44.59
N VAL C 653 -3.33 22.55 44.74
CA VAL C 653 -3.21 21.62 43.63
C VAL C 653 -4.47 20.77 43.56
N SER C 654 -5.06 20.68 42.37
CA SER C 654 -6.22 19.85 42.13
C SER C 654 -6.04 19.15 40.79
N ALA C 655 -6.88 18.16 40.53
CA ALA C 655 -6.89 17.53 39.20
C ALA C 655 -7.29 18.53 38.13
N ASP C 656 -7.92 19.64 38.51
CA ASP C 656 -8.40 20.65 37.57
C ASP C 656 -7.36 21.73 37.27
N TYR C 657 -6.65 22.23 38.30
CA TYR C 657 -5.67 23.28 38.08
C TYR C 657 -4.61 23.23 39.16
N ILE C 658 -3.50 23.93 38.90
CA ILE C 658 -2.38 24.06 39.83
C ILE C 658 -2.12 25.55 40.03
N THR C 659 -2.05 25.99 41.29
CA THR C 659 -1.77 27.37 41.62
C THR C 659 -0.39 27.48 42.25
N VAL C 660 0.41 28.41 41.73
CA VAL C 660 1.78 28.62 42.19
C VAL C 660 1.88 29.98 42.85
N MET C 661 2.38 30.01 44.08
CA MET C 661 2.62 31.25 44.82
C MET C 661 4.06 31.66 44.62
N HIS C 662 4.26 32.75 43.88
CA HIS C 662 5.61 33.20 43.54
C HIS C 662 6.28 33.85 44.75
N ASP C 663 7.57 34.14 44.59
CA ASP C 663 8.34 34.76 45.67
C ASP C 663 7.96 36.23 45.83
N ASN C 664 7.73 36.93 44.73
CA ASN C 664 7.35 38.34 44.81
C ASN C 664 5.99 38.52 45.46
N GLY C 665 5.08 37.56 45.28
CA GLY C 665 3.77 37.63 45.89
C GLY C 665 2.63 37.33 44.94
N THR C 666 2.92 37.35 43.63
CA THR C 666 1.90 37.10 42.64
C THR C 666 1.60 35.61 42.54
N ARG C 667 0.46 35.30 41.91
CA ARG C 667 0.02 33.92 41.72
C ARG C 667 -0.23 33.67 40.24
N ARG C 668 0.26 32.54 39.75
CA ARG C 668 -0.08 32.04 38.42
C ARG C 668 -0.73 30.67 38.57
N THR C 669 -1.82 30.47 37.85
CA THR C 669 -2.57 29.22 37.92
C THR C 669 -2.60 28.58 36.54
N TYR C 670 -2.18 27.31 36.48
CA TYR C 670 -2.14 26.55 35.24
C TYR C 670 -3.30 25.56 35.23
N ARG C 671 -4.09 25.58 34.17
CA ARG C 671 -5.27 24.72 34.06
C ARG C 671 -4.91 23.45 33.31
N MET C 672 -5.35 22.31 33.84
CA MET C 672 -5.06 21.01 33.25
C MET C 672 -6.02 20.71 32.11
N ARG C 673 -5.46 20.20 31.01
CA ARG C 673 -6.26 19.73 29.87
C ARG C 673 -6.62 18.26 30.13
N LYS C 674 -7.90 18.00 30.40
CA LYS C 674 -8.35 16.69 30.85
C LYS C 674 -9.21 16.03 29.78
N PHE C 675 -8.81 14.83 29.36
CA PHE C 675 -9.59 13.99 28.46
C PHE C 675 -10.01 14.73 27.19
N ALA C 676 -9.06 15.48 26.62
CA ALA C 676 -9.31 16.21 25.39
C ALA C 676 -9.01 15.33 24.19
N ARG C 677 -9.82 15.48 23.14
CA ARG C 677 -9.62 14.74 21.92
C ARG C 677 -8.55 15.42 21.07
N SER C 678 -7.53 14.66 20.68
CA SER C 678 -6.49 15.18 19.81
C SER C 678 -6.97 15.17 18.36
N ASN C 679 -6.10 15.63 17.46
CA ASN C 679 -6.46 15.67 16.05
C ASN C 679 -6.68 14.27 15.47
N HIS C 680 -6.05 13.26 16.06
CA HIS C 680 -6.11 11.90 15.55
C HIS C 680 -6.86 10.96 16.48
N GLY C 681 -7.71 11.50 17.36
CA GLY C 681 -8.55 10.68 18.21
C GLY C 681 -7.90 10.15 19.47
N THR C 682 -6.62 10.43 19.70
CA THR C 682 -5.99 10.02 20.93
C THR C 682 -6.46 10.91 22.09
N CYS C 683 -6.10 10.50 23.30
CA CYS C 683 -6.54 11.20 24.51
C CYS C 683 -5.39 12.05 25.05
N ALA C 684 -5.55 13.37 24.97
CA ALA C 684 -4.59 14.30 25.55
C ALA C 684 -5.05 14.64 26.95
N ASN C 685 -4.37 14.08 27.96
CA ASN C 685 -4.78 14.19 29.35
C ASN C 685 -3.57 14.55 30.20
N GLN C 686 -3.64 15.69 30.86
CA GLN C 686 -2.57 16.18 31.73
C GLN C 686 -2.87 15.84 33.18
N CYS C 687 -1.84 15.49 33.93
CA CYS C 687 -1.96 15.15 35.34
C CYS C 687 -0.92 15.91 36.15
N PRO C 688 -1.32 16.49 37.28
CA PRO C 688 -0.34 17.16 38.14
C PRO C 688 0.66 16.18 38.75
N ILE C 689 1.89 16.65 38.90
CA ILE C 689 2.96 15.87 39.50
C ILE C 689 3.26 16.32 40.92
N VAL C 690 3.37 17.63 41.12
CA VAL C 690 3.72 18.21 42.41
C VAL C 690 2.54 18.08 43.38
N ASP C 691 2.80 18.28 44.66
CA ASP C 691 1.78 18.24 45.70
C ASP C 691 1.68 19.61 46.36
N ALA C 692 0.88 19.69 47.42
CA ALA C 692 0.66 20.95 48.10
C ALA C 692 1.90 21.37 48.90
N GLY C 693 2.34 22.60 48.68
CA GLY C 693 3.47 23.13 49.44
C GLY C 693 4.82 22.62 49.01
N ASP C 694 5.01 22.39 47.71
CA ASP C 694 6.29 21.92 47.18
C ASP C 694 7.01 23.08 46.51
N ARG C 695 8.24 23.34 46.96
CA ARG C 695 9.08 24.35 46.31
C ARG C 695 9.48 23.87 44.93
N VAL C 696 9.18 24.67 43.91
CA VAL C 696 9.44 24.31 42.52
C VAL C 696 10.16 25.47 41.84
N GLU C 697 11.27 25.17 41.17
CA GLU C 697 12.07 26.18 40.49
C GLU C 697 11.45 26.53 39.14
N ALA C 698 11.97 27.60 38.53
CA ALA C 698 11.45 28.07 37.26
C ALA C 698 11.89 27.14 36.13
N GLY C 699 10.96 26.86 35.21
CA GLY C 699 11.23 25.96 34.12
C GLY C 699 11.12 24.49 34.46
N GLN C 700 10.55 24.16 35.62
CA GLN C 700 10.42 22.78 36.06
C GLN C 700 9.04 22.24 35.70
N VAL C 701 8.98 20.95 35.36
CA VAL C 701 7.72 20.31 35.01
C VAL C 701 6.90 20.12 36.28
N ILE C 702 5.74 20.79 36.34
CA ILE C 702 4.82 20.62 37.46
C ILE C 702 3.65 19.73 37.13
N ALA C 703 3.48 19.34 35.87
CA ALA C 703 2.42 18.45 35.43
C ALA C 703 2.77 17.96 34.03
N ASP C 704 2.55 16.67 33.78
CA ASP C 704 2.91 16.07 32.50
C ASP C 704 1.68 15.46 31.85
N GLY C 705 1.68 15.46 30.52
CA GLY C 705 0.53 15.04 29.76
C GLY C 705 0.67 13.66 29.15
N PRO C 706 0.17 13.49 27.93
CA PRO C 706 0.18 12.16 27.31
C PRO C 706 1.60 11.74 26.93
N CYS C 707 1.87 10.45 27.08
CA CYS C 707 3.18 9.87 26.78
C CYS C 707 4.29 10.59 27.55
N THR C 708 4.04 10.86 28.83
CA THR C 708 5.03 11.52 29.66
C THR C 708 5.02 10.91 31.05
N ASP C 709 6.20 10.74 31.63
CA ASP C 709 6.37 10.22 32.98
C ASP C 709 7.47 11.02 33.65
N ASP C 710 7.10 11.86 34.63
CA ASP C 710 8.03 12.71 35.36
C ASP C 710 8.77 13.66 34.43
N GLY C 711 8.18 13.96 33.27
CA GLY C 711 8.76 14.91 32.33
C GLY C 711 9.50 14.30 31.17
N GLU C 712 9.49 12.99 31.02
CA GLU C 712 10.21 12.31 29.94
C GLU C 712 9.21 11.62 29.02
N MET C 713 9.59 11.51 27.74
CA MET C 713 8.71 10.85 26.77
C MET C 713 8.54 9.38 27.11
N ALA C 714 7.31 8.98 27.36
CA ALA C 714 6.96 7.60 27.70
C ALA C 714 6.05 7.06 26.61
N LEU C 715 6.66 6.66 25.49
CA LEU C 715 5.92 6.18 24.34
C LEU C 715 5.44 4.74 24.46
N GLY C 716 5.84 4.03 25.51
CA GLY C 716 5.46 2.64 25.68
C GLY C 716 5.61 2.15 27.10
N LYS C 717 5.82 0.84 27.24
CA LYS C 717 5.96 0.20 28.54
C LYS C 717 7.15 -0.75 28.52
N ASN C 718 7.71 -0.99 29.72
CA ASN C 718 8.78 -1.94 29.90
C ASN C 718 8.18 -3.33 30.10
N LEU C 719 8.43 -4.24 29.16
CA LEU C 719 7.85 -5.57 29.17
C LEU C 719 8.94 -6.62 29.27
N LEU C 720 8.68 -7.66 30.08
CA LEU C 720 9.60 -8.78 30.24
C LEU C 720 9.53 -9.65 29.00
N VAL C 721 10.61 -9.71 28.22
CA VAL C 721 10.62 -10.35 26.92
C VAL C 721 11.47 -11.61 26.96
N ALA C 722 11.02 -12.61 26.20
CA ALA C 722 11.80 -13.82 25.95
C ALA C 722 11.92 -14.03 24.45
N ILE C 723 13.13 -14.37 24.00
CA ILE C 723 13.43 -14.50 22.57
C ILE C 723 13.43 -15.99 22.27
N MET C 724 12.28 -16.51 21.86
CA MET C 724 12.16 -17.94 21.56
C MET C 724 10.93 -18.17 20.69
N PRO C 725 10.95 -19.16 19.81
CA PRO C 725 9.72 -19.55 19.12
C PRO C 725 8.81 -20.29 20.07
N TRP C 726 7.51 -20.06 19.96
CA TRP C 726 6.55 -20.64 20.90
C TRP C 726 5.34 -21.17 20.12
N GLU C 727 5.43 -22.44 19.72
CA GLU C 727 4.32 -23.20 19.16
C GLU C 727 3.72 -22.56 17.90
N GLY C 728 4.49 -21.72 17.20
CA GLY C 728 4.05 -21.14 15.97
C GLY C 728 3.13 -19.95 16.08
N HIS C 729 2.78 -19.51 17.29
CA HIS C 729 1.90 -18.36 17.43
C HIS C 729 2.63 -17.05 17.19
N ASN C 730 3.95 -17.02 17.40
CA ASN C 730 4.76 -15.85 17.08
C ASN C 730 5.46 -15.99 15.74
N TYR C 731 4.90 -16.81 14.84
CA TYR C 731 5.58 -17.19 13.62
C TYR C 731 5.64 -16.04 12.63
N GLU C 732 6.85 -15.79 12.10
CA GLU C 732 7.23 -14.62 11.31
C GLU C 732 6.48 -13.35 11.70
N ASP C 733 7.00 -12.68 12.74
CA ASP C 733 6.68 -11.33 13.18
C ASP C 733 5.34 -11.22 13.92
N ALA C 734 4.62 -12.32 14.13
CA ALA C 734 3.51 -12.26 15.06
C ALA C 734 4.04 -12.20 16.49
N ILE C 735 3.20 -11.72 17.40
CA ILE C 735 3.62 -11.48 18.77
C ILE C 735 2.70 -12.24 19.73
N ILE C 736 3.29 -12.81 20.77
CA ILE C 736 2.55 -13.47 21.84
C ILE C 736 2.65 -12.59 23.08
N LEU C 737 1.52 -12.32 23.71
CA LEU C 737 1.44 -11.45 24.87
C LEU C 737 0.86 -12.17 26.06
N SER C 738 1.27 -11.74 27.25
CA SER C 738 0.67 -12.23 28.48
C SER C 738 -0.65 -11.51 28.73
N ASN C 739 -1.65 -12.27 29.19
CA ASN C 739 -2.94 -11.68 29.51
C ASN C 739 -2.86 -10.71 30.69
N ARG C 740 -1.73 -10.69 31.41
CA ARG C 740 -1.54 -9.69 32.45
C ARG C 740 -1.62 -8.28 31.89
N LEU C 741 -1.14 -8.07 30.66
CA LEU C 741 -1.23 -6.76 30.04
C LEU C 741 -2.67 -6.34 29.78
N VAL C 742 -3.59 -7.30 29.69
CA VAL C 742 -5.01 -6.97 29.59
C VAL C 742 -5.60 -6.78 30.98
N GLU C 743 -5.27 -7.66 31.92
CA GLU C 743 -5.85 -7.59 33.25
C GLU C 743 -5.40 -6.33 34.00
N GLU C 744 -4.19 -5.86 33.75
CA GLU C 744 -3.63 -4.73 34.49
C GLU C 744 -3.55 -3.45 33.68
N ASP C 745 -4.23 -3.39 32.53
CA ASP C 745 -4.33 -2.18 31.71
C ASP C 745 -2.95 -1.62 31.36
N VAL C 746 -2.01 -2.52 31.09
CA VAL C 746 -0.66 -2.08 30.74
C VAL C 746 -0.65 -1.42 29.37
N LEU C 747 -1.39 -1.98 28.42
CA LEU C 747 -1.45 -1.45 27.06
C LEU C 747 -2.86 -0.99 26.69
N THR C 748 -3.61 -0.53 27.69
CA THR C 748 -4.94 0.03 27.45
C THR C 748 -4.82 1.52 27.13
N SER C 749 -5.56 1.95 26.11
CA SER C 749 -5.53 3.34 25.67
C SER C 749 -6.95 3.87 25.52
N ILE C 750 -7.09 5.18 25.73
CA ILE C 750 -8.37 5.88 25.59
C ILE C 750 -8.43 6.54 24.22
N HIS C 751 -9.56 6.40 23.56
CA HIS C 751 -9.80 7.00 22.24
C HIS C 751 -11.13 7.72 22.25
N ILE C 752 -11.19 8.87 21.59
CA ILE C 752 -12.39 9.70 21.57
C ILE C 752 -12.74 10.01 20.13
N GLU C 753 -14.00 9.80 19.77
CA GLU C 753 -14.51 10.12 18.45
C GLU C 753 -15.50 11.27 18.54
N GLU C 754 -15.55 12.06 17.47
CA GLU C 754 -16.44 13.21 17.38
C GLU C 754 -17.55 12.90 16.38
N HIS C 755 -18.79 13.03 16.81
CA HIS C 755 -19.94 12.83 15.95
C HIS C 755 -20.75 14.11 15.89
N GLU C 756 -21.24 14.44 14.70
CA GLU C 756 -21.83 15.75 14.44
C GLU C 756 -23.04 15.59 13.52
N ILE C 757 -24.06 16.40 13.76
CA ILE C 757 -25.23 16.46 12.89
C ILE C 757 -25.87 17.83 13.07
N ASP C 758 -26.59 18.28 12.05
CA ASP C 758 -27.21 19.61 12.05
C ASP C 758 -28.64 19.50 11.56
N ALA C 759 -29.47 20.45 12.01
CA ALA C 759 -30.86 20.56 11.60
C ALA C 759 -30.99 21.76 10.67
N ARG C 760 -31.32 21.51 9.42
CA ARG C 760 -31.38 22.54 8.40
C ARG C 760 -32.82 22.90 8.06
N ASP C 761 -32.95 23.91 7.19
CA ASP C 761 -34.22 24.28 6.60
C ASP C 761 -34.33 23.62 5.24
N THR C 762 -35.39 22.85 5.04
CA THR C 762 -35.59 22.11 3.79
C THR C 762 -36.70 22.78 2.97
N LYS C 763 -36.97 22.19 1.82
CA LYS C 763 -37.96 22.76 0.91
C LYS C 763 -39.38 22.64 1.46
N LEU C 764 -39.64 21.64 2.29
CA LEU C 764 -40.98 21.36 2.79
C LEU C 764 -41.12 21.69 4.27
N GLY C 765 -40.17 22.41 4.84
CA GLY C 765 -40.23 22.79 6.23
C GLY C 765 -38.82 22.95 6.77
N ALA C 766 -38.62 22.41 7.98
CA ALA C 766 -37.32 22.47 8.64
C ALA C 766 -37.10 21.19 9.43
N GLU C 767 -35.90 20.63 9.30
CA GLU C 767 -35.52 19.50 10.14
C GLU C 767 -35.46 19.94 11.60
N GLU C 768 -36.04 19.11 12.48
CA GLU C 768 -36.05 19.41 13.90
C GLU C 768 -35.45 18.25 14.68
N ILE C 769 -34.69 18.58 15.71
CA ILE C 769 -34.09 17.58 16.59
C ILE C 769 -35.06 17.34 17.75
N THR C 770 -35.71 16.18 17.74
CA THR C 770 -36.74 15.88 18.71
C THR C 770 -36.62 14.43 19.17
N ARG C 771 -37.09 14.19 20.40
CA ARG C 771 -37.14 12.83 20.92
C ARG C 771 -38.22 12.01 20.23
N ASP C 772 -39.25 12.67 19.71
CA ASP C 772 -40.35 12.00 19.03
C ASP C 772 -39.90 11.58 17.63
N ILE C 773 -39.67 10.28 17.44
CA ILE C 773 -39.20 9.72 16.19
C ILE C 773 -40.25 8.72 15.71
N PRO C 774 -40.69 8.76 14.46
CA PRO C 774 -41.79 7.89 14.02
C PRO C 774 -41.41 6.41 14.07
N ASN C 775 -42.31 5.61 14.65
CA ASN C 775 -42.20 4.14 14.63
C ASN C 775 -40.93 3.65 15.34
N ILE C 776 -40.63 4.25 16.49
CA ILE C 776 -39.52 3.83 17.33
C ILE C 776 -40.05 3.62 18.75
N SER C 777 -39.67 2.50 19.36
CA SER C 777 -40.16 2.18 20.69
C SER C 777 -39.59 3.14 21.73
N ASP C 778 -40.19 3.10 22.93
CA ASP C 778 -39.68 3.88 24.06
C ASP C 778 -38.40 3.29 24.65
N GLU C 779 -37.94 2.16 24.12
CA GLU C 779 -36.75 1.48 24.65
C GLU C 779 -35.47 1.95 23.96
N VAL C 780 -35.53 2.19 22.64
CA VAL C 780 -34.38 2.75 21.95
C VAL C 780 -34.18 4.21 22.35
N LEU C 781 -35.27 4.95 22.50
CA LEU C 781 -35.23 6.34 22.91
C LEU C 781 -35.05 6.52 24.42
N ALA C 782 -34.71 5.44 25.14
CA ALA C 782 -34.62 5.52 26.60
C ALA C 782 -33.37 6.25 27.06
N ASP C 783 -32.31 6.26 26.24
CA ASP C 783 -31.08 6.93 26.62
C ASP C 783 -31.05 8.40 26.22
N LEU C 784 -32.12 8.91 25.62
CA LEU C 784 -32.19 10.28 25.17
C LEU C 784 -32.88 11.15 26.22
N ASP C 785 -32.45 12.42 26.29
CA ASP C 785 -33.11 13.38 27.15
C ASP C 785 -34.39 13.88 26.46
N GLU C 786 -34.98 14.96 26.99
CA GLU C 786 -36.23 15.46 26.42
C GLU C 786 -36.03 16.17 25.09
N ARG C 787 -34.78 16.44 24.69
CA ARG C 787 -34.50 17.13 23.45
C ARG C 787 -34.24 16.19 22.28
N GLY C 788 -34.07 14.90 22.54
CA GLY C 788 -33.64 13.97 21.52
C GLY C 788 -32.16 13.71 21.48
N ILE C 789 -31.40 14.21 22.47
CA ILE C 789 -29.96 14.05 22.54
C ILE C 789 -29.64 12.96 23.55
N VAL C 790 -28.66 12.12 23.24
CA VAL C 790 -28.20 11.12 24.19
C VAL C 790 -27.65 11.83 25.42
N ARG C 791 -27.85 11.23 26.59
CA ARG C 791 -27.46 11.84 27.85
C ARG C 791 -26.01 11.49 28.18
N ILE C 792 -25.38 12.37 28.97
CA ILE C 792 -23.99 12.18 29.36
C ILE C 792 -23.87 10.94 30.24
N GLY C 793 -22.89 10.09 29.95
CA GLY C 793 -22.64 8.89 30.71
C GLY C 793 -23.23 7.62 30.13
N ALA C 794 -24.11 7.74 29.13
CA ALA C 794 -24.73 6.56 28.56
C ALA C 794 -23.73 5.78 27.70
N GLU C 795 -23.80 4.45 27.82
CA GLU C 795 -22.98 3.57 26.99
C GLU C 795 -23.74 3.23 25.72
N VAL C 796 -23.13 3.51 24.57
CA VAL C 796 -23.80 3.40 23.28
C VAL C 796 -23.03 2.42 22.41
N ARG C 797 -23.72 1.37 21.95
CA ARG C 797 -23.18 0.46 20.96
C ARG C 797 -23.41 1.02 19.56
N ASP C 798 -23.03 0.25 18.54
CA ASP C 798 -23.26 0.67 17.17
C ASP C 798 -24.73 0.48 16.80
N GLY C 799 -25.27 1.48 16.10
CA GLY C 799 -26.67 1.51 15.77
C GLY C 799 -27.54 2.31 16.72
N ASP C 800 -27.03 2.62 17.91
CA ASP C 800 -27.79 3.41 18.87
C ASP C 800 -27.96 4.84 18.38
N ILE C 801 -29.05 5.46 18.78
CA ILE C 801 -29.37 6.82 18.38
C ILE C 801 -28.59 7.79 19.27
N LEU C 802 -27.91 8.75 18.65
CA LEU C 802 -27.21 9.81 19.37
C LEU C 802 -27.98 11.12 19.35
N VAL C 803 -28.53 11.50 18.21
CA VAL C 803 -29.33 12.72 18.06
C VAL C 803 -30.54 12.39 17.20
N GLY C 804 -31.74 12.55 17.76
CA GLY C 804 -32.95 12.26 17.01
C GLY C 804 -33.39 13.41 16.14
N LYS C 805 -33.20 13.27 14.83
CA LYS C 805 -33.56 14.30 13.86
C LYS C 805 -34.53 13.72 12.85
N VAL C 806 -35.61 14.46 12.56
CA VAL C 806 -36.60 14.07 11.57
C VAL C 806 -36.68 15.15 10.50
N THR C 807 -36.80 14.73 9.25
CA THR C 807 -36.88 15.63 8.12
C THR C 807 -38.21 15.42 7.40
N PRO C 808 -38.93 16.48 7.05
CA PRO C 808 -40.22 16.31 6.37
C PRO C 808 -40.03 15.88 4.92
N LYS C 809 -40.72 14.81 4.55
CA LYS C 809 -40.70 14.28 3.20
C LYS C 809 -42.05 14.52 2.53
N GLY C 810 -42.03 14.92 1.26
CA GLY C 810 -43.26 15.20 0.56
C GLY C 810 -44.08 13.96 0.29
N GLU C 811 -45.36 14.18 0.02
CA GLU C 811 -46.26 13.08 -0.30
C GLU C 811 -45.98 12.50 -1.67
N THR C 812 -45.58 13.35 -2.63
CA THR C 812 -45.29 12.92 -3.99
C THR C 812 -43.98 12.14 -4.11
N GLU C 813 -43.29 11.89 -3.00
CA GLU C 813 -42.03 11.16 -3.01
C GLU C 813 -42.16 9.76 -2.43
N LEU C 814 -43.37 9.20 -2.39
CA LEU C 814 -43.65 7.96 -1.71
C LEU C 814 -43.72 6.78 -2.67
N THR C 815 -43.13 5.67 -2.27
CA THR C 815 -43.24 4.41 -3.00
C THR C 815 -44.70 3.95 -3.01
N PRO C 816 -45.16 3.31 -4.09
CA PRO C 816 -46.49 2.70 -4.05
C PRO C 816 -46.68 1.73 -2.89
N GLU C 817 -45.69 0.90 -2.59
CA GLU C 817 -45.79 0.02 -1.44
C GLU C 817 -45.77 0.82 -0.14
N GLU C 818 -44.94 1.86 -0.07
CA GLU C 818 -44.86 2.68 1.13
C GLU C 818 -46.14 3.44 1.40
N ARG C 819 -46.84 3.86 0.34
CA ARG C 819 -48.13 4.53 0.52
C ARG C 819 -49.22 3.53 0.91
N LEU C 820 -49.16 2.32 0.35
CA LEU C 820 -50.07 1.26 0.79
C LEU C 820 -49.75 0.84 2.21
N LEU C 821 -48.47 0.70 2.54
CA LEU C 821 -48.06 0.36 3.90
C LEU C 821 -48.48 1.43 4.89
N ARG C 822 -48.54 2.68 4.44
CA ARG C 822 -49.02 3.76 5.31
C ARG C 822 -50.53 3.70 5.49
N ALA C 823 -51.26 3.21 4.48
CA ALA C 823 -52.71 3.11 4.60
C ALA C 823 -53.12 1.91 5.45
N ILE C 824 -52.37 0.80 5.39
CA ILE C 824 -52.72 -0.39 6.16
C ILE C 824 -52.28 -0.32 7.61
N PHE C 825 -51.71 0.81 8.05
CA PHE C 825 -51.36 1.01 9.44
C PHE C 825 -52.03 2.23 10.05
N GLY C 826 -52.79 3.00 9.26
CA GLY C 826 -53.59 4.09 9.77
C GLY C 826 -52.81 5.23 10.39
N GLU C 827 -51.49 5.22 10.24
CA GLU C 827 -50.64 6.26 10.83
C GLU C 827 -50.58 7.45 9.89
N LYS C 828 -51.46 8.41 10.14
CA LYS C 828 -51.44 9.67 9.40
C LYS C 828 -50.46 10.65 10.04
N ALA C 829 -50.27 11.78 9.37
CA ALA C 829 -49.43 12.88 9.86
C ALA C 829 -47.99 12.47 10.13
N ARG C 830 -47.51 11.40 9.49
CA ARG C 830 -46.11 10.99 9.61
C ARG C 830 -45.30 11.43 8.38
N GLU C 831 -45.52 12.66 7.93
CA GLU C 831 -44.89 13.16 6.71
C GLU C 831 -43.39 13.37 6.88
N VAL C 832 -42.86 13.01 8.04
CA VAL C 832 -41.42 13.11 8.32
C VAL C 832 -40.82 11.71 8.34
N ARG C 833 -39.56 11.63 7.95
CA ARG C 833 -38.79 10.40 7.98
C ARG C 833 -37.65 10.51 8.99
N ASP C 834 -37.03 9.38 9.27
CA ASP C 834 -35.97 9.31 10.27
C ASP C 834 -34.63 9.64 9.61
N THR C 835 -33.95 10.63 10.17
CA THR C 835 -32.60 11.01 9.76
C THR C 835 -31.73 11.24 10.98
N SER C 836 -31.88 10.37 11.98
CA SER C 836 -31.19 10.55 13.24
C SER C 836 -29.71 10.22 13.10
N LEU C 837 -28.90 10.81 13.98
CA LEU C 837 -27.48 10.53 14.05
C LEU C 837 -27.29 9.24 14.85
N LYS C 838 -26.84 8.19 14.18
CA LYS C 838 -26.62 6.89 14.82
C LYS C 838 -25.13 6.61 14.94
N VAL C 839 -24.80 5.61 15.74
CA VAL C 839 -23.40 5.25 15.98
C VAL C 839 -22.90 4.39 14.82
N PRO C 840 -21.75 4.70 14.25
CA PRO C 840 -21.27 3.92 13.10
C PRO C 840 -20.86 2.51 13.51
N HIS C 841 -20.75 1.65 12.50
CA HIS C 841 -20.32 0.27 12.74
C HIS C 841 -18.90 0.24 13.29
N GLY C 842 -18.71 -0.50 14.37
CA GLY C 842 -17.41 -0.63 15.00
C GLY C 842 -17.14 0.38 16.09
N GLU C 843 -18.06 1.28 16.38
CA GLU C 843 -17.90 2.27 17.44
C GLU C 843 -18.73 1.85 18.66
N SER C 844 -18.17 2.12 19.84
CA SER C 844 -18.85 1.83 21.10
C SER C 844 -18.09 2.49 22.25
N GLY C 845 -18.80 3.16 23.13
CA GLY C 845 -18.15 3.81 24.25
C GLY C 845 -19.13 4.60 25.08
N LYS C 846 -18.58 5.38 26.01
CA LYS C 846 -19.38 6.23 26.88
C LYS C 846 -19.44 7.65 26.34
N VAL C 847 -20.64 8.23 26.35
CA VAL C 847 -20.81 9.62 25.94
C VAL C 847 -20.27 10.52 27.05
N ILE C 848 -19.23 11.28 26.72
CA ILE C 848 -18.55 12.11 27.72
C ILE C 848 -18.88 13.60 27.58
N GLY C 849 -19.30 14.06 26.42
CA GLY C 849 -19.57 15.48 26.23
C GLY C 849 -20.59 15.72 25.14
N ILE C 850 -21.36 16.79 25.30
CA ILE C 850 -22.33 17.24 24.31
C ILE C 850 -22.16 18.74 24.13
N ARG C 851 -22.22 19.20 22.88
CA ARG C 851 -22.13 20.62 22.55
C ARG C 851 -23.25 20.94 21.56
N VAL C 852 -24.08 21.93 21.92
CA VAL C 852 -25.25 22.29 21.12
C VAL C 852 -25.10 23.74 20.68
N PHE C 853 -25.31 23.98 19.38
CA PHE C 853 -25.28 25.31 18.81
C PHE C 853 -26.61 25.56 18.09
N SER C 854 -27.31 26.62 18.48
CA SER C 854 -28.64 26.88 17.97
C SER C 854 -28.69 28.30 17.40
N ARG C 855 -29.26 28.43 16.19
CA ARG C 855 -29.49 29.74 15.61
C ARG C 855 -30.44 30.55 16.49
N GLU C 856 -31.42 29.88 17.11
CA GLU C 856 -32.34 30.55 18.03
C GLU C 856 -31.59 31.22 19.18
N ASP C 857 -30.44 30.67 19.57
CA ASP C 857 -29.71 31.20 20.72
C ASP C 857 -28.43 31.93 20.29
N GLU C 858 -28.56 32.82 19.31
CA GLU C 858 -27.51 33.77 18.91
C GLU C 858 -26.26 33.11 18.36
N ASP C 859 -26.18 31.78 18.38
CA ASP C 859 -25.04 31.09 17.82
C ASP C 859 -25.05 31.20 16.30
N GLU C 860 -23.95 31.69 15.74
CA GLU C 860 -23.87 31.95 14.30
C GLU C 860 -23.55 30.65 13.57
N LEU C 861 -24.56 30.06 12.97
CA LEU C 861 -24.45 28.87 12.13
C LEU C 861 -24.42 29.27 10.67
N PRO C 862 -23.94 28.40 9.78
CA PRO C 862 -24.03 28.69 8.35
C PRO C 862 -25.48 28.90 7.92
N ALA C 863 -25.66 29.74 6.90
CA ALA C 863 -27.00 30.08 6.44
C ALA C 863 -27.75 28.84 5.98
N GLY C 864 -28.94 28.63 6.55
CA GLY C 864 -29.74 27.46 6.27
C GLY C 864 -29.72 26.39 7.35
N VAL C 865 -28.99 26.63 8.44
CA VAL C 865 -28.88 25.69 9.55
C VAL C 865 -29.54 26.29 10.78
N ASN C 866 -30.33 25.48 11.48
CA ASN C 866 -31.03 25.95 12.67
C ASN C 866 -30.46 25.41 13.97
N GLU C 867 -29.77 24.27 13.96
CA GLU C 867 -29.23 23.68 15.17
C GLU C 867 -28.06 22.79 14.81
N LEU C 868 -27.09 22.73 15.71
CA LEU C 868 -25.89 21.92 15.51
C LEU C 868 -25.53 21.22 16.81
N VAL C 869 -25.31 19.91 16.75
CA VAL C 869 -24.99 19.11 17.93
C VAL C 869 -23.73 18.30 17.66
N ARG C 870 -22.80 18.32 18.60
CA ARG C 870 -21.60 17.50 18.56
C ARG C 870 -21.56 16.60 19.79
N VAL C 871 -21.41 15.30 19.56
CA VAL C 871 -21.39 14.31 20.64
C VAL C 871 -20.02 13.65 20.65
N TYR C 872 -19.37 13.67 21.82
CA TYR C 872 -18.06 13.06 22.01
C TYR C 872 -18.23 11.72 22.72
N VAL C 873 -17.75 10.65 22.08
CA VAL C 873 -17.82 9.30 22.62
C VAL C 873 -16.40 8.83 22.91
N ALA C 874 -16.18 8.31 24.12
CA ALA C 874 -14.88 7.79 24.53
C ALA C 874 -14.97 6.28 24.69
N GLN C 875 -14.02 5.57 24.11
CA GLN C 875 -13.89 4.13 24.25
C GLN C 875 -12.60 3.79 24.96
N LYS C 876 -12.64 2.78 25.81
CA LYS C 876 -11.47 2.31 26.55
C LYS C 876 -11.00 1.03 25.85
N ARG C 877 -9.92 1.13 25.08
CA ARG C 877 -9.47 0.04 24.22
C ARG C 877 -8.33 -0.71 24.90
N LYS C 878 -8.63 -1.93 25.35
CA LYS C 878 -7.58 -2.84 25.80
C LYS C 878 -6.85 -3.42 24.60
N ILE C 879 -5.69 -4.02 24.87
CA ILE C 879 -4.89 -4.60 23.79
C ILE C 879 -5.56 -5.87 23.30
N SER C 880 -5.66 -6.02 21.99
CA SER C 880 -6.42 -7.10 21.37
C SER C 880 -5.55 -7.85 20.37
N ASP C 881 -6.00 -9.05 20.04
CA ASP C 881 -5.35 -9.84 19.00
C ASP C 881 -5.40 -9.09 17.67
N GLY C 882 -4.23 -8.78 17.12
CA GLY C 882 -4.14 -8.06 15.86
C GLY C 882 -3.72 -6.62 15.99
N ASP C 883 -3.77 -6.04 17.19
CA ASP C 883 -3.23 -4.71 17.39
C ASP C 883 -1.72 -4.72 17.14
N LYS C 884 -1.21 -3.62 16.58
CA LYS C 884 0.18 -3.56 16.14
C LYS C 884 1.06 -2.99 17.25
N LEU C 885 2.02 -3.79 17.71
CA LEU C 885 3.04 -3.33 18.64
C LEU C 885 4.37 -3.21 17.91
N ALA C 886 5.29 -2.46 18.52
CA ALA C 886 6.60 -2.26 17.93
C ALA C 886 7.54 -1.69 18.98
N GLY C 887 8.84 -1.90 18.76
CA GLY C 887 9.87 -1.31 19.57
C GLY C 887 10.48 -0.09 18.91
N ARG C 888 11.63 0.32 19.43
CA ARG C 888 12.33 1.50 18.93
C ARG C 888 13.33 1.17 17.82
N HIS C 889 13.50 -0.10 17.47
CA HIS C 889 14.49 -0.51 16.48
C HIS C 889 13.84 -1.05 15.21
N GLY C 890 12.68 -0.52 14.85
CA GLY C 890 11.99 -0.99 13.66
C GLY C 890 11.49 -2.41 13.74
N ASN C 891 11.39 -2.98 14.96
CA ASN C 891 10.88 -4.33 15.17
C ASN C 891 9.38 -4.22 15.43
N LYS C 892 8.58 -4.46 14.41
CA LYS C 892 7.14 -4.33 14.48
C LYS C 892 6.47 -5.68 14.32
N GLY C 893 5.22 -5.77 14.77
CA GLY C 893 4.45 -6.99 14.63
C GLY C 893 3.09 -6.84 15.27
N VAL C 894 2.14 -7.62 14.77
CA VAL C 894 0.79 -7.64 15.31
C VAL C 894 0.69 -8.70 16.39
N ILE C 895 -0.40 -8.68 17.15
CA ILE C 895 -0.60 -9.60 18.26
C ILE C 895 -1.31 -10.83 17.73
N GLY C 896 -0.63 -11.97 17.75
CA GLY C 896 -1.17 -13.19 17.20
C GLY C 896 -1.88 -14.06 18.21
N LYS C 897 -1.55 -13.90 19.49
CA LYS C 897 -2.11 -14.75 20.53
C LYS C 897 -1.84 -14.11 21.89
N ILE C 898 -2.87 -14.08 22.73
CA ILE C 898 -2.76 -13.61 24.10
C ILE C 898 -3.06 -14.79 25.00
N LEU C 899 -2.02 -15.46 25.46
CA LEU C 899 -2.18 -16.65 26.29
C LEU C 899 -2.60 -16.27 27.71
N PRO C 900 -3.20 -17.20 28.44
CA PRO C 900 -3.41 -16.98 29.87
C PRO C 900 -2.09 -16.88 30.60
N VAL C 901 -2.12 -16.26 31.77
CA VAL C 901 -0.89 -15.97 32.50
C VAL C 901 -0.14 -17.25 32.87
N GLU C 902 -0.87 -18.37 33.00
CA GLU C 902 -0.21 -19.61 33.38
C GLU C 902 0.42 -20.33 32.19
N ASP C 903 -0.08 -20.09 30.97
CA ASP C 903 0.53 -20.69 29.80
C ASP C 903 1.87 -20.08 29.46
N MET C 904 2.15 -18.88 29.95
CA MET C 904 3.37 -18.18 29.56
C MET C 904 4.60 -18.89 30.12
N PRO C 905 5.68 -18.96 29.35
CA PRO C 905 6.96 -19.46 29.91
C PRO C 905 7.40 -18.58 31.06
N PHE C 906 7.54 -19.18 32.23
CA PHE C 906 7.85 -18.43 33.44
C PHE C 906 9.25 -18.74 33.94
N LEU C 907 9.83 -17.79 34.65
CA LEU C 907 11.19 -17.89 35.15
C LEU C 907 11.24 -18.86 36.34
N ALA C 908 12.41 -18.94 36.98
CA ALA C 908 12.61 -19.90 38.06
C ALA C 908 11.75 -19.55 39.28
N ASP C 909 11.57 -18.26 39.55
CA ASP C 909 10.83 -17.82 40.73
C ASP C 909 9.33 -17.67 40.47
N GLY C 910 8.85 -18.11 39.30
CA GLY C 910 7.44 -18.14 39.00
C GLY C 910 6.89 -16.94 38.25
N THR C 911 7.69 -15.89 38.07
CA THR C 911 7.21 -14.71 37.36
C THR C 911 7.15 -15.01 35.87
N PRO C 912 5.97 -14.99 35.25
CA PRO C 912 5.90 -15.26 33.81
C PRO C 912 6.35 -14.07 32.99
N VAL C 913 6.86 -14.37 31.79
CA VAL C 913 7.24 -13.30 30.88
C VAL C 913 5.99 -12.60 30.36
N ASP C 914 6.20 -11.40 29.80
CA ASP C 914 5.09 -10.60 29.30
C ASP C 914 4.92 -10.70 27.79
N ILE C 915 6.00 -10.90 27.05
CA ILE C 915 5.95 -10.87 25.58
C ILE C 915 6.98 -11.87 25.06
N ILE C 916 6.60 -12.61 24.02
CA ILE C 916 7.47 -13.59 23.38
C ILE C 916 7.72 -13.14 21.95
N LEU C 917 8.98 -12.96 21.60
CA LEU C 917 9.37 -12.49 20.26
C LEU C 917 10.10 -13.61 19.53
N ASN C 918 9.69 -13.87 18.29
CA ASN C 918 10.32 -14.91 17.50
C ASN C 918 11.78 -14.57 17.23
N THR C 919 12.64 -15.57 17.35
CA THR C 919 14.07 -15.37 17.17
C THR C 919 14.45 -15.21 15.71
N HIS C 920 13.68 -15.82 14.80
CA HIS C 920 14.05 -15.80 13.39
C HIS C 920 14.04 -14.40 12.80
N GLY C 921 13.21 -13.51 13.32
CA GLY C 921 13.12 -12.16 12.79
C GLY C 921 14.05 -11.17 13.43
N VAL C 922 15.20 -11.64 13.92
CA VAL C 922 16.17 -10.77 14.59
C VAL C 922 17.44 -10.62 13.76
N PRO C 923 18.12 -11.70 13.34
CA PRO C 923 19.41 -11.51 12.65
C PRO C 923 19.29 -11.16 11.18
N ARG C 924 18.09 -11.21 10.59
CA ARG C 924 17.93 -10.75 9.21
C ARG C 924 17.91 -9.23 9.14
N ARG C 925 17.15 -8.59 10.03
CA ARG C 925 16.90 -7.16 9.96
C ARG C 925 18.12 -6.33 10.37
N MET C 926 19.15 -6.95 10.94
CA MET C 926 20.35 -6.25 11.38
C MET C 926 20.03 -5.19 12.44
N ASN C 927 19.07 -5.51 13.30
CA ASN C 927 18.73 -4.61 14.41
C ASN C 927 19.11 -5.23 15.75
N ILE C 928 20.41 -5.45 15.98
CA ILE C 928 20.89 -6.03 17.22
C ILE C 928 20.59 -5.14 18.41
N GLY C 929 20.33 -3.86 18.17
CA GLY C 929 20.02 -2.94 19.27
C GLY C 929 18.93 -3.44 20.19
N GLN C 930 17.93 -4.14 19.65
CA GLN C 930 16.90 -4.71 20.50
C GLN C 930 17.45 -5.77 21.43
N ILE C 931 18.45 -6.53 20.99
CA ILE C 931 19.07 -7.53 21.85
C ILE C 931 19.91 -6.85 22.94
N LEU C 932 20.70 -5.85 22.55
CA LEU C 932 21.49 -5.12 23.54
C LEU C 932 20.60 -4.36 24.50
N GLU C 933 19.47 -3.83 24.02
CA GLU C 933 18.52 -3.19 24.93
C GLU C 933 17.93 -4.17 25.92
N THR C 934 17.66 -5.40 25.45
CA THR C 934 17.12 -6.43 26.34
C THR C 934 18.11 -6.74 27.47
N HIS C 935 19.40 -6.82 27.14
CA HIS C 935 20.40 -7.11 28.16
C HIS C 935 20.51 -5.96 29.16
N LEU C 936 20.77 -4.75 28.67
CA LEU C 936 20.81 -3.58 29.54
C LEU C 936 19.49 -3.39 30.27
N GLY C 937 18.38 -3.70 29.61
CA GLY C 937 17.08 -3.56 30.25
C GLY C 937 16.94 -4.44 31.48
N TRP C 938 17.46 -5.67 31.40
CA TRP C 938 17.40 -6.55 32.57
C TRP C 938 18.29 -6.03 33.69
N CYS C 939 19.51 -5.60 33.35
CA CYS C 939 20.41 -5.06 34.36
C CYS C 939 19.80 -3.85 35.04
N ALA C 940 19.00 -3.06 34.32
CA ALA C 940 18.31 -1.94 34.94
C ALA C 940 17.21 -2.43 35.88
N HIS C 941 16.49 -3.48 35.48
CA HIS C 941 15.41 -4.01 36.32
C HIS C 941 15.94 -4.62 37.61
N SER C 942 17.07 -5.32 37.54
CA SER C 942 17.62 -6.05 38.67
C SER C 942 18.64 -5.25 39.47
N GLY C 943 19.45 -4.44 38.80
CA GLY C 943 20.55 -3.75 39.46
C GLY C 943 21.83 -4.53 39.42
N TRP C 944 22.93 -3.86 39.75
CA TRP C 944 24.23 -4.50 39.68
C TRP C 944 25.16 -3.89 40.73
N LYS C 945 26.29 -4.57 40.94
CA LYS C 945 27.30 -4.15 41.90
C LYS C 945 28.64 -4.67 41.40
N VAL C 946 29.53 -3.77 41.02
CA VAL C 946 30.84 -4.16 40.48
C VAL C 946 31.78 -4.46 41.63
N ASP C 947 32.61 -5.49 41.46
CA ASP C 947 33.56 -5.90 42.49
C ASP C 947 34.57 -4.79 42.77
N ALA C 948 34.43 -4.14 43.92
CA ALA C 948 35.31 -3.02 44.24
C ALA C 948 36.65 -3.47 44.81
N ALA C 949 36.69 -4.64 45.46
CA ALA C 949 37.93 -5.13 46.02
C ALA C 949 38.95 -5.42 44.93
N LYS C 950 40.23 -5.28 45.28
CA LYS C 950 41.34 -5.45 44.33
C LYS C 950 41.18 -4.53 43.12
N GLY C 951 40.77 -3.30 43.38
CA GLY C 951 40.69 -2.28 42.35
C GLY C 951 39.45 -2.39 41.48
N VAL C 952 39.33 -1.43 40.58
CA VAL C 952 38.25 -1.42 39.60
C VAL C 952 38.60 -2.39 38.46
N PRO C 953 37.72 -3.32 38.11
CA PRO C 953 38.01 -4.27 37.04
C PRO C 953 38.32 -3.55 35.73
N ASP C 954 38.89 -4.31 34.79
CA ASP C 954 39.42 -3.73 33.56
C ASP C 954 38.33 -3.35 32.57
N TRP C 955 37.11 -3.88 32.71
CA TRP C 955 36.04 -3.51 31.80
C TRP C 955 35.32 -2.24 32.23
N ALA C 956 35.20 -1.99 33.54
CA ALA C 956 34.51 -0.83 34.06
C ALA C 956 35.44 0.36 34.27
N ALA C 957 36.59 0.39 33.61
CA ALA C 957 37.52 1.50 33.77
C ALA C 957 37.00 2.77 33.11
N ARG C 958 36.27 2.63 32.00
CA ARG C 958 35.72 3.79 31.30
C ARG C 958 34.38 4.23 31.84
N LEU C 959 33.69 3.39 32.61
CA LEU C 959 32.37 3.73 33.10
C LEU C 959 32.48 4.79 34.19
N PRO C 960 31.53 5.73 34.25
CA PRO C 960 31.52 6.69 35.36
C PRO C 960 31.31 5.97 36.69
N ASP C 961 31.77 6.62 37.76
CA ASP C 961 31.65 6.04 39.09
C ASP C 961 30.21 5.88 39.52
N GLU C 962 29.29 6.65 38.93
CA GLU C 962 27.87 6.54 39.25
C GLU C 962 27.25 5.25 38.73
N LEU C 963 27.94 4.51 37.86
CA LEU C 963 27.42 3.30 37.26
C LEU C 963 27.92 2.02 37.93
N LEU C 964 28.90 2.12 38.82
CA LEU C 964 29.45 0.93 39.45
C LEU C 964 28.45 0.24 40.38
N GLU C 965 27.42 0.95 40.81
CA GLU C 965 26.38 0.37 41.64
C GLU C 965 25.02 0.86 41.13
N ALA C 966 24.04 -0.03 41.12
CA ALA C 966 22.70 0.30 40.63
C ALA C 966 21.66 -0.43 41.46
N GLN C 967 20.62 0.29 41.86
CA GLN C 967 19.48 -0.31 42.52
C GLN C 967 18.51 -0.86 41.49
N PRO C 968 17.65 -1.79 41.88
CA PRO C 968 16.65 -2.31 40.94
C PRO C 968 15.75 -1.20 40.41
N ASN C 969 15.30 -1.38 39.16
CA ASN C 969 14.45 -0.40 38.47
C ASN C 969 15.14 0.96 38.37
N ALA C 970 16.41 0.93 37.96
CA ALA C 970 17.16 2.15 37.73
C ALA C 970 17.03 2.59 36.28
N ILE C 971 17.12 3.90 36.06
CA ILE C 971 17.01 4.48 34.73
C ILE C 971 18.40 4.87 34.25
N VAL C 972 18.68 4.57 32.98
CA VAL C 972 20.00 4.79 32.40
C VAL C 972 19.86 5.43 31.02
N SER C 973 20.96 6.02 30.54
CA SER C 973 21.00 6.70 29.26
C SER C 973 22.09 6.10 28.38
N THR C 974 21.71 5.72 27.16
CA THR C 974 22.66 5.30 26.12
C THR C 974 22.55 6.30 24.98
N PRO C 975 23.29 7.40 25.02
CA PRO C 975 23.21 8.39 23.94
C PRO C 975 23.58 7.77 22.61
N VAL C 976 23.03 8.36 21.54
CA VAL C 976 23.28 7.86 20.19
C VAL C 976 24.76 8.01 19.85
N PHE C 977 25.34 6.96 19.26
CA PHE C 977 26.74 6.87 18.84
C PHE C 977 27.70 6.99 20.02
N ASP C 978 27.20 7.20 21.23
CA ASP C 978 27.99 7.10 22.46
C ASP C 978 27.36 6.01 23.31
N GLY C 979 27.45 6.12 24.63
CA GLY C 979 26.72 5.19 25.48
C GLY C 979 27.44 3.88 25.71
N ALA C 980 26.65 2.89 26.11
CA ALA C 980 27.19 1.62 26.57
C ALA C 980 27.89 0.86 25.45
N GLN C 981 29.08 0.35 25.74
CA GLN C 981 29.80 -0.53 24.84
C GLN C 981 29.59 -1.98 25.27
N GLU C 982 29.78 -2.89 24.30
CA GLU C 982 29.48 -4.30 24.57
C GLU C 982 30.37 -4.88 25.64
N ALA C 983 31.58 -4.35 25.81
CA ALA C 983 32.46 -4.82 26.87
C ALA C 983 31.87 -4.53 28.24
N GLU C 984 31.38 -3.30 28.44
CA GLU C 984 30.75 -2.96 29.70
C GLU C 984 29.42 -3.67 29.90
N LEU C 985 28.69 -3.91 28.81
CA LEU C 985 27.41 -4.62 28.90
C LEU C 985 27.63 -6.07 29.30
N GLN C 986 28.62 -6.73 28.69
CA GLN C 986 28.96 -8.10 29.08
C GLN C 986 29.35 -8.17 30.55
N GLY C 987 30.08 -7.16 31.03
CA GLY C 987 30.50 -7.17 32.42
C GLY C 987 29.36 -6.96 33.39
N LEU C 988 28.36 -6.16 33.00
CA LEU C 988 27.22 -5.93 33.88
C LEU C 988 26.38 -7.18 34.05
N LEU C 989 26.22 -7.96 32.97
CA LEU C 989 25.45 -9.20 33.07
C LEU C 989 26.08 -10.18 34.05
N SER C 990 27.39 -10.06 34.29
CA SER C 990 28.09 -10.97 35.19
C SER C 990 27.85 -10.63 36.66
N CYS C 991 27.48 -9.40 36.98
CA CYS C 991 27.29 -8.96 38.36
C CYS C 991 25.88 -8.42 38.59
N THR C 992 24.89 -9.02 37.93
CA THR C 992 23.51 -8.63 38.16
C THR C 992 23.09 -8.97 39.60
N LEU C 993 22.27 -8.10 40.18
CA LEU C 993 21.83 -8.29 41.55
C LEU C 993 20.89 -9.48 41.65
N PRO C 994 20.89 -10.19 42.77
CA PRO C 994 19.96 -11.31 42.96
C PRO C 994 18.57 -10.80 43.32
N ASN C 995 17.60 -11.71 43.23
CA ASN C 995 16.23 -11.37 43.55
C ASN C 995 16.01 -11.36 45.06
N ARG C 996 14.75 -11.39 45.49
CA ARG C 996 14.46 -11.32 46.92
C ARG C 996 14.88 -12.60 47.65
N ASP C 997 14.93 -13.73 46.94
CA ASP C 997 15.38 -14.97 47.54
C ASP C 997 16.89 -15.13 47.53
N GLY C 998 17.61 -14.25 46.84
CA GLY C 998 19.06 -14.34 46.75
C GLY C 998 19.59 -15.09 45.56
N ASP C 999 18.74 -15.46 44.61
CA ASP C 999 19.12 -16.25 43.46
C ASP C 999 19.24 -15.36 42.22
N VAL C 1000 20.28 -15.60 41.43
CA VAL C 1000 20.47 -14.89 40.17
C VAL C 1000 19.77 -15.68 39.06
N LEU C 1001 18.82 -15.04 38.39
CA LEU C 1001 17.95 -15.75 37.46
C LEU C 1001 18.54 -15.85 36.06
N VAL C 1002 19.23 -14.80 35.60
CA VAL C 1002 19.83 -14.82 34.27
C VAL C 1002 21.32 -15.07 34.41
N ASP C 1003 21.91 -15.68 33.37
CA ASP C 1003 23.31 -16.02 33.36
C ASP C 1003 24.15 -14.84 32.85
N ALA C 1004 25.47 -14.99 32.95
CA ALA C 1004 26.37 -13.97 32.43
C ALA C 1004 26.23 -13.84 30.91
N ASP C 1005 25.80 -14.91 30.23
CA ASP C 1005 25.50 -14.82 28.81
C ASP C 1005 24.26 -13.98 28.54
N GLY C 1006 23.40 -13.79 29.54
CA GLY C 1006 22.16 -13.06 29.38
C GLY C 1006 20.94 -13.94 29.24
N LYS C 1007 21.10 -15.25 29.15
CA LYS C 1007 19.99 -16.18 29.03
C LYS C 1007 19.60 -16.72 30.39
N ALA C 1008 18.38 -17.26 30.46
CA ALA C 1008 17.85 -17.79 31.70
C ALA C 1008 17.05 -19.05 31.41
N MET C 1009 16.85 -19.85 32.46
CA MET C 1009 16.15 -21.12 32.33
C MET C 1009 14.65 -20.90 32.51
N LEU C 1010 13.87 -21.30 31.52
CA LEU C 1010 12.43 -21.08 31.52
C LEU C 1010 11.68 -22.41 31.63
N PHE C 1011 10.47 -22.34 32.18
CA PHE C 1011 9.59 -23.49 32.34
C PHE C 1011 8.40 -23.36 31.40
N ASP C 1012 8.06 -24.46 30.73
CA ASP C 1012 6.87 -24.48 29.88
C ASP C 1012 5.63 -24.45 30.75
N GLY C 1013 4.88 -23.36 30.69
CA GLY C 1013 3.69 -23.23 31.51
C GLY C 1013 2.58 -24.20 31.14
N ARG C 1014 2.63 -24.78 29.94
CA ARG C 1014 1.57 -25.70 29.51
C ARG C 1014 1.83 -27.13 29.97
N SER C 1015 3.07 -27.57 29.94
CA SER C 1015 3.42 -28.94 30.33
C SER C 1015 4.08 -29.04 31.70
N GLY C 1016 4.92 -28.06 32.06
CA GLY C 1016 5.65 -28.06 33.31
C GLY C 1016 7.12 -28.40 33.15
N GLU C 1017 7.47 -29.13 32.10
CA GLU C 1017 8.86 -29.47 31.87
C GLU C 1017 9.66 -28.20 31.56
N PRO C 1018 10.82 -28.01 32.17
CA PRO C 1018 11.64 -26.84 31.83
C PRO C 1018 12.14 -26.92 30.40
N PHE C 1019 12.28 -25.77 29.77
CA PHE C 1019 12.76 -25.73 28.40
C PHE C 1019 14.20 -26.23 28.34
N PRO C 1020 14.56 -27.01 27.32
CA PRO C 1020 15.86 -27.68 27.33
C PRO C 1020 17.06 -26.75 27.39
N TYR C 1021 16.96 -25.55 26.84
CA TYR C 1021 18.10 -24.66 26.74
C TYR C 1021 17.76 -23.29 27.31
N PRO C 1022 18.76 -22.58 27.84
CA PRO C 1022 18.51 -21.23 28.33
C PRO C 1022 18.10 -20.28 27.20
N VAL C 1023 17.28 -19.29 27.56
CA VAL C 1023 16.69 -18.37 26.60
C VAL C 1023 17.00 -16.95 27.04
N THR C 1024 17.33 -16.08 26.07
CA THR C 1024 17.56 -14.67 26.37
C THR C 1024 16.29 -14.06 26.96
N VAL C 1025 16.42 -13.48 28.15
CA VAL C 1025 15.31 -12.89 28.87
C VAL C 1025 15.73 -11.52 29.39
N GLY C 1026 14.86 -10.54 29.23
CA GLY C 1026 15.13 -9.21 29.74
C GLY C 1026 13.93 -8.33 29.58
N TYR C 1027 14.16 -7.02 29.63
CA TYR C 1027 13.09 -6.04 29.53
C TYR C 1027 13.31 -5.16 28.30
N MET C 1028 12.28 -5.04 27.48
CA MET C 1028 12.30 -4.24 26.27
C MET C 1028 11.16 -3.23 26.32
N TYR C 1029 11.41 -2.05 25.76
CA TYR C 1029 10.41 -0.99 25.70
C TYR C 1029 9.55 -1.20 24.46
N ILE C 1030 8.27 -1.52 24.67
CA ILE C 1030 7.34 -1.82 23.59
C ILE C 1030 6.30 -0.71 23.52
N MET C 1031 6.02 -0.24 22.32
CA MET C 1031 5.04 0.81 22.07
C MET C 1031 3.81 0.24 21.40
N LYS C 1032 2.65 0.81 21.73
CA LYS C 1032 1.38 0.45 21.10
C LYS C 1032 1.12 1.43 19.96
N LEU C 1033 1.22 0.94 18.72
CA LEU C 1033 1.06 1.82 17.57
C LEU C 1033 -0.42 2.04 17.25
N HIS C 1034 -0.68 3.14 16.55
CA HIS C 1034 -2.06 3.52 16.21
C HIS C 1034 -2.52 2.79 14.94
N HIS C 1035 -2.49 1.46 15.03
CA HIS C 1035 -3.01 0.56 13.99
C HIS C 1035 -3.70 -0.58 14.72
N LEU C 1036 -4.94 -0.37 15.10
CA LEU C 1036 -5.70 -1.29 15.94
C LEU C 1036 -6.80 -1.95 15.12
N VAL C 1037 -7.05 -3.23 15.40
CA VAL C 1037 -8.08 -3.96 14.66
C VAL C 1037 -9.46 -3.38 14.89
N ASP C 1038 -9.65 -2.68 16.01
CA ASP C 1038 -10.94 -2.05 16.28
C ASP C 1038 -11.33 -1.06 15.18
N ASP C 1039 -10.33 -0.45 14.53
CA ASP C 1039 -10.57 0.46 13.42
C ASP C 1039 -10.47 -0.23 12.06
N LYS C 1040 -9.58 -1.21 11.91
CA LYS C 1040 -9.25 -1.75 10.61
C LYS C 1040 -10.13 -2.91 10.18
N ILE C 1041 -11.02 -3.40 11.04
CA ILE C 1041 -11.96 -4.44 10.64
C ILE C 1041 -13.13 -3.81 9.90
N HIS C 1042 -13.60 -4.47 8.85
CA HIS C 1042 -14.72 -3.97 8.09
C HIS C 1042 -15.32 -5.10 7.28
N ALA C 1043 -16.64 -5.04 7.10
CA ALA C 1043 -17.38 -6.02 6.32
C ALA C 1043 -18.68 -5.41 5.85
N ARG C 1044 -19.19 -5.90 4.72
CA ARG C 1044 -20.38 -5.35 4.10
C ARG C 1044 -21.11 -6.44 3.34
N SER C 1045 -22.41 -6.58 3.60
CA SER C 1045 -23.27 -7.42 2.76
C SER C 1045 -23.77 -6.57 1.59
N THR C 1046 -24.62 -5.59 1.89
CA THR C 1046 -25.02 -4.56 0.94
C THR C 1046 -24.88 -3.20 1.62
N GLY C 1047 -25.20 -2.14 0.88
CA GLY C 1047 -25.11 -0.80 1.40
C GLY C 1047 -25.22 0.24 0.31
N PRO C 1048 -24.66 1.43 0.56
CA PRO C 1048 -24.77 2.52 -0.43
C PRO C 1048 -24.01 2.20 -1.71
N TYR C 1049 -24.48 2.79 -2.80
CA TYR C 1049 -23.85 2.68 -4.10
C TYR C 1049 -23.63 4.05 -4.69
N SER C 1050 -22.50 4.23 -5.38
CA SER C 1050 -22.22 5.51 -6.01
C SER C 1050 -23.29 5.81 -7.06
N MET C 1051 -23.80 7.04 -7.04
CA MET C 1051 -24.98 7.37 -7.84
C MET C 1051 -24.70 7.23 -9.33
N ILE C 1052 -23.51 7.64 -9.78
CA ILE C 1052 -23.22 7.67 -11.20
C ILE C 1052 -22.95 6.27 -11.73
N THR C 1053 -22.01 5.56 -11.12
CA THR C 1053 -21.58 4.26 -11.62
C THR C 1053 -22.39 3.08 -11.08
N GLN C 1054 -23.20 3.31 -10.04
CA GLN C 1054 -24.03 2.27 -9.42
C GLN C 1054 -23.20 1.13 -8.85
N GLN C 1055 -21.95 1.39 -8.52
CA GLN C 1055 -21.07 0.45 -7.86
C GLN C 1055 -21.00 0.75 -6.36
N PRO C 1056 -20.67 -0.25 -5.53
CA PRO C 1056 -20.61 0.00 -4.09
C PRO C 1056 -19.61 1.11 -3.75
N LEU C 1057 -19.89 1.80 -2.65
CA LEU C 1057 -19.05 2.90 -2.19
C LEU C 1057 -17.67 2.36 -1.78
N GLY C 1058 -16.78 3.29 -1.45
CA GLY C 1058 -15.46 2.92 -0.99
C GLY C 1058 -15.18 3.41 0.42
N GLY C 1059 -14.22 2.80 1.08
CA GLY C 1059 -13.87 3.24 2.43
C GLY C 1059 -14.76 2.62 3.49
N LYS C 1060 -14.18 2.42 4.67
CA LYS C 1060 -14.95 1.87 5.78
C LYS C 1060 -15.98 2.88 6.28
N ALA C 1061 -15.60 4.16 6.36
CA ALA C 1061 -16.48 5.18 6.92
C ALA C 1061 -17.77 5.32 6.10
N GLN C 1062 -17.72 5.06 4.81
CA GLN C 1062 -18.91 5.10 3.96
C GLN C 1062 -19.62 3.75 3.87
N PHE C 1063 -19.20 2.77 4.67
CA PHE C 1063 -19.78 1.43 4.66
C PHE C 1063 -19.68 0.79 3.27
N GLY C 1064 -18.54 1.02 2.61
CA GLY C 1064 -18.33 0.54 1.26
C GLY C 1064 -17.80 -0.89 1.22
N GLY C 1065 -17.67 -1.40 -0.01
CA GLY C 1065 -17.16 -2.72 -0.25
C GLY C 1065 -15.70 -2.70 -0.68
N GLN C 1066 -15.13 -3.90 -0.78
CA GLN C 1066 -13.76 -4.05 -1.23
C GLN C 1066 -13.71 -4.02 -2.75
N ARG C 1067 -12.55 -3.61 -3.28
CA ARG C 1067 -12.36 -3.45 -4.72
C ARG C 1067 -11.70 -4.70 -5.29
N PHE C 1068 -12.46 -5.47 -6.05
CA PHE C 1068 -11.89 -6.56 -6.83
C PHE C 1068 -11.25 -5.94 -8.06
N GLY C 1069 -9.95 -5.64 -7.95
CA GLY C 1069 -9.26 -4.86 -8.94
C GLY C 1069 -8.93 -5.64 -10.20
N GLU C 1070 -8.09 -5.02 -11.03
CA GLU C 1070 -7.70 -5.62 -12.30
C GLU C 1070 -6.85 -6.86 -12.08
N MET C 1071 -5.86 -6.78 -11.19
CA MET C 1071 -4.99 -7.93 -10.93
C MET C 1071 -5.76 -9.10 -10.33
N GLU C 1072 -6.81 -8.82 -9.55
CA GLU C 1072 -7.61 -9.89 -8.96
C GLU C 1072 -8.45 -10.61 -10.00
N CYS C 1073 -8.87 -9.90 -11.06
CA CYS C 1073 -9.59 -10.55 -12.14
C CYS C 1073 -8.68 -11.49 -12.92
N TRP C 1074 -7.39 -11.16 -13.05
CA TRP C 1074 -6.45 -12.06 -13.69
C TRP C 1074 -6.32 -13.36 -12.91
N ALA C 1075 -6.42 -13.29 -11.58
CA ALA C 1075 -6.33 -14.50 -10.76
C ALA C 1075 -7.51 -15.41 -10.98
N MET C 1076 -8.73 -14.85 -11.05
CA MET C 1076 -9.91 -15.66 -11.34
C MET C 1076 -9.79 -16.32 -12.70
N GLN C 1077 -9.37 -15.55 -13.72
CA GLN C 1077 -9.22 -16.09 -15.06
C GLN C 1077 -8.14 -17.16 -15.09
N ALA C 1078 -7.07 -16.98 -14.32
CA ALA C 1078 -6.02 -17.99 -14.26
C ALA C 1078 -6.54 -19.30 -13.66
N TYR C 1079 -7.43 -19.20 -12.68
CA TYR C 1079 -8.06 -20.39 -12.12
C TYR C 1079 -9.10 -20.98 -13.06
N GLY C 1080 -9.59 -20.21 -14.02
CA GLY C 1080 -10.73 -20.63 -14.81
C GLY C 1080 -12.06 -20.46 -14.10
N ALA C 1081 -12.09 -19.73 -12.99
CA ALA C 1081 -13.32 -19.52 -12.23
C ALA C 1081 -14.17 -18.48 -12.95
N ALA C 1082 -14.81 -18.93 -14.03
CA ALA C 1082 -15.62 -18.04 -14.85
C ALA C 1082 -16.85 -17.56 -14.10
N TYR C 1083 -17.56 -18.49 -13.43
CA TYR C 1083 -18.80 -18.13 -12.77
C TYR C 1083 -18.56 -17.22 -11.56
N THR C 1084 -17.49 -17.49 -10.79
CA THR C 1084 -17.16 -16.61 -9.67
C THR C 1084 -16.81 -15.21 -10.16
N LEU C 1085 -16.09 -15.12 -11.28
CA LEU C 1085 -15.70 -13.82 -11.81
C LEU C 1085 -16.91 -13.04 -12.33
N GLN C 1086 -17.80 -13.72 -13.07
CA GLN C 1086 -19.01 -13.05 -13.55
C GLN C 1086 -19.89 -12.62 -12.39
N GLU C 1087 -20.00 -13.46 -11.36
CA GLU C 1087 -20.80 -13.12 -10.19
C GLU C 1087 -20.27 -11.87 -9.49
N LEU C 1088 -18.94 -11.73 -9.42
CA LEU C 1088 -18.34 -10.59 -8.75
C LEU C 1088 -18.61 -9.28 -9.49
N LEU C 1089 -18.55 -9.31 -10.82
CA LEU C 1089 -18.63 -8.10 -11.62
C LEU C 1089 -20.05 -7.74 -12.04
N THR C 1090 -21.05 -8.55 -11.68
CA THR C 1090 -22.42 -8.27 -12.09
C THR C 1090 -23.33 -8.11 -10.89
N ILE C 1091 -23.89 -9.22 -10.40
CA ILE C 1091 -24.90 -9.14 -9.35
C ILE C 1091 -24.33 -8.58 -8.06
N LYS C 1092 -23.05 -8.86 -7.77
CA LYS C 1092 -22.46 -8.36 -6.54
C LYS C 1092 -21.98 -6.92 -6.64
N SER C 1093 -21.97 -6.33 -7.84
CA SER C 1093 -21.49 -4.96 -7.95
C SER C 1093 -22.55 -4.03 -8.53
N ASP C 1094 -22.61 -3.92 -9.86
CA ASP C 1094 -23.33 -2.81 -10.50
C ASP C 1094 -24.51 -3.26 -11.35
N ASP C 1095 -25.01 -4.48 -11.17
CA ASP C 1095 -26.26 -4.90 -11.79
C ASP C 1095 -27.40 -4.32 -10.95
N THR C 1096 -28.16 -3.39 -11.53
CA THR C 1096 -29.17 -2.67 -10.77
C THR C 1096 -30.33 -3.57 -10.36
N VAL C 1097 -30.75 -4.48 -11.25
CA VAL C 1097 -31.87 -5.36 -10.95
C VAL C 1097 -31.39 -6.70 -10.44
N GLY C 1098 -30.17 -7.08 -10.81
CA GLY C 1098 -29.64 -8.38 -10.40
C GLY C 1098 -29.31 -8.43 -8.92
N ARG C 1099 -28.82 -7.34 -8.35
CA ARG C 1099 -28.44 -7.34 -6.94
C ARG C 1099 -29.66 -7.45 -6.03
N VAL C 1100 -30.78 -6.84 -6.43
CA VAL C 1100 -31.99 -6.93 -5.61
C VAL C 1100 -32.59 -8.33 -5.67
N LYS C 1101 -32.66 -8.89 -6.88
CA LYS C 1101 -33.21 -10.24 -7.03
C LYS C 1101 -32.31 -11.30 -6.41
N VAL C 1102 -31.02 -11.01 -6.23
CA VAL C 1102 -30.16 -11.93 -5.50
C VAL C 1102 -30.48 -11.89 -4.01
N TYR C 1103 -30.70 -10.70 -3.47
CA TYR C 1103 -31.04 -10.57 -2.05
C TYR C 1103 -32.36 -11.25 -1.75
N GLU C 1104 -33.34 -11.11 -2.65
CA GLU C 1104 -34.61 -11.80 -2.46
C GLU C 1104 -34.44 -13.30 -2.56
N ALA C 1105 -33.63 -13.76 -3.52
CA ALA C 1105 -33.43 -15.20 -3.70
C ALA C 1105 -32.76 -15.84 -2.48
N ILE C 1106 -31.99 -15.05 -1.72
CA ILE C 1106 -31.34 -15.60 -0.53
C ILE C 1106 -32.33 -15.72 0.62
N VAL C 1107 -33.08 -14.64 0.89
CA VAL C 1107 -34.05 -14.67 1.97
C VAL C 1107 -35.22 -15.61 1.64
N LYS C 1108 -35.47 -15.87 0.36
CA LYS C 1108 -36.51 -16.83 -0.02
C LYS C 1108 -36.02 -18.27 0.03
N GLY C 1109 -34.70 -18.48 0.05
CA GLY C 1109 -34.16 -19.81 -0.07
C GLY C 1109 -34.06 -20.32 -1.50
N GLU C 1110 -34.44 -19.51 -2.48
CA GLU C 1110 -34.32 -19.89 -3.88
C GLU C 1110 -32.86 -19.93 -4.30
N ASN C 1111 -32.63 -20.26 -5.57
CA ASN C 1111 -31.28 -20.28 -6.11
C ASN C 1111 -30.89 -18.91 -6.64
N ILE C 1112 -29.60 -18.73 -6.87
CA ILE C 1112 -29.09 -17.44 -7.34
C ILE C 1112 -29.50 -17.23 -8.80
N PRO C 1113 -30.13 -16.12 -9.15
CA PRO C 1113 -30.58 -15.91 -10.54
C PRO C 1113 -29.43 -15.65 -11.50
N GLU C 1114 -29.77 -15.40 -12.76
CA GLU C 1114 -28.76 -15.21 -13.80
C GLU C 1114 -28.35 -13.73 -13.87
N PRO C 1115 -27.04 -13.48 -13.97
CA PRO C 1115 -26.57 -12.09 -13.99
C PRO C 1115 -27.04 -11.34 -15.23
N GLY C 1116 -27.31 -10.05 -15.04
CA GLY C 1116 -27.72 -9.16 -16.10
C GLY C 1116 -26.56 -8.38 -16.68
N ILE C 1117 -26.87 -7.18 -17.17
CA ILE C 1117 -25.89 -6.33 -17.84
C ILE C 1117 -25.43 -5.26 -16.86
N PRO C 1118 -24.12 -5.03 -16.71
CA PRO C 1118 -23.64 -4.02 -15.75
C PRO C 1118 -24.06 -2.62 -16.16
N GLU C 1119 -24.57 -1.86 -15.18
CA GLU C 1119 -24.96 -0.48 -15.45
C GLU C 1119 -23.76 0.36 -15.86
N SER C 1120 -22.56 0.00 -15.41
CA SER C 1120 -21.37 0.77 -15.78
C SER C 1120 -21.07 0.65 -17.28
N PHE C 1121 -21.38 -0.50 -17.89
CA PHE C 1121 -21.22 -0.62 -19.33
C PHE C 1121 -22.23 0.23 -20.08
N LYS C 1122 -23.43 0.40 -19.52
CA LYS C 1122 -24.41 1.30 -20.13
C LYS C 1122 -23.91 2.74 -20.11
N VAL C 1123 -23.22 3.13 -19.06
CA VAL C 1123 -22.70 4.49 -18.97
C VAL C 1123 -21.56 4.70 -19.96
N LEU C 1124 -20.72 3.69 -20.16
CA LEU C 1124 -19.64 3.80 -21.13
C LEU C 1124 -20.18 4.10 -22.52
N LEU C 1125 -21.22 3.38 -22.95
CA LEU C 1125 -21.80 3.62 -24.27
C LEU C 1125 -22.36 5.03 -24.37
N LYS C 1126 -23.08 5.49 -23.33
CA LYS C 1126 -23.66 6.82 -23.36
C LYS C 1126 -22.59 7.90 -23.34
N GLU C 1127 -21.35 7.57 -22.94
CA GLU C 1127 -20.26 8.53 -22.98
C GLU C 1127 -19.54 8.52 -24.33
N LEU C 1128 -19.40 7.34 -24.94
CA LEU C 1128 -18.89 7.29 -26.31
C LEU C 1128 -19.80 8.02 -27.27
N GLN C 1129 -21.11 7.99 -27.02
CA GLN C 1129 -22.04 8.74 -27.86
C GLN C 1129 -21.80 10.24 -27.76
N SER C 1130 -21.56 10.74 -26.55
CA SER C 1130 -21.30 12.16 -26.35
C SER C 1130 -20.01 12.62 -27.01
N LEU C 1131 -19.15 11.70 -27.43
CA LEU C 1131 -17.93 12.01 -28.15
C LEU C 1131 -18.10 11.85 -29.66
N CYS C 1132 -19.33 11.87 -30.15
CA CYS C 1132 -19.64 11.72 -31.57
C CYS C 1132 -19.16 10.37 -32.11
N LEU C 1133 -19.42 9.31 -31.34
CA LEU C 1133 -19.13 7.94 -31.75
C LEU C 1133 -20.44 7.15 -31.74
N ASN C 1134 -20.77 6.53 -32.87
CA ASN C 1134 -22.02 5.79 -33.01
C ASN C 1134 -21.75 4.33 -32.65
N VAL C 1135 -21.99 3.99 -31.38
CA VAL C 1135 -21.79 2.64 -30.87
C VAL C 1135 -23.14 1.95 -30.77
N GLU C 1136 -23.19 0.70 -31.23
CA GLU C 1136 -24.42 -0.08 -31.24
C GLU C 1136 -24.10 -1.54 -30.96
N VAL C 1137 -24.99 -2.22 -30.25
CA VAL C 1137 -24.86 -3.63 -29.95
C VAL C 1137 -25.72 -4.41 -30.93
N LEU C 1138 -25.11 -5.33 -31.66
CA LEU C 1138 -25.80 -6.13 -32.67
C LEU C 1138 -26.01 -7.55 -32.17
N SER C 1139 -27.13 -8.14 -32.57
CA SER C 1139 -27.43 -9.52 -32.22
C SER C 1139 -26.73 -10.46 -33.21
N SER C 1140 -26.99 -11.77 -33.08
CA SER C 1140 -26.36 -12.73 -33.98
C SER C 1140 -26.82 -12.54 -35.41
N ASP C 1141 -28.05 -12.08 -35.62
CA ASP C 1141 -28.53 -11.83 -36.97
C ASP C 1141 -27.98 -10.54 -37.56
N GLY C 1142 -27.75 -9.53 -36.72
CA GLY C 1142 -27.21 -8.25 -37.15
C GLY C 1142 -28.06 -7.05 -36.80
N ALA C 1143 -29.26 -7.24 -36.27
CA ALA C 1143 -30.12 -6.11 -35.92
C ALA C 1143 -29.65 -5.47 -34.63
N ALA C 1144 -29.62 -4.13 -34.61
CA ALA C 1144 -29.24 -3.40 -33.42
C ALA C 1144 -30.32 -3.52 -32.36
N ILE C 1145 -29.90 -3.75 -31.11
CA ILE C 1145 -30.81 -3.89 -29.99
C ILE C 1145 -30.58 -2.73 -29.03
N GLU C 1146 -31.67 -2.15 -28.55
CA GLU C 1146 -31.61 -1.03 -27.62
C GLU C 1146 -31.58 -1.54 -26.19
N LEU C 1147 -31.32 -0.63 -25.26
CA LEU C 1147 -31.24 -0.93 -23.83
C LEU C 1147 -32.31 -0.12 -23.12
N ARG C 1148 -33.53 -0.69 -23.07
CA ARG C 1148 -34.72 -0.08 -22.49
C ARG C 1148 -34.83 1.42 -22.75
N GLU C 1149 -34.42 1.86 -23.93
CA GLU C 1149 -34.47 3.27 -24.28
C GLU C 1149 -34.63 3.42 -25.79
N GLY C 1150 -35.00 4.63 -26.20
CA GLY C 1150 -35.18 4.93 -27.60
C GLY C 1150 -34.46 6.20 -28.02
N GLU C 1151 -34.91 6.81 -29.12
CA GLU C 1151 -34.30 8.03 -29.61
C GLU C 1151 -35.31 8.80 -30.45
N ASP C 1152 -35.47 10.09 -30.16
CA ASP C 1152 -36.36 10.96 -30.90
C ASP C 1152 -35.59 12.19 -31.36
N GLU C 1153 -36.20 12.94 -32.28
CA GLU C 1153 -35.56 14.15 -32.82
C GLU C 1153 -36.39 15.39 -32.53
N ASP D 3 -33.76 -8.46 -21.24
CA ASP D 3 -32.51 -8.04 -21.85
C ASP D 3 -31.43 -9.09 -21.62
N VAL D 4 -31.45 -10.13 -22.47
CA VAL D 4 -30.49 -11.22 -22.33
C VAL D 4 -29.08 -10.72 -22.62
N ASN D 5 -28.09 -11.52 -22.20
CA ASN D 5 -26.69 -11.14 -22.26
C ASN D 5 -25.94 -11.81 -23.40
N PHE D 6 -26.63 -12.28 -24.44
CA PHE D 6 -25.97 -12.85 -25.61
C PHE D 6 -26.33 -12.01 -26.84
N PHE D 7 -25.41 -11.14 -27.23
CA PHE D 7 -25.48 -10.42 -28.49
C PHE D 7 -24.07 -10.37 -29.07
N ASP D 8 -23.95 -10.69 -30.35
CA ASP D 8 -22.64 -10.99 -30.94
C ASP D 8 -21.74 -9.76 -31.04
N GLU D 9 -22.05 -8.85 -31.96
CA GLU D 9 -21.12 -7.79 -32.33
C GLU D 9 -21.45 -6.47 -31.63
N LEU D 10 -20.42 -5.66 -31.44
CA LEU D 10 -20.52 -4.30 -30.91
C LEU D 10 -19.89 -3.38 -31.96
N ARG D 11 -20.74 -2.67 -32.70
CA ARG D 11 -20.30 -1.85 -33.82
C ARG D 11 -20.05 -0.42 -33.38
N ILE D 12 -18.98 0.19 -33.90
CA ILE D 12 -18.64 1.58 -33.66
C ILE D 12 -18.43 2.28 -34.99
N GLY D 13 -18.80 3.56 -35.05
CA GLY D 13 -18.63 4.31 -36.27
C GLY D 13 -18.77 5.80 -36.02
N LEU D 14 -18.51 6.57 -37.08
CA LEU D 14 -18.64 8.01 -37.01
C LEU D 14 -20.10 8.42 -36.84
N ALA D 15 -20.34 9.37 -35.95
CA ALA D 15 -21.68 9.87 -35.69
C ALA D 15 -21.98 11.01 -36.66
N THR D 16 -22.92 10.79 -37.56
CA THR D 16 -23.37 11.86 -38.44
C THR D 16 -24.03 12.96 -37.64
N ALA D 17 -23.91 14.20 -38.12
CA ALA D 17 -24.61 15.31 -37.49
C ALA D 17 -26.12 15.07 -37.47
N GLU D 18 -26.63 14.29 -38.43
CA GLU D 18 -28.03 13.90 -38.40
C GLU D 18 -28.30 12.85 -37.33
N ASP D 19 -27.31 12.00 -37.04
CA ASP D 19 -27.45 11.06 -35.93
C ASP D 19 -27.54 11.80 -34.60
N ILE D 20 -26.75 12.86 -34.44
CA ILE D 20 -26.78 13.64 -33.22
C ILE D 20 -28.15 14.24 -32.99
N ARG D 21 -28.84 14.63 -34.06
CA ARG D 21 -30.20 15.13 -33.94
C ARG D 21 -31.20 14.00 -33.74
N GLN D 22 -30.92 12.82 -34.28
CA GLN D 22 -31.80 11.67 -34.07
C GLN D 22 -31.77 11.21 -32.62
N TRP D 23 -30.65 11.41 -31.93
CA TRP D 23 -30.56 11.05 -30.52
C TRP D 23 -31.22 12.10 -29.63
N SER D 24 -31.06 13.37 -29.99
CA SER D 24 -31.36 14.48 -29.06
C SER D 24 -32.85 14.68 -28.89
N TYR D 25 -33.28 14.76 -27.63
CA TYR D 25 -34.65 15.08 -27.26
C TYR D 25 -34.92 16.59 -27.23
N GLY D 26 -34.04 17.38 -27.79
CA GLY D 26 -34.21 18.83 -27.81
C GLY D 26 -32.86 19.53 -27.79
N GLU D 27 -32.87 20.79 -28.23
CA GLU D 27 -31.67 21.60 -28.28
C GLU D 27 -31.49 22.37 -26.98
N VAL D 28 -30.25 22.45 -26.51
CA VAL D 28 -29.90 23.20 -25.31
C VAL D 28 -29.58 24.63 -25.76
N LYS D 29 -30.57 25.52 -25.66
CA LYS D 29 -30.40 26.88 -26.15
C LYS D 29 -29.71 27.77 -25.11
N LYS D 30 -30.34 27.95 -23.95
CA LYS D 30 -29.81 28.85 -22.95
C LYS D 30 -28.61 28.22 -22.23
N PRO D 31 -27.68 29.04 -21.74
CA PRO D 31 -26.53 28.50 -21.00
C PRO D 31 -26.77 28.30 -19.51
N GLU D 32 -27.92 28.71 -18.99
CA GLU D 32 -28.18 28.57 -17.57
C GLU D 32 -28.28 27.10 -17.17
N THR D 33 -28.15 26.85 -15.87
CA THR D 33 -28.24 25.51 -15.32
C THR D 33 -29.57 25.30 -14.61
N ILE D 34 -29.67 25.78 -13.38
CA ILE D 34 -30.88 25.68 -12.58
C ILE D 34 -31.18 27.04 -11.95
N ASN D 35 -32.25 27.08 -11.16
CA ASN D 35 -32.53 28.21 -10.29
C ASN D 35 -31.96 27.92 -8.90
N TYR D 36 -31.35 28.93 -8.29
CA TYR D 36 -30.63 28.74 -7.04
C TYR D 36 -31.48 28.93 -5.80
N ARG D 37 -32.77 29.17 -5.95
CA ARG D 37 -33.70 29.19 -4.83
C ARG D 37 -34.64 27.98 -4.85
N THR D 38 -35.29 27.72 -5.97
CA THR D 38 -36.26 26.63 -6.08
C THR D 38 -35.62 25.31 -6.49
N LEU D 39 -34.33 25.31 -6.82
CA LEU D 39 -33.61 24.14 -7.34
C LEU D 39 -34.24 23.60 -8.62
N LYS D 40 -35.21 24.30 -9.18
CA LYS D 40 -35.84 23.88 -10.43
C LYS D 40 -34.96 24.27 -11.61
N PRO D 41 -34.66 23.35 -12.53
CA PRO D 41 -33.82 23.70 -13.67
C PRO D 41 -34.54 24.65 -14.62
N GLU D 42 -33.78 25.60 -15.16
CA GLU D 42 -34.34 26.57 -16.09
C GLU D 42 -34.65 25.91 -17.43
N LYS D 43 -35.70 26.41 -18.09
CA LYS D 43 -36.11 25.84 -19.36
C LYS D 43 -35.04 26.05 -20.42
N ASP D 44 -34.85 25.04 -21.28
CA ASP D 44 -33.90 25.03 -22.38
C ASP D 44 -32.45 25.15 -21.91
N GLY D 45 -32.20 24.98 -20.61
CA GLY D 45 -30.85 24.99 -20.08
C GLY D 45 -30.19 23.64 -20.14
N LEU D 46 -29.02 23.55 -19.51
CA LEU D 46 -28.25 22.31 -19.49
C LEU D 46 -28.91 21.22 -18.64
N PHE D 47 -29.96 21.55 -17.91
CA PHE D 47 -30.70 20.55 -17.11
C PHE D 47 -32.20 20.60 -17.40
N CYS D 48 -32.58 21.09 -18.58
CA CYS D 48 -34.00 21.29 -18.89
C CYS D 48 -34.77 19.98 -18.77
N GLU D 49 -35.89 20.04 -18.03
CA GLU D 49 -36.70 18.84 -17.84
C GLU D 49 -37.52 18.51 -19.09
N LYS D 50 -37.82 19.52 -19.93
CA LYS D 50 -38.47 19.24 -21.20
C LYS D 50 -37.57 18.42 -22.12
N ILE D 51 -36.26 18.59 -22.00
CA ILE D 51 -35.30 17.89 -22.86
C ILE D 51 -34.92 16.55 -22.24
N PHE D 52 -34.30 16.60 -21.07
CA PHE D 52 -33.66 15.43 -20.48
C PHE D 52 -34.62 14.55 -19.67
N GLY D 53 -35.49 15.17 -18.87
CA GLY D 53 -36.44 14.41 -18.08
C GLY D 53 -36.73 15.03 -16.74
N PRO D 54 -37.74 14.50 -16.05
CA PRO D 54 -38.17 15.11 -14.79
C PRO D 54 -37.17 14.88 -13.67
N THR D 55 -37.00 15.91 -12.83
CA THR D 55 -36.14 15.79 -11.67
C THR D 55 -36.62 14.68 -10.75
N ARG D 56 -37.91 14.69 -10.41
CA ARG D 56 -38.52 13.68 -9.57
C ARG D 56 -39.45 12.82 -10.41
N ASP D 57 -39.76 11.63 -9.89
CA ASP D 57 -40.59 10.69 -10.64
C ASP D 57 -42.01 11.21 -10.76
N TRP D 58 -42.53 11.20 -12.00
CA TRP D 58 -43.91 11.59 -12.32
C TRP D 58 -44.23 13.02 -11.90
N GLU D 59 -43.21 13.86 -11.69
CA GLU D 59 -43.40 15.27 -11.35
C GLU D 59 -42.90 16.13 -12.50
N CYS D 60 -43.78 16.97 -13.03
CA CYS D 60 -43.43 17.86 -14.13
C CYS D 60 -42.87 19.17 -13.58
N TYR D 61 -42.46 20.06 -14.50
CA TYR D 61 -41.83 21.32 -14.10
C TYR D 61 -42.86 22.29 -13.53
N CYS D 62 -43.93 22.56 -14.28
CA CYS D 62 -44.90 23.55 -13.85
C CYS D 62 -45.74 23.09 -12.67
N GLY D 63 -45.69 21.81 -12.31
CA GLY D 63 -46.40 21.31 -11.16
C GLY D 63 -47.84 20.89 -11.40
N LYS D 64 -48.26 20.80 -12.65
CA LYS D 64 -49.65 20.43 -12.93
C LYS D 64 -49.88 18.93 -12.76
N TYR D 65 -48.90 18.12 -13.15
CA TYR D 65 -49.00 16.66 -13.09
C TYR D 65 -47.98 16.15 -12.08
N LYS D 66 -48.46 15.75 -10.90
CA LYS D 66 -47.59 15.25 -9.84
C LYS D 66 -47.94 13.83 -9.41
N ARG D 67 -48.89 13.17 -10.07
CA ARG D 67 -49.37 11.87 -9.66
C ARG D 67 -49.05 10.83 -10.72
N VAL D 68 -49.12 9.55 -10.32
CA VAL D 68 -48.75 8.45 -11.19
C VAL D 68 -49.83 8.13 -12.23
N ARG D 69 -51.08 8.52 -11.98
CA ARG D 69 -52.16 8.16 -12.89
C ARG D 69 -51.97 8.79 -14.27
N PHE D 70 -51.29 9.93 -14.35
CA PHE D 70 -51.00 10.56 -15.63
C PHE D 70 -49.64 10.07 -16.14
N LYS D 71 -49.59 8.78 -16.46
CA LYS D 71 -48.34 8.15 -16.91
C LYS D 71 -48.21 8.29 -18.41
N GLY D 72 -47.19 9.02 -18.86
CA GLY D 72 -46.90 9.19 -20.27
C GLY D 72 -47.49 10.42 -20.92
N ILE D 73 -47.97 11.39 -20.14
CA ILE D 73 -48.61 12.58 -20.67
C ILE D 73 -47.55 13.64 -20.93
N ILE D 74 -47.52 14.19 -22.14
CA ILE D 74 -46.64 15.31 -22.45
C ILE D 74 -47.36 16.58 -22.00
N CYS D 75 -46.87 17.20 -20.92
CA CYS D 75 -47.51 18.40 -20.40
C CYS D 75 -47.48 19.52 -21.43
N GLU D 76 -48.60 20.23 -21.55
CA GLU D 76 -48.73 21.28 -22.57
C GLU D 76 -48.15 22.62 -22.13
N ARG D 77 -48.05 22.88 -20.83
CA ARG D 77 -47.61 24.17 -20.35
C ARG D 77 -46.10 24.25 -20.14
N CYS D 78 -45.45 23.12 -19.86
CA CYS D 78 -44.00 23.10 -19.68
C CYS D 78 -43.29 22.10 -20.59
N GLY D 79 -44.02 21.22 -21.26
CA GLY D 79 -43.41 20.32 -22.24
C GLY D 79 -42.63 19.16 -21.67
N VAL D 80 -42.78 18.86 -20.39
CA VAL D 80 -42.02 17.79 -19.75
C VAL D 80 -42.84 16.51 -19.78
N GLU D 81 -42.19 15.41 -20.13
CA GLU D 81 -42.82 14.09 -20.03
C GLU D 81 -42.90 13.68 -18.56
N VAL D 82 -43.70 12.66 -18.28
CA VAL D 82 -43.85 12.18 -16.91
C VAL D 82 -43.51 10.71 -16.81
N THR D 83 -42.21 10.41 -16.69
CA THR D 83 -41.75 9.08 -16.34
C THR D 83 -40.83 9.19 -15.12
N ARG D 84 -40.07 8.14 -14.85
CA ARG D 84 -39.14 8.20 -13.72
C ARG D 84 -37.91 9.01 -14.10
N ALA D 85 -37.21 9.50 -13.08
CA ALA D 85 -35.97 10.22 -13.29
C ALA D 85 -34.85 9.34 -13.81
N LYS D 86 -35.11 8.06 -14.07
CA LYS D 86 -34.10 7.20 -14.67
C LYS D 86 -33.77 7.62 -16.10
N VAL D 87 -34.68 8.33 -16.77
CA VAL D 87 -34.42 8.77 -18.13
C VAL D 87 -33.36 9.85 -18.20
N ARG D 88 -33.15 10.60 -17.11
CA ARG D 88 -32.09 11.61 -17.07
C ARG D 88 -30.69 11.00 -17.07
N ARG D 89 -30.57 9.68 -17.19
CA ARG D 89 -29.30 9.01 -17.34
C ARG D 89 -29.07 8.50 -18.76
N GLU D 90 -30.02 8.72 -19.67
CA GLU D 90 -29.92 8.17 -21.02
C GLU D 90 -30.45 9.07 -22.11
N ARG D 91 -31.20 10.13 -21.81
CA ARG D 91 -31.72 11.01 -22.85
C ARG D 91 -30.66 12.02 -23.23
N MET D 92 -30.29 12.03 -24.51
CA MET D 92 -29.26 12.91 -25.04
C MET D 92 -29.83 14.27 -25.44
N GLY D 93 -29.01 15.30 -25.29
CA GLY D 93 -29.28 16.60 -25.85
C GLY D 93 -28.31 16.92 -26.97
N HIS D 94 -28.46 18.13 -27.53
CA HIS D 94 -27.55 18.55 -28.57
C HIS D 94 -27.57 20.07 -28.67
N ILE D 95 -26.47 20.62 -29.20
CA ILE D 95 -26.34 22.04 -29.49
C ILE D 95 -26.19 22.20 -30.99
N GLU D 96 -27.05 23.01 -31.59
CA GLU D 96 -27.00 23.28 -33.01
C GLU D 96 -26.05 24.45 -33.25
N LEU D 97 -24.96 24.20 -33.96
CA LEU D 97 -23.91 25.20 -34.13
C LEU D 97 -24.24 26.14 -35.28
N ALA D 98 -23.94 27.42 -35.09
CA ALA D 98 -24.12 28.42 -36.13
C ALA D 98 -23.02 28.39 -37.17
N ALA D 99 -21.94 27.65 -36.94
CA ALA D 99 -20.84 27.51 -37.88
C ALA D 99 -20.27 26.10 -37.71
N PRO D 100 -19.98 25.41 -38.81
CA PRO D 100 -19.42 24.06 -38.70
C PRO D 100 -18.12 24.06 -37.91
N VAL D 101 -17.81 22.92 -37.31
CA VAL D 101 -16.65 22.77 -36.44
C VAL D 101 -16.06 21.39 -36.67
N THR D 102 -14.75 21.26 -36.44
CA THR D 102 -14.05 20.01 -36.67
C THR D 102 -13.85 19.25 -35.36
N HIS D 103 -13.93 17.93 -35.44
CA HIS D 103 -13.67 17.08 -34.29
C HIS D 103 -12.16 17.02 -34.03
N ILE D 104 -11.74 17.50 -32.86
CA ILE D 104 -10.32 17.61 -32.55
C ILE D 104 -9.62 16.25 -32.60
N TRP D 105 -10.37 15.16 -32.45
CA TRP D 105 -9.76 13.83 -32.48
C TRP D 105 -9.15 13.52 -33.84
N TYR D 106 -9.70 14.08 -34.92
CA TYR D 106 -9.23 13.77 -36.26
C TYR D 106 -8.36 14.87 -36.87
N PHE D 107 -8.29 16.04 -36.23
CA PHE D 107 -7.39 17.10 -36.68
C PHE D 107 -6.06 17.08 -35.91
N LYS D 108 -6.12 17.19 -34.59
CA LYS D 108 -4.92 17.30 -33.77
C LYS D 108 -4.36 15.94 -33.36
N GLY D 109 -5.19 14.91 -33.33
CA GLY D 109 -4.71 13.57 -33.01
C GLY D 109 -3.72 13.06 -34.03
N VAL D 110 -2.59 12.52 -33.56
CA VAL D 110 -1.51 12.11 -34.46
C VAL D 110 -1.68 10.65 -34.84
N PRO D 111 -1.58 10.31 -36.14
CA PRO D 111 -1.36 11.26 -37.23
C PRO D 111 -2.65 11.95 -37.64
N SER D 112 -2.55 13.19 -38.11
CA SER D 112 -3.74 13.98 -38.47
C SER D 112 -4.53 13.29 -39.57
N ARG D 113 -5.72 12.81 -39.24
CA ARG D 113 -6.53 12.07 -40.20
C ARG D 113 -6.98 12.95 -41.37
N LEU D 114 -7.30 14.21 -41.08
CA LEU D 114 -7.67 15.13 -42.15
C LEU D 114 -6.48 15.42 -43.05
N GLY D 115 -5.30 15.61 -42.47
CA GLY D 115 -4.11 15.86 -43.27
C GLY D 115 -3.76 14.70 -44.20
N TYR D 116 -4.10 13.48 -43.78
CA TYR D 116 -3.88 12.31 -44.64
C TYR D 116 -4.94 12.22 -45.72
N LEU D 117 -6.15 12.70 -45.46
CA LEU D 117 -7.22 12.63 -46.45
C LEU D 117 -7.04 13.67 -47.54
N LEU D 118 -6.75 14.92 -47.16
CA LEU D 118 -6.65 16.03 -48.10
C LEU D 118 -5.21 16.33 -48.50
N ASP D 119 -4.26 15.49 -48.11
CA ASP D 119 -2.84 15.67 -48.44
C ASP D 119 -2.31 17.02 -47.97
N LEU D 120 -2.92 17.58 -46.94
CA LEU D 120 -2.54 18.86 -46.39
C LEU D 120 -1.61 18.67 -45.19
N ALA D 121 -0.58 19.51 -45.12
CA ALA D 121 0.34 19.43 -43.99
C ALA D 121 -0.39 19.76 -42.69
N PRO D 122 0.06 19.19 -41.56
CA PRO D 122 -0.61 19.48 -40.29
C PRO D 122 -0.59 20.95 -39.91
N LYS D 123 0.54 21.64 -40.12
CA LYS D 123 0.60 23.05 -39.74
C LYS D 123 -0.27 23.91 -40.66
N ASP D 124 -0.30 23.58 -41.95
CA ASP D 124 -1.18 24.28 -42.86
C ASP D 124 -2.64 24.09 -42.48
N LEU D 125 -3.00 22.88 -42.04
CA LEU D 125 -4.36 22.63 -41.58
C LEU D 125 -4.67 23.38 -40.31
N GLU D 126 -3.67 23.58 -39.44
CA GLU D 126 -3.88 24.35 -38.23
C GLU D 126 -4.16 25.81 -38.55
N LYS D 127 -3.49 26.36 -39.57
CA LYS D 127 -3.72 27.75 -39.97
C LYS D 127 -5.12 27.93 -40.55
N ILE D 128 -5.64 26.93 -41.26
CA ILE D 128 -6.94 27.08 -41.92
C ILE D 128 -8.06 27.08 -40.89
N ILE D 129 -8.07 26.09 -39.99
CA ILE D 129 -9.21 25.89 -39.09
C ILE D 129 -9.36 27.07 -38.15
N TYR D 130 -8.25 27.61 -37.65
CA TYR D 130 -8.27 28.64 -36.63
C TYR D 130 -8.09 30.04 -37.20
N PHE D 131 -8.44 30.23 -38.48
CA PHE D 131 -8.57 31.55 -39.10
C PHE D 131 -7.25 32.31 -39.09
N ALA D 132 -6.20 31.65 -39.56
CA ALA D 132 -4.91 32.30 -39.80
C ALA D 132 -4.52 32.33 -41.26
N ALA D 133 -5.24 31.61 -42.13
CA ALA D 133 -4.92 31.58 -43.55
C ALA D 133 -6.17 31.13 -44.31
N TYR D 134 -6.47 31.81 -45.41
CA TYR D 134 -7.53 31.35 -46.30
C TYR D 134 -7.05 30.13 -47.09
N VAL D 135 -8.02 29.39 -47.64
CA VAL D 135 -7.73 28.26 -48.50
C VAL D 135 -8.63 28.33 -49.72
N ILE D 136 -8.09 27.99 -50.88
CA ILE D 136 -8.84 28.05 -52.13
C ILE D 136 -9.67 26.78 -52.26
N THR D 137 -10.99 26.95 -52.37
CA THR D 137 -11.88 25.81 -52.52
C THR D 137 -12.13 25.44 -53.97
N SER D 138 -12.24 26.44 -54.84
CA SER D 138 -12.52 26.20 -56.25
C SER D 138 -12.00 27.37 -57.06
N VAL D 139 -11.65 27.09 -58.31
CA VAL D 139 -11.16 28.10 -59.24
C VAL D 139 -11.65 27.74 -60.65
N ASP D 140 -12.32 28.69 -61.30
CA ASP D 140 -12.84 28.50 -62.66
C ASP D 140 -11.67 28.62 -63.63
N GLU D 141 -10.99 27.50 -63.87
CA GLU D 141 -9.75 27.54 -64.65
C GLU D 141 -10.01 27.85 -66.12
N GLU D 142 -11.18 27.50 -66.64
CA GLU D 142 -11.46 27.81 -68.04
C GLU D 142 -11.82 29.28 -68.22
N MET D 143 -12.61 29.84 -67.31
CA MET D 143 -12.90 31.27 -67.37
C MET D 143 -11.62 32.08 -67.24
N ARG D 144 -10.69 31.61 -66.40
CA ARG D 144 -9.40 32.29 -66.26
C ARG D 144 -8.62 32.25 -67.57
N HIS D 145 -8.69 31.14 -68.29
CA HIS D 145 -7.96 31.03 -69.55
C HIS D 145 -8.56 31.92 -70.63
N ASN D 146 -9.90 32.01 -70.68
CA ASN D 146 -10.57 32.82 -71.68
C ASN D 146 -10.49 34.32 -71.39
N GLU D 147 -9.97 34.71 -70.23
CA GLU D 147 -9.80 36.11 -69.89
C GLU D 147 -8.37 36.43 -69.45
N LEU D 148 -7.42 35.53 -69.69
CA LEU D 148 -6.06 35.75 -69.20
C LEU D 148 -5.38 36.88 -69.96
N SER D 149 -5.60 36.96 -71.27
CA SER D 149 -4.95 38.00 -72.07
C SER D 149 -5.41 39.39 -71.66
N THR D 150 -6.71 39.54 -71.33
CA THR D 150 -7.22 40.85 -70.96
C THR D 150 -6.76 41.25 -69.57
N LEU D 151 -6.78 40.31 -68.62
CA LEU D 151 -6.33 40.62 -67.27
C LEU D 151 -4.83 40.87 -67.22
N GLU D 152 -4.07 40.25 -68.13
CA GLU D 152 -2.63 40.47 -68.16
C GLU D 152 -2.31 41.88 -68.65
N ALA D 153 -3.02 42.37 -69.65
CA ALA D 153 -2.77 43.72 -70.15
C ALA D 153 -3.16 44.77 -69.12
N GLU D 154 -4.29 44.56 -68.44
CA GLU D 154 -4.69 45.50 -67.40
C GLU D 154 -3.68 45.54 -66.26
N MET D 155 -3.14 44.37 -65.90
CA MET D 155 -2.10 44.34 -64.87
C MET D 155 -0.82 44.99 -65.35
N ALA D 156 -0.48 44.80 -66.63
CA ALA D 156 0.71 45.44 -67.18
C ALA D 156 0.54 46.96 -67.24
N VAL D 157 -0.66 47.43 -67.60
CA VAL D 157 -0.92 48.87 -67.62
C VAL D 157 -0.84 49.44 -66.21
N GLU D 158 -1.32 48.68 -65.22
CA GLU D 158 -1.26 49.16 -63.84
C GLU D 158 0.18 49.24 -63.34
N ARG D 159 1.02 48.28 -63.72
CA ARG D 159 2.42 48.33 -63.33
C ARG D 159 3.14 49.48 -64.03
N LYS D 160 2.78 49.76 -65.29
CA LYS D 160 3.39 50.87 -66.00
C LYS D 160 3.03 52.20 -65.36
N ALA D 161 1.75 52.38 -64.98
CA ALA D 161 1.34 53.62 -64.34
C ALA D 161 1.97 53.79 -62.97
N VAL D 162 2.34 52.69 -62.31
CA VAL D 162 3.04 52.79 -61.03
C VAL D 162 4.48 53.23 -61.25
N GLU D 163 5.12 52.72 -62.31
CA GLU D 163 6.49 53.14 -62.60
C GLU D 163 6.55 54.57 -63.10
N ASP D 164 5.57 54.99 -63.91
CA ASP D 164 5.55 56.36 -64.41
C ASP D 164 5.36 57.35 -63.27
N GLN D 165 4.54 57.00 -62.28
CA GLN D 165 4.35 57.88 -61.14
C GLN D 165 5.60 57.95 -60.27
N ARG D 166 6.32 56.83 -60.15
CA ARG D 166 7.55 56.82 -59.37
C ARG D 166 8.61 57.71 -60.01
N ASP D 167 8.85 57.52 -61.32
CA ASP D 167 9.90 58.30 -61.99
C ASP D 167 9.56 59.78 -62.02
N GLY D 168 8.28 60.13 -62.12
CA GLY D 168 7.91 61.54 -62.08
C GLY D 168 8.13 62.15 -60.71
N GLU D 169 7.77 61.42 -59.65
CA GLU D 169 7.98 61.93 -58.30
C GLU D 169 9.46 62.02 -57.98
N LEU D 170 10.26 61.07 -58.47
CA LEU D 170 11.70 61.09 -58.22
C LEU D 170 12.36 62.27 -58.93
N GLU D 171 11.87 62.62 -60.12
CA GLU D 171 12.45 63.75 -60.85
C GLU D 171 12.15 65.07 -60.14
N ALA D 172 10.90 65.26 -59.72
CA ALA D 172 10.54 66.48 -59.01
C ALA D 172 11.35 66.63 -57.73
N ARG D 173 11.60 65.53 -57.04
CA ARG D 173 12.38 65.59 -55.81
C ARG D 173 13.86 65.85 -56.11
N ALA D 174 14.40 65.19 -57.14
CA ALA D 174 15.81 65.38 -57.47
C ALA D 174 16.07 66.79 -57.98
N GLN D 175 15.10 67.40 -58.68
CA GLN D 175 15.27 68.77 -59.14
C GLN D 175 15.10 69.77 -58.00
N LYS D 176 14.20 69.49 -57.07
CA LYS D 176 14.09 70.33 -55.88
C LYS D 176 15.34 70.27 -55.03
N LEU D 177 15.98 69.09 -54.97
CA LEU D 177 17.24 68.97 -54.24
C LEU D 177 18.33 69.80 -54.89
N GLU D 178 18.47 69.68 -56.21
CA GLU D 178 19.53 70.42 -56.91
C GLU D 178 19.28 71.92 -56.87
N ALA D 179 18.01 72.34 -56.80
CA ALA D 179 17.70 73.77 -56.69
C ALA D 179 17.93 74.29 -55.28
N ASP D 180 17.67 73.46 -54.27
CA ASP D 180 17.92 73.87 -52.89
C ASP D 180 19.41 74.00 -52.61
N LEU D 181 20.21 73.07 -53.16
CA LEU D 181 21.66 73.17 -52.98
C LEU D 181 22.21 74.40 -53.68
N ALA D 182 21.67 74.73 -54.86
CA ALA D 182 22.10 75.94 -55.55
C ALA D 182 21.64 77.20 -54.82
N GLU D 183 20.52 77.12 -54.12
CA GLU D 183 20.04 78.27 -53.35
C GLU D 183 20.84 78.45 -52.07
N LEU D 184 21.18 77.36 -51.39
CA LEU D 184 22.04 77.43 -50.22
C LEU D 184 23.50 77.72 -50.59
N GLU D 185 23.86 77.60 -51.87
CA GLU D 185 25.19 78.02 -52.31
C GLU D 185 25.23 79.52 -52.58
N ALA D 186 24.14 80.08 -53.12
CA ALA D 186 24.03 81.53 -53.27
C ALA D 186 24.00 82.21 -51.91
N GLU D 187 23.40 81.56 -50.90
CA GLU D 187 23.43 82.08 -49.54
C GLU D 187 24.82 81.97 -48.92
N GLY D 188 25.71 81.18 -49.51
CA GLY D 188 27.08 81.10 -49.03
C GLY D 188 27.31 80.18 -47.87
N ALA D 189 26.38 79.27 -47.58
CA ALA D 189 26.55 78.35 -46.46
C ALA D 189 27.75 77.43 -46.70
N LYS D 190 28.30 76.93 -45.61
CA LYS D 190 29.45 76.04 -45.69
C LYS D 190 29.09 74.76 -46.42
N ALA D 191 30.06 74.22 -47.16
CA ALA D 191 29.80 73.05 -48.00
C ALA D 191 29.39 71.84 -47.17
N ASP D 192 29.80 71.79 -45.90
CA ASP D 192 29.40 70.66 -45.06
C ASP D 192 27.92 70.71 -44.75
N ALA D 193 27.35 71.92 -44.62
CA ALA D 193 25.90 72.03 -44.45
C ALA D 193 25.16 71.60 -45.71
N ARG D 194 25.75 71.85 -46.89
CA ARG D 194 25.14 71.35 -48.13
C ARG D 194 25.14 69.84 -48.16
N ARG D 195 26.21 69.21 -47.67
CA ARG D 195 26.28 67.76 -47.63
C ARG D 195 25.18 67.18 -46.74
N LYS D 196 24.74 67.94 -45.74
CA LYS D 196 23.60 67.50 -44.92
C LYS D 196 22.30 67.55 -45.72
N VAL D 197 22.09 68.62 -46.48
CA VAL D 197 20.91 68.70 -47.33
C VAL D 197 21.02 67.70 -48.48
N ARG D 198 22.24 67.41 -48.93
CA ARG D 198 22.43 66.42 -49.98
C ARG D 198 22.08 65.02 -49.48
N ASP D 199 22.61 64.64 -48.32
CA ASP D 199 22.31 63.31 -47.78
C ASP D 199 20.85 63.17 -47.40
N GLY D 200 20.19 64.27 -47.03
CA GLY D 200 18.76 64.21 -46.77
C GLY D 200 17.94 64.02 -48.02
N GLY D 201 18.36 64.65 -49.12
CA GLY D 201 17.68 64.43 -50.38
C GLY D 201 17.84 63.01 -50.89
N GLU D 202 19.06 62.47 -50.82
CA GLU D 202 19.29 61.09 -51.22
C GLU D 202 18.50 60.13 -50.34
N ARG D 203 18.31 60.49 -49.05
CA ARG D 203 17.50 59.64 -48.18
C ARG D 203 16.03 59.70 -48.57
N GLU D 204 15.55 60.88 -48.98
CA GLU D 204 14.15 61.00 -49.39
C GLU D 204 13.89 60.28 -50.70
N MET D 205 14.82 60.39 -51.65
CA MET D 205 14.64 59.70 -52.93
C MET D 205 14.70 58.19 -52.77
N ARG D 206 15.54 57.70 -51.86
CA ARG D 206 15.59 56.27 -51.58
C ARG D 206 14.25 55.79 -51.02
N GLN D 207 13.62 56.59 -50.16
CA GLN D 207 12.32 56.22 -49.62
C GLN D 207 11.26 56.17 -50.72
N ILE D 208 11.26 57.15 -51.63
CA ILE D 208 10.28 57.18 -52.69
C ILE D 208 10.44 55.97 -53.62
N ARG D 209 11.69 55.64 -53.96
CA ARG D 209 11.94 54.50 -54.83
C ARG D 209 11.53 53.19 -54.14
N ASP D 210 11.75 53.09 -52.84
CA ASP D 210 11.38 51.87 -52.13
C ASP D 210 9.87 51.76 -51.95
N ARG D 211 9.20 52.86 -51.62
CA ARG D 211 7.74 52.83 -51.51
C ARG D 211 7.09 52.40 -52.81
N ALA D 212 7.72 52.69 -53.95
CA ALA D 212 7.19 52.27 -55.23
C ALA D 212 7.53 50.81 -55.52
N GLN D 213 8.74 50.37 -55.14
CA GLN D 213 9.13 48.99 -55.38
C GLN D 213 8.26 48.02 -54.61
N ARG D 214 7.87 48.39 -53.39
CA ARG D 214 6.98 47.54 -52.60
C ARG D 214 5.62 47.39 -53.28
N GLU D 215 5.13 48.47 -53.89
CA GLU D 215 3.87 48.39 -54.63
C GLU D 215 4.03 47.53 -55.89
N LEU D 216 5.20 47.62 -56.53
CA LEU D 216 5.45 46.79 -57.70
C LEU D 216 5.56 45.31 -57.33
N ASP D 217 6.09 45.01 -56.15
CA ASP D 217 6.22 43.62 -55.73
C ASP D 217 4.89 43.02 -55.30
N ARG D 218 4.00 43.82 -54.71
CA ARG D 218 2.66 43.32 -54.41
C ARG D 218 1.93 42.94 -55.69
N LEU D 219 1.93 43.83 -56.69
CA LEU D 219 1.30 43.52 -57.96
C LEU D 219 1.96 42.34 -58.65
N GLU D 220 3.22 42.04 -58.34
CA GLU D 220 3.86 40.85 -58.89
C GLU D 220 3.36 39.60 -58.18
N ASP D 221 3.15 39.68 -56.85
CA ASP D 221 2.62 38.53 -56.12
C ASP D 221 1.15 38.33 -56.41
N ILE D 222 0.39 39.42 -56.56
CA ILE D 222 -1.04 39.31 -56.88
C ILE D 222 -1.23 38.61 -58.22
N TRP D 223 -0.45 39.01 -59.22
CA TRP D 223 -0.56 38.38 -60.53
C TRP D 223 0.00 36.96 -60.51
N SER D 224 1.09 36.73 -59.77
CA SER D 224 1.66 35.39 -59.69
C SER D 224 0.69 34.43 -59.00
N THR D 225 0.02 34.88 -57.94
CA THR D 225 -0.88 34.01 -57.21
C THR D 225 -2.10 33.64 -58.04
N PHE D 226 -2.70 34.64 -58.71
CA PHE D 226 -3.89 34.36 -59.51
C PHE D 226 -3.58 33.47 -60.71
N THR D 227 -2.37 33.60 -61.27
CA THR D 227 -2.01 32.77 -62.42
C THR D 227 -1.87 31.30 -62.03
N LYS D 228 -1.25 31.04 -60.88
CA LYS D 228 -1.05 29.68 -60.41
C LYS D 228 -1.99 29.34 -59.26
N LEU D 229 -3.29 29.57 -59.45
CA LEU D 229 -4.29 29.36 -58.41
C LEU D 229 -4.99 28.04 -58.64
N ALA D 230 -4.92 27.15 -57.65
CA ALA D 230 -5.53 25.83 -57.69
C ALA D 230 -6.19 25.58 -56.34
N PRO D 231 -7.14 24.63 -56.29
CA PRO D 231 -7.76 24.30 -54.99
C PRO D 231 -6.74 23.72 -54.01
N LYS D 232 -7.10 23.82 -52.73
CA LYS D 232 -6.29 23.40 -51.59
C LYS D 232 -5.04 24.25 -51.39
N GLN D 233 -4.93 25.38 -52.09
CA GLN D 233 -3.83 26.30 -51.85
C GLN D 233 -4.14 27.21 -50.68
N LEU D 234 -3.09 27.58 -49.94
CA LEU D 234 -3.23 28.43 -48.76
C LEU D 234 -2.67 29.82 -49.02
N ILE D 235 -3.34 30.82 -48.48
CA ILE D 235 -2.95 32.22 -48.62
C ILE D 235 -2.88 32.78 -47.20
N VAL D 236 -1.67 32.82 -46.64
CA VAL D 236 -1.52 33.27 -45.26
C VAL D 236 -1.66 34.78 -45.15
N ASP D 237 -1.31 35.51 -46.20
CA ASP D 237 -1.42 36.97 -46.19
C ASP D 237 -2.88 37.36 -46.41
N GLU D 238 -3.46 38.06 -45.44
CA GLU D 238 -4.86 38.45 -45.54
C GLU D 238 -5.07 39.60 -46.51
N ASN D 239 -4.12 40.51 -46.62
CA ASN D 239 -4.25 41.60 -47.59
C ASN D 239 -4.12 41.08 -49.02
N LEU D 240 -3.25 40.08 -49.24
CA LEU D 240 -3.13 39.48 -50.56
C LEU D 240 -4.44 38.83 -50.98
N TYR D 241 -5.05 38.06 -50.09
CA TYR D 241 -6.35 37.45 -50.41
C TYR D 241 -7.42 38.51 -50.62
N ARG D 242 -7.34 39.62 -49.88
CA ARG D 242 -8.31 40.69 -50.07
C ARG D 242 -8.17 41.32 -51.45
N GLU D 243 -6.93 41.44 -51.95
CA GLU D 243 -6.73 41.96 -53.30
C GLU D 243 -7.23 40.97 -54.35
N LEU D 244 -6.99 39.68 -54.13
CA LEU D 244 -7.43 38.67 -55.10
C LEU D 244 -8.94 38.68 -55.28
N VAL D 245 -9.67 38.82 -54.18
CA VAL D 245 -11.14 38.88 -54.27
C VAL D 245 -11.58 40.19 -54.90
N ASP D 246 -10.89 41.28 -54.57
CA ASP D 246 -11.24 42.58 -55.14
C ASP D 246 -11.02 42.62 -56.64
N ARG D 247 -10.06 41.85 -57.15
CA ARG D 247 -9.73 41.88 -58.57
C ARG D 247 -10.38 40.72 -59.31
N TYR D 248 -9.98 39.50 -58.99
CA TYR D 248 -10.39 38.31 -59.72
C TYR D 248 -11.37 37.45 -58.92
N GLY D 249 -12.24 38.10 -58.16
CA GLY D 249 -13.19 37.36 -57.34
C GLY D 249 -14.17 36.52 -58.15
N GLU D 250 -14.44 36.95 -59.39
CA GLU D 250 -15.34 36.20 -60.27
C GLU D 250 -14.78 34.84 -60.68
N TYR D 251 -13.51 34.57 -60.43
CA TYR D 251 -12.84 33.42 -61.00
C TYR D 251 -12.56 32.30 -60.02
N PHE D 252 -12.47 32.60 -58.72
CA PHE D 252 -12.15 31.59 -57.72
C PHE D 252 -13.08 31.74 -56.53
N THR D 253 -13.07 30.73 -55.67
CA THR D 253 -13.84 30.74 -54.42
C THR D 253 -12.96 30.21 -53.30
N GLY D 254 -12.77 31.02 -52.26
CA GLY D 254 -11.99 30.62 -51.11
C GLY D 254 -12.77 30.84 -49.82
N ALA D 255 -12.24 30.27 -48.75
CA ALA D 255 -12.89 30.36 -47.45
C ALA D 255 -11.87 30.09 -46.35
N MET D 256 -12.30 30.30 -45.12
CA MET D 256 -11.47 30.15 -43.93
C MET D 256 -12.16 29.20 -42.96
N GLY D 257 -11.47 28.90 -41.86
CA GLY D 257 -12.07 28.15 -40.77
C GLY D 257 -12.42 26.72 -41.12
N ALA D 258 -13.36 26.16 -40.34
CA ALA D 258 -13.77 24.78 -40.51
C ALA D 258 -14.72 24.60 -41.69
N GLU D 259 -15.57 25.60 -41.96
CA GLU D 259 -16.52 25.50 -43.06
C GLU D 259 -15.80 25.31 -44.39
N SER D 260 -14.58 25.82 -44.52
CA SER D 260 -13.81 25.62 -45.74
C SER D 260 -13.42 24.15 -45.90
N ILE D 261 -12.91 23.53 -44.83
CA ILE D 261 -12.54 22.12 -44.89
C ILE D 261 -13.77 21.26 -45.17
N GLN D 262 -14.92 21.64 -44.60
CA GLN D 262 -16.17 20.98 -44.94
C GLN D 262 -16.44 21.03 -46.43
N LYS D 263 -16.06 22.12 -47.09
CA LYS D 263 -16.23 22.23 -48.53
C LYS D 263 -15.17 21.44 -49.30
N LEU D 264 -13.95 21.34 -48.75
CA LEU D 264 -12.92 20.54 -49.41
C LEU D 264 -13.25 19.06 -49.35
N ILE D 265 -13.81 18.59 -48.23
CA ILE D 265 -14.22 17.20 -48.13
C ILE D 265 -15.37 16.91 -49.08
N GLU D 266 -16.26 17.89 -49.28
CA GLU D 266 -17.36 17.72 -50.22
C GLU D 266 -16.83 17.66 -51.66
N ASN D 267 -15.94 18.58 -52.02
CA ASN D 267 -15.32 18.59 -53.34
C ASN D 267 -14.07 17.71 -53.35
N PHE D 268 -14.27 16.44 -52.98
CA PHE D 268 -13.17 15.49 -52.87
C PHE D 268 -13.62 14.16 -53.47
N ASP D 269 -12.86 13.67 -54.45
CA ASP D 269 -13.15 12.39 -55.08
C ASP D 269 -12.46 11.28 -54.30
N ILE D 270 -13.25 10.49 -53.57
CA ILE D 270 -12.69 9.45 -52.73
C ILE D 270 -12.06 8.36 -53.58
N ASP D 271 -12.77 7.90 -54.62
CA ASP D 271 -12.26 6.80 -55.44
C ASP D 271 -11.05 7.21 -56.25
N ALA D 272 -11.05 8.43 -56.80
CA ALA D 272 -9.92 8.87 -57.60
C ALA D 272 -8.67 9.04 -56.76
N GLU D 273 -8.78 9.71 -55.60
CA GLU D 273 -7.64 9.87 -54.72
C GLU D 273 -7.16 8.54 -54.17
N ALA D 274 -8.07 7.57 -54.03
CA ALA D 274 -7.65 6.23 -53.61
C ALA D 274 -6.81 5.56 -54.69
N GLU D 275 -7.29 5.58 -55.94
CA GLU D 275 -6.54 4.94 -57.02
C GLU D 275 -5.28 5.73 -57.37
N SER D 276 -5.29 7.05 -57.14
CA SER D 276 -4.07 7.83 -57.33
C SER D 276 -2.99 7.42 -56.35
N LEU D 277 -3.38 7.12 -55.11
CA LEU D 277 -2.43 6.60 -54.14
C LEU D 277 -1.98 5.19 -54.51
N ARG D 278 -2.89 4.38 -55.06
CA ARG D 278 -2.54 3.03 -55.46
C ARG D 278 -1.53 3.04 -56.60
N ASP D 279 -1.70 3.95 -57.56
CA ASP D 279 -0.73 4.05 -58.65
C ASP D 279 0.65 4.41 -58.13
N VAL D 280 0.72 5.28 -57.12
CA VAL D 280 2.00 5.59 -56.50
C VAL D 280 2.53 4.40 -55.71
N ILE D 281 1.63 3.59 -55.15
CA ILE D 281 2.04 2.47 -54.32
C ILE D 281 2.57 1.32 -55.18
N ARG D 282 1.95 1.07 -56.32
CA ARG D 282 2.35 -0.06 -57.17
C ARG D 282 3.81 0.07 -57.60
N ASN D 283 4.21 1.26 -58.04
CA ASN D 283 5.58 1.50 -58.48
C ASN D 283 6.02 2.85 -57.91
N GLY D 284 6.90 2.81 -56.91
CA GLY D 284 7.35 4.03 -56.29
C GLY D 284 8.57 3.80 -55.43
N LYS D 285 9.20 4.90 -55.04
CA LYS D 285 10.38 4.88 -54.20
C LYS D 285 9.98 4.84 -52.73
N GLY D 286 10.58 3.92 -51.97
CA GLY D 286 10.19 3.73 -50.58
C GLY D 286 10.24 4.99 -49.74
N GLN D 287 11.12 5.93 -50.10
CA GLN D 287 11.18 7.20 -49.40
C GLN D 287 9.86 7.96 -49.51
N LYS D 288 9.28 7.99 -50.71
CA LYS D 288 8.03 8.69 -50.96
C LYS D 288 6.84 7.75 -51.09
N LYS D 289 7.05 6.45 -50.95
CA LYS D 289 5.97 5.47 -51.02
C LYS D 289 5.36 5.18 -49.66
N LEU D 290 6.18 5.07 -48.62
CA LEU D 290 5.67 4.83 -47.27
C LEU D 290 4.69 5.92 -46.87
N ARG D 291 4.99 7.16 -47.22
CA ARG D 291 4.07 8.26 -46.93
C ARG D 291 2.78 8.14 -47.73
N ALA D 292 2.80 7.43 -48.86
CA ALA D 292 1.58 7.18 -49.63
C ALA D 292 0.84 5.94 -49.14
N LEU D 293 1.57 4.99 -48.54
CA LEU D 293 0.92 3.80 -47.98
C LEU D 293 -0.01 4.18 -46.83
N LYS D 294 0.50 4.95 -45.87
CA LYS D 294 -0.30 5.32 -44.72
C LYS D 294 -1.47 6.22 -45.10
N ARG D 295 -1.31 7.02 -46.18
CA ARG D 295 -2.43 7.80 -46.67
C ARG D 295 -3.56 6.92 -47.17
N LEU D 296 -3.22 5.85 -47.91
CA LEU D 296 -4.23 4.92 -48.37
C LEU D 296 -4.94 4.24 -47.20
N LYS D 297 -4.22 4.02 -46.10
CA LYS D 297 -4.83 3.40 -44.92
C LYS D 297 -6.01 4.21 -44.43
N VAL D 298 -5.94 5.54 -44.53
CA VAL D 298 -7.04 6.38 -44.09
C VAL D 298 -8.09 6.52 -45.20
N VAL D 299 -7.65 6.66 -46.44
CA VAL D 299 -8.58 6.91 -47.54
C VAL D 299 -9.38 5.65 -47.86
N ALA D 300 -8.71 4.49 -47.89
CA ALA D 300 -9.42 3.25 -48.21
C ALA D 300 -10.48 2.91 -47.17
N ALA D 301 -10.29 3.37 -45.94
CA ALA D 301 -11.28 3.13 -44.90
C ALA D 301 -12.59 3.84 -45.20
N PHE D 302 -12.51 5.08 -45.67
CA PHE D 302 -13.72 5.82 -46.05
C PHE D 302 -14.32 5.30 -47.35
N GLN D 303 -13.51 4.68 -48.21
CA GLN D 303 -14.02 4.19 -49.48
C GLN D 303 -14.88 2.95 -49.30
N GLN D 304 -14.33 1.91 -48.66
CA GLN D 304 -15.04 0.64 -48.55
C GLN D 304 -16.23 0.73 -47.62
N SER D 305 -16.06 1.35 -46.45
CA SER D 305 -17.05 1.23 -45.39
C SER D 305 -18.39 1.84 -45.77
N GLY D 306 -18.38 2.90 -46.59
CA GLY D 306 -19.61 3.54 -46.98
C GLY D 306 -20.06 4.68 -46.09
N ASN D 307 -19.26 5.05 -45.09
CA ASN D 307 -19.53 6.23 -44.29
C ASN D 307 -18.73 7.40 -44.85
N SER D 308 -19.34 8.59 -44.85
CA SER D 308 -18.71 9.74 -45.46
C SER D 308 -17.68 10.35 -44.51
N PRO D 309 -16.55 10.83 -45.03
CA PRO D 309 -15.60 11.58 -44.18
C PRO D 309 -16.17 12.88 -43.66
N MET D 310 -17.36 13.29 -44.11
CA MET D 310 -17.97 14.53 -43.65
C MET D 310 -18.24 14.52 -42.16
N GLY D 311 -18.29 13.33 -41.54
CA GLY D 311 -18.53 13.25 -40.11
C GLY D 311 -17.44 13.87 -39.26
N MET D 312 -16.23 14.05 -39.82
CA MET D 312 -15.14 14.69 -39.10
C MET D 312 -15.39 16.17 -38.88
N VAL D 313 -16.34 16.77 -39.60
CA VAL D 313 -16.76 18.14 -39.37
C VAL D 313 -18.18 18.11 -38.81
N LEU D 314 -18.38 18.79 -37.69
CA LEU D 314 -19.64 18.70 -36.96
C LEU D 314 -20.51 19.93 -37.20
N ASP D 315 -21.80 19.69 -37.41
CA ASP D 315 -22.79 20.76 -37.43
C ASP D 315 -23.57 20.84 -36.12
N ALA D 316 -23.67 19.74 -35.38
CA ALA D 316 -24.29 19.72 -34.07
C ALA D 316 -23.45 18.84 -33.15
N VAL D 317 -23.37 19.23 -31.89
CA VAL D 317 -22.60 18.52 -30.87
C VAL D 317 -23.59 17.91 -29.88
N PRO D 318 -23.44 16.65 -29.50
CA PRO D 318 -24.36 16.04 -28.54
C PRO D 318 -24.03 16.43 -27.12
N VAL D 319 -25.06 16.44 -26.28
CA VAL D 319 -24.94 16.76 -24.86
C VAL D 319 -25.20 15.48 -24.07
N ILE D 320 -24.27 15.13 -23.18
CA ILE D 320 -24.37 13.91 -22.38
C ILE D 320 -25.46 14.11 -21.32
N PRO D 321 -26.21 13.07 -20.97
CA PRO D 321 -27.33 13.26 -20.04
C PRO D 321 -26.84 13.85 -18.73
N PRO D 322 -27.73 14.57 -18.01
CA PRO D 322 -27.27 15.35 -16.85
C PRO D 322 -26.75 14.50 -15.70
N GLU D 323 -27.31 13.32 -15.48
CA GLU D 323 -26.87 12.50 -14.35
C GLU D 323 -25.43 12.05 -14.49
N LEU D 324 -24.89 12.03 -15.70
CA LEU D 324 -23.49 11.70 -15.92
C LEU D 324 -22.57 12.91 -15.76
N ARG D 325 -23.12 14.09 -15.54
CA ARG D 325 -22.36 15.31 -15.27
C ARG D 325 -23.06 16.08 -14.15
N PRO D 326 -23.31 15.46 -13.00
CA PRO D 326 -24.29 16.01 -12.05
C PRO D 326 -23.76 17.24 -11.32
N MET D 327 -24.70 18.04 -10.83
CA MET D 327 -24.42 19.22 -10.03
C MET D 327 -24.97 18.97 -8.63
N VAL D 328 -24.09 18.95 -7.63
CA VAL D 328 -24.46 18.59 -6.27
C VAL D 328 -24.43 19.84 -5.40
N GLN D 329 -25.32 19.86 -4.42
CA GLN D 329 -25.37 20.97 -3.46
C GLN D 329 -24.45 20.68 -2.29
N LEU D 330 -23.81 21.73 -1.80
CA LEU D 330 -22.83 21.61 -0.73
C LEU D 330 -23.45 21.99 0.61
N ASP D 331 -22.88 21.44 1.69
CA ASP D 331 -23.38 21.68 3.03
C ASP D 331 -23.18 23.12 3.49
N GLY D 332 -22.46 23.94 2.73
CA GLY D 332 -22.34 25.34 3.01
C GLY D 332 -23.34 26.22 2.29
N GLY D 333 -24.31 25.61 1.59
CA GLY D 333 -25.28 26.34 0.81
C GLY D 333 -24.89 26.58 -0.63
N ARG D 334 -23.60 26.53 -0.95
CA ARG D 334 -23.12 26.76 -2.29
C ARG D 334 -23.25 25.48 -3.13
N PHE D 335 -22.86 25.56 -4.40
CA PHE D 335 -23.03 24.46 -5.33
C PHE D 335 -21.69 24.04 -5.92
N ALA D 336 -21.58 22.74 -6.20
CA ALA D 336 -20.44 22.16 -6.91
C ALA D 336 -20.98 21.37 -8.09
N THR D 337 -20.41 21.58 -9.27
CA THR D 337 -20.88 20.96 -10.50
C THR D 337 -19.72 20.27 -11.21
N SER D 338 -20.04 19.48 -12.22
CA SER D 338 -19.02 18.81 -13.01
C SER D 338 -18.38 19.79 -13.99
N ASP D 339 -17.12 19.51 -14.35
CA ASP D 339 -16.42 20.36 -15.30
C ASP D 339 -17.09 20.34 -16.66
N LEU D 340 -17.70 19.22 -17.04
CA LEU D 340 -18.34 19.12 -18.34
C LEU D 340 -19.43 20.18 -18.51
N ASN D 341 -20.09 20.55 -17.41
CA ASN D 341 -21.10 21.61 -17.50
C ASN D 341 -20.46 22.94 -17.87
N ASP D 342 -19.27 23.23 -17.34
CA ASP D 342 -18.57 24.45 -17.73
C ASP D 342 -18.19 24.42 -19.20
N LEU D 343 -17.71 23.26 -19.69
CA LEU D 343 -17.31 23.16 -21.09
C LEU D 343 -18.53 23.31 -22.01
N TYR D 344 -19.63 22.63 -21.68
CA TYR D 344 -20.86 22.82 -22.44
C TYR D 344 -21.34 24.26 -22.34
N ARG D 345 -21.21 24.88 -21.17
CA ARG D 345 -21.67 26.25 -20.98
C ARG D 345 -20.88 27.23 -21.83
N ARG D 346 -19.56 27.04 -21.93
CA ARG D 346 -18.76 27.95 -22.76
C ARG D 346 -19.01 27.73 -24.24
N VAL D 347 -19.35 26.50 -24.64
CA VAL D 347 -19.75 26.27 -26.02
C VAL D 347 -21.07 26.96 -26.32
N ILE D 348 -22.01 26.90 -25.37
CA ILE D 348 -23.31 27.55 -25.57
C ILE D 348 -23.17 29.06 -25.59
N ASN D 349 -22.36 29.61 -24.68
CA ASN D 349 -22.18 31.06 -24.62
C ASN D 349 -21.60 31.60 -25.91
N ARG D 350 -20.57 30.94 -26.45
CA ARG D 350 -19.93 31.45 -27.66
C ARG D 350 -20.76 31.17 -28.91
N ASN D 351 -21.54 30.08 -28.92
CA ASN D 351 -22.39 29.81 -30.08
C ASN D 351 -23.55 30.79 -30.15
N ASN D 352 -24.09 31.20 -29.00
CA ASN D 352 -25.16 32.20 -29.00
C ASN D 352 -24.64 33.58 -29.37
N ARG D 353 -23.41 33.91 -28.96
CA ARG D 353 -22.82 35.18 -29.36
C ARG D 353 -22.58 35.21 -30.87
N LEU D 354 -22.19 34.07 -31.45
CA LEU D 354 -22.03 34.00 -32.90
C LEU D 354 -23.35 34.25 -33.62
N LYS D 355 -24.45 33.74 -33.07
CA LYS D 355 -25.76 33.98 -33.67
C LYS D 355 -26.12 35.46 -33.64
N ARG D 356 -25.70 36.17 -32.59
CA ARG D 356 -25.93 37.62 -32.55
C ARG D 356 -25.13 38.34 -33.63
N LEU D 357 -23.84 38.00 -33.77
CA LEU D 357 -23.01 38.66 -34.75
C LEU D 357 -23.50 38.40 -36.16
N ILE D 358 -23.97 37.18 -36.43
CA ILE D 358 -24.53 36.88 -37.76
C ILE D 358 -25.79 37.70 -38.01
N ASP D 359 -26.64 37.83 -36.98
CA ASP D 359 -27.86 38.61 -37.13
C ASP D 359 -27.55 40.09 -37.29
N LEU D 360 -26.61 40.62 -36.51
CA LEU D 360 -26.29 42.04 -36.57
C LEU D 360 -25.45 42.42 -37.78
N GLY D 361 -24.96 41.45 -38.55
CA GLY D 361 -24.08 41.76 -39.65
C GLY D 361 -22.79 42.42 -39.21
N ALA D 362 -22.27 42.03 -38.06
CA ALA D 362 -21.04 42.60 -37.52
C ALA D 362 -19.88 42.39 -38.49
N PRO D 363 -18.82 43.18 -38.37
CA PRO D 363 -17.68 43.04 -39.29
C PRO D 363 -17.13 41.62 -39.29
N GLU D 364 -16.63 41.20 -40.45
CA GLU D 364 -16.12 39.85 -40.62
C GLU D 364 -14.99 39.54 -39.64
N ILE D 365 -14.29 40.56 -39.13
CA ILE D 365 -13.20 40.32 -38.19
C ILE D 365 -13.76 39.85 -36.84
N ILE D 366 -14.94 40.32 -36.45
CA ILE D 366 -15.53 39.88 -35.20
C ILE D 366 -16.17 38.51 -35.37
N VAL D 367 -16.82 38.27 -36.50
CA VAL D 367 -17.46 36.98 -36.74
C VAL D 367 -16.41 35.88 -36.89
N ASN D 368 -15.34 36.15 -37.64
CA ASN D 368 -14.29 35.14 -37.80
C ASN D 368 -13.57 34.88 -36.48
N ASN D 369 -13.24 35.92 -35.73
CA ASN D 369 -12.58 35.72 -34.45
C ASN D 369 -13.52 35.11 -33.42
N GLU D 370 -14.83 35.14 -33.66
CA GLU D 370 -15.77 34.43 -32.80
C GLU D 370 -15.85 32.95 -33.19
N LYS D 371 -15.90 32.67 -34.50
CA LYS D 371 -15.94 31.29 -34.95
C LYS D 371 -14.72 30.52 -34.48
N ARG D 372 -13.55 31.17 -34.44
CA ARG D 372 -12.36 30.53 -33.92
C ARG D 372 -12.55 30.11 -32.47
N MET D 373 -13.15 30.98 -31.67
CA MET D 373 -13.37 30.65 -30.26
C MET D 373 -14.35 29.51 -30.10
N LEU D 374 -15.38 29.45 -30.95
CA LEU D 374 -16.29 28.31 -30.93
C LEU D 374 -15.58 27.02 -31.29
N GLN D 375 -14.59 27.09 -32.18
CA GLN D 375 -13.80 25.91 -32.50
C GLN D 375 -12.98 25.44 -31.29
N GLU D 376 -12.37 26.39 -30.57
CA GLU D 376 -11.58 26.03 -29.41
C GLU D 376 -12.43 25.53 -28.26
N SER D 377 -13.68 26.00 -28.17
CA SER D 377 -14.56 25.55 -27.10
C SER D 377 -14.99 24.10 -27.31
N VAL D 378 -15.39 23.76 -28.53
CA VAL D 378 -15.74 22.37 -28.82
C VAL D 378 -14.49 21.49 -28.73
N ASP D 379 -13.32 22.02 -29.07
CA ASP D 379 -12.08 21.25 -28.90
C ASP D 379 -11.81 20.98 -27.43
N ALA D 380 -12.16 21.91 -26.54
CA ALA D 380 -11.99 21.67 -25.11
C ALA D 380 -13.05 20.72 -24.56
N LEU D 381 -14.28 20.78 -25.09
CA LEU D 381 -15.33 19.90 -24.62
C LEU D 381 -15.00 18.44 -24.89
N PHE D 382 -14.38 18.15 -26.03
CA PHE D 382 -14.06 16.77 -26.39
C PHE D 382 -12.70 16.33 -25.85
N ASP D 383 -11.70 17.21 -25.87
CA ASP D 383 -10.35 16.81 -25.45
C ASP D 383 -9.60 18.08 -25.08
N ASN D 384 -9.90 18.61 -23.88
CA ASN D 384 -9.25 19.82 -23.39
C ASN D 384 -7.76 19.55 -23.18
N GLY D 385 -6.94 20.49 -23.64
CA GLY D 385 -5.50 20.37 -23.53
C GLY D 385 -4.83 19.72 -24.71
N ARG D 386 -5.58 19.11 -25.63
CA ARG D 386 -4.97 18.43 -26.77
C ARG D 386 -4.21 19.40 -27.65
N ARG D 387 -4.77 20.58 -27.91
CA ARG D 387 -4.13 21.60 -28.71
C ARG D 387 -3.88 22.83 -27.83
N GLY D 388 -2.62 23.23 -27.71
CA GLY D 388 -2.29 24.40 -26.93
C GLY D 388 -2.42 24.17 -25.44
N ARG D 389 -2.67 25.26 -24.72
CA ARG D 389 -2.80 25.19 -23.26
C ARG D 389 -4.24 24.89 -22.86
N PRO D 390 -4.43 24.03 -21.87
CA PRO D 390 -5.78 23.62 -21.50
C PRO D 390 -6.56 24.74 -20.82
N VAL D 391 -7.89 24.66 -20.95
CA VAL D 391 -8.77 25.63 -20.31
C VAL D 391 -8.71 25.40 -18.80
N THR D 392 -8.13 26.35 -18.08
CA THR D 392 -7.99 26.23 -16.64
C THR D 392 -9.25 26.70 -15.93
N GLY D 393 -9.62 25.98 -14.88
CA GLY D 393 -10.69 26.41 -14.01
C GLY D 393 -10.17 27.28 -12.89
N PRO D 394 -10.93 27.40 -11.81
CA PRO D 394 -10.47 28.17 -10.65
C PRO D 394 -9.28 27.47 -9.99
N GLY D 395 -8.18 28.21 -9.86
CA GLY D 395 -6.98 27.67 -9.28
C GLY D 395 -5.99 27.07 -10.26
N ASN D 396 -6.05 27.48 -11.53
CA ASN D 396 -5.16 26.96 -12.57
C ASN D 396 -5.21 25.44 -12.65
N ARG D 397 -6.41 24.90 -12.57
CA ARG D 397 -6.63 23.46 -12.65
C ARG D 397 -7.25 23.13 -14.00
N PRO D 398 -6.62 22.29 -14.83
CA PRO D 398 -7.19 21.98 -16.14
C PRO D 398 -8.49 21.22 -16.00
N LEU D 399 -9.53 21.70 -16.68
CA LEU D 399 -10.84 21.06 -16.62
C LEU D 399 -10.81 19.72 -17.31
N LYS D 400 -11.54 18.75 -16.76
CA LYS D 400 -11.65 17.45 -17.39
C LYS D 400 -12.58 17.53 -18.60
N SER D 401 -12.23 16.80 -19.65
CA SER D 401 -13.00 16.75 -20.88
C SER D 401 -13.71 15.42 -21.01
N LEU D 402 -14.57 15.32 -22.03
CA LEU D 402 -15.29 14.08 -22.27
C LEU D 402 -14.34 12.92 -22.46
N SER D 403 -13.24 13.13 -23.19
CA SER D 403 -12.27 12.06 -23.40
C SER D 403 -11.50 11.72 -22.14
N ASP D 404 -11.43 12.63 -21.17
CA ASP D 404 -10.77 12.32 -19.91
C ASP D 404 -11.55 11.30 -19.08
N LEU D 405 -12.83 11.08 -19.41
CA LEU D 405 -13.61 10.05 -18.72
C LEU D 405 -13.22 8.64 -19.12
N LEU D 406 -12.36 8.48 -20.12
CA LEU D 406 -11.98 7.17 -20.62
C LEU D 406 -10.48 6.91 -20.56
N LYS D 407 -9.66 7.90 -20.24
CA LYS D 407 -8.22 7.78 -20.33
C LYS D 407 -7.62 7.23 -19.04
N GLY D 408 -6.61 6.37 -19.20
CA GLY D 408 -5.71 6.00 -18.12
C GLY D 408 -6.34 5.19 -16.99
N LYS D 409 -5.61 5.19 -15.87
CA LYS D 409 -6.02 4.39 -14.71
C LYS D 409 -7.31 4.91 -14.09
N GLN D 410 -7.57 6.21 -14.18
CA GLN D 410 -8.78 6.80 -13.63
C GLN D 410 -9.94 6.80 -14.62
N GLY D 411 -9.71 6.35 -15.85
CA GLY D 411 -10.75 6.35 -16.86
C GLY D 411 -11.83 5.31 -16.59
N ARG D 412 -12.86 5.34 -17.44
CA ARG D 412 -14.01 4.45 -17.26
C ARG D 412 -13.62 2.99 -17.42
N PHE D 413 -12.69 2.69 -18.32
CA PHE D 413 -12.36 1.29 -18.62
C PHE D 413 -11.66 0.63 -17.45
N ARG D 414 -10.53 1.19 -17.00
CA ARG D 414 -9.73 0.52 -15.98
C ARG D 414 -10.33 0.67 -14.58
N GLN D 415 -11.02 1.78 -14.31
CA GLN D 415 -11.51 2.04 -12.96
C GLN D 415 -12.86 1.42 -12.68
N ASN D 416 -13.74 1.30 -13.68
CA ASN D 416 -15.10 0.85 -13.45
C ASN D 416 -15.53 -0.33 -14.31
N LEU D 417 -14.67 -0.86 -15.17
CA LEU D 417 -15.02 -1.99 -16.01
C LEU D 417 -14.08 -3.16 -15.84
N LEU D 418 -12.76 -2.95 -15.92
CA LEU D 418 -11.81 -4.03 -15.68
C LEU D 418 -11.73 -4.39 -14.21
N GLY D 419 -12.12 -3.47 -13.32
CA GLY D 419 -12.18 -3.75 -11.89
C GLY D 419 -13.30 -2.98 -11.23
N LYS D 420 -14.02 -3.63 -10.31
CA LYS D 420 -15.19 -3.00 -9.69
C LYS D 420 -15.16 -3.11 -8.17
N VAL D 422 -17.34 -4.44 -5.01
CA VAL D 422 -18.23 -5.58 -4.93
C VAL D 422 -18.87 -5.69 -3.55
N ASP D 423 -20.11 -6.16 -3.52
CA ASP D 423 -20.81 -6.42 -2.27
C ASP D 423 -20.33 -7.74 -1.66
N TYR D 424 -20.85 -8.06 -0.48
CA TYR D 424 -20.53 -9.29 0.23
C TYR D 424 -19.02 -9.49 0.35
N SER D 425 -18.38 -8.52 1.00
CA SER D 425 -16.93 -8.53 1.13
C SER D 425 -16.53 -7.74 2.37
N GLY D 426 -15.31 -8.01 2.84
CA GLY D 426 -14.78 -7.34 4.01
C GLY D 426 -13.27 -7.45 4.05
N ARG D 427 -12.69 -6.85 5.08
CA ARG D 427 -11.23 -6.84 5.22
C ARG D 427 -10.86 -6.59 6.68
N SER D 428 -9.75 -7.18 7.10
CA SER D 428 -9.24 -7.00 8.46
C SER D 428 -7.78 -7.43 8.51
N VAL D 429 -7.18 -7.26 9.70
CA VAL D 429 -5.79 -7.64 9.91
C VAL D 429 -5.68 -9.16 9.98
N ILE D 430 -4.55 -9.69 9.50
CA ILE D 430 -4.32 -11.14 9.49
C ILE D 430 -3.39 -11.51 10.63
N VAL D 431 -3.64 -12.68 11.22
CA VAL D 431 -2.90 -13.19 12.36
C VAL D 431 -2.68 -14.68 12.13
N VAL D 432 -1.50 -15.17 12.52
CA VAL D 432 -1.16 -16.57 12.27
C VAL D 432 -2.01 -17.47 13.17
N GLY D 433 -2.48 -18.57 12.60
CA GLY D 433 -3.21 -19.57 13.34
C GLY D 433 -2.61 -20.95 13.17
N PRO D 434 -1.74 -21.34 14.09
CA PRO D 434 -1.02 -22.62 13.92
C PRO D 434 -1.92 -23.83 13.99
N GLN D 435 -2.95 -23.77 14.83
CA GLN D 435 -3.85 -24.92 15.02
C GLN D 435 -4.72 -25.18 13.81
N LEU D 436 -4.91 -24.19 12.95
CA LEU D 436 -5.80 -24.34 11.81
C LEU D 436 -5.25 -25.39 10.85
N LYS D 437 -6.17 -26.09 10.19
CA LYS D 437 -5.78 -27.00 9.12
C LYS D 437 -5.55 -26.20 7.83
N LEU D 438 -4.89 -26.84 6.87
CA LEU D 438 -4.52 -26.14 5.64
C LEU D 438 -5.74 -25.63 4.88
N HIS D 439 -6.85 -26.34 4.95
CA HIS D 439 -8.08 -25.92 4.27
C HIS D 439 -8.93 -24.98 5.11
N GLN D 440 -8.46 -24.58 6.29
CA GLN D 440 -9.25 -23.79 7.21
C GLN D 440 -8.67 -22.39 7.35
N CYS D 441 -9.54 -21.44 7.69
CA CYS D 441 -9.15 -20.10 8.09
C CYS D 441 -10.10 -19.63 9.17
N GLY D 442 -9.64 -18.68 9.96
CA GLY D 442 -10.46 -18.13 11.03
C GLY D 442 -10.88 -16.70 10.76
N LEU D 443 -12.19 -16.47 10.62
CA LEU D 443 -12.64 -15.10 10.50
C LEU D 443 -13.40 -14.67 11.75
N PRO D 444 -13.38 -13.38 12.08
CA PRO D 444 -14.11 -12.91 13.26
C PRO D 444 -15.60 -13.19 13.15
N LYS D 445 -16.24 -13.31 14.31
CA LYS D 445 -17.69 -13.52 14.32
C LYS D 445 -18.42 -12.30 13.78
N LEU D 446 -17.96 -11.09 14.13
CA LEU D 446 -18.63 -9.87 13.68
C LEU D 446 -18.48 -9.67 12.19
N MET D 447 -17.41 -10.19 11.58
CA MET D 447 -17.28 -10.12 10.13
C MET D 447 -18.22 -11.11 9.45
N ALA D 448 -18.33 -12.33 9.98
CA ALA D 448 -19.17 -13.34 9.36
C ALA D 448 -20.65 -12.99 9.46
N LEU D 449 -21.07 -12.34 10.54
CA LEU D 449 -22.48 -11.98 10.69
C LEU D 449 -22.91 -11.03 9.59
N GLU D 450 -22.13 -9.99 9.34
CA GLU D 450 -22.48 -9.05 8.28
C GLU D 450 -22.31 -9.68 6.90
N LEU D 451 -21.26 -10.50 6.72
CA LEU D 451 -21.05 -11.14 5.42
C LEU D 451 -22.19 -12.09 5.08
N PHE D 452 -22.64 -12.89 6.05
CA PHE D 452 -23.73 -13.84 5.87
C PHE D 452 -25.08 -13.28 6.32
N LYS D 453 -25.22 -11.96 6.38
CA LYS D 453 -26.42 -11.35 6.93
C LYS D 453 -27.73 -11.86 6.31
N PRO D 454 -27.89 -11.88 4.98
CA PRO D 454 -29.17 -12.39 4.45
C PRO D 454 -29.38 -13.87 4.73
N PHE D 455 -28.32 -14.67 4.70
CA PHE D 455 -28.46 -16.09 5.02
C PHE D 455 -28.87 -16.28 6.47
N VAL D 456 -28.33 -15.45 7.37
CA VAL D 456 -28.69 -15.54 8.78
C VAL D 456 -30.15 -15.12 8.99
N MET D 457 -30.58 -14.06 8.30
CA MET D 457 -31.98 -13.64 8.39
C MET D 457 -32.91 -14.75 7.95
N LYS D 458 -32.54 -15.47 6.88
CA LYS D 458 -33.37 -16.58 6.40
C LYS D 458 -33.52 -17.65 7.48
N ARG D 459 -32.43 -17.99 8.16
CA ARG D 459 -32.50 -19.04 9.16
C ARG D 459 -33.16 -18.57 10.45
N LEU D 460 -33.00 -17.30 10.80
CA LEU D 460 -33.70 -16.75 11.97
C LEU D 460 -35.21 -16.84 11.81
N VAL D 461 -35.70 -16.74 10.57
CA VAL D 461 -37.14 -16.81 10.35
C VAL D 461 -37.62 -18.25 10.15
N ASP D 462 -36.71 -19.19 9.84
CA ASP D 462 -37.10 -20.58 9.70
C ASP D 462 -37.28 -21.26 11.05
N LEU D 463 -36.28 -21.14 11.92
CA LEU D 463 -36.32 -21.71 13.27
C LEU D 463 -37.24 -20.93 14.21
N ASN D 464 -37.99 -19.97 13.69
CA ASN D 464 -38.96 -19.18 14.45
C ASN D 464 -38.30 -18.40 15.58
N HIS D 465 -37.04 -18.01 15.41
CA HIS D 465 -36.45 -17.01 16.29
C HIS D 465 -36.99 -15.62 15.98
N ALA D 466 -37.45 -15.39 14.75
CA ALA D 466 -38.02 -14.13 14.33
C ALA D 466 -39.34 -14.38 13.61
N GLN D 467 -40.30 -13.48 13.80
CA GLN D 467 -41.63 -13.66 13.20
C GLN D 467 -41.56 -13.55 11.68
N ASN D 468 -41.04 -12.44 11.17
CA ASN D 468 -40.95 -12.20 9.74
C ASN D 468 -39.51 -11.81 9.38
N ILE D 469 -39.26 -11.77 8.07
CA ILE D 469 -37.93 -11.42 7.58
C ILE D 469 -37.59 -9.98 7.92
N LYS D 470 -38.60 -9.13 8.10
CA LYS D 470 -38.35 -7.73 8.48
C LYS D 470 -37.74 -7.65 9.86
N SER D 471 -38.34 -8.33 10.85
CA SER D 471 -37.79 -8.34 12.19
C SER D 471 -36.50 -9.15 12.27
N ALA D 472 -36.34 -10.13 11.38
CA ALA D 472 -35.08 -10.88 11.33
C ALA D 472 -33.92 -9.97 10.99
N LYS D 473 -34.14 -8.94 10.18
CA LYS D 473 -33.09 -7.97 9.88
C LYS D 473 -32.75 -7.14 11.11
N ARG D 474 -33.77 -6.69 11.83
CA ARG D 474 -33.52 -5.91 13.05
C ARG D 474 -32.78 -6.72 14.10
N MET D 475 -32.92 -8.05 14.07
CA MET D 475 -32.21 -8.90 15.02
C MET D 475 -30.72 -8.96 14.69
N VAL D 476 -30.37 -9.05 13.42
CA VAL D 476 -28.96 -9.10 13.03
C VAL D 476 -28.31 -7.74 13.26
N GLU D 477 -29.03 -6.65 12.97
CA GLU D 477 -28.49 -5.32 13.20
C GLU D 477 -28.29 -5.05 14.68
N ARG D 478 -29.15 -5.60 15.54
CA ARG D 478 -29.03 -5.43 16.98
C ARG D 478 -28.21 -6.53 17.65
N GLN D 479 -27.85 -7.57 16.89
CA GLN D 479 -27.01 -8.68 17.39
C GLN D 479 -27.66 -9.35 18.59
N ARG D 480 -28.89 -9.80 18.39
CA ARG D 480 -29.57 -10.57 19.42
C ARG D 480 -28.84 -11.90 19.64
N PRO D 481 -28.80 -12.40 20.88
CA PRO D 481 -27.94 -13.56 21.17
C PRO D 481 -28.28 -14.81 20.37
N GLN D 482 -29.44 -14.88 19.75
CA GLN D 482 -29.79 -16.07 18.96
C GLN D 482 -28.98 -16.18 17.68
N VAL D 483 -28.45 -15.07 17.17
CA VAL D 483 -27.80 -15.10 15.87
C VAL D 483 -26.48 -15.85 15.91
N TRP D 484 -25.81 -15.87 17.07
CA TRP D 484 -24.51 -16.53 17.14
C TRP D 484 -24.64 -18.04 17.06
N ASP D 485 -25.73 -18.59 17.59
CA ASP D 485 -25.99 -20.01 17.40
C ASP D 485 -26.44 -20.31 15.97
N VAL D 486 -27.18 -19.38 15.36
CA VAL D 486 -27.65 -19.56 14.00
C VAL D 486 -26.51 -19.38 13.00
N LEU D 487 -25.62 -18.43 13.27
CA LEU D 487 -24.52 -18.15 12.34
C LEU D 487 -23.63 -19.37 12.16
N GLU D 488 -23.43 -20.16 13.22
CA GLU D 488 -22.57 -21.34 13.11
C GLU D 488 -23.13 -22.34 12.12
N GLU D 489 -24.46 -22.51 12.09
CA GLU D 489 -25.07 -23.41 11.13
C GLU D 489 -24.92 -22.91 9.70
N VAL D 490 -24.90 -21.59 9.53
CA VAL D 490 -24.94 -21.02 8.18
C VAL D 490 -23.62 -21.23 7.46
N ILE D 491 -22.51 -20.87 8.10
CA ILE D 491 -21.21 -20.83 7.44
C ILE D 491 -20.64 -22.25 7.28
N ALA D 492 -21.43 -23.25 7.67
CA ALA D 492 -20.96 -24.62 7.64
C ALA D 492 -20.64 -25.06 6.22
N GLU D 493 -19.36 -25.36 5.98
CA GLU D 493 -18.87 -25.83 4.69
C GLU D 493 -19.20 -24.86 3.55
N HIS D 494 -19.35 -23.57 3.87
CA HIS D 494 -19.54 -22.55 2.86
C HIS D 494 -18.23 -21.82 2.66
N PRO D 495 -17.46 -22.11 1.62
CA PRO D 495 -16.11 -21.56 1.51
C PRO D 495 -16.12 -20.07 1.27
N VAL D 496 -14.99 -19.44 1.64
CA VAL D 496 -14.78 -18.01 1.44
C VAL D 496 -13.44 -17.84 0.73
N LEU D 497 -13.25 -16.65 0.16
CA LEU D 497 -12.05 -16.30 -0.58
C LEU D 497 -11.23 -15.30 0.21
N LEU D 498 -9.93 -15.55 0.34
CA LEU D 498 -9.00 -14.63 0.97
C LEU D 498 -8.05 -14.05 -0.07
N ASN D 499 -7.82 -12.75 0.02
CA ASN D 499 -7.02 -12.04 -0.96
C ASN D 499 -6.12 -11.05 -0.26
N ARG D 500 -4.84 -11.03 -0.67
CA ARG D 500 -3.88 -10.04 -0.19
C ARG D 500 -3.26 -9.35 -1.40
N ALA D 501 -3.44 -8.04 -1.50
CA ALA D 501 -2.82 -7.28 -2.56
C ALA D 501 -1.37 -6.97 -2.21
N PRO D 502 -0.48 -6.93 -3.21
CA PRO D 502 -0.75 -7.13 -4.65
C PRO D 502 -0.96 -8.59 -5.04
N THR D 503 -1.95 -8.82 -5.92
CA THR D 503 -2.25 -10.14 -6.45
C THR D 503 -1.29 -10.41 -7.62
N LEU D 504 -0.13 -10.97 -7.30
CA LEU D 504 0.90 -11.17 -8.32
C LEU D 504 0.62 -12.41 -9.16
N HIS D 505 0.34 -13.53 -8.53
CA HIS D 505 -0.04 -14.76 -9.23
C HIS D 505 -1.41 -15.22 -8.73
N ARG D 506 -1.90 -16.32 -9.31
CA ARG D 506 -3.25 -16.77 -9.01
C ARG D 506 -3.40 -17.29 -7.58
N LEU D 507 -2.31 -17.70 -6.95
CA LEU D 507 -2.36 -18.10 -5.54
C LEU D 507 -2.47 -16.90 -4.61
N GLY D 508 -2.47 -15.68 -5.14
CA GLY D 508 -2.79 -14.51 -4.34
C GLY D 508 -4.22 -14.46 -3.86
N ILE D 509 -5.09 -15.31 -4.41
CA ILE D 509 -6.45 -15.50 -3.93
C ILE D 509 -6.65 -17.00 -3.77
N GLN D 510 -7.04 -17.43 -2.56
CA GLN D 510 -7.28 -18.84 -2.29
C GLN D 510 -8.57 -18.98 -1.49
N ALA D 511 -9.16 -20.17 -1.58
CA ALA D 511 -10.40 -20.47 -0.89
C ALA D 511 -10.13 -21.26 0.39
N PHE D 512 -10.93 -21.00 1.42
CA PHE D 512 -10.77 -21.63 2.72
C PHE D 512 -12.14 -21.96 3.29
N GLU D 513 -12.13 -22.89 4.26
CA GLU D 513 -13.33 -23.17 5.04
C GLU D 513 -13.34 -22.27 6.27
N PRO D 514 -14.33 -21.37 6.40
CA PRO D 514 -14.30 -20.42 7.52
C PRO D 514 -14.60 -21.11 8.84
N MET D 515 -13.94 -20.63 9.90
CA MET D 515 -14.15 -21.11 11.26
C MET D 515 -14.39 -19.92 12.16
N LEU D 516 -15.57 -19.85 12.78
CA LEU D 516 -15.89 -18.74 13.65
C LEU D 516 -14.92 -18.66 14.82
N VAL D 517 -14.16 -17.57 14.87
CA VAL D 517 -13.20 -17.34 15.95
C VAL D 517 -13.56 -16.01 16.62
N GLU D 518 -13.25 -15.92 17.91
CA GLU D 518 -13.41 -14.66 18.61
C GLU D 518 -12.33 -13.67 18.19
N GLY D 519 -12.45 -12.44 18.66
CA GLY D 519 -11.54 -11.39 18.25
C GLY D 519 -11.96 -10.76 16.93
N LYS D 520 -11.12 -9.84 16.45
CA LYS D 520 -11.43 -9.06 15.26
C LYS D 520 -10.39 -9.22 14.16
N ALA D 521 -9.50 -10.20 14.26
CA ALA D 521 -8.48 -10.42 13.24
C ALA D 521 -8.76 -11.71 12.48
N ILE D 522 -8.31 -11.75 11.23
CA ILE D 522 -8.42 -12.94 10.40
C ILE D 522 -7.27 -13.89 10.74
N GLN D 523 -7.58 -15.16 10.95
CA GLN D 523 -6.59 -16.17 11.26
C GLN D 523 -6.21 -16.92 9.99
N LEU D 524 -4.94 -16.84 9.60
CA LEU D 524 -4.44 -17.40 8.36
C LEU D 524 -3.51 -18.57 8.66
N HIS D 525 -3.55 -19.57 7.79
CA HIS D 525 -2.71 -20.74 7.97
C HIS D 525 -1.25 -20.39 7.71
N PRO D 526 -0.31 -20.93 8.49
CA PRO D 526 1.09 -20.54 8.32
C PRO D 526 1.73 -21.04 7.03
N LEU D 527 1.13 -22.04 6.37
CA LEU D 527 1.73 -22.59 5.15
C LEU D 527 1.37 -21.81 3.90
N VAL D 528 0.23 -21.10 3.90
CA VAL D 528 -0.14 -20.28 2.75
C VAL D 528 0.50 -18.90 2.79
N CYS D 529 1.36 -18.63 3.79
CA CYS D 529 2.01 -17.33 3.86
C CYS D 529 2.96 -17.11 2.69
N GLU D 530 3.59 -18.18 2.18
CA GLU D 530 4.52 -18.03 1.07
C GLU D 530 3.81 -17.56 -0.20
N ALA D 531 2.65 -18.16 -0.51
CA ALA D 531 1.91 -17.77 -1.71
C ALA D 531 1.47 -16.32 -1.63
N PHE D 532 0.88 -15.92 -0.50
CA PHE D 532 0.41 -14.54 -0.34
C PHE D 532 1.54 -13.54 -0.17
N ASN D 533 2.77 -14.01 0.07
CA ASN D 533 3.89 -13.13 0.43
C ASN D 533 3.50 -12.25 1.61
N ALA D 534 2.88 -12.86 2.62
CA ALA D 534 2.23 -12.16 3.71
C ALA D 534 2.97 -12.43 5.01
N ASP D 535 3.73 -11.44 5.48
CA ASP D 535 4.20 -11.43 6.85
C ASP D 535 3.11 -10.85 7.76
N PHE D 536 3.38 -10.85 9.06
CA PHE D 536 2.41 -10.44 10.06
C PHE D 536 2.94 -9.23 10.82
N ASP D 537 3.10 -8.12 10.10
CA ASP D 537 3.54 -6.86 10.67
C ASP D 537 2.54 -5.75 10.35
N GLY D 538 1.26 -6.10 10.33
CA GLY D 538 0.21 -5.16 10.03
C GLY D 538 -0.51 -5.38 8.71
N ASP D 539 -0.38 -6.55 8.10
CA ASP D 539 -1.03 -6.81 6.83
C ASP D 539 -2.53 -6.95 6.99
N GLN D 540 -3.25 -6.59 5.93
CA GLN D 540 -4.69 -6.77 5.85
C GLN D 540 -5.03 -7.65 4.64
N MET D 541 -6.07 -8.45 4.78
CA MET D 541 -6.57 -9.27 3.70
C MET D 541 -8.05 -9.01 3.49
N ALA D 542 -8.50 -9.22 2.25
CA ALA D 542 -9.90 -9.06 1.89
C ALA D 542 -10.58 -10.42 1.82
N VAL D 543 -11.87 -10.42 2.17
CA VAL D 543 -12.68 -11.62 2.18
C VAL D 543 -13.83 -11.43 1.19
N HIS D 544 -14.08 -12.43 0.36
CA HIS D 544 -15.17 -12.38 -0.61
C HIS D 544 -15.98 -13.66 -0.49
N LEU D 545 -17.30 -13.50 -0.44
CA LEU D 545 -18.20 -14.63 -0.20
C LEU D 545 -18.86 -15.05 -1.50
N PRO D 546 -18.55 -16.22 -2.04
CA PRO D 546 -19.27 -16.69 -3.23
C PRO D 546 -20.70 -17.08 -2.88
N LEU D 547 -21.64 -16.67 -3.74
CA LEU D 547 -23.06 -16.87 -3.50
C LEU D 547 -23.63 -18.03 -4.31
N SER D 548 -23.48 -17.98 -5.63
CA SER D 548 -24.09 -18.99 -6.49
C SER D 548 -23.47 -20.36 -6.24
N ALA D 549 -24.21 -21.40 -6.65
CA ALA D 549 -23.70 -22.76 -6.51
C ALA D 549 -22.43 -22.97 -7.32
N GLU D 550 -22.37 -22.39 -8.51
CA GLU D 550 -21.18 -22.54 -9.35
C GLU D 550 -19.97 -21.87 -8.72
N ALA D 551 -20.17 -20.70 -8.11
CA ALA D 551 -19.05 -19.99 -7.50
C ALA D 551 -18.50 -20.74 -6.29
N GLN D 552 -19.39 -21.32 -5.47
CA GLN D 552 -18.94 -22.12 -4.35
C GLN D 552 -18.19 -23.37 -4.83
N ALA D 553 -18.68 -24.00 -5.90
CA ALA D 553 -18.00 -25.16 -6.46
C ALA D 553 -16.63 -24.78 -7.01
N GLU D 554 -16.52 -23.59 -7.61
CA GLU D 554 -15.23 -23.12 -8.10
C GLU D 554 -14.28 -22.85 -6.93
N ALA D 555 -14.80 -22.44 -5.78
CA ALA D 555 -13.95 -22.23 -4.62
C ALA D 555 -13.59 -23.55 -3.95
N ARG D 556 -14.54 -24.49 -3.92
CA ARG D 556 -14.31 -25.76 -3.25
C ARG D 556 -13.31 -26.64 -3.99
N ILE D 557 -13.30 -26.56 -5.31
CA ILE D 557 -12.54 -27.47 -6.17
C ILE D 557 -11.33 -26.79 -6.78
N LEU D 558 -11.54 -25.64 -7.41
CA LEU D 558 -10.48 -24.97 -8.17
C LEU D 558 -9.57 -24.12 -7.29
N MET D 559 -10.13 -23.45 -6.28
CA MET D 559 -9.40 -22.43 -5.54
C MET D 559 -9.08 -22.82 -4.10
N LEU D 560 -9.45 -24.03 -3.67
CA LEU D 560 -9.18 -24.44 -2.30
C LEU D 560 -7.68 -24.48 -2.06
N SER D 561 -7.26 -24.01 -0.87
CA SER D 561 -5.84 -23.91 -0.56
C SER D 561 -5.16 -25.28 -0.54
N SER D 562 -5.89 -26.33 -0.17
CA SER D 562 -5.29 -27.66 -0.10
C SER D 562 -5.08 -28.25 -1.50
N ASN D 563 -5.84 -27.81 -2.49
CA ASN D 563 -5.69 -28.29 -3.86
C ASN D 563 -4.64 -27.51 -4.65
N ASN D 564 -3.91 -26.60 -4.00
CA ASN D 564 -2.92 -25.76 -4.67
C ASN D 564 -1.65 -25.69 -3.84
N ILE D 565 -0.99 -26.84 -3.67
CA ILE D 565 0.23 -26.87 -2.87
C ILE D 565 1.45 -26.48 -3.72
N LEU D 566 1.41 -26.77 -5.01
CA LEU D 566 2.55 -26.53 -5.89
C LEU D 566 2.45 -25.17 -6.56
N SER D 567 3.62 -24.60 -6.86
CA SER D 567 3.66 -23.35 -7.61
C SER D 567 3.33 -23.59 -9.07
N PRO D 568 2.34 -22.89 -9.63
CA PRO D 568 2.04 -23.08 -11.07
C PRO D 568 3.15 -22.62 -11.98
N ALA D 569 4.08 -21.80 -11.48
CA ALA D 569 5.16 -21.29 -12.33
C ALA D 569 6.29 -22.30 -12.49
N SER D 570 6.63 -23.01 -11.41
CA SER D 570 7.79 -23.89 -11.41
C SER D 570 7.48 -25.34 -11.05
N GLY D 571 6.31 -25.62 -10.48
CA GLY D 571 5.97 -26.98 -10.07
C GLY D 571 6.53 -27.41 -8.74
N ARG D 572 7.40 -26.61 -8.12
CA ARG D 572 7.93 -26.95 -6.81
C ARG D 572 6.96 -26.48 -5.72
N PRO D 573 6.94 -27.16 -4.58
CA PRO D 573 5.93 -26.87 -3.56
C PRO D 573 6.12 -25.48 -2.96
N LEU D 574 5.01 -24.92 -2.48
CA LEU D 574 5.01 -23.66 -1.76
C LEU D 574 4.53 -23.81 -0.32
N ALA D 575 3.43 -24.52 -0.11
CA ALA D 575 2.92 -24.79 1.23
C ALA D 575 3.79 -25.89 1.85
N MET D 576 4.95 -25.49 2.33
CA MET D 576 5.92 -26.38 2.96
C MET D 576 6.51 -25.67 4.16
N PRO D 577 7.14 -26.42 5.07
CA PRO D 577 7.86 -25.76 6.18
C PRO D 577 8.87 -24.74 5.67
N ARG D 578 8.83 -23.54 6.24
CA ARG D 578 9.66 -22.48 5.70
C ARG D 578 10.52 -21.77 6.72
N LEU D 579 10.00 -21.48 7.92
CA LEU D 579 10.77 -20.72 8.89
C LEU D 579 11.00 -21.49 10.19
N ASP D 580 10.10 -21.32 11.15
CA ASP D 580 10.22 -22.07 12.40
C ASP D 580 10.11 -23.57 12.14
N MET D 581 9.26 -23.95 11.18
CA MET D 581 9.00 -25.37 10.95
C MET D 581 10.24 -26.10 10.47
N VAL D 582 11.00 -25.50 9.54
CA VAL D 582 12.20 -26.16 9.05
C VAL D 582 13.25 -26.26 10.16
N THR D 583 13.33 -25.26 11.03
CA THR D 583 14.24 -25.34 12.17
C THR D 583 13.82 -26.44 13.13
N GLY D 584 12.51 -26.57 13.39
CA GLY D 584 12.04 -27.63 14.27
C GLY D 584 12.35 -29.01 13.73
N LEU D 585 12.17 -29.20 12.42
CA LEU D 585 12.48 -30.50 11.83
C LEU D 585 13.99 -30.72 11.74
N TYR D 586 14.74 -29.69 11.33
CA TYR D 586 16.19 -29.77 11.30
C TYR D 586 16.79 -30.10 12.66
N TYR D 587 16.07 -29.81 13.75
CA TYR D 587 16.58 -30.10 15.08
C TYR D 587 16.60 -31.60 15.35
N LEU D 588 15.42 -32.24 15.40
CA LEU D 588 15.36 -33.64 15.81
C LEU D 588 16.03 -34.57 14.81
N THR D 589 16.17 -34.17 13.55
CA THR D 589 16.86 -34.99 12.55
C THR D 589 18.34 -34.63 12.47
N THR D 590 18.97 -34.49 13.63
CA THR D 590 20.40 -34.19 13.71
C THR D 590 21.08 -35.29 14.52
N GLU D 591 22.23 -35.75 14.03
CA GLU D 591 23.01 -36.77 14.71
C GLU D 591 24.07 -36.08 15.56
N VAL D 592 24.08 -36.37 16.86
CA VAL D 592 25.01 -35.77 17.79
C VAL D 592 25.99 -36.86 18.24
N PRO D 593 27.30 -36.67 18.07
CA PRO D 593 28.23 -37.76 18.40
C PRO D 593 28.33 -38.04 19.89
N GLY D 594 28.35 -37.02 20.74
CA GLY D 594 28.52 -37.20 22.16
C GLY D 594 27.25 -37.23 22.97
N ASP D 595 26.09 -37.31 22.34
CA ASP D 595 24.83 -37.18 23.07
C ASP D 595 24.59 -38.37 23.99
N THR D 596 23.85 -38.10 25.07
CA THR D 596 23.58 -39.13 26.07
C THR D 596 22.66 -40.21 25.50
N GLY D 597 22.87 -41.44 25.97
CA GLY D 597 22.13 -42.58 25.46
C GLY D 597 22.63 -43.11 24.14
N GLU D 598 23.76 -42.64 23.65
CA GLU D 598 24.28 -43.06 22.35
C GLU D 598 24.69 -44.52 22.38
N TYR D 599 24.60 -45.16 21.22
CA TYR D 599 24.96 -46.57 21.09
C TYR D 599 26.44 -46.77 21.39
N GLN D 600 26.74 -47.81 22.17
CA GLN D 600 28.11 -48.19 22.49
C GLN D 600 28.34 -49.64 22.08
N PRO D 601 29.47 -49.94 21.44
CA PRO D 601 29.74 -51.33 21.07
C PRO D 601 30.04 -52.19 22.28
N ALA D 602 29.71 -53.48 22.17
CA ALA D 602 29.92 -54.41 23.27
C ALA D 602 31.41 -54.57 23.54
N SER D 603 31.82 -54.25 24.77
CA SER D 603 33.22 -54.33 25.16
C SER D 603 33.31 -54.68 26.64
N GLY D 604 34.19 -55.62 26.97
CA GLY D 604 34.35 -56.01 28.36
C GLY D 604 33.20 -56.86 28.84
N ASP D 605 32.78 -56.64 30.09
CA ASP D 605 31.69 -57.41 30.67
C ASP D 605 30.32 -56.90 30.24
N HIS D 606 30.20 -55.64 29.84
CA HIS D 606 28.87 -55.19 29.45
C HIS D 606 28.65 -55.41 27.95
N PRO D 607 27.43 -55.82 27.56
CA PRO D 607 27.16 -56.01 26.12
C PRO D 607 26.99 -54.70 25.39
N GLU D 608 26.17 -54.70 24.34
CA GLU D 608 25.92 -53.50 23.56
C GLU D 608 24.99 -52.56 24.32
N THR D 609 25.42 -51.31 24.49
CA THR D 609 24.64 -50.28 25.15
C THR D 609 23.98 -49.42 24.09
N GLY D 610 22.70 -49.12 24.28
CA GLY D 610 21.99 -48.22 23.39
C GLY D 610 21.33 -48.88 22.20
N VAL D 611 20.65 -49.99 22.45
CA VAL D 611 19.88 -50.69 21.42
C VAL D 611 18.51 -50.97 22.02
N TYR D 612 17.48 -50.32 21.48
CA TYR D 612 16.14 -50.37 22.04
C TYR D 612 15.24 -51.28 21.21
N SER D 613 14.36 -52.01 21.89
CA SER D 613 13.52 -53.00 21.22
C SER D 613 12.40 -52.34 20.43
N SER D 614 11.84 -51.25 20.93
CA SER D 614 10.74 -50.55 20.30
C SER D 614 11.01 -49.06 20.32
N PRO D 615 10.52 -48.33 19.33
CA PRO D 615 10.57 -46.86 19.43
C PRO D 615 9.83 -46.34 20.64
N ALA D 616 8.77 -47.02 21.07
CA ALA D 616 8.09 -46.64 22.30
C ALA D 616 9.01 -46.77 23.51
N GLU D 617 9.91 -47.76 23.49
CA GLU D 617 10.91 -47.86 24.55
C GLU D 617 11.89 -46.70 24.50
N ALA D 618 12.35 -46.34 23.30
CA ALA D 618 13.23 -45.18 23.15
C ALA D 618 12.57 -43.91 23.66
N ILE D 619 11.26 -43.80 23.50
CA ILE D 619 10.53 -42.64 24.04
C ILE D 619 10.55 -42.67 25.56
N MET D 620 10.30 -43.83 26.15
CA MET D 620 10.37 -43.95 27.61
C MET D 620 11.77 -43.68 28.12
N ALA D 621 12.80 -44.07 27.36
CA ALA D 621 14.16 -43.75 27.74
C ALA D 621 14.41 -42.24 27.68
N ALA D 622 13.87 -41.58 26.67
CA ALA D 622 14.04 -40.13 26.56
C ALA D 622 13.23 -39.38 27.60
N ASP D 623 12.13 -39.98 28.07
CA ASP D 623 11.33 -39.33 29.11
C ASP D 623 12.06 -39.33 30.45
N ARG D 624 12.62 -40.48 30.85
CA ARG D 624 13.35 -40.54 32.11
C ARG D 624 14.58 -39.64 32.09
N GLY D 625 15.24 -39.54 30.94
CA GLY D 625 16.39 -38.67 30.80
C GLY D 625 17.66 -39.41 30.42
N VAL D 626 17.52 -40.69 30.04
CA VAL D 626 18.67 -41.50 29.67
C VAL D 626 19.04 -41.30 28.21
N LEU D 627 18.05 -41.28 27.32
CA LEU D 627 18.29 -41.17 25.89
C LEU D 627 17.97 -39.76 25.40
N SER D 628 18.80 -39.27 24.48
CA SER D 628 18.54 -38.01 23.81
C SER D 628 17.87 -38.28 22.47
N VAL D 629 16.99 -37.36 22.07
CA VAL D 629 16.24 -37.53 20.83
C VAL D 629 17.17 -37.50 19.63
N ARG D 630 18.32 -36.84 19.75
CA ARG D 630 19.27 -36.70 18.67
C ARG D 630 20.45 -37.65 18.77
N ALA D 631 20.48 -38.51 19.78
CA ALA D 631 21.55 -39.48 19.92
C ALA D 631 21.36 -40.63 18.93
N LYS D 632 22.47 -41.12 18.38
CA LYS D 632 22.43 -42.22 17.44
C LYS D 632 22.30 -43.55 18.19
N ILE D 633 21.32 -44.37 17.78
CA ILE D 633 21.08 -45.65 18.43
C ILE D 633 20.69 -46.70 17.39
N LYS D 634 20.36 -47.90 17.86
CA LYS D 634 19.82 -48.97 17.03
C LYS D 634 18.43 -49.32 17.55
N VAL D 635 17.43 -49.25 16.67
CA VAL D 635 16.04 -49.48 17.06
C VAL D 635 15.43 -50.51 16.12
N ARG D 636 14.67 -51.43 16.69
CA ARG D 636 13.86 -52.37 15.91
C ARG D 636 12.56 -51.67 15.51
N LEU D 637 12.42 -51.38 14.22
CA LEU D 637 11.22 -50.72 13.69
C LEU D 637 10.28 -51.76 13.10
N THR D 638 8.98 -51.53 13.26
CA THR D 638 7.98 -52.48 12.78
C THR D 638 6.87 -51.84 11.96
N GLN D 639 6.81 -50.51 11.86
CA GLN D 639 5.73 -49.84 11.13
C GLN D 639 6.27 -48.83 10.13
N LEU D 640 7.53 -48.95 9.72
CA LEU D 640 8.12 -48.06 8.74
C LEU D 640 8.83 -48.90 7.69
N ARG D 641 8.50 -48.66 6.42
CA ARG D 641 9.18 -49.37 5.34
C ARG D 641 10.66 -49.00 5.35
N PRO D 642 11.56 -49.96 5.32
CA PRO D 642 12.99 -49.65 5.25
C PRO D 642 13.34 -49.02 3.92
N PRO D 643 14.53 -48.42 3.79
CA PRO D 643 14.94 -47.86 2.51
C PRO D 643 14.92 -48.92 1.42
N VAL D 644 14.62 -48.49 0.19
CA VAL D 644 14.59 -49.39 -0.95
C VAL D 644 15.92 -50.09 -1.12
N GLU D 645 17.01 -49.49 -0.63
CA GLU D 645 18.31 -50.16 -0.62
C GLU D 645 18.27 -51.41 0.24
N ILE D 646 17.88 -51.26 1.52
CA ILE D 646 17.93 -52.37 2.46
C ILE D 646 16.65 -53.20 2.47
N GLU D 647 15.54 -52.66 1.95
CA GLU D 647 14.34 -53.48 1.80
C GLU D 647 14.57 -54.64 0.85
N ALA D 648 15.46 -54.46 -0.14
CA ALA D 648 15.72 -55.51 -1.12
C ALA D 648 16.46 -56.68 -0.50
N GLU D 649 17.46 -56.41 0.34
CA GLU D 649 18.26 -57.50 0.90
C GLU D 649 17.50 -58.25 1.99
N LEU D 650 16.61 -57.57 2.71
CA LEU D 650 15.83 -58.23 3.75
C LEU D 650 14.67 -59.01 3.14
N PHE D 651 13.85 -58.35 2.33
CA PHE D 651 12.73 -59.01 1.69
C PHE D 651 12.97 -59.11 0.18
N GLY D 652 12.77 -58.00 -0.54
CA GLY D 652 13.05 -57.96 -1.96
C GLY D 652 12.02 -58.66 -2.82
N HIS D 653 11.84 -59.97 -2.60
CA HIS D 653 10.85 -60.73 -3.37
C HIS D 653 9.45 -60.17 -3.15
N SER D 654 9.12 -59.82 -1.91
CA SER D 654 7.85 -59.20 -1.58
C SER D 654 8.12 -57.93 -0.80
N GLY D 655 7.26 -56.93 -0.99
CA GLY D 655 7.43 -55.68 -0.28
C GLY D 655 7.35 -55.86 1.23
N TRP D 656 8.06 -55.01 1.95
CA TRP D 656 7.96 -54.97 3.40
C TRP D 656 6.50 -54.85 3.82
N GLN D 657 6.14 -55.53 4.91
CA GLN D 657 4.75 -55.53 5.32
C GLN D 657 4.60 -54.83 6.68
N PRO D 658 3.53 -54.03 6.85
CA PRO D 658 3.27 -53.43 8.17
C PRO D 658 3.15 -54.50 9.26
N GLY D 659 4.20 -54.63 10.06
CA GLY D 659 4.27 -55.67 11.06
C GLY D 659 5.63 -56.34 11.07
N ASP D 660 6.28 -56.39 9.91
CA ASP D 660 7.62 -56.94 9.81
C ASP D 660 8.61 -56.02 10.49
N ALA D 661 9.65 -56.61 11.06
CA ALA D 661 10.66 -55.87 11.83
C ALA D 661 11.96 -55.75 11.04
N TRP D 662 12.75 -54.75 11.43
CA TRP D 662 14.08 -54.52 10.87
C TRP D 662 14.81 -53.52 11.76
N MET D 663 16.13 -53.62 11.75
CA MET D 663 16.98 -52.76 12.57
C MET D 663 17.44 -51.54 11.78
N ALA D 664 17.60 -50.42 12.48
CA ALA D 664 18.03 -49.18 11.87
C ALA D 664 19.03 -48.47 12.77
N GLU D 665 19.92 -47.69 12.17
CA GLU D 665 20.93 -46.93 12.89
C GLU D 665 20.65 -45.44 12.75
N THR D 666 19.55 -45.00 13.37
CA THR D 666 19.14 -43.62 13.28
C THR D 666 19.15 -42.96 14.66
N THR D 667 18.41 -41.87 14.79
CA THR D 667 18.12 -41.25 16.07
C THR D 667 16.62 -41.36 16.36
N LEU D 668 16.25 -41.18 17.62
CA LEU D 668 14.83 -41.21 17.96
C LEU D 668 14.05 -40.13 17.22
N GLY D 669 14.67 -38.96 17.03
CA GLY D 669 14.00 -37.90 16.30
C GLY D 669 13.76 -38.25 14.84
N ARG D 670 14.76 -38.85 14.19
CA ARG D 670 14.60 -39.23 12.79
C ARG D 670 13.48 -40.26 12.62
N VAL D 671 13.29 -41.13 13.60
CA VAL D 671 12.17 -42.06 13.54
C VAL D 671 10.85 -41.31 13.70
N MET D 672 10.80 -40.36 14.64
CA MET D 672 9.59 -39.56 14.82
C MET D 672 9.28 -38.73 13.57
N PHE D 673 10.31 -38.27 12.87
CA PHE D 673 10.08 -37.55 11.62
C PHE D 673 9.50 -38.46 10.55
N ASN D 674 10.04 -39.67 10.42
CA ASN D 674 9.55 -40.59 9.39
C ASN D 674 8.15 -41.10 9.69
N GLU D 675 7.69 -40.99 10.94
CA GLU D 675 6.30 -41.33 11.25
C GLU D 675 5.32 -40.32 10.67
N LEU D 676 5.76 -39.10 10.40
CA LEU D 676 4.87 -38.06 9.89
C LEU D 676 4.47 -38.34 8.45
N LEU D 677 5.44 -38.65 7.59
CA LEU D 677 5.14 -38.99 6.21
C LEU D 677 4.29 -40.27 6.19
N PRO D 678 3.49 -40.47 5.14
CA PRO D 678 2.52 -41.57 5.15
C PRO D 678 3.18 -42.93 5.22
N LEU D 679 2.38 -43.91 5.64
CA LEU D 679 2.88 -45.28 5.76
C LEU D 679 3.27 -45.84 4.39
N GLY D 680 4.35 -46.61 4.38
CA GLY D 680 4.86 -47.17 3.15
C GLY D 680 5.89 -46.32 2.44
N TYR D 681 6.17 -45.12 2.94
CA TYR D 681 7.19 -44.30 2.31
C TYR D 681 8.58 -44.77 2.76
N PRO D 682 9.52 -44.87 1.84
CA PRO D 682 10.88 -45.33 2.20
C PRO D 682 11.50 -44.46 3.28
N PHE D 683 12.03 -45.12 4.31
CA PHE D 683 12.69 -44.43 5.41
C PHE D 683 13.85 -43.59 4.88
N VAL D 684 13.96 -42.37 5.39
CA VAL D 684 15.03 -41.46 5.02
C VAL D 684 15.82 -41.12 6.28
N ASN D 685 17.08 -41.55 6.32
CA ASN D 685 17.96 -41.33 7.47
C ASN D 685 18.82 -40.08 7.31
N LYS D 686 18.35 -39.09 6.55
CA LYS D 686 19.11 -37.88 6.32
C LYS D 686 18.83 -36.83 7.39
N GLN D 687 19.59 -35.74 7.32
CA GLN D 687 19.33 -34.55 8.14
C GLN D 687 18.41 -33.63 7.37
N MET D 688 17.28 -33.26 7.98
CA MET D 688 16.21 -32.56 7.27
C MET D 688 16.58 -31.09 7.10
N HIS D 689 17.34 -30.82 6.04
CA HIS D 689 17.48 -29.47 5.54
C HIS D 689 16.20 -29.06 4.79
N LYS D 690 16.08 -27.77 4.48
CA LYS D 690 14.94 -27.33 3.68
C LYS D 690 14.94 -28.00 2.31
N LYS D 691 16.12 -28.13 1.70
CA LYS D 691 16.21 -28.80 0.41
C LYS D 691 15.73 -30.24 0.49
N VAL D 692 16.09 -30.94 1.57
CA VAL D 692 15.68 -32.32 1.73
C VAL D 692 14.17 -32.42 1.90
N GLN D 693 13.58 -31.52 2.70
CA GLN D 693 12.14 -31.54 2.90
C GLN D 693 11.40 -31.17 1.63
N ALA D 694 11.92 -30.21 0.87
CA ALA D 694 11.30 -29.85 -0.40
C ALA D 694 11.34 -31.01 -1.38
N ALA D 695 12.45 -31.76 -1.40
CA ALA D 695 12.55 -32.92 -2.27
C ALA D 695 11.51 -33.98 -1.91
N ILE D 696 11.30 -34.19 -0.62
CA ILE D 696 10.32 -35.19 -0.18
C ILE D 696 8.91 -34.77 -0.59
N ILE D 697 8.56 -33.51 -0.33
CA ILE D 697 7.21 -33.04 -0.65
C ILE D 697 6.99 -33.01 -2.16
N ASN D 698 8.03 -32.71 -2.93
CA ASN D 698 7.91 -32.78 -4.38
C ASN D 698 7.68 -34.22 -4.83
N ASP D 699 8.40 -35.18 -4.24
CA ASP D 699 8.16 -36.57 -4.56
C ASP D 699 6.81 -37.05 -4.06
N LEU D 700 6.33 -36.52 -2.95
CA LEU D 700 5.01 -36.89 -2.45
C LEU D 700 3.91 -36.38 -3.39
N ALA D 701 4.11 -35.20 -3.97
CA ALA D 701 3.10 -34.66 -4.88
C ALA D 701 3.05 -35.42 -6.20
N GLU D 702 4.20 -35.92 -6.66
CA GLU D 702 4.23 -36.65 -7.92
C GLU D 702 3.58 -38.02 -7.78
N ARG D 703 3.92 -38.76 -6.72
CA ARG D 703 3.50 -40.15 -6.57
C ARG D 703 2.21 -40.27 -5.75
N TYR D 704 2.22 -39.74 -4.53
CA TYR D 704 1.06 -39.88 -3.64
C TYR D 704 -0.03 -38.87 -4.02
N PRO D 705 -1.30 -39.18 -3.70
CA PRO D 705 -2.40 -38.30 -4.12
C PRO D 705 -2.41 -36.95 -3.42
N MET D 706 -3.38 -36.11 -3.78
CA MET D 706 -3.41 -34.73 -3.27
C MET D 706 -3.68 -34.71 -1.77
N ILE D 707 -4.77 -35.37 -1.34
CA ILE D 707 -5.19 -35.27 0.05
C ILE D 707 -4.12 -35.78 1.00
N VAL D 708 -3.29 -36.73 0.55
CA VAL D 708 -2.20 -37.21 1.40
C VAL D 708 -1.15 -36.12 1.59
N VAL D 709 -0.80 -35.41 0.52
CA VAL D 709 0.19 -34.33 0.61
C VAL D 709 -0.32 -33.23 1.52
N ALA D 710 -1.61 -32.88 1.42
CA ALA D 710 -2.17 -31.82 2.24
C ALA D 710 -2.16 -32.20 3.72
N GLN D 711 -2.44 -33.46 4.03
CA GLN D 711 -2.44 -33.89 5.43
C GLN D 711 -1.03 -34.14 5.96
N THR D 712 -0.12 -34.62 5.11
CA THR D 712 1.25 -34.85 5.55
C THR D 712 1.94 -33.53 5.89
N VAL D 713 1.68 -32.48 5.10
CA VAL D 713 2.35 -31.21 5.36
C VAL D 713 1.75 -30.53 6.59
N ASP D 714 0.49 -30.83 6.93
CA ASP D 714 -0.07 -30.36 8.19
C ASP D 714 0.62 -31.03 9.36
N LYS D 715 0.97 -32.31 9.23
CA LYS D 715 1.73 -33.00 10.27
C LYS D 715 3.13 -32.41 10.42
N LEU D 716 3.78 -32.09 9.29
CA LEU D 716 5.10 -31.47 9.34
C LEU D 716 5.03 -30.11 10.02
N LYS D 717 3.94 -29.36 9.79
CA LYS D 717 3.80 -28.05 10.41
C LYS D 717 3.70 -28.17 11.94
N ASP D 718 2.79 -29.01 12.41
CA ASP D 718 2.62 -29.18 13.86
C ASP D 718 3.90 -29.70 14.51
N ALA D 719 4.60 -30.61 13.83
CA ALA D 719 5.82 -31.16 14.40
C ALA D 719 6.95 -30.14 14.38
N GLY D 720 7.03 -29.33 13.32
CA GLY D 720 8.07 -28.33 13.24
C GLY D 720 7.94 -27.26 14.31
N PHE D 721 6.72 -26.76 14.51
CA PHE D 721 6.49 -25.74 15.53
C PHE D 721 6.75 -26.28 16.94
N TYR D 722 6.46 -27.56 17.17
CA TYR D 722 6.70 -28.14 18.48
C TYR D 722 8.18 -28.15 18.82
N TRP D 723 9.01 -28.66 17.91
CA TRP D 723 10.43 -28.79 18.19
C TRP D 723 11.21 -27.51 17.95
N ALA D 724 10.68 -26.58 17.15
CA ALA D 724 11.30 -25.26 17.07
C ALA D 724 11.20 -24.54 18.41
N THR D 725 10.13 -24.79 19.17
CA THR D 725 9.99 -24.21 20.50
C THR D 725 11.08 -24.73 21.43
N ARG D 726 11.46 -25.99 21.28
CA ARG D 726 12.39 -26.65 22.19
C ARG D 726 13.77 -26.87 21.57
N SER D 727 14.08 -26.17 20.48
CA SER D 727 15.38 -26.29 19.84
C SER D 727 16.40 -25.29 20.39
N GLY D 728 16.04 -24.52 21.41
CA GLY D 728 16.98 -23.59 22.01
C GLY D 728 17.47 -22.48 21.11
N VAL D 729 16.78 -22.24 20.00
CA VAL D 729 17.21 -21.20 19.07
C VAL D 729 16.94 -19.83 19.70
N THR D 730 18.01 -19.09 19.96
CA THR D 730 17.92 -17.81 20.64
C THR D 730 19.05 -16.92 20.17
N VAL D 731 18.81 -15.61 20.13
CA VAL D 731 19.81 -14.62 19.81
C VAL D 731 20.20 -13.90 21.10
N SER D 732 21.51 -13.85 21.36
CA SER D 732 22.05 -13.10 22.48
C SER D 732 23.36 -12.47 22.05
N MET D 733 23.81 -11.47 22.81
CA MET D 733 25.09 -10.83 22.50
C MET D 733 26.24 -11.82 22.62
N ALA D 734 26.09 -12.84 23.48
CA ALA D 734 27.14 -13.84 23.63
C ALA D 734 27.26 -14.72 22.39
N ASP D 735 26.14 -14.99 21.72
CA ASP D 735 26.16 -15.85 20.53
C ASP D 735 26.69 -15.15 19.29
N VAL D 736 26.87 -13.83 19.34
CA VAL D 736 27.45 -13.09 18.21
C VAL D 736 28.95 -13.08 18.44
N LEU D 737 29.63 -14.08 17.86
CA LEU D 737 31.07 -14.21 18.02
C LEU D 737 31.80 -13.32 17.02
N VAL D 738 32.80 -12.59 17.48
CA VAL D 738 33.58 -11.69 16.64
C VAL D 738 34.78 -12.47 16.10
N PRO D 739 35.29 -12.12 14.91
CA PRO D 739 36.45 -12.84 14.37
C PRO D 739 37.64 -12.75 15.30
N PRO D 740 38.38 -13.85 15.48
CA PRO D 740 39.53 -13.80 16.41
C PRO D 740 40.68 -12.95 15.88
N ARG D 741 40.98 -13.05 14.59
CA ARG D 741 42.05 -12.27 13.97
C ARG D 741 41.54 -10.98 13.34
N LYS D 742 40.55 -10.33 13.97
CA LYS D 742 39.93 -9.15 13.37
C LYS D 742 40.94 -8.02 13.22
N LYS D 743 41.72 -7.74 14.27
CA LYS D 743 42.71 -6.66 14.19
C LYS D 743 43.82 -7.01 13.22
N GLU D 744 44.29 -8.26 13.22
CA GLU D 744 45.39 -8.64 12.35
C GLU D 744 45.01 -8.51 10.88
N ILE D 745 43.79 -8.92 10.53
CA ILE D 745 43.37 -8.90 9.13
C ILE D 745 43.24 -7.47 8.63
N LEU D 746 42.58 -6.61 9.39
CA LEU D 746 42.38 -5.23 8.95
C LEU D 746 43.69 -4.45 8.92
N ASP D 747 44.61 -4.75 9.83
CA ASP D 747 45.91 -4.07 9.82
C ASP D 747 46.74 -4.47 8.60
N HIS D 748 46.58 -5.69 8.10
CA HIS D 748 47.30 -6.10 6.90
C HIS D 748 46.78 -5.36 5.67
N TYR D 749 45.47 -5.17 5.59
CA TYR D 749 44.89 -4.45 4.45
C TYR D 749 44.93 -2.94 4.63
N GLU D 750 44.97 -2.46 5.88
CA GLU D 750 45.30 -1.05 6.10
C GLU D 750 46.74 -0.76 5.67
N GLU D 751 47.62 -1.74 5.82
CA GLU D 751 48.98 -1.62 5.30
C GLU D 751 48.99 -1.49 3.78
N ARG D 752 48.26 -2.40 3.10
CA ARG D 752 48.19 -2.35 1.65
C ARG D 752 47.45 -1.11 1.16
N ALA D 753 46.47 -0.63 1.93
CA ALA D 753 45.78 0.60 1.55
C ALA D 753 46.68 1.82 1.72
N ASP D 754 47.53 1.81 2.75
CA ASP D 754 48.46 2.91 2.94
C ASP D 754 49.56 2.91 1.89
N LYS D 755 49.92 1.73 1.36
CA LYS D 755 50.91 1.65 0.31
C LYS D 755 50.34 2.13 -1.03
N VAL D 756 49.08 1.81 -1.30
CA VAL D 756 48.44 2.33 -2.50
C VAL D 756 48.19 3.83 -2.37
N GLU D 757 47.93 4.31 -1.15
CA GLU D 757 47.81 5.74 -0.93
C GLU D 757 49.15 6.46 -1.12
N LYS D 758 50.24 5.81 -0.71
CA LYS D 758 51.56 6.38 -0.97
C LYS D 758 51.94 6.25 -2.43
N GLN D 759 51.46 5.20 -3.12
CA GLN D 759 51.64 5.10 -4.55
C GLN D 759 50.78 6.11 -5.32
N PHE D 760 49.81 6.72 -4.66
CA PHE D 760 49.05 7.83 -5.24
C PHE D 760 49.62 9.18 -4.87
N GLN D 761 50.42 9.26 -3.80
CA GLN D 761 51.02 10.54 -3.42
C GLN D 761 52.12 10.94 -4.40
N ARG D 762 52.86 9.97 -4.93
CA ARG D 762 53.89 10.26 -5.92
C ARG D 762 53.35 10.35 -7.34
N GLY D 763 52.03 10.26 -7.51
CA GLY D 763 51.44 10.38 -8.83
C GLY D 763 51.60 9.18 -9.72
N ALA D 764 52.09 8.04 -9.19
CA ALA D 764 52.26 6.86 -10.01
C ALA D 764 50.94 6.19 -10.36
N LEU D 765 49.88 6.48 -9.64
CA LEU D 765 48.56 5.91 -9.88
C LEU D 765 47.58 7.02 -10.23
N ASN D 766 46.77 6.79 -11.27
CA ASN D 766 45.72 7.71 -11.62
C ASN D 766 44.65 7.73 -10.53
N HIS D 767 43.98 8.87 -10.39
CA HIS D 767 42.94 9.00 -9.37
C HIS D 767 41.78 8.04 -9.64
N ASP D 768 41.47 7.80 -10.91
CA ASP D 768 40.42 6.85 -11.25
C ASP D 768 40.85 5.41 -10.95
N GLU D 769 42.15 5.14 -10.98
CA GLU D 769 42.67 3.81 -10.70
C GLU D 769 42.90 3.55 -9.22
N ARG D 770 43.13 4.60 -8.44
CA ARG D 770 43.33 4.43 -7.00
C ARG D 770 42.08 3.86 -6.34
N ASN D 771 40.90 4.33 -6.75
CA ASN D 771 39.65 3.81 -6.19
C ASN D 771 39.48 2.33 -6.52
N GLU D 772 39.72 1.97 -7.78
CA GLU D 772 39.62 0.56 -8.17
C GLU D 772 40.65 -0.30 -7.46
N ALA D 773 41.82 0.28 -7.14
CA ALA D 773 42.84 -0.48 -6.42
C ALA D 773 42.40 -0.73 -4.98
N LEU D 774 41.89 0.30 -4.30
CA LEU D 774 41.43 0.14 -2.93
C LEU D 774 40.18 -0.73 -2.84
N VAL D 775 39.32 -0.68 -3.87
CA VAL D 775 38.12 -1.51 -3.87
C VAL D 775 38.50 -2.99 -3.81
N GLU D 776 39.45 -3.41 -4.65
CA GLU D 776 39.89 -4.79 -4.64
C GLU D 776 40.67 -5.15 -3.39
N ILE D 777 41.23 -4.17 -2.69
CA ILE D 777 41.90 -4.45 -1.42
C ILE D 777 40.88 -4.75 -0.34
N TRP D 778 39.79 -3.98 -0.29
CA TRP D 778 38.80 -4.18 0.75
C TRP D 778 37.80 -5.28 0.40
N LYS D 779 37.58 -5.53 -0.89
CA LYS D 779 36.79 -6.70 -1.27
C LYS D 779 37.50 -7.99 -0.87
N GLU D 780 38.83 -8.02 -1.02
CA GLU D 780 39.60 -9.17 -0.54
C GLU D 780 39.66 -9.19 0.98
N ALA D 781 39.56 -8.03 1.63
CA ALA D 781 39.58 -7.97 3.08
C ALA D 781 38.30 -8.53 3.68
N THR D 782 37.15 -8.19 3.08
CA THR D 782 35.87 -8.71 3.60
C THR D 782 35.75 -10.21 3.39
N ASP D 783 36.40 -10.75 2.37
CA ASP D 783 36.38 -12.21 2.17
C ASP D 783 37.22 -12.91 3.22
N GLU D 784 38.33 -12.30 3.63
CA GLU D 784 39.17 -12.91 4.66
C GLU D 784 38.51 -12.82 6.03
N VAL D 785 37.79 -11.74 6.31
CA VAL D 785 37.05 -11.64 7.56
C VAL D 785 35.87 -12.61 7.55
N GLY D 786 35.21 -12.75 6.39
CA GLY D 786 34.13 -13.72 6.29
C GLY D 786 34.60 -15.15 6.49
N GLN D 787 35.77 -15.49 5.95
CA GLN D 787 36.34 -16.81 6.17
C GLN D 787 36.78 -17.00 7.62
N ALA D 788 37.23 -15.92 8.27
CA ALA D 788 37.61 -16.01 9.68
C ALA D 788 36.41 -16.20 10.59
N LEU D 789 35.19 -15.98 10.08
CA LEU D 789 33.98 -16.18 10.87
C LEU D 789 33.40 -17.57 10.69
N ARG D 790 33.49 -18.14 9.48
CA ARG D 790 32.93 -19.46 9.24
C ARG D 790 33.60 -20.52 10.10
N GLU D 791 34.94 -20.49 10.16
CA GLU D 791 35.67 -21.51 10.91
C GLU D 791 35.63 -21.27 12.41
N HIS D 792 35.55 -20.01 12.85
CA HIS D 792 35.51 -19.72 14.27
C HIS D 792 34.15 -20.06 14.88
N TYR D 793 33.08 -19.88 14.12
CA TYR D 793 31.73 -20.13 14.63
C TYR D 793 31.48 -21.63 14.74
N PRO D 794 31.10 -22.15 15.90
CA PRO D 794 30.67 -23.54 15.99
C PRO D 794 29.35 -23.74 15.26
N ASP D 795 28.96 -25.00 15.13
CA ASP D 795 27.68 -25.34 14.50
C ASP D 795 26.55 -25.40 15.52
N ASP D 796 26.85 -25.37 16.81
CA ASP D 796 25.81 -25.26 17.84
C ASP D 796 25.26 -23.85 17.94
N ASN D 797 26.00 -22.85 17.45
CA ASN D 797 25.57 -21.47 17.58
C ASN D 797 24.26 -21.24 16.84
N PRO D 798 23.25 -20.64 17.48
CA PRO D 798 21.93 -20.53 16.82
C PRO D 798 21.95 -19.66 15.57
N ILE D 799 22.82 -18.66 15.50
CA ILE D 799 22.88 -17.80 14.32
C ILE D 799 23.33 -18.61 13.10
N ILE D 800 24.24 -19.56 13.30
CA ILE D 800 24.67 -20.42 12.20
C ILE D 800 23.59 -21.44 11.87
N THR D 801 22.90 -21.96 12.89
CA THR D 801 21.88 -22.97 12.66
C THR D 801 20.72 -22.41 11.83
N ILE D 802 20.38 -21.14 12.04
CA ILE D 802 19.29 -20.53 11.29
C ILE D 802 19.63 -20.45 9.80
N VAL D 803 20.84 -19.98 9.48
CA VAL D 803 21.22 -19.78 8.08
C VAL D 803 21.49 -21.12 7.40
N ASP D 804 22.23 -22.00 8.07
CA ASP D 804 22.67 -23.25 7.45
C ASP D 804 21.55 -24.28 7.32
N SER D 805 20.43 -24.10 8.01
CA SER D 805 19.31 -25.02 7.89
C SER D 805 18.30 -24.58 6.84
N GLY D 806 18.63 -23.57 6.04
CA GLY D 806 17.70 -23.05 5.06
C GLY D 806 16.51 -22.33 5.63
N ALA D 807 16.55 -21.96 6.91
CA ALA D 807 15.44 -21.26 7.54
C ALA D 807 15.28 -19.86 6.93
N THR D 808 16.26 -19.00 7.18
CA THR D 808 16.24 -17.64 6.63
C THR D 808 17.60 -17.00 6.84
N GLY D 809 17.95 -16.08 5.95
CA GLY D 809 19.13 -15.28 6.12
C GLY D 809 20.33 -15.81 5.35
N ASN D 810 21.24 -14.91 4.99
CA ASN D 810 22.50 -15.26 4.36
C ASN D 810 23.61 -15.26 5.41
N PHE D 811 24.75 -15.82 5.01
CA PHE D 811 25.95 -15.61 5.81
C PHE D 811 26.54 -14.21 5.59
N THR D 812 26.24 -13.60 4.44
CA THR D 812 26.64 -12.21 4.22
C THR D 812 26.03 -11.30 5.27
N GLN D 813 24.77 -11.54 5.64
CA GLN D 813 24.15 -10.81 6.74
C GLN D 813 24.87 -11.12 8.05
N THR D 814 25.17 -12.41 8.27
CA THR D 814 25.90 -12.79 9.48
C THR D 814 27.28 -12.15 9.53
N ARG D 815 27.96 -12.10 8.39
CA ARG D 815 29.25 -11.42 8.33
C ARG D 815 29.11 -9.94 8.66
N THR D 816 28.09 -9.28 8.10
CA THR D 816 27.83 -7.88 8.41
C THR D 816 27.54 -7.69 9.91
N LEU D 817 26.82 -8.65 10.50
CA LEU D 817 26.47 -8.55 11.92
C LEU D 817 27.73 -8.59 12.78
N ALA D 818 28.59 -9.58 12.57
CA ALA D 818 29.69 -9.86 13.49
C ALA D 818 31.05 -9.44 12.97
N GLY D 819 31.24 -9.35 11.66
CA GLY D 819 32.56 -9.05 11.12
C GLY D 819 32.75 -7.59 10.76
N MET D 820 32.28 -7.21 9.58
CA MET D 820 32.40 -5.84 9.10
C MET D 820 31.38 -5.61 8.01
N LYS D 821 30.83 -4.39 7.97
CA LYS D 821 29.88 -4.03 6.92
C LYS D 821 30.53 -4.11 5.55
N GLY D 822 31.75 -3.59 5.42
CA GLY D 822 32.47 -3.63 4.15
C GLY D 822 32.33 -2.34 3.37
N LEU D 823 32.55 -2.46 2.06
CA LEU D 823 32.46 -1.31 1.18
C LEU D 823 30.99 -0.90 1.01
N VAL D 824 30.69 0.34 1.32
CA VAL D 824 29.35 0.90 1.14
C VAL D 824 29.35 1.78 -0.08
N THR D 825 28.17 1.92 -0.69
CA THR D 825 28.02 2.69 -1.93
C THR D 825 27.45 4.08 -1.63
N ASN D 826 28.01 5.07 -2.29
CA ASN D 826 27.48 6.43 -2.27
C ASN D 826 26.39 6.56 -3.33
N PRO D 827 25.59 7.63 -3.30
CA PRO D 827 24.50 7.77 -4.28
C PRO D 827 24.97 7.77 -5.73
N LYS D 828 26.28 7.84 -5.99
CA LYS D 828 26.79 7.69 -7.34
C LYS D 828 26.58 6.27 -7.84
N GLY D 829 27.17 5.30 -7.14
CA GLY D 829 27.04 3.90 -7.51
C GLY D 829 28.29 3.10 -7.21
N GLU D 830 29.46 3.70 -7.43
CA GLU D 830 30.72 3.04 -7.15
C GLU D 830 30.96 2.96 -5.64
N PHE D 831 31.76 1.98 -5.24
CA PHE D 831 32.05 1.78 -3.83
C PHE D 831 32.98 2.88 -3.32
N ILE D 832 32.75 3.28 -2.07
CA ILE D 832 33.59 4.31 -1.43
C ILE D 832 34.98 3.74 -1.20
N PRO D 833 36.05 4.49 -1.48
CA PRO D 833 37.41 3.96 -1.25
C PRO D 833 37.72 3.66 0.21
N ARG D 834 36.84 4.00 1.14
CA ARG D 834 37.01 3.69 2.55
C ARG D 834 35.86 2.82 3.02
N PRO D 835 36.10 1.65 3.59
CA PRO D 835 35.02 0.76 3.99
C PRO D 835 34.58 1.02 5.43
N VAL D 836 33.47 0.37 5.78
CA VAL D 836 32.96 0.39 7.16
C VAL D 836 33.61 -0.78 7.87
N LYS D 837 34.67 -0.50 8.63
CA LYS D 837 35.42 -1.57 9.28
C LYS D 837 34.66 -2.15 10.46
N SER D 838 33.92 -1.32 11.18
CA SER D 838 33.19 -1.80 12.34
C SER D 838 32.06 -2.74 11.93
N SER D 839 31.65 -3.57 12.89
CA SER D 839 30.48 -4.41 12.73
C SER D 839 29.32 -3.84 13.56
N PHE D 840 28.11 -4.22 13.17
CA PHE D 840 26.94 -3.75 13.91
C PHE D 840 26.93 -4.29 15.34
N ARG D 841 27.63 -5.40 15.60
CA ARG D 841 27.84 -5.81 16.98
C ARG D 841 28.78 -4.86 17.70
N GLU D 842 29.82 -4.37 17.00
CA GLU D 842 30.73 -3.42 17.61
C GLU D 842 30.10 -2.04 17.74
N GLY D 843 29.41 -1.59 16.69
CA GLY D 843 28.81 -0.28 16.69
C GLY D 843 29.51 0.69 15.76
N LEU D 844 28.81 1.11 14.71
CA LEU D 844 29.41 1.98 13.71
C LEU D 844 29.72 3.35 14.30
N THR D 845 30.72 4.00 13.73
CA THR D 845 31.02 5.38 14.11
C THR D 845 30.02 6.33 13.45
N VAL D 846 30.13 7.61 13.81
CA VAL D 846 29.20 8.61 13.29
C VAL D 846 29.34 8.72 11.77
N LEU D 847 30.58 8.78 11.28
CA LEU D 847 30.78 8.89 9.84
C LEU D 847 30.51 7.57 9.12
N GLU D 848 30.81 6.44 9.77
CA GLU D 848 30.48 5.15 9.17
C GLU D 848 28.97 5.00 9.00
N TYR D 849 28.20 5.41 10.01
CA TYR D 849 26.74 5.33 9.89
C TYR D 849 26.23 6.26 8.80
N PHE D 850 26.81 7.45 8.71
CA PHE D 850 26.34 8.45 7.75
C PHE D 850 26.53 7.96 6.31
N ILE D 851 27.70 7.39 6.01
CA ILE D 851 27.96 6.91 4.67
C ILE D 851 27.15 5.64 4.37
N ASN D 852 26.72 4.91 5.40
CA ASN D 852 25.91 3.72 5.17
C ASN D 852 24.51 4.09 4.71
N THR D 853 23.95 5.18 5.24
CA THR D 853 22.58 5.57 4.89
C THR D 853 22.43 5.94 3.44
N HIS D 854 23.52 6.35 2.78
CA HIS D 854 23.44 6.71 1.36
C HIS D 854 22.94 5.54 0.52
N GLY D 855 23.54 4.36 0.70
CA GLY D 855 23.09 3.19 -0.03
C GLY D 855 21.79 2.63 0.50
N ALA D 856 21.51 2.83 1.79
CA ALA D 856 20.29 2.30 2.36
C ALA D 856 19.06 3.05 1.86
N ARG D 857 19.15 4.38 1.75
CA ARG D 857 17.98 5.15 1.31
C ARG D 857 17.72 4.95 -0.18
N LYS D 858 18.77 5.01 -1.01
CA LYS D 858 18.57 4.78 -2.43
C LYS D 858 18.20 3.33 -2.72
N GLY D 859 18.51 2.42 -1.79
CA GLY D 859 18.02 1.05 -1.93
C GLY D 859 16.51 0.96 -1.78
N LEU D 860 15.95 1.74 -0.85
CA LEU D 860 14.50 1.79 -0.70
C LEU D 860 13.85 2.66 -1.77
N ALA D 861 14.55 3.70 -2.23
CA ALA D 861 13.95 4.64 -3.17
C ALA D 861 13.68 3.99 -4.51
N ASP D 862 14.69 3.35 -5.11
CA ASP D 862 14.50 2.76 -6.43
C ASP D 862 13.59 1.54 -6.39
N THR D 863 13.35 0.97 -5.21
CA THR D 863 12.47 -0.19 -5.12
C THR D 863 11.02 0.17 -5.49
N ALA D 864 10.60 1.40 -5.20
CA ALA D 864 9.27 1.83 -5.60
C ALA D 864 9.16 2.03 -7.12
N LEU D 865 10.24 2.48 -7.75
CA LEU D 865 10.24 2.63 -9.20
C LEU D 865 10.40 1.29 -9.91
N ARG D 866 11.21 0.39 -9.34
CA ARG D 866 11.44 -0.90 -9.97
C ARG D 866 10.21 -1.79 -9.90
N THR D 867 9.38 -1.60 -8.87
CA THR D 867 8.11 -2.34 -8.81
C THR D 867 7.07 -1.75 -9.75
N ALA D 868 7.17 -0.46 -10.07
CA ALA D 868 6.24 0.14 -11.03
C ALA D 868 6.51 -0.38 -12.43
N ASP D 869 7.79 -0.41 -12.83
CA ASP D 869 8.13 -0.97 -14.14
C ASP D 869 7.88 -2.47 -14.18
N SER D 870 8.02 -3.15 -13.05
CA SER D 870 7.70 -4.58 -13.00
C SER D 870 6.21 -4.81 -13.26
N GLY D 871 5.35 -4.10 -12.52
CA GLY D 871 3.93 -4.26 -12.70
C GLY D 871 3.43 -3.78 -14.05
N TYR D 872 4.11 -2.80 -14.64
CA TYR D 872 3.74 -2.34 -15.97
C TYR D 872 4.08 -3.38 -17.02
N LEU D 873 5.27 -3.98 -16.92
CA LEU D 873 5.62 -5.08 -17.81
C LEU D 873 4.66 -6.25 -17.62
N THR D 874 4.24 -6.49 -16.38
CA THR D 874 3.35 -7.62 -16.11
C THR D 874 2.02 -7.46 -16.82
N ARG D 875 1.42 -6.25 -16.73
CA ARG D 875 0.13 -6.04 -17.36
C ARG D 875 0.22 -5.97 -18.88
N ARG D 876 1.39 -5.63 -19.43
CA ARG D 876 1.59 -5.76 -20.87
C ARG D 876 1.61 -7.23 -21.28
N LEU D 877 2.28 -8.08 -20.49
CA LEU D 877 2.29 -9.50 -20.76
C LEU D 877 0.91 -10.12 -20.57
N VAL D 878 0.11 -9.59 -19.65
CA VAL D 878 -1.24 -10.11 -19.45
C VAL D 878 -2.10 -9.86 -20.67
N ASP D 879 -2.05 -8.65 -21.21
CA ASP D 879 -2.92 -8.30 -22.33
C ASP D 879 -2.48 -8.98 -23.62
N VAL D 880 -1.18 -9.24 -23.78
CA VAL D 880 -0.70 -9.86 -25.01
C VAL D 880 -1.03 -11.34 -25.07
N SER D 881 -1.29 -11.99 -23.93
CA SER D 881 -1.55 -13.43 -23.89
C SER D 881 -2.83 -13.76 -23.12
N GLN D 882 -3.75 -12.79 -23.00
CA GLN D 882 -4.95 -13.03 -22.20
C GLN D 882 -5.86 -14.07 -22.81
N ASP D 883 -5.87 -14.18 -24.14
CA ASP D 883 -6.82 -15.05 -24.84
C ASP D 883 -6.19 -16.37 -25.30
N VAL D 884 -5.02 -16.71 -24.77
CA VAL D 884 -4.35 -17.97 -25.12
C VAL D 884 -4.92 -19.05 -24.21
N ILE D 885 -5.82 -19.87 -24.76
CA ILE D 885 -6.51 -20.91 -24.01
C ILE D 885 -6.17 -22.26 -24.62
N VAL D 886 -6.23 -23.30 -23.80
CA VAL D 886 -6.09 -24.68 -24.28
C VAL D 886 -7.46 -25.12 -24.81
N ARG D 887 -7.58 -25.22 -26.13
CA ARG D 887 -8.85 -25.55 -26.76
C ARG D 887 -8.88 -26.95 -27.38
N GLU D 888 -7.74 -27.58 -27.59
CA GLU D 888 -7.67 -28.86 -28.26
C GLU D 888 -6.83 -29.82 -27.42
N HIS D 889 -7.09 -31.12 -27.60
CA HIS D 889 -6.32 -32.12 -26.86
C HIS D 889 -4.96 -32.35 -27.50
N ASP D 890 -4.95 -32.64 -28.81
CA ASP D 890 -3.70 -32.90 -29.52
C ASP D 890 -3.84 -32.41 -30.94
N CYS D 891 -2.96 -31.49 -31.36
CA CYS D 891 -2.97 -30.99 -32.72
C CYS D 891 -2.27 -31.91 -33.70
N GLN D 892 -1.63 -32.97 -33.20
CA GLN D 892 -1.05 -34.10 -33.95
C GLN D 892 0.23 -33.75 -34.69
N THR D 893 0.73 -32.52 -34.63
CA THR D 893 1.95 -32.17 -35.36
C THR D 893 3.15 -32.85 -34.71
N GLU D 894 3.90 -33.60 -35.52
CA GLU D 894 5.12 -34.23 -35.04
C GLU D 894 6.26 -33.23 -34.83
N ARG D 895 6.06 -31.96 -35.15
CA ARG D 895 7.07 -30.96 -34.93
C ARG D 895 7.34 -30.77 -33.44
N GLY D 896 8.58 -30.46 -33.12
CA GLY D 896 8.97 -30.21 -31.75
C GLY D 896 10.23 -29.38 -31.75
N ILE D 897 11.09 -29.63 -30.76
CA ILE D 897 12.38 -28.95 -30.68
C ILE D 897 13.33 -29.82 -29.88
N VAL D 898 14.62 -29.70 -30.17
CA VAL D 898 15.64 -30.48 -29.49
C VAL D 898 16.01 -29.80 -28.19
N VAL D 899 16.03 -30.57 -27.10
CA VAL D 899 16.37 -30.06 -25.77
C VAL D 899 17.65 -30.73 -25.32
N GLU D 900 18.64 -29.92 -24.93
CA GLU D 900 19.90 -30.44 -24.42
C GLU D 900 19.69 -31.14 -23.09
N LEU D 901 19.41 -32.45 -23.12
CA LEU D 901 19.18 -33.19 -21.89
C LEU D 901 20.44 -33.24 -21.04
N ALA D 902 21.58 -33.59 -21.65
CA ALA D 902 22.83 -33.68 -20.90
C ALA D 902 24.00 -33.44 -21.84
N GLU D 903 25.15 -33.17 -21.24
CA GLU D 903 26.40 -32.99 -21.96
C GLU D 903 27.36 -34.10 -21.56
N ARG D 904 28.12 -34.62 -22.51
CA ARG D 904 29.06 -35.69 -22.27
C ARG D 904 30.48 -35.13 -22.15
N ALA D 905 31.16 -35.50 -21.06
CA ALA D 905 32.51 -35.05 -20.80
C ALA D 905 33.51 -35.79 -21.68
N PRO D 906 34.74 -35.27 -21.81
CA PRO D 906 35.73 -35.99 -22.65
C PRO D 906 36.04 -37.39 -22.14
N ASP D 907 36.07 -37.59 -20.82
CA ASP D 907 36.40 -38.90 -20.27
C ASP D 907 35.34 -39.94 -20.61
N GLY D 908 34.08 -39.52 -20.72
CA GLY D 908 33.01 -40.46 -21.00
C GLY D 908 31.83 -40.29 -20.06
N THR D 909 32.08 -39.65 -18.92
CA THR D 909 31.00 -39.33 -18.00
C THR D 909 30.05 -38.31 -18.61
N LEU D 910 28.76 -38.49 -18.37
CA LEU D 910 27.75 -37.54 -18.82
C LEU D 910 27.40 -36.59 -17.69
N ILE D 911 27.52 -35.29 -17.95
CA ILE D 911 27.23 -34.26 -16.98
C ILE D 911 25.81 -33.75 -17.20
N ARG D 912 25.00 -33.76 -16.14
CA ARG D 912 23.64 -33.25 -16.23
C ARG D 912 23.65 -31.79 -16.64
N ASP D 913 22.81 -31.45 -17.62
CA ASP D 913 22.72 -30.08 -18.07
C ASP D 913 22.02 -29.22 -17.01
N PRO D 914 22.45 -27.98 -16.80
CA PRO D 914 21.76 -27.13 -15.82
C PRO D 914 20.35 -26.74 -16.23
N TYR D 915 20.01 -26.81 -17.51
CA TYR D 915 18.71 -26.37 -18.01
C TYR D 915 17.68 -27.50 -18.04
N ILE D 916 17.92 -28.61 -17.34
CA ILE D 916 16.97 -29.72 -17.35
C ILE D 916 15.69 -29.32 -16.64
N GLU D 917 15.80 -28.65 -15.49
CA GLU D 917 14.63 -28.31 -14.70
C GLU D 917 13.65 -27.44 -15.49
N THR D 918 14.15 -26.40 -16.15
CA THR D 918 13.29 -25.42 -16.78
C THR D 918 12.94 -25.76 -18.23
N SER D 919 13.72 -26.59 -18.90
CA SER D 919 13.51 -26.88 -20.31
C SER D 919 13.16 -28.34 -20.60
N ALA D 920 13.57 -29.28 -19.76
CA ALA D 920 13.38 -30.70 -20.05
C ALA D 920 12.25 -31.32 -19.24
N TYR D 921 12.19 -31.04 -17.94
CA TYR D 921 11.14 -31.62 -17.11
C TYR D 921 9.77 -31.08 -17.50
N ALA D 922 8.74 -31.86 -17.17
CA ALA D 922 7.33 -31.54 -17.43
C ALA D 922 7.01 -31.39 -18.90
N ARG D 923 7.91 -31.82 -19.79
CA ARG D 923 7.67 -31.80 -21.22
C ARG D 923 6.95 -33.07 -21.65
N THR D 924 6.58 -33.14 -22.92
CA THR D 924 6.05 -34.35 -23.53
C THR D 924 6.80 -34.62 -24.83
N LEU D 925 6.97 -35.90 -25.15
CA LEU D 925 7.79 -36.28 -26.29
C LEU D 925 7.03 -36.17 -27.60
N GLY D 926 7.77 -35.84 -28.66
CA GLY D 926 7.22 -35.82 -30.00
C GLY D 926 7.99 -36.73 -30.93
N THR D 927 8.97 -37.43 -30.37
CA THR D 927 9.80 -38.37 -31.11
C THR D 927 10.37 -39.38 -30.13
N ASP D 928 10.28 -40.66 -30.47
CA ASP D 928 10.76 -41.72 -29.59
C ASP D 928 12.26 -41.56 -29.32
N ALA D 929 12.64 -41.73 -28.05
CA ALA D 929 14.03 -41.62 -27.65
C ALA D 929 14.75 -42.93 -27.97
N VAL D 930 15.76 -42.88 -28.82
CA VAL D 930 16.49 -44.05 -29.27
C VAL D 930 17.93 -43.93 -28.78
N ASP D 931 18.42 -44.98 -28.11
CA ASP D 931 19.80 -45.04 -27.67
C ASP D 931 20.63 -45.72 -28.76
N GLU D 932 21.80 -46.27 -28.39
CA GLU D 932 22.60 -46.99 -29.37
C GLU D 932 21.92 -48.29 -29.79
N ALA D 933 21.17 -48.91 -28.89
CA ALA D 933 20.39 -50.09 -29.22
C ALA D 933 19.12 -49.70 -29.96
N GLY D 934 18.48 -50.69 -30.58
CA GLY D 934 17.25 -50.45 -31.30
C GLY D 934 16.04 -50.19 -30.41
N ASN D 935 16.14 -50.47 -29.11
CA ASN D 935 15.02 -50.29 -28.21
C ASN D 935 14.81 -48.82 -27.90
N VAL D 936 13.54 -48.42 -27.80
CA VAL D 936 13.17 -47.08 -27.39
C VAL D 936 12.90 -47.08 -25.90
N ILE D 937 13.43 -46.09 -25.19
CA ILE D 937 13.30 -46.06 -23.74
C ILE D 937 11.96 -45.49 -23.31
N VAL D 938 11.53 -44.38 -23.93
CA VAL D 938 10.28 -43.73 -23.62
C VAL D 938 9.54 -43.45 -24.92
N GLU D 939 8.25 -43.80 -24.95
CA GLU D 939 7.44 -43.62 -26.14
C GLU D 939 7.17 -42.14 -26.41
N ARG D 940 6.61 -41.87 -27.59
CA ARG D 940 6.20 -40.52 -27.95
C ARG D 940 4.87 -40.17 -27.28
N GLY D 941 4.81 -38.98 -26.71
CA GLY D 941 3.61 -38.55 -26.02
C GLY D 941 3.54 -38.95 -24.56
N GLN D 942 4.68 -39.14 -23.91
CA GLN D 942 4.74 -39.53 -22.51
C GLN D 942 5.32 -38.37 -21.69
N ASP D 943 4.63 -38.01 -20.62
CA ASP D 943 5.06 -36.89 -19.79
C ASP D 943 6.37 -37.22 -19.09
N LEU D 944 7.38 -36.38 -19.29
CA LEU D 944 8.70 -36.61 -18.71
C LEU D 944 8.68 -36.45 -17.20
N GLY D 945 8.45 -37.54 -16.49
CA GLY D 945 8.50 -37.53 -15.03
C GLY D 945 9.93 -37.54 -14.52
N ASP D 946 10.04 -37.66 -13.20
CA ASP D 946 11.37 -37.67 -12.59
C ASP D 946 12.14 -38.95 -12.90
N PRO D 947 11.57 -40.16 -12.77
CA PRO D 947 12.35 -41.35 -13.14
C PRO D 947 12.52 -41.52 -14.64
N GLU D 948 11.58 -41.00 -15.44
CA GLU D 948 11.67 -41.15 -16.89
C GLU D 948 12.78 -40.31 -17.49
N ILE D 949 13.29 -39.31 -16.76
CA ILE D 949 14.47 -38.59 -17.20
C ILE D 949 15.73 -39.39 -16.91
N ASP D 950 15.77 -40.02 -15.73
CA ASP D 950 16.89 -40.90 -15.40
C ASP D 950 16.94 -42.13 -16.30
N ALA D 951 15.81 -42.51 -16.89
CA ALA D 951 15.81 -43.62 -17.84
C ALA D 951 16.58 -43.26 -19.11
N LEU D 952 16.36 -42.05 -19.63
CA LEU D 952 17.13 -41.59 -20.77
C LEU D 952 18.55 -41.22 -20.35
N LEU D 953 18.74 -40.76 -19.12
CA LEU D 953 20.06 -40.40 -18.65
C LEU D 953 20.96 -41.64 -18.56
N ALA D 954 20.43 -42.73 -18.00
CA ALA D 954 21.19 -43.98 -17.89
C ALA D 954 21.26 -44.75 -19.20
N ALA D 955 20.57 -44.28 -20.24
CA ALA D 955 20.60 -44.94 -21.54
C ALA D 955 21.67 -44.39 -22.47
N GLY D 956 22.35 -43.32 -22.08
CA GLY D 956 23.38 -42.71 -22.89
C GLY D 956 22.91 -41.61 -23.82
N ILE D 957 21.62 -41.57 -24.15
CA ILE D 957 21.11 -40.54 -25.05
C ILE D 957 21.06 -39.21 -24.33
N THR D 958 21.51 -38.15 -25.00
CA THR D 958 21.64 -36.84 -24.39
C THR D 958 20.80 -35.76 -25.08
N GLN D 959 19.92 -36.13 -26.01
CA GLN D 959 19.07 -35.17 -26.69
C GLN D 959 17.70 -35.78 -26.94
N VAL D 960 16.66 -34.98 -26.69
CA VAL D 960 15.28 -35.41 -26.88
C VAL D 960 14.56 -34.36 -27.73
N LYS D 961 13.60 -34.81 -28.52
CA LYS D 961 12.73 -33.94 -29.31
C LYS D 961 11.36 -33.94 -28.65
N VAL D 962 11.00 -32.82 -28.04
CA VAL D 962 9.79 -32.72 -27.23
C VAL D 962 8.78 -31.81 -27.92
N ARG D 963 7.50 -32.09 -27.68
CA ARG D 963 6.44 -31.22 -28.17
C ARG D 963 6.50 -29.89 -27.45
N SER D 964 6.34 -28.81 -28.21
CA SER D 964 6.41 -27.46 -27.67
C SER D 964 5.19 -26.66 -28.09
N VAL D 965 4.83 -25.68 -27.25
CA VAL D 965 3.75 -24.77 -27.59
C VAL D 965 4.14 -23.85 -28.75
N LEU D 966 5.44 -23.75 -29.04
CA LEU D 966 5.88 -22.97 -30.21
C LEU D 966 5.44 -23.64 -31.50
N THR D 967 5.66 -24.95 -31.60
CA THR D 967 5.35 -25.70 -32.83
C THR D 967 3.89 -26.11 -32.92
N CYS D 968 3.10 -25.89 -31.88
CA CYS D 968 1.69 -26.28 -31.90
C CYS D 968 0.95 -25.55 -33.01
N ALA D 969 0.44 -26.30 -33.98
CA ALA D 969 -0.28 -25.75 -35.13
C ALA D 969 -1.77 -25.83 -34.83
N THR D 970 -2.29 -24.80 -34.15
CA THR D 970 -3.71 -24.68 -33.87
C THR D 970 -4.16 -23.29 -34.31
N SER D 971 -5.43 -23.19 -34.70
CA SER D 971 -5.95 -21.97 -35.30
C SER D 971 -5.77 -20.76 -34.37
N THR D 972 -6.30 -20.86 -33.15
CA THR D 972 -6.23 -19.76 -32.20
C THR D 972 -5.44 -20.15 -30.95
N GLY D 973 -5.99 -21.01 -30.10
CA GLY D 973 -5.31 -21.41 -28.87
C GLY D 973 -4.19 -22.39 -29.12
N VAL D 974 -3.91 -23.21 -28.11
CA VAL D 974 -2.87 -24.22 -28.18
C VAL D 974 -3.45 -25.54 -27.68
N CYS D 975 -2.85 -26.64 -28.13
CA CYS D 975 -3.31 -27.95 -27.71
C CYS D 975 -2.64 -28.35 -26.40
N ALA D 976 -3.29 -29.26 -25.67
CA ALA D 976 -2.78 -29.68 -24.38
C ALA D 976 -1.53 -30.54 -24.51
N THR D 977 -1.44 -31.35 -25.56
CA THR D 977 -0.29 -32.24 -25.72
C THR D 977 1.00 -31.46 -25.93
N CYS D 978 0.94 -30.38 -26.70
CA CYS D 978 2.12 -29.56 -26.92
C CYS D 978 2.46 -28.71 -25.70
N TYR D 979 1.46 -28.34 -24.90
CA TYR D 979 1.74 -27.56 -23.70
C TYR D 979 2.53 -28.38 -22.68
N GLY D 980 2.00 -29.55 -22.32
CA GLY D 980 2.69 -30.43 -21.40
C GLY D 980 1.99 -30.56 -20.06
N ARG D 981 2.76 -30.77 -19.00
CA ARG D 981 2.20 -30.97 -17.68
C ARG D 981 1.93 -29.62 -17.01
N SER D 982 0.73 -29.49 -16.43
CA SER D 982 0.42 -28.32 -15.63
C SER D 982 1.25 -28.36 -14.34
N MET D 983 2.10 -27.34 -14.17
CA MET D 983 3.04 -27.36 -13.05
C MET D 983 2.32 -27.40 -11.70
N ALA D 984 1.13 -26.81 -11.62
CA ALA D 984 0.38 -26.82 -10.37
C ALA D 984 -0.38 -28.13 -10.17
N THR D 985 -1.02 -28.62 -11.24
CA THR D 985 -1.83 -29.83 -11.15
C THR D 985 -0.99 -31.10 -11.14
N GLY D 986 0.26 -31.03 -11.58
CA GLY D 986 1.09 -32.23 -11.64
C GLY D 986 0.70 -33.23 -12.70
N LYS D 987 -0.26 -32.88 -13.56
CA LYS D 987 -0.70 -33.77 -14.62
C LYS D 987 -0.84 -32.96 -15.90
N LEU D 988 -1.34 -33.62 -16.95
CA LEU D 988 -1.56 -32.94 -18.23
C LEU D 988 -2.57 -31.81 -18.05
N VAL D 989 -2.30 -30.69 -18.72
CA VAL D 989 -3.16 -29.52 -18.59
C VAL D 989 -4.56 -29.83 -19.12
N ASP D 990 -5.57 -29.39 -18.39
CA ASP D 990 -6.95 -29.60 -18.80
C ASP D 990 -7.32 -28.62 -19.92
N ILE D 991 -8.27 -29.05 -20.75
CA ILE D 991 -8.74 -28.22 -21.85
C ILE D 991 -9.60 -27.09 -21.28
N GLY D 992 -9.24 -25.85 -21.62
CA GLY D 992 -9.95 -24.67 -21.15
C GLY D 992 -9.18 -23.82 -20.17
N GLU D 993 -8.01 -24.28 -19.71
CA GLU D 993 -7.22 -23.52 -18.75
C GLU D 993 -6.52 -22.37 -19.46
N ALA D 994 -6.71 -21.15 -18.94
CA ALA D 994 -6.12 -19.95 -19.52
C ALA D 994 -4.62 -19.92 -19.23
N VAL D 995 -3.88 -20.74 -19.96
CA VAL D 995 -2.45 -20.88 -19.72
C VAL D 995 -1.69 -19.61 -20.08
N GLY D 996 -2.29 -18.73 -20.89
CA GLY D 996 -1.62 -17.48 -21.22
C GLY D 996 -1.52 -16.54 -20.03
N ILE D 997 -2.63 -16.39 -19.29
CA ILE D 997 -2.61 -15.53 -18.11
C ILE D 997 -1.72 -16.13 -17.03
N VAL D 998 -1.77 -17.45 -16.87
CA VAL D 998 -0.86 -18.12 -15.93
C VAL D 998 0.58 -17.86 -16.31
N ALA D 999 0.89 -17.90 -17.60
CA ALA D 999 2.25 -17.63 -18.06
C ALA D 999 2.65 -16.19 -17.78
N ALA D 1000 1.75 -15.24 -18.03
CA ALA D 1000 2.07 -13.84 -17.79
C ALA D 1000 2.30 -13.56 -16.32
N GLN D 1001 1.51 -14.19 -15.44
CA GLN D 1001 1.72 -14.02 -14.01
C GLN D 1001 3.01 -14.69 -13.55
N SER D 1002 3.34 -15.84 -14.15
CA SER D 1002 4.55 -16.55 -13.76
C SER D 1002 5.80 -15.73 -14.03
N ILE D 1003 5.81 -14.96 -15.12
CA ILE D 1003 6.99 -14.16 -15.44
C ILE D 1003 7.00 -12.86 -14.65
N GLY D 1004 5.83 -12.24 -14.46
CA GLY D 1004 5.77 -10.93 -13.82
C GLY D 1004 5.84 -10.96 -12.31
N GLU D 1005 5.65 -12.13 -11.69
CA GLU D 1005 5.71 -12.19 -10.23
C GLU D 1005 7.12 -11.99 -9.70
N PRO D 1006 8.16 -12.65 -10.22
CA PRO D 1006 9.51 -12.43 -9.71
C PRO D 1006 10.18 -11.18 -10.25
N GLY D 1007 9.51 -10.42 -11.12
CA GLY D 1007 10.10 -9.23 -11.70
C GLY D 1007 10.42 -8.13 -10.71
N THR D 1008 10.11 -8.37 -9.43
CA THR D 1008 10.37 -7.40 -8.39
C THR D 1008 11.86 -7.25 -8.08
N GLN D 1009 12.67 -8.28 -8.37
CA GLN D 1009 14.07 -8.31 -7.99
C GLN D 1009 14.94 -8.52 -9.23
N LEU D 1010 15.61 -7.46 -9.67
CA LEU D 1010 16.50 -7.53 -10.83
C LEU D 1010 17.57 -6.45 -10.69
N THR D 1011 18.43 -6.37 -11.71
CA THR D 1011 19.53 -5.41 -11.71
C THR D 1011 19.38 -4.38 -12.83
N GLY D 1026 22.54 -6.98 -18.26
CA GLY D 1026 21.19 -7.51 -18.13
C GLY D 1026 20.30 -6.70 -17.22
N GLY D 1027 19.44 -7.39 -16.48
CA GLY D 1027 18.54 -6.74 -15.54
C GLY D 1027 17.12 -6.68 -16.07
N LEU D 1028 16.31 -5.89 -15.36
CA LEU D 1028 14.92 -5.69 -15.79
C LEU D 1028 14.80 -4.98 -17.13
N PRO D 1029 15.56 -3.93 -17.43
CA PRO D 1029 15.48 -3.35 -18.79
C PRO D 1029 15.83 -4.34 -19.88
N ARG D 1030 16.72 -5.30 -19.61
CA ARG D 1030 17.02 -6.33 -20.60
C ARG D 1030 15.80 -7.18 -20.91
N VAL D 1031 14.99 -7.48 -19.90
CA VAL D 1031 13.77 -8.25 -20.12
C VAL D 1031 12.80 -7.45 -20.97
N GLN D 1032 12.75 -6.13 -20.78
CA GLN D 1032 11.90 -5.29 -21.60
C GLN D 1032 12.47 -5.14 -23.02
N GLU D 1033 13.78 -5.20 -23.16
CA GLU D 1033 14.38 -5.15 -24.50
C GLU D 1033 14.01 -6.38 -25.32
N LEU D 1034 13.76 -7.51 -24.66
CA LEU D 1034 13.46 -8.76 -25.35
C LEU D 1034 11.97 -8.90 -25.68
N PHE D 1035 11.10 -8.59 -24.72
CA PHE D 1035 9.67 -8.77 -24.94
C PHE D 1035 9.09 -7.69 -25.85
N GLU D 1036 9.73 -6.53 -25.95
CA GLU D 1036 9.25 -5.48 -26.84
C GLU D 1036 9.92 -5.49 -28.20
N ALA D 1037 10.81 -6.45 -28.46
CA ALA D 1037 11.48 -6.60 -29.75
C ALA D 1037 12.21 -5.33 -30.17
N ARG D 1038 12.93 -4.73 -29.21
CA ARG D 1038 13.69 -3.54 -29.50
C ARG D 1038 15.03 -3.89 -30.14
N VAL D 1039 15.60 -2.93 -30.84
CA VAL D 1039 16.98 -3.04 -31.31
C VAL D 1039 17.89 -2.85 -30.10
N PRO D 1040 18.54 -3.89 -29.61
CA PRO D 1040 19.10 -3.87 -28.26
C PRO D 1040 20.27 -2.89 -28.13
N ARG D 1041 20.65 -2.68 -26.86
CA ARG D 1041 21.81 -1.85 -26.55
C ARG D 1041 23.10 -2.52 -27.01
N GLY D 1042 23.21 -3.85 -26.81
CA GLY D 1042 24.40 -4.55 -27.24
C GLY D 1042 24.62 -4.46 -28.74
N LYS D 1043 23.56 -4.69 -29.52
CA LYS D 1043 23.60 -4.59 -30.98
C LYS D 1043 24.72 -5.46 -31.56
N ALA D 1044 24.84 -6.68 -31.04
CA ALA D 1044 25.90 -7.56 -31.47
C ALA D 1044 25.68 -8.00 -32.92
N PRO D 1045 26.74 -8.13 -33.71
CA PRO D 1045 26.58 -8.60 -35.09
C PRO D 1045 26.37 -10.10 -35.14
N ILE D 1046 26.02 -10.58 -36.34
CA ILE D 1046 25.75 -11.98 -36.58
C ILE D 1046 26.31 -12.38 -37.94
N ALA D 1047 26.50 -13.69 -38.12
CA ALA D 1047 26.99 -14.24 -39.37
C ALA D 1047 25.81 -14.55 -40.27
N ASP D 1048 25.63 -13.74 -41.33
CA ASP D 1048 24.51 -13.94 -42.24
C ASP D 1048 24.68 -15.19 -43.08
N VAL D 1049 25.91 -15.54 -43.44
CA VAL D 1049 26.19 -16.71 -44.27
C VAL D 1049 27.35 -17.49 -43.65
N THR D 1050 27.24 -18.80 -43.65
CA THR D 1050 28.30 -19.66 -43.14
C THR D 1050 29.46 -19.73 -44.13
N GLY D 1051 30.68 -19.70 -43.60
CA GLY D 1051 31.85 -19.74 -44.46
C GLY D 1051 33.15 -19.55 -43.71
N ARG D 1052 34.06 -18.77 -44.28
CA ARG D 1052 35.37 -18.52 -43.70
C ARG D 1052 35.46 -17.09 -43.20
N VAL D 1053 36.10 -16.92 -42.04
CA VAL D 1053 36.20 -15.61 -41.41
C VAL D 1053 37.38 -14.86 -42.02
N ARG D 1054 37.17 -13.57 -42.30
CA ARG D 1054 38.18 -12.68 -42.86
C ARG D 1054 38.33 -11.49 -41.91
N LEU D 1055 39.19 -11.65 -40.91
CA LEU D 1055 39.39 -10.63 -39.87
C LEU D 1055 40.35 -9.56 -40.40
N GLU D 1056 39.83 -8.36 -40.60
CA GLU D 1056 40.63 -7.22 -41.05
C GLU D 1056 40.60 -6.15 -39.96
N ASP D 1057 41.18 -6.48 -38.81
CA ASP D 1057 41.12 -5.60 -37.65
C ASP D 1057 42.23 -4.56 -37.71
N GLY D 1058 41.93 -3.38 -37.18
CA GLY D 1058 42.90 -2.32 -36.99
C GLY D 1058 42.74 -1.67 -35.65
N GLU D 1059 43.06 -0.40 -35.54
CA GLU D 1059 42.81 0.36 -34.33
C GLU D 1059 41.86 1.54 -34.53
N ARG D 1060 41.82 2.12 -35.73
CA ARG D 1060 40.85 3.18 -36.01
C ARG D 1060 39.43 2.65 -35.99
N PHE D 1061 39.23 1.38 -36.37
CA PHE D 1061 37.91 0.80 -36.51
C PHE D 1061 38.09 -0.72 -36.64
N TYR D 1062 36.98 -1.42 -36.87
CA TYR D 1062 36.98 -2.86 -37.06
C TYR D 1062 36.10 -3.20 -38.25
N LYS D 1063 36.64 -3.95 -39.20
CA LYS D 1063 35.88 -4.45 -40.34
C LYS D 1063 36.18 -5.93 -40.52
N ILE D 1064 35.14 -6.72 -40.74
CA ILE D 1064 35.27 -8.17 -40.88
C ILE D 1064 34.41 -8.63 -42.04
N THR D 1065 34.98 -9.44 -42.92
CA THR D 1065 34.28 -10.02 -44.06
C THR D 1065 34.18 -11.53 -43.88
N ILE D 1066 33.28 -12.14 -44.66
CA ILE D 1066 33.10 -13.60 -44.63
C ILE D 1066 32.99 -14.09 -46.06
N VAL D 1067 33.89 -15.00 -46.45
CA VAL D 1067 33.81 -15.66 -47.75
C VAL D 1067 32.76 -16.77 -47.66
N PRO D 1068 31.71 -16.72 -48.48
CA PRO D 1068 30.67 -17.75 -48.38
C PRO D 1068 31.22 -19.14 -48.72
N ASP D 1069 30.85 -20.12 -47.90
CA ASP D 1069 31.33 -21.48 -48.08
C ASP D 1069 30.80 -22.12 -49.35
N ASP D 1070 29.79 -21.55 -49.98
CA ASP D 1070 29.23 -22.10 -51.21
C ASP D 1070 28.72 -20.94 -52.06
N GLY D 1071 29.43 -20.63 -53.13
CA GLY D 1071 28.99 -19.56 -54.02
C GLY D 1071 29.00 -18.22 -53.33
N GLY D 1072 28.01 -17.39 -53.66
CA GLY D 1072 27.85 -16.08 -53.05
C GLY D 1072 29.03 -15.15 -53.29
N GLU D 1073 28.98 -14.02 -52.58
CA GLU D 1073 30.05 -13.03 -52.63
C GLU D 1073 30.33 -12.54 -51.22
N GLU D 1074 31.46 -11.83 -51.08
CA GLU D 1074 31.91 -11.38 -49.78
C GLU D 1074 30.93 -10.37 -49.18
N VAL D 1075 30.65 -10.53 -47.89
CA VAL D 1075 29.74 -9.67 -47.16
C VAL D 1075 30.55 -8.86 -46.16
N VAL D 1076 30.56 -7.54 -46.33
CA VAL D 1076 31.41 -6.64 -45.55
C VAL D 1076 30.60 -6.02 -44.43
N TYR D 1077 31.22 -5.95 -43.24
CA TYR D 1077 30.64 -5.30 -42.07
C TYR D 1077 31.55 -4.18 -41.60
N ASP D 1078 31.00 -3.35 -40.70
CA ASP D 1078 31.74 -2.23 -40.11
C ASP D 1078 31.33 -2.11 -38.65
N LYS D 1079 32.27 -2.37 -37.74
CA LYS D 1079 31.98 -2.38 -36.31
C LYS D 1079 33.01 -1.55 -35.56
N ILE D 1080 32.60 -1.02 -34.41
CA ILE D 1080 33.47 -0.20 -33.58
C ILE D 1080 34.40 -1.12 -32.78
N SER D 1081 35.63 -0.65 -32.56
CA SER D 1081 36.64 -1.42 -31.84
C SER D 1081 36.35 -1.56 -30.36
N LYS D 1082 35.29 -0.93 -29.85
CA LYS D 1082 35.01 -0.99 -28.42
C LYS D 1082 34.43 -2.32 -27.98
N ARG D 1083 33.97 -3.16 -28.92
CA ARG D 1083 33.45 -4.48 -28.58
C ARG D 1083 34.57 -5.51 -28.64
N GLN D 1084 34.23 -6.75 -28.27
CA GLN D 1084 35.16 -7.87 -28.32
C GLN D 1084 34.43 -9.10 -28.84
N ARG D 1085 35.16 -9.96 -29.54
CA ARG D 1085 34.57 -11.11 -30.19
C ARG D 1085 34.24 -12.20 -29.18
N LEU D 1086 33.08 -12.84 -29.37
CA LEU D 1086 32.69 -13.95 -28.53
C LEU D 1086 33.52 -15.19 -28.84
N ARG D 1087 33.94 -15.89 -27.79
CA ARG D 1087 34.66 -17.14 -27.94
C ARG D 1087 33.70 -18.18 -28.51
N VAL D 1088 33.75 -18.36 -29.83
CA VAL D 1088 32.82 -19.22 -30.55
C VAL D 1088 33.34 -20.66 -30.54
N PHE D 1089 32.44 -21.60 -30.27
CA PHE D 1089 32.74 -23.02 -30.36
C PHE D 1089 33.12 -23.38 -31.78
N LYS D 1090 34.40 -23.18 -32.12
CA LYS D 1090 34.89 -23.47 -33.46
C LYS D 1090 34.79 -24.96 -33.75
N HIS D 1091 34.90 -25.31 -35.04
CA HIS D 1091 34.87 -26.72 -35.45
C HIS D 1091 35.97 -27.54 -34.77
N GLU D 1092 36.99 -26.87 -34.22
CA GLU D 1092 38.11 -27.54 -33.55
C GLU D 1092 37.67 -28.19 -32.25
N ASP D 1093 36.40 -28.05 -31.90
CA ASP D 1093 35.79 -28.51 -30.66
C ASP D 1093 36.31 -27.75 -29.44
N GLY D 1094 37.06 -26.67 -29.64
CA GLY D 1094 37.50 -25.83 -28.55
C GLY D 1094 36.60 -24.62 -28.38
N SER D 1095 35.82 -24.59 -27.30
CA SER D 1095 34.83 -23.54 -27.11
C SER D 1095 35.45 -22.17 -26.92
N GLU D 1096 36.69 -22.09 -26.44
CA GLU D 1096 37.35 -20.82 -26.18
C GLU D 1096 38.16 -20.32 -27.38
N ARG D 1097 37.66 -20.54 -28.59
CA ARG D 1097 38.34 -20.11 -29.80
C ARG D 1097 37.91 -18.68 -30.12
N VAL D 1098 38.74 -17.70 -29.72
CA VAL D 1098 38.46 -16.32 -30.04
C VAL D 1098 38.47 -16.16 -31.56
N LEU D 1099 37.42 -15.53 -32.09
CA LEU D 1099 37.22 -15.46 -33.54
C LEU D 1099 38.34 -14.72 -34.24
N SER D 1100 39.31 -15.46 -34.76
CA SER D 1100 40.33 -14.95 -35.65
C SER D 1100 40.03 -15.41 -37.07
N ASP D 1101 40.71 -14.79 -38.03
CA ASP D 1101 40.52 -15.14 -39.43
C ASP D 1101 40.93 -16.59 -39.66
N GLY D 1102 40.11 -17.30 -40.45
CA GLY D 1102 40.33 -18.71 -40.71
C GLY D 1102 39.38 -19.63 -39.98
N ASP D 1103 38.63 -19.13 -39.01
CA ASP D 1103 37.66 -19.97 -38.30
C ASP D 1103 36.47 -20.28 -39.20
N HIS D 1104 35.83 -21.42 -38.93
CA HIS D 1104 34.68 -21.89 -39.70
C HIS D 1104 33.43 -21.66 -38.85
N VAL D 1105 32.80 -20.50 -39.03
CA VAL D 1105 31.59 -20.15 -38.31
C VAL D 1105 30.39 -20.60 -39.13
N GLU D 1106 29.31 -20.94 -38.42
CA GLU D 1106 28.08 -21.39 -39.07
C GLU D 1106 27.14 -20.21 -39.30
N VAL D 1107 26.06 -20.48 -40.03
CA VAL D 1107 25.08 -19.43 -40.34
C VAL D 1107 24.33 -19.06 -39.06
N GLY D 1108 24.14 -17.76 -38.86
CA GLY D 1108 23.47 -17.29 -37.66
C GLY D 1108 24.29 -17.45 -36.40
N GLN D 1109 25.62 -17.30 -36.50
CA GLN D 1109 26.50 -17.43 -35.35
C GLN D 1109 26.84 -16.05 -34.80
N GLN D 1110 26.79 -15.92 -33.48
CA GLN D 1110 27.12 -14.65 -32.84
C GLN D 1110 28.59 -14.33 -33.03
N LEU D 1111 28.88 -13.11 -33.48
CA LEU D 1111 30.25 -12.70 -33.76
C LEU D 1111 30.90 -12.11 -32.51
N MET D 1112 30.55 -10.87 -32.19
CA MET D 1112 31.06 -10.20 -31.00
C MET D 1112 30.08 -10.34 -29.84
N GLU D 1113 30.59 -10.11 -28.64
CA GLU D 1113 29.78 -10.24 -27.44
C GLU D 1113 28.69 -9.17 -27.40
N GLY D 1114 27.68 -9.43 -26.56
CA GLY D 1114 26.57 -8.51 -26.42
C GLY D 1114 25.23 -9.19 -26.62
N SER D 1115 24.29 -8.49 -27.27
CA SER D 1115 22.95 -9.01 -27.52
C SER D 1115 22.63 -8.82 -28.99
N ALA D 1116 22.50 -9.94 -29.71
CA ALA D 1116 22.19 -9.88 -31.13
C ALA D 1116 20.77 -9.36 -31.34
N ASP D 1117 20.60 -8.56 -32.39
CA ASP D 1117 19.30 -7.99 -32.74
C ASP D 1117 18.32 -9.09 -33.10
N PRO D 1118 17.29 -9.33 -32.28
CA PRO D 1118 16.32 -10.38 -32.60
C PRO D 1118 15.59 -10.15 -33.91
N HIS D 1119 15.46 -8.89 -34.33
CA HIS D 1119 14.90 -8.60 -35.65
C HIS D 1119 15.76 -9.20 -36.75
N GLU D 1120 17.08 -9.14 -36.60
CA GLU D 1120 17.97 -9.70 -37.61
C GLU D 1120 18.12 -11.21 -37.47
N VAL D 1121 17.94 -11.74 -36.27
CA VAL D 1121 18.01 -13.19 -36.09
C VAL D 1121 16.88 -13.87 -36.86
N LEU D 1122 15.72 -13.23 -36.95
CA LEU D 1122 14.61 -13.81 -37.69
C LEU D 1122 14.92 -13.91 -39.19
N ARG D 1123 15.49 -12.86 -39.76
CA ARG D 1123 15.77 -12.82 -41.20
C ARG D 1123 17.09 -13.51 -41.53
N VAL D 1124 17.51 -14.47 -40.72
CA VAL D 1124 18.74 -15.22 -40.96
C VAL D 1124 18.49 -16.69 -40.76
N GLN D 1125 18.05 -17.07 -39.56
CA GLN D 1125 17.87 -18.47 -39.20
C GLN D 1125 16.42 -18.94 -39.28
N GLY D 1126 15.46 -18.04 -39.16
CA GLY D 1126 14.07 -18.40 -39.29
C GLY D 1126 13.28 -18.19 -38.02
N PRO D 1127 11.95 -18.24 -38.12
CA PRO D 1127 11.12 -18.03 -36.93
C PRO D 1127 11.34 -19.06 -35.83
N ARG D 1128 11.65 -20.31 -36.20
CA ARG D 1128 11.83 -21.35 -35.19
C ARG D 1128 13.04 -21.05 -34.31
N GLU D 1129 14.11 -20.52 -34.88
CA GLU D 1129 15.34 -20.30 -34.12
C GLU D 1129 15.29 -19.00 -33.32
N VAL D 1130 14.67 -17.95 -33.86
CA VAL D 1130 14.58 -16.70 -33.12
C VAL D 1130 13.70 -16.88 -31.89
N GLN D 1131 12.73 -17.79 -31.94
CA GLN D 1131 11.93 -18.08 -30.76
C GLN D 1131 12.77 -18.74 -29.67
N ILE D 1132 13.63 -19.68 -30.05
CA ILE D 1132 14.51 -20.32 -29.08
C ILE D 1132 15.48 -19.32 -28.49
N HIS D 1133 15.94 -18.36 -29.32
CA HIS D 1133 16.85 -17.32 -28.82
C HIS D 1133 16.17 -16.49 -27.74
N LEU D 1134 14.96 -16.01 -28.02
CA LEU D 1134 14.25 -15.17 -27.06
C LEU D 1134 13.96 -15.93 -25.77
N VAL D 1135 13.66 -17.22 -25.87
CA VAL D 1135 13.29 -18.00 -24.69
C VAL D 1135 14.47 -18.09 -23.72
N ARG D 1136 15.59 -18.64 -24.18
CA ARG D 1136 16.73 -18.81 -23.28
C ARG D 1136 17.53 -17.53 -23.06
N GLU D 1137 17.23 -16.46 -23.80
CA GLU D 1137 17.81 -15.17 -23.45
C GLU D 1137 17.06 -14.53 -22.28
N VAL D 1138 15.73 -14.61 -22.31
CA VAL D 1138 14.94 -14.21 -21.14
C VAL D 1138 15.26 -15.10 -19.97
N GLN D 1139 15.43 -16.40 -20.21
CA GLN D 1139 15.69 -17.35 -19.13
C GLN D 1139 17.02 -17.08 -18.45
N GLU D 1140 18.01 -16.59 -19.20
CA GLU D 1140 19.30 -16.28 -18.60
C GLU D 1140 19.20 -15.13 -17.61
N VAL D 1141 18.25 -14.21 -17.81
CA VAL D 1141 18.11 -13.08 -16.91
C VAL D 1141 17.48 -13.53 -15.59
N TYR D 1142 16.47 -14.42 -15.67
CA TYR D 1142 15.83 -14.91 -14.46
C TYR D 1142 16.66 -15.98 -13.76
N ARG D 1143 17.41 -16.79 -14.52
CA ARG D 1143 18.29 -17.76 -13.90
C ARG D 1143 19.42 -17.07 -13.14
N ALA D 1144 19.95 -15.97 -13.68
CA ALA D 1144 21.03 -15.22 -13.03
C ALA D 1144 20.54 -14.45 -11.81
N GLN D 1145 19.33 -14.72 -11.32
CA GLN D 1145 18.83 -14.07 -10.12
C GLN D 1145 18.25 -15.06 -9.10
N GLY D 1146 18.31 -16.36 -9.38
CA GLY D 1146 17.77 -17.34 -8.47
C GLY D 1146 16.31 -17.67 -8.67
N VAL D 1147 15.75 -17.36 -9.84
CA VAL D 1147 14.34 -17.61 -10.13
C VAL D 1147 14.25 -18.66 -11.22
N SER D 1148 13.48 -19.71 -10.96
CA SER D 1148 13.30 -20.82 -11.89
C SER D 1148 11.91 -20.73 -12.50
N ILE D 1149 11.84 -20.26 -13.74
CA ILE D 1149 10.61 -20.25 -14.53
C ILE D 1149 10.76 -21.27 -15.65
N HIS D 1150 9.79 -22.17 -15.77
CA HIS D 1150 9.83 -23.15 -16.84
C HIS D 1150 9.74 -22.45 -18.18
N ASP D 1151 10.54 -22.91 -19.15
CA ASP D 1151 10.53 -22.31 -20.48
C ASP D 1151 9.16 -22.35 -21.12
N LYS D 1152 8.27 -23.24 -20.64
CA LYS D 1152 6.92 -23.33 -21.16
C LYS D 1152 6.23 -21.97 -21.16
N HIS D 1153 6.31 -21.25 -20.05
CA HIS D 1153 5.60 -19.98 -19.94
C HIS D 1153 6.21 -18.92 -20.84
N ILE D 1154 7.54 -18.89 -20.96
CA ILE D 1154 8.19 -17.94 -21.85
C ILE D 1154 7.78 -18.21 -23.29
N GLU D 1155 7.64 -19.49 -23.65
CA GLU D 1155 7.28 -19.84 -25.02
C GLU D 1155 5.85 -19.40 -25.36
N VAL D 1156 4.95 -19.37 -24.38
CA VAL D 1156 3.59 -18.93 -24.65
C VAL D 1156 3.57 -17.46 -25.07
N ILE D 1157 4.50 -16.66 -24.56
CA ILE D 1157 4.55 -15.26 -24.95
C ILE D 1157 5.17 -15.09 -26.34
N VAL D 1158 6.25 -15.82 -26.61
CA VAL D 1158 6.92 -15.69 -27.90
C VAL D 1158 6.02 -16.19 -29.03
N ARG D 1159 5.16 -17.16 -28.74
CA ARG D 1159 4.20 -17.63 -29.75
C ARG D 1159 3.30 -16.50 -30.23
N GLN D 1160 2.97 -15.56 -29.36
CA GLN D 1160 2.11 -14.45 -29.73
C GLN D 1160 2.87 -13.34 -30.45
N MET D 1161 4.20 -13.31 -30.34
CA MET D 1161 4.98 -12.28 -31.01
C MET D 1161 5.16 -12.56 -32.50
N LEU D 1162 5.09 -13.83 -32.91
CA LEU D 1162 5.32 -14.22 -34.29
C LEU D 1162 4.05 -14.75 -34.96
N ARG D 1163 2.87 -14.36 -34.47
CA ARG D 1163 1.64 -14.81 -35.10
C ARG D 1163 1.29 -14.02 -36.36
N ARG D 1164 1.92 -12.87 -36.57
CA ARG D 1164 1.60 -12.01 -37.71
C ARG D 1164 2.76 -11.97 -38.69
N VAL D 1165 2.41 -11.80 -39.97
CA VAL D 1165 3.38 -11.61 -41.04
C VAL D 1165 2.98 -10.38 -41.83
N THR D 1166 3.95 -9.75 -42.48
CA THR D 1166 3.70 -8.58 -43.30
C THR D 1166 3.47 -8.99 -44.75
N ILE D 1167 2.94 -8.06 -45.53
CA ILE D 1167 2.60 -8.29 -46.93
C ILE D 1167 3.65 -7.59 -47.79
N ILE D 1168 4.29 -8.35 -48.68
CA ILE D 1168 5.25 -7.78 -49.61
C ILE D 1168 4.57 -7.44 -50.94
N ASP D 1169 3.85 -8.40 -51.52
CA ASP D 1169 3.11 -8.20 -52.75
C ASP D 1169 1.65 -8.58 -52.51
N SER D 1170 0.73 -7.71 -52.93
CA SER D 1170 -0.69 -7.97 -52.70
C SER D 1170 -1.23 -9.07 -53.61
N GLY D 1171 -0.67 -9.23 -54.81
CA GLY D 1171 -1.17 -10.20 -55.76
C GLY D 1171 -2.59 -9.90 -56.22
N SER D 1172 -3.51 -10.82 -55.95
CA SER D 1172 -4.92 -10.63 -56.28
C SER D 1172 -5.79 -10.45 -55.05
N THR D 1173 -5.20 -10.38 -53.87
CA THR D 1173 -5.95 -10.22 -52.63
C THR D 1173 -6.17 -8.75 -52.31
N GLU D 1174 -7.03 -8.49 -51.34
CA GLU D 1174 -7.29 -7.15 -50.85
C GLU D 1174 -6.36 -6.74 -49.71
N PHE D 1175 -5.38 -7.58 -49.38
CA PHE D 1175 -4.43 -7.25 -48.32
C PHE D 1175 -3.55 -6.08 -48.73
N LEU D 1176 -3.59 -5.00 -47.96
CA LEU D 1176 -2.77 -3.84 -48.24
C LEU D 1176 -1.31 -4.20 -48.01
N PRO D 1177 -0.43 -4.00 -48.99
CA PRO D 1177 0.98 -4.34 -48.80
C PRO D 1177 1.62 -3.48 -47.71
N GLY D 1178 2.45 -4.13 -46.89
CA GLY D 1178 3.05 -3.49 -45.74
C GLY D 1178 2.28 -3.67 -44.45
N SER D 1179 1.02 -4.08 -44.51
CA SER D 1179 0.21 -4.28 -43.32
C SER D 1179 0.60 -5.58 -42.63
N LEU D 1180 0.46 -5.58 -41.30
CA LEU D 1180 0.77 -6.74 -40.47
C LEU D 1180 -0.51 -7.53 -40.24
N ILE D 1181 -0.59 -8.72 -40.82
CA ILE D 1181 -1.79 -9.54 -40.77
C ILE D 1181 -1.46 -10.87 -40.13
N ASP D 1182 -2.45 -11.43 -39.41
CA ASP D 1182 -2.27 -12.71 -38.74
C ASP D 1182 -1.98 -13.81 -39.75
N ARG D 1183 -1.05 -14.71 -39.40
CA ARG D 1183 -0.61 -15.78 -40.28
C ARG D 1183 -1.68 -16.85 -40.50
N ALA D 1184 -2.85 -16.71 -39.89
CA ALA D 1184 -3.98 -17.60 -40.17
C ALA D 1184 -4.93 -17.02 -41.20
N GLU D 1185 -5.24 -15.72 -41.11
CA GLU D 1185 -6.04 -15.07 -42.15
C GLU D 1185 -5.24 -14.95 -43.45
N PHE D 1186 -3.91 -14.83 -43.35
CA PHE D 1186 -3.08 -14.70 -44.53
C PHE D 1186 -3.10 -15.98 -45.36
N GLU D 1187 -2.93 -17.14 -44.71
CA GLU D 1187 -2.94 -18.40 -45.43
C GLU D 1187 -4.35 -18.86 -45.79
N ALA D 1188 -5.38 -18.29 -45.15
CA ALA D 1188 -6.75 -18.60 -45.52
C ALA D 1188 -7.22 -17.80 -46.73
N GLU D 1189 -6.63 -16.62 -46.95
CA GLU D 1189 -6.95 -15.85 -48.14
C GLU D 1189 -6.16 -16.32 -49.36
N ASN D 1190 -4.89 -16.66 -49.15
CA ASN D 1190 -4.10 -17.26 -50.24
C ASN D 1190 -4.59 -18.66 -50.59
N ARG D 1191 -5.35 -19.30 -49.70
CA ARG D 1191 -5.91 -20.61 -50.01
C ARG D 1191 -7.07 -20.51 -51.00
N ARG D 1192 -7.83 -19.42 -50.95
CA ARG D 1192 -8.93 -19.22 -51.88
C ARG D 1192 -8.46 -18.63 -53.19
N VAL D 1193 -7.45 -17.75 -53.15
CA VAL D 1193 -6.98 -17.09 -54.37
C VAL D 1193 -6.16 -18.06 -55.23
N VAL D 1194 -5.42 -18.97 -54.60
CA VAL D 1194 -4.70 -19.99 -55.35
C VAL D 1194 -5.69 -20.85 -56.13
N ALA D 1195 -6.83 -21.17 -55.53
CA ALA D 1195 -7.87 -21.95 -56.19
C ALA D 1195 -8.82 -21.10 -57.03
N GLU D 1196 -8.69 -19.77 -56.97
CA GLU D 1196 -9.54 -18.89 -57.77
C GLU D 1196 -8.91 -18.52 -59.10
N GLY D 1197 -7.59 -18.61 -59.23
CA GLY D 1197 -6.88 -18.26 -60.45
C GLY D 1197 -5.96 -17.07 -60.28
N GLY D 1198 -6.29 -16.15 -59.39
CA GLY D 1198 -5.47 -14.98 -59.14
C GLY D 1198 -4.18 -15.33 -58.45
N GLU D 1199 -3.32 -14.31 -58.28
CA GLU D 1199 -2.04 -14.51 -57.64
C GLU D 1199 -2.17 -14.40 -56.14
N PRO D 1200 -1.65 -15.37 -55.37
CA PRO D 1200 -1.67 -15.25 -53.91
C PRO D 1200 -0.71 -14.18 -53.43
N ALA D 1201 -1.05 -13.57 -52.29
CA ALA D 1201 -0.23 -12.51 -51.74
C ALA D 1201 1.07 -13.07 -51.18
N ALA D 1202 2.13 -12.26 -51.26
CA ALA D 1202 3.42 -12.64 -50.71
C ALA D 1202 3.42 -12.50 -49.19
N GLY D 1203 4.37 -13.17 -48.55
CA GLY D 1203 4.46 -13.17 -47.11
C GLY D 1203 5.88 -13.01 -46.63
N ARG D 1204 6.00 -12.61 -45.37
CA ARG D 1204 7.29 -12.45 -44.69
C ARG D 1204 7.06 -12.38 -43.18
N PRO D 1205 7.67 -13.28 -42.42
CA PRO D 1205 7.47 -13.26 -40.97
C PRO D 1205 8.00 -11.98 -40.35
N VAL D 1206 7.30 -11.50 -39.33
CA VAL D 1206 7.61 -10.23 -38.68
C VAL D 1206 7.56 -10.41 -37.17
N LEU D 1207 8.59 -9.92 -36.49
CA LEU D 1207 8.64 -9.92 -35.03
C LEU D 1207 8.05 -8.63 -34.50
N MET D 1208 7.09 -8.74 -33.59
CA MET D 1208 6.41 -7.60 -33.01
C MET D 1208 6.61 -7.58 -31.50
N GLY D 1209 6.72 -6.39 -30.93
CA GLY D 1209 6.72 -6.24 -29.49
C GLY D 1209 5.35 -6.55 -28.92
N ILE D 1210 5.34 -6.88 -27.62
CA ILE D 1210 4.10 -7.24 -26.96
C ILE D 1210 3.12 -6.06 -26.95
N THR D 1211 3.64 -4.83 -26.87
CA THR D 1211 2.77 -3.67 -26.89
C THR D 1211 2.14 -3.48 -28.27
N LYS D 1212 2.92 -3.72 -29.33
CA LYS D 1212 2.39 -3.53 -30.67
C LYS D 1212 1.41 -4.63 -31.06
N ALA D 1213 1.71 -5.88 -30.68
CA ALA D 1213 0.80 -6.98 -30.98
C ALA D 1213 -0.50 -6.86 -30.21
N SER D 1214 -0.46 -6.30 -29.00
CA SER D 1214 -1.67 -6.15 -28.21
C SER D 1214 -2.60 -5.10 -28.80
N LEU D 1215 -2.05 -3.96 -29.20
CA LEU D 1215 -2.87 -2.93 -29.84
C LEU D 1215 -3.37 -3.39 -31.20
N ALA D 1216 -2.65 -4.30 -31.85
CA ALA D 1216 -3.04 -4.83 -33.15
C ALA D 1216 -4.09 -5.93 -33.04
N THR D 1217 -4.60 -6.23 -31.85
CA THR D 1217 -5.61 -7.25 -31.70
C THR D 1217 -6.90 -6.82 -32.41
N ASP D 1218 -7.71 -7.81 -32.79
CA ASP D 1218 -8.91 -7.56 -33.58
C ASP D 1218 -10.05 -6.96 -32.79
N SER D 1219 -9.95 -6.92 -31.45
CA SER D 1219 -11.00 -6.37 -30.60
C SER D 1219 -10.62 -4.94 -30.25
N TRP D 1220 -11.41 -3.98 -30.74
CA TRP D 1220 -11.17 -2.59 -30.40
C TRP D 1220 -11.57 -2.27 -28.96
N LEU D 1221 -12.49 -3.05 -28.39
CA LEU D 1221 -12.85 -2.88 -26.99
C LEU D 1221 -11.76 -3.41 -26.05
N SER D 1222 -11.09 -4.50 -26.45
CA SER D 1222 -9.97 -4.99 -25.67
C SER D 1222 -8.74 -4.10 -25.79
N ALA D 1223 -8.63 -3.37 -26.90
CA ALA D 1223 -7.48 -2.49 -27.11
C ALA D 1223 -7.68 -1.12 -26.48
N ALA D 1224 -8.88 -0.56 -26.56
CA ALA D 1224 -9.14 0.75 -25.98
C ALA D 1224 -9.00 0.76 -24.46
N SER D 1225 -9.12 -0.40 -23.83
CA SER D 1225 -8.95 -0.51 -22.38
C SER D 1225 -7.51 -0.84 -21.97
N PHE D 1226 -6.59 -0.93 -22.93
CA PHE D 1226 -5.20 -1.25 -22.62
C PHE D 1226 -4.35 0.02 -22.62
N GLN D 1227 -4.06 0.56 -23.80
CA GLN D 1227 -3.27 1.78 -23.93
C GLN D 1227 -3.80 2.60 -25.09
N GLU D 1228 -3.53 3.90 -25.04
CA GLU D 1228 -3.82 4.84 -26.13
C GLU D 1228 -5.30 4.76 -26.51
N THR D 1229 -6.15 5.21 -25.58
CA THR D 1229 -7.59 5.05 -25.74
C THR D 1229 -8.11 5.86 -26.91
N THR D 1230 -7.74 7.13 -27.00
CA THR D 1230 -8.23 7.97 -28.09
C THR D 1230 -7.65 7.55 -29.43
N ARG D 1231 -6.38 7.13 -29.45
CA ARG D 1231 -5.77 6.68 -30.70
C ARG D 1231 -6.44 5.43 -31.23
N VAL D 1232 -7.01 4.60 -30.35
CA VAL D 1232 -7.68 3.39 -30.78
C VAL D 1232 -9.12 3.69 -31.18
N LEU D 1233 -9.81 4.53 -30.42
CA LEU D 1233 -11.21 4.84 -30.72
C LEU D 1233 -11.35 5.66 -32.00
N THR D 1234 -10.35 6.48 -32.33
CA THR D 1234 -10.41 7.21 -33.60
C THR D 1234 -10.33 6.25 -34.78
N ASP D 1235 -9.30 5.40 -34.81
CA ASP D 1235 -9.16 4.45 -35.90
C ASP D 1235 -10.31 3.44 -35.91
N ALA D 1236 -10.91 3.18 -34.75
CA ALA D 1236 -12.04 2.24 -34.70
C ALA D 1236 -13.26 2.80 -35.39
N ALA D 1237 -13.50 4.11 -35.25
CA ALA D 1237 -14.66 4.73 -35.88
C ALA D 1237 -14.42 5.05 -37.35
N ILE D 1238 -13.17 5.30 -37.74
CA ILE D 1238 -12.86 5.57 -39.14
C ILE D 1238 -12.97 4.29 -39.96
N ASN D 1239 -12.29 3.22 -39.50
CA ASN D 1239 -12.40 1.93 -40.16
C ASN D 1239 -13.75 1.25 -39.93
N CYS D 1240 -14.58 1.81 -39.05
CA CYS D 1240 -15.92 1.28 -38.76
C CYS D 1240 -15.84 -0.18 -38.34
N ARG D 1241 -14.91 -0.48 -37.43
CA ARG D 1241 -14.69 -1.85 -37.00
C ARG D 1241 -15.83 -2.33 -36.11
N SER D 1242 -16.22 -3.58 -36.30
CA SER D 1242 -17.20 -4.26 -35.45
C SER D 1242 -16.48 -5.31 -34.61
N ASP D 1243 -16.78 -5.33 -33.31
CA ASP D 1243 -16.09 -6.20 -32.37
C ASP D 1243 -16.94 -7.43 -32.08
N LYS D 1244 -16.46 -8.60 -32.48
CA LYS D 1244 -17.07 -9.86 -32.07
C LYS D 1244 -16.74 -10.10 -30.60
N LEU D 1245 -17.75 -9.96 -29.74
CA LEU D 1245 -17.53 -10.03 -28.30
C LEU D 1245 -17.20 -11.45 -27.86
N ASN D 1246 -15.99 -11.93 -28.21
CA ASN D 1246 -15.53 -13.28 -27.90
C ASN D 1246 -14.08 -13.18 -27.43
N GLY D 1247 -13.90 -12.85 -26.16
CA GLY D 1247 -12.58 -12.75 -25.58
C GLY D 1247 -12.69 -12.52 -24.08
N LEU D 1248 -11.59 -12.82 -23.39
CA LEU D 1248 -11.60 -12.70 -21.93
C LEU D 1248 -11.85 -11.27 -21.50
N LYS D 1249 -11.11 -10.31 -22.06
CA LYS D 1249 -11.27 -8.92 -21.66
C LYS D 1249 -12.63 -8.37 -22.04
N GLU D 1250 -13.18 -8.81 -23.17
CA GLU D 1250 -14.46 -8.27 -23.63
C GLU D 1250 -15.61 -8.79 -22.77
N ASN D 1251 -15.65 -10.10 -22.52
CA ASN D 1251 -16.73 -10.66 -21.73
C ASN D 1251 -16.73 -10.13 -20.30
N VAL D 1252 -15.55 -9.82 -19.76
CA VAL D 1252 -15.47 -9.22 -18.44
C VAL D 1252 -16.18 -7.87 -18.41
N ILE D 1253 -16.01 -7.08 -19.48
CA ILE D 1253 -16.59 -5.75 -19.51
C ILE D 1253 -18.11 -5.82 -19.61
N ILE D 1254 -18.61 -6.64 -20.54
CA ILE D 1254 -20.06 -6.70 -20.78
C ILE D 1254 -20.76 -7.61 -19.78
N GLY D 1255 -20.04 -8.46 -19.04
CA GLY D 1255 -20.63 -9.30 -18.04
C GLY D 1255 -20.94 -10.73 -18.45
N LYS D 1256 -20.40 -11.18 -19.58
CA LYS D 1256 -20.59 -12.56 -19.99
C LYS D 1256 -19.57 -13.47 -19.30
N LEU D 1257 -19.82 -14.77 -19.37
CA LEU D 1257 -18.86 -15.75 -18.88
C LEU D 1257 -17.63 -15.77 -19.78
N ILE D 1258 -16.45 -15.74 -19.18
CA ILE D 1258 -15.23 -15.72 -19.98
C ILE D 1258 -15.10 -17.03 -20.75
N PRO D 1259 -14.68 -17.00 -22.01
CA PRO D 1259 -14.49 -18.25 -22.76
C PRO D 1259 -13.25 -19.01 -22.32
N ALA D 1260 -13.17 -19.34 -21.03
CA ALA D 1260 -12.04 -20.06 -20.49
C ALA D 1260 -12.46 -20.74 -19.19
N GLY D 1261 -11.77 -21.83 -18.85
CA GLY D 1261 -12.11 -22.54 -17.63
C GLY D 1261 -13.49 -23.14 -17.72
N THR D 1262 -14.27 -22.94 -16.67
CA THR D 1262 -15.65 -23.44 -16.59
C THR D 1262 -16.60 -22.64 -17.46
N GLY D 1263 -16.10 -21.74 -18.31
CA GLY D 1263 -16.95 -20.90 -19.14
C GLY D 1263 -17.05 -21.38 -20.58
N ILE D 1264 -16.13 -22.25 -20.99
CA ILE D 1264 -16.18 -22.77 -22.36
C ILE D 1264 -17.41 -23.63 -22.54
N ASN D 1265 -17.86 -23.74 -23.79
CA ASN D 1265 -19.11 -24.43 -24.09
C ASN D 1265 -19.04 -25.93 -23.79
N ARG D 1266 -17.83 -26.49 -23.70
CA ARG D 1266 -17.71 -27.92 -23.42
C ARG D 1266 -18.19 -28.24 -22.01
N TYR D 1267 -17.80 -27.43 -21.03
CA TYR D 1267 -18.19 -27.66 -19.64
C TYR D 1267 -19.46 -26.92 -19.25
N ARG D 1268 -19.78 -25.82 -19.92
CA ARG D 1268 -20.88 -24.97 -19.50
C ARG D 1268 -22.23 -25.65 -19.74
N ASN D 1269 -22.51 -26.01 -20.99
CA ASN D 1269 -23.77 -26.67 -21.33
C ASN D 1269 -23.62 -28.16 -21.07
N ILE D 1270 -23.95 -28.56 -19.85
CA ILE D 1270 -23.88 -29.96 -19.43
C ILE D 1270 -25.15 -30.30 -18.66
N ALA D 1271 -25.75 -31.44 -18.98
CA ALA D 1271 -26.95 -31.91 -18.32
C ALA D 1271 -26.60 -33.06 -17.38
N VAL D 1272 -26.99 -32.94 -16.12
CA VAL D 1272 -26.78 -33.98 -15.13
C VAL D 1272 -28.12 -34.64 -14.83
N GLN D 1273 -28.15 -35.97 -14.87
CA GLN D 1273 -29.34 -36.73 -14.58
C GLN D 1273 -28.98 -37.91 -13.70
N PRO D 1274 -29.81 -38.23 -12.71
CA PRO D 1274 -29.52 -39.39 -11.87
C PRO D 1274 -29.71 -40.69 -12.63
N THR D 1275 -28.88 -41.67 -12.31
CA THR D 1275 -29.11 -43.02 -12.81
C THR D 1275 -30.44 -43.53 -12.28
N GLU D 1276 -31.06 -44.43 -13.04
CA GLU D 1276 -32.46 -44.79 -12.79
C GLU D 1276 -32.70 -45.35 -11.40
N GLU D 1277 -31.65 -45.86 -10.74
CA GLU D 1277 -31.80 -46.37 -9.38
C GLU D 1277 -32.26 -45.24 -8.44
N ALA D 1278 -33.32 -45.53 -7.67
CA ALA D 1278 -33.87 -44.54 -6.76
C ALA D 1278 -34.37 -45.24 -5.51
N ARG D 1279 -34.52 -44.45 -4.45
CA ARG D 1279 -35.03 -44.98 -3.19
C ARG D 1279 -36.54 -45.18 -3.26
N ALA D 1280 -37.08 -45.91 -2.28
CA ALA D 1280 -38.50 -46.23 -2.30
C ALA D 1280 -39.36 -44.98 -2.15
N ALA D 1281 -38.98 -44.07 -1.28
CA ALA D 1281 -39.73 -42.84 -1.07
C ALA D 1281 -38.98 -41.64 -1.64
N GLY E 28 -6.24 -45.37 2.12
CA GLY E 28 -4.80 -45.18 2.19
C GLY E 28 -4.45 -43.77 2.64
N TYR E 29 -5.33 -43.19 3.45
CA TYR E 29 -5.17 -41.82 3.91
C TYR E 29 -6.01 -41.62 5.16
N ASP E 30 -5.72 -40.55 5.89
CA ASP E 30 -6.51 -40.22 7.07
C ASP E 30 -7.90 -39.75 6.66
N THR E 31 -8.83 -39.86 7.60
CA THR E 31 -10.23 -39.54 7.32
C THR E 31 -10.37 -38.08 6.89
N PRO E 32 -10.97 -37.79 5.74
CA PRO E 32 -11.12 -36.39 5.31
C PRO E 32 -12.08 -35.66 6.22
N LEU E 33 -11.62 -34.52 6.74
CA LEU E 33 -12.39 -33.71 7.68
C LEU E 33 -12.85 -32.43 7.02
N GLY E 34 -14.11 -32.07 7.26
CA GLY E 34 -14.62 -30.78 6.80
C GLY E 34 -14.82 -30.76 5.29
N ILE E 35 -14.35 -29.68 4.68
CA ILE E 35 -14.58 -29.43 3.25
C ILE E 35 -13.72 -30.30 2.35
N THR E 36 -12.75 -31.02 2.90
CA THR E 36 -11.92 -31.92 2.11
C THR E 36 -12.61 -33.26 1.81
N ASN E 37 -13.83 -33.47 2.33
CA ASN E 37 -14.59 -34.69 2.08
C ASN E 37 -15.77 -34.39 1.16
N PRO E 38 -15.99 -35.18 0.11
CA PRO E 38 -15.18 -36.34 -0.31
C PRO E 38 -13.81 -35.94 -0.85
N PRO E 39 -12.84 -36.85 -0.80
CA PRO E 39 -11.50 -36.53 -1.31
C PRO E 39 -11.55 -36.06 -2.75
N ILE E 40 -10.82 -34.97 -3.03
CA ILE E 40 -10.81 -34.37 -4.36
C ILE E 40 -10.19 -35.30 -5.38
N ASP E 41 -9.41 -36.29 -4.93
CA ASP E 41 -8.75 -37.20 -5.86
C ASP E 41 -9.76 -38.15 -6.51
N GLU E 42 -10.63 -38.76 -5.69
CA GLU E 42 -11.61 -39.69 -6.21
C GLU E 42 -12.65 -38.97 -7.07
N LEU E 43 -12.98 -37.72 -6.73
CA LEU E 43 -13.97 -36.98 -7.51
C LEU E 43 -13.45 -36.67 -8.92
N LEU E 44 -12.14 -36.58 -9.10
CA LEU E 44 -11.56 -36.35 -10.41
C LEU E 44 -11.51 -37.61 -11.27
N ASP E 45 -12.07 -38.71 -10.80
CA ASP E 45 -12.10 -39.96 -11.57
C ASP E 45 -13.41 -40.13 -12.34
N ARG E 46 -14.54 -39.81 -11.74
CA ARG E 46 -15.81 -39.84 -12.47
C ARG E 46 -15.97 -38.65 -13.42
N VAL E 47 -14.94 -37.81 -13.53
CA VAL E 47 -15.01 -36.60 -14.32
C VAL E 47 -13.72 -36.45 -15.12
N SER E 48 -13.78 -35.66 -16.19
CA SER E 48 -12.65 -35.49 -17.09
C SER E 48 -11.64 -34.46 -16.59
N SER E 49 -12.08 -33.43 -15.89
CA SER E 49 -11.18 -32.36 -15.48
C SER E 49 -11.73 -31.67 -14.24
N LYS E 50 -10.89 -30.83 -13.63
CA LYS E 50 -11.34 -30.02 -12.50
C LYS E 50 -12.54 -29.16 -12.88
N TYR E 51 -12.49 -28.56 -14.07
CA TYR E 51 -13.55 -27.63 -14.48
C TYR E 51 -14.88 -28.36 -14.70
N ALA E 52 -14.84 -29.60 -15.18
CA ALA E 52 -16.08 -30.31 -15.44
C ALA E 52 -16.76 -30.73 -14.15
N LEU E 53 -15.99 -31.05 -13.11
CA LEU E 53 -16.59 -31.41 -11.82
C LEU E 53 -17.36 -30.25 -11.23
N VAL E 54 -16.92 -29.01 -11.49
CA VAL E 54 -17.60 -27.84 -10.95
C VAL E 54 -19.02 -27.74 -11.47
N ILE E 55 -19.21 -27.97 -12.77
CA ILE E 55 -20.54 -27.86 -13.35
C ILE E 55 -21.42 -29.04 -12.93
N TYR E 56 -20.83 -30.23 -12.83
CA TYR E 56 -21.60 -31.40 -12.36
C TYR E 56 -22.17 -31.15 -10.98
N ALA E 57 -21.34 -30.64 -10.06
CA ALA E 57 -21.80 -30.42 -8.69
C ALA E 57 -22.78 -29.26 -8.60
N ALA E 58 -22.53 -28.19 -9.35
CA ALA E 58 -23.36 -26.99 -9.23
C ALA E 58 -24.76 -27.23 -9.80
N LYS E 59 -24.87 -27.92 -10.94
CA LYS E 59 -26.18 -28.16 -11.53
C LYS E 59 -26.98 -29.17 -10.73
N ARG E 60 -26.31 -30.17 -10.15
CA ARG E 60 -27.01 -31.08 -9.25
C ARG E 60 -27.40 -30.40 -7.95
N ALA E 61 -26.57 -29.47 -7.47
CA ALA E 61 -26.91 -28.72 -6.26
C ALA E 61 -28.15 -27.88 -6.47
N ARG E 62 -28.32 -27.31 -7.67
CA ARG E 62 -29.52 -26.55 -7.97
C ARG E 62 -30.75 -27.46 -8.03
N GLN E 63 -30.58 -28.72 -8.44
CA GLN E 63 -31.69 -29.66 -8.44
C GLN E 63 -32.13 -29.96 -7.01
N ILE E 64 -31.17 -30.25 -6.13
CA ILE E 64 -31.50 -30.57 -4.74
C ILE E 64 -32.15 -29.36 -4.06
N ASN E 65 -31.67 -28.16 -4.37
CA ASN E 65 -32.25 -26.97 -3.77
C ASN E 65 -33.67 -26.72 -4.30
N ASP E 66 -33.92 -27.06 -5.56
CA ASP E 66 -35.27 -26.92 -6.09
C ASP E 66 -36.20 -28.00 -5.52
N TYR E 67 -35.66 -29.15 -5.15
CA TYR E 67 -36.48 -30.16 -4.50
C TYR E 67 -36.91 -29.71 -3.12
N TYR E 68 -35.99 -29.13 -2.34
CA TYR E 68 -36.33 -28.64 -1.01
C TYR E 68 -37.28 -27.45 -1.04
N ASN E 69 -37.33 -26.71 -2.15
CA ASN E 69 -38.22 -25.57 -2.28
C ASN E 69 -39.50 -25.88 -3.04
N GLN E 70 -39.56 -27.02 -3.72
CA GLN E 70 -40.78 -27.46 -4.41
C GLN E 70 -41.31 -28.77 -3.83
N LEU E 71 -40.91 -29.12 -2.61
CA LEU E 71 -41.41 -30.33 -1.96
C LEU E 71 -42.83 -30.14 -1.44
N GLY E 72 -43.16 -28.95 -0.94
CA GLY E 72 -44.49 -28.68 -0.44
C GLY E 72 -45.50 -28.25 -1.47
N GLU E 73 -45.06 -27.88 -2.67
CA GLU E 73 -45.96 -27.41 -3.72
C GLU E 73 -45.50 -27.91 -5.08
N GLY E 74 -46.47 -28.29 -5.91
CA GLY E 74 -46.22 -28.58 -7.30
C GLY E 74 -45.67 -29.98 -7.55
N ILE E 75 -45.81 -30.41 -8.81
CA ILE E 75 -45.24 -31.67 -9.26
C ILE E 75 -44.07 -31.35 -10.20
N LEU E 76 -43.53 -32.39 -10.85
CA LEU E 76 -42.36 -32.25 -11.72
C LEU E 76 -41.19 -31.61 -10.97
N GLU E 77 -41.17 -31.76 -9.66
CA GLU E 77 -40.04 -31.29 -8.86
C GLU E 77 -38.81 -32.11 -9.19
N TYR E 78 -37.64 -31.48 -9.07
CA TYR E 78 -36.39 -32.14 -9.40
C TYR E 78 -36.16 -33.33 -8.48
N VAL E 79 -35.34 -34.27 -8.95
CA VAL E 79 -35.07 -35.49 -8.21
C VAL E 79 -34.42 -35.15 -6.88
N GLY E 80 -35.00 -35.66 -5.80
CA GLY E 80 -34.51 -35.38 -4.46
C GLY E 80 -33.11 -35.93 -4.22
N PRO E 81 -32.61 -35.79 -3.01
CA PRO E 81 -31.26 -36.28 -2.70
C PRO E 81 -31.17 -37.78 -2.88
N LEU E 82 -30.32 -38.20 -3.84
CA LEU E 82 -30.18 -39.61 -4.14
C LEU E 82 -29.62 -40.38 -2.96
N VAL E 83 -28.59 -39.85 -2.31
CA VAL E 83 -28.04 -40.45 -1.10
C VAL E 83 -28.78 -39.89 0.10
N GLU E 84 -28.54 -40.46 1.27
CA GLU E 84 -29.16 -39.96 2.49
C GLU E 84 -28.50 -38.67 2.92
N PRO E 85 -29.23 -37.55 3.02
CA PRO E 85 -28.60 -36.30 3.42
C PRO E 85 -28.45 -36.18 4.93
N GLY E 86 -27.36 -35.55 5.34
CA GLY E 86 -27.19 -35.19 6.73
C GLY E 86 -28.05 -34.00 7.10
N LEU E 87 -28.19 -33.77 8.40
CA LEU E 87 -29.04 -32.68 8.88
C LEU E 87 -28.43 -31.34 8.54
N GLN E 88 -29.21 -30.50 7.86
CA GLN E 88 -28.79 -29.15 7.46
C GLN E 88 -27.53 -29.20 6.61
N GLU E 89 -27.47 -30.16 5.70
CA GLU E 89 -26.33 -30.30 4.80
C GLU E 89 -26.56 -29.45 3.55
N LYS E 90 -25.49 -28.76 3.12
CA LYS E 90 -25.60 -27.89 1.96
C LYS E 90 -25.83 -28.74 0.70
N PRO E 91 -26.72 -28.30 -0.20
CA PRO E 91 -26.94 -29.05 -1.45
C PRO E 91 -25.67 -29.27 -2.24
N LEU E 92 -24.70 -28.37 -2.15
CA LEU E 92 -23.43 -28.59 -2.83
C LEU E 92 -22.69 -29.79 -2.26
N SER E 93 -22.83 -30.04 -0.96
CA SER E 93 -22.19 -31.20 -0.36
C SER E 93 -22.90 -32.50 -0.73
N ILE E 94 -24.24 -32.50 -0.70
CA ILE E 94 -25.00 -33.67 -1.11
C ILE E 94 -24.68 -34.01 -2.55
N ALA E 95 -24.71 -33.01 -3.44
CA ALA E 95 -24.38 -33.23 -4.83
C ALA E 95 -22.96 -33.76 -5.01
N LEU E 96 -22.03 -33.32 -4.16
CA LEU E 96 -20.65 -33.76 -4.27
C LEU E 96 -20.47 -35.20 -3.78
N ARG E 97 -21.39 -35.71 -2.97
CA ARG E 97 -21.35 -37.11 -2.57
C ARG E 97 -22.07 -38.01 -3.57
N GLU E 98 -23.19 -37.53 -4.13
CA GLU E 98 -23.86 -38.28 -5.18
C GLU E 98 -22.96 -38.49 -6.39
N ILE E 99 -22.16 -37.47 -6.72
CA ILE E 99 -21.16 -37.61 -7.79
C ILE E 99 -20.12 -38.65 -7.38
N HIS E 100 -19.77 -38.69 -6.11
CA HIS E 100 -18.75 -39.63 -5.65
C HIS E 100 -19.27 -41.07 -5.65
N ALA E 101 -20.56 -41.27 -5.43
CA ALA E 101 -21.15 -42.59 -5.34
C ALA E 101 -21.64 -43.11 -6.69
N ASP E 102 -21.30 -42.45 -7.79
CA ASP E 102 -21.66 -42.88 -9.14
C ASP E 102 -23.18 -43.05 -9.28
N LEU E 103 -23.89 -41.96 -8.99
CA LEU E 103 -25.35 -41.94 -9.09
C LEU E 103 -25.85 -40.93 -10.11
N LEU E 104 -24.96 -40.32 -10.88
CA LEU E 104 -25.32 -39.29 -11.84
C LEU E 104 -24.67 -39.56 -13.18
N GLU E 105 -25.23 -38.95 -14.22
CA GLU E 105 -24.73 -39.05 -15.58
C GLU E 105 -24.22 -37.67 -16.03
N HIS E 106 -24.04 -37.50 -17.33
CA HIS E 106 -23.54 -36.25 -17.88
C HIS E 106 -23.81 -36.20 -19.37
N THR E 107 -23.59 -35.02 -19.95
CA THR E 107 -23.79 -34.81 -21.39
C THR E 107 -22.93 -33.63 -21.80
N GLU E 108 -21.80 -33.92 -22.45
CA GLU E 108 -20.88 -32.88 -22.91
C GLU E 108 -21.17 -32.49 -24.35
N VAL F 4 -20.87 53.86 -51.64
CA VAL F 4 -20.70 52.72 -52.53
C VAL F 4 -20.31 51.47 -51.74
N SER F 5 -19.98 50.40 -52.46
CA SER F 5 -19.57 49.16 -51.78
C SER F 5 -18.25 49.33 -51.05
N GLY F 6 -17.38 50.23 -51.53
CA GLY F 6 -16.15 50.52 -50.82
C GLY F 6 -16.35 51.27 -49.52
N ALA F 7 -17.48 51.96 -49.38
CA ALA F 7 -17.78 52.62 -48.10
C ALA F 7 -18.16 51.61 -47.03
N ALA F 8 -18.83 50.53 -47.41
CA ALA F 8 -19.15 49.48 -46.46
C ALA F 8 -17.91 48.65 -46.12
N ALA F 9 -16.97 48.53 -47.05
CA ALA F 9 -15.73 47.82 -46.78
C ALA F 9 -14.74 48.67 -46.00
N ALA F 10 -14.86 50.00 -46.04
CA ALA F 10 -14.00 50.85 -45.22
C ALA F 10 -14.33 50.72 -43.75
N GLU F 11 -15.59 50.40 -43.42
CA GLU F 11 -15.95 50.15 -42.03
C GLU F 11 -15.36 48.85 -41.52
N ALA F 12 -15.23 47.84 -42.40
CA ALA F 12 -14.64 46.58 -42.00
C ALA F 12 -13.13 46.70 -41.83
N ALA F 13 -12.48 47.51 -42.67
CA ALA F 13 -11.06 47.77 -42.51
C ALA F 13 -10.77 48.69 -41.33
N LEU F 14 -11.79 49.39 -40.83
CA LEU F 14 -11.62 50.22 -39.63
C LEU F 14 -11.69 49.37 -38.36
N MET F 15 -12.59 48.39 -38.32
CA MET F 15 -12.66 47.48 -37.18
C MET F 15 -11.41 46.60 -37.11
N ARG F 16 -10.96 46.09 -38.26
CA ARG F 16 -9.74 45.31 -38.28
C ARG F 16 -8.52 46.14 -37.87
N ALA F 17 -8.62 47.47 -37.96
CA ALA F 17 -7.53 48.33 -37.52
C ALA F 17 -7.45 48.41 -36.01
N LEU F 18 -8.58 48.66 -35.34
CA LEU F 18 -8.57 48.73 -33.88
C LEU F 18 -8.37 47.35 -33.25
N TYR F 19 -8.65 46.27 -33.99
CA TYR F 19 -8.28 44.94 -33.51
C TYR F 19 -6.78 44.80 -33.38
N ASP F 20 -6.03 45.28 -34.38
CA ASP F 20 -4.59 45.11 -34.42
C ASP F 20 -3.84 46.02 -33.46
N GLU F 21 -4.53 46.96 -32.79
CA GLU F 21 -3.88 47.87 -31.87
C GLU F 21 -4.36 47.76 -30.43
N HIS F 22 -5.53 47.17 -30.18
CA HIS F 22 -6.11 47.15 -28.85
C HIS F 22 -6.54 45.78 -28.35
N ALA F 23 -6.79 44.81 -29.23
CA ALA F 23 -7.33 43.53 -28.80
C ALA F 23 -6.36 42.79 -27.90
N ALA F 24 -5.09 42.69 -28.31
CA ALA F 24 -4.11 41.94 -27.53
C ALA F 24 -3.82 42.61 -26.19
N VAL F 25 -3.88 43.94 -26.14
CA VAL F 25 -3.65 44.63 -24.87
C VAL F 25 -4.89 44.54 -23.99
N LEU F 26 -6.08 44.57 -24.59
CA LEU F 26 -7.30 44.42 -23.81
C LEU F 26 -7.45 43.00 -23.27
N TRP F 27 -6.95 42.00 -23.99
CA TRP F 27 -6.99 40.64 -23.50
C TRP F 27 -6.16 40.47 -22.24
N ARG F 28 -4.98 41.10 -22.20
CA ARG F 28 -4.15 41.03 -21.01
C ARG F 28 -4.84 41.69 -19.81
N TYR F 29 -5.53 42.81 -20.04
CA TYR F 29 -6.19 43.51 -18.93
C TYR F 29 -7.32 42.67 -18.35
N ALA F 30 -8.16 42.09 -19.21
CA ALA F 30 -9.22 41.22 -18.72
C ALA F 30 -8.66 39.93 -18.13
N LEU F 31 -7.49 39.50 -18.59
CA LEU F 31 -6.87 38.29 -18.07
C LEU F 31 -6.44 38.44 -16.61
N ARG F 32 -6.02 39.65 -16.22
CA ARG F 32 -5.65 39.87 -14.83
C ARG F 32 -6.87 39.97 -13.94
N LEU F 33 -7.96 40.57 -14.44
CA LEU F 33 -9.14 40.77 -13.61
C LEU F 33 -9.94 39.50 -13.40
N THR F 34 -9.86 38.54 -14.33
CA THR F 34 -10.57 37.28 -14.22
C THR F 34 -9.67 36.11 -13.89
N GLY F 35 -8.48 36.04 -14.49
CA GLY F 35 -7.60 34.91 -14.31
C GLY F 35 -7.87 33.75 -15.24
N ASP F 36 -8.94 33.81 -16.03
CA ASP F 36 -9.30 32.76 -16.96
C ASP F 36 -9.15 33.28 -18.39
N ALA F 37 -8.24 32.65 -19.13
CA ALA F 37 -7.96 33.11 -20.49
C ALA F 37 -9.19 32.97 -21.37
N ALA F 38 -9.93 31.87 -21.25
CA ALA F 38 -11.14 31.68 -22.03
C ALA F 38 -12.19 32.73 -21.72
N GLN F 39 -12.17 33.27 -20.50
CA GLN F 39 -13.08 34.36 -20.15
C GLN F 39 -12.60 35.69 -20.70
N ALA F 40 -11.27 35.90 -20.76
CA ALA F 40 -10.75 37.15 -21.30
C ALA F 40 -11.08 37.30 -22.77
N GLU F 41 -11.01 36.19 -23.53
CA GLU F 41 -11.40 36.24 -24.93
C GLU F 41 -12.87 36.64 -25.08
N ASP F 42 -13.72 36.15 -24.18
CA ASP F 42 -15.13 36.51 -24.23
C ASP F 42 -15.35 37.98 -23.92
N VAL F 43 -14.52 38.56 -23.04
CA VAL F 43 -14.66 39.97 -22.71
C VAL F 43 -14.17 40.83 -23.87
N VAL F 44 -13.12 40.39 -24.56
CA VAL F 44 -12.59 41.16 -25.69
C VAL F 44 -13.61 41.23 -26.82
N GLN F 45 -14.20 40.08 -27.19
CA GLN F 45 -15.18 40.07 -28.25
C GLN F 45 -16.38 40.96 -27.92
N GLU F 46 -16.82 40.94 -26.66
CA GLU F 46 -17.97 41.74 -26.27
C GLU F 46 -17.61 43.22 -26.18
N THR F 47 -16.36 43.54 -25.83
CA THR F 47 -15.96 44.94 -25.74
C THR F 47 -15.83 45.56 -27.12
N LEU F 48 -15.17 44.86 -28.04
CA LEU F 48 -15.03 45.37 -29.40
C LEU F 48 -16.36 45.38 -30.14
N LEU F 49 -17.29 44.51 -29.75
CA LEU F 49 -18.63 44.54 -30.35
C LEU F 49 -19.37 45.81 -29.97
N ARG F 50 -19.18 46.28 -28.73
CA ARG F 50 -19.79 47.55 -28.32
C ARG F 50 -19.07 48.74 -28.93
N ALA F 51 -17.79 48.59 -29.26
CA ALA F 51 -17.08 49.64 -29.98
C ALA F 51 -17.65 49.81 -31.38
N TRP F 52 -17.95 48.69 -32.06
CA TRP F 52 -18.57 48.77 -33.38
C TRP F 52 -19.97 49.36 -33.31
N GLN F 53 -20.70 49.13 -32.21
CA GLN F 53 -22.04 49.66 -32.05
C GLN F 53 -22.05 51.12 -31.62
N HIS F 54 -20.90 51.70 -31.30
CA HIS F 54 -20.79 53.10 -30.89
C HIS F 54 -19.84 53.81 -31.84
N PRO F 55 -20.36 54.48 -32.88
CA PRO F 55 -19.47 55.23 -33.78
C PRO F 55 -18.82 56.43 -33.12
N GLU F 56 -19.35 56.89 -31.99
CA GLU F 56 -18.75 58.02 -31.29
C GLU F 56 -17.37 57.67 -30.73
N VAL F 57 -17.15 56.42 -30.35
CA VAL F 57 -15.85 56.02 -29.84
C VAL F 57 -14.85 55.80 -30.98
N ILE F 58 -15.34 55.35 -32.14
CA ILE F 58 -14.47 55.11 -33.29
C ILE F 58 -14.28 56.36 -34.14
N GLY F 59 -15.01 57.44 -33.84
CA GLY F 59 -14.90 58.66 -34.62
C GLY F 59 -13.60 59.41 -34.41
N ASP F 60 -13.38 59.90 -33.20
CA ASP F 60 -12.19 60.69 -32.88
C ASP F 60 -10.99 59.76 -32.70
N THR F 61 -10.06 59.80 -33.65
CA THR F 61 -8.78 59.12 -33.48
C THR F 61 -7.82 59.91 -32.60
N ALA F 62 -7.99 61.23 -32.53
CA ALA F 62 -7.18 62.07 -31.65
C ALA F 62 -7.51 61.86 -30.18
N ARG F 63 -8.55 61.09 -29.87
CA ARG F 63 -8.91 60.78 -28.50
C ARG F 63 -8.66 59.31 -28.23
N PRO F 64 -8.03 58.95 -27.10
CA PRO F 64 -7.70 57.54 -26.87
C PRO F 64 -8.93 56.65 -26.70
N ALA F 65 -9.20 55.82 -27.70
CA ALA F 65 -10.25 54.82 -27.58
C ALA F 65 -9.86 53.66 -26.68
N ARG F 66 -8.56 53.53 -26.35
CA ARG F 66 -8.12 52.44 -25.49
C ARG F 66 -8.71 52.58 -24.09
N ALA F 67 -8.79 53.81 -23.59
CA ALA F 67 -9.30 54.02 -22.23
C ALA F 67 -10.78 53.67 -22.13
N TRP F 68 -11.55 53.96 -23.17
CA TRP F 68 -12.96 53.58 -23.18
C TRP F 68 -13.13 52.06 -23.21
N LEU F 69 -12.18 51.35 -23.81
CA LEU F 69 -12.25 49.90 -23.86
C LEU F 69 -11.98 49.28 -22.49
N PHE F 70 -10.94 49.77 -21.79
CA PHE F 70 -10.64 49.24 -20.46
C PHE F 70 -11.78 49.46 -19.48
N THR F 71 -12.56 50.52 -19.67
CA THR F 71 -13.67 50.79 -18.77
C THR F 71 -14.87 49.90 -19.09
N VAL F 72 -15.12 49.65 -20.38
CA VAL F 72 -16.21 48.74 -20.74
C VAL F 72 -15.90 47.32 -20.30
N ALA F 73 -14.64 46.89 -20.46
CA ALA F 73 -14.25 45.55 -20.02
C ALA F 73 -14.31 45.42 -18.51
N ARG F 74 -13.90 46.47 -17.79
CA ARG F 74 -13.98 46.44 -16.33
C ARG F 74 -15.41 46.27 -15.85
N ASN F 75 -16.34 47.02 -16.45
CA ASN F 75 -17.74 46.91 -16.04
C ASN F 75 -18.34 45.56 -16.42
N MET F 76 -17.90 44.97 -17.53
CA MET F 76 -18.38 43.64 -17.89
C MET F 76 -17.93 42.59 -16.88
N ILE F 77 -16.71 42.75 -16.36
CA ILE F 77 -16.14 41.73 -15.48
C ILE F 77 -16.81 41.75 -14.10
N ILE F 78 -17.11 42.95 -13.59
CA ILE F 78 -17.75 43.04 -12.29
C ILE F 78 -19.18 42.51 -12.34
N ASP F 79 -19.86 42.68 -13.49
CA ASP F 79 -21.22 42.15 -13.63
C ASP F 79 -21.21 40.63 -13.62
N GLU F 80 -20.21 40.01 -14.27
CA GLU F 80 -20.04 38.57 -14.16
C GLU F 80 -19.84 38.13 -12.72
N ARG F 81 -19.23 38.98 -11.90
CA ARG F 81 -18.91 38.66 -10.51
C ARG F 81 -20.11 38.74 -9.58
N ARG F 82 -21.34 38.73 -10.09
CA ARG F 82 -22.50 38.80 -9.21
C ARG F 82 -23.17 37.44 -9.05
N SER F 83 -24.50 37.42 -9.01
CA SER F 83 -25.22 36.31 -8.37
C SER F 83 -24.93 34.96 -9.00
N ALA F 84 -24.94 34.87 -10.33
CA ALA F 84 -24.79 33.56 -10.97
C ALA F 84 -23.45 32.92 -10.63
N ARG F 85 -22.38 33.72 -10.61
CA ARG F 85 -21.09 33.20 -10.16
C ARG F 85 -21.09 32.92 -8.67
N PHE F 86 -21.85 33.70 -7.89
CA PHE F 86 -21.76 33.67 -6.43
C PHE F 86 -21.99 32.26 -5.89
N ARG F 87 -23.07 31.61 -6.31
CA ARG F 87 -23.42 30.31 -5.75
C ARG F 87 -22.60 29.18 -6.39
N ASN F 88 -22.53 29.15 -7.71
CA ASN F 88 -22.10 27.95 -8.43
C ASN F 88 -20.57 27.81 -8.45
N VAL F 89 -19.85 28.91 -8.70
CA VAL F 89 -18.44 28.90 -9.09
C VAL F 89 -17.55 28.14 -8.11
N VAL F 90 -18.11 27.70 -6.99
CA VAL F 90 -17.28 27.29 -5.85
C VAL F 90 -16.58 25.96 -6.13
N GLY F 91 -17.33 24.93 -6.50
CA GLY F 91 -16.81 23.58 -6.51
C GLY F 91 -16.95 22.89 -7.85
N SER F 92 -16.05 21.94 -8.07
CA SER F 92 -16.08 21.05 -9.23
C SER F 92 -16.03 19.61 -8.74
N THR F 93 -16.94 18.77 -9.25
CA THR F 93 -16.97 17.38 -8.84
C THR F 93 -15.69 16.66 -9.26
N ASP F 94 -15.17 16.97 -10.45
CA ASP F 94 -13.89 16.41 -10.86
C ASP F 94 -12.79 16.78 -9.88
N GLN F 95 -12.86 17.99 -9.32
CA GLN F 95 -11.89 18.41 -8.31
C GLN F 95 -12.04 17.58 -7.04
N SER F 96 -10.91 17.29 -6.40
CA SER F 96 -10.91 16.53 -5.17
C SER F 96 -11.53 17.33 -4.03
N GLY F 97 -11.89 16.64 -2.95
CA GLY F 97 -12.47 17.25 -1.79
C GLY F 97 -13.98 17.38 -1.81
N THR F 98 -14.64 16.90 -2.87
CA THR F 98 -16.08 16.94 -2.97
C THR F 98 -16.65 15.54 -2.84
N PRO F 99 -17.59 15.30 -1.93
CA PRO F 99 -18.12 13.95 -1.75
C PRO F 99 -18.98 13.53 -2.94
N GLU F 100 -18.80 12.27 -3.36
CA GLU F 100 -19.58 11.74 -4.45
C GLU F 100 -20.98 11.38 -3.97
N GLN F 101 -21.95 11.49 -4.88
CA GLN F 101 -23.33 11.17 -4.54
C GLN F 101 -23.51 9.66 -4.39
N SER F 102 -24.38 9.28 -3.45
CA SER F 102 -24.67 7.88 -3.19
C SER F 102 -26.17 7.68 -3.09
N THR F 103 -26.60 6.44 -3.32
CA THR F 103 -27.99 6.06 -3.19
C THR F 103 -28.09 4.82 -2.30
N PRO F 104 -28.98 4.81 -1.31
CA PRO F 104 -29.07 3.67 -0.40
C PRO F 104 -29.49 2.40 -1.13
N ASP F 105 -29.37 1.28 -0.42
CA ASP F 105 -29.76 0.00 -0.98
C ASP F 105 -31.25 -0.23 -0.80
N GLU F 106 -31.81 -1.08 -1.66
CA GLU F 106 -33.23 -1.36 -1.69
C GLU F 106 -33.64 -2.53 -0.81
N VAL F 107 -32.83 -2.86 0.21
CA VAL F 107 -33.11 -4.03 1.04
C VAL F 107 -34.43 -3.85 1.78
N ASN F 108 -34.58 -2.72 2.50
CA ASN F 108 -35.82 -2.48 3.23
C ASN F 108 -37.01 -2.42 2.29
N ALA F 109 -36.84 -1.82 1.11
CA ALA F 109 -37.93 -1.77 0.14
C ALA F 109 -38.22 -3.15 -0.44
N ALA F 110 -37.19 -3.97 -0.65
CA ALA F 110 -37.42 -5.30 -1.22
C ALA F 110 -38.10 -6.22 -0.22
N LEU F 111 -37.79 -6.09 1.07
CA LEU F 111 -38.43 -6.93 2.06
C LEU F 111 -39.90 -6.57 2.23
N ASP F 112 -40.21 -5.28 2.29
CA ASP F 112 -41.61 -4.86 2.35
C ASP F 112 -42.37 -5.34 1.12
N ARG F 113 -41.78 -5.19 -0.06
CA ARG F 113 -42.42 -5.66 -1.29
C ARG F 113 -42.69 -7.16 -1.25
N LEU F 114 -41.80 -7.94 -0.63
CA LEU F 114 -42.02 -9.38 -0.53
C LEU F 114 -43.15 -9.71 0.43
N LEU F 115 -43.24 -8.97 1.54
CA LEU F 115 -44.31 -9.23 2.50
C LEU F 115 -45.66 -8.74 1.98
N ILE F 116 -45.67 -7.62 1.24
CA ILE F 116 -46.90 -7.14 0.63
C ILE F 116 -47.37 -8.12 -0.45
N ALA F 117 -46.43 -8.73 -1.18
CA ALA F 117 -46.80 -9.69 -2.20
C ALA F 117 -47.36 -10.98 -1.60
N ASP F 118 -46.94 -11.34 -0.40
CA ASP F 118 -47.50 -12.51 0.27
C ASP F 118 -48.90 -12.22 0.79
N ALA F 119 -49.08 -11.07 1.45
CA ALA F 119 -50.41 -10.70 1.96
C ALA F 119 -51.38 -10.46 0.82
N LEU F 120 -50.89 -10.02 -0.34
CA LEU F 120 -51.76 -9.78 -1.49
C LEU F 120 -52.31 -11.09 -2.05
N ALA F 121 -51.51 -12.17 -2.01
CA ALA F 121 -51.95 -13.43 -2.60
C ALA F 121 -53.11 -14.05 -1.84
N GLN F 122 -53.22 -13.76 -0.54
CA GLN F 122 -54.29 -14.29 0.29
C GLN F 122 -55.56 -13.47 0.22
N LEU F 123 -55.73 -12.65 -0.83
CA LEU F 123 -56.91 -11.82 -1.02
C LEU F 123 -57.73 -12.35 -2.18
N SER F 124 -59.00 -11.98 -2.18
CA SER F 124 -59.89 -12.33 -3.27
C SER F 124 -59.47 -11.64 -4.55
N ALA F 125 -59.81 -12.24 -5.69
CA ALA F 125 -59.45 -11.65 -6.98
C ALA F 125 -60.07 -10.27 -7.14
N GLU F 126 -61.19 -10.01 -6.47
CA GLU F 126 -61.81 -8.69 -6.54
C GLU F 126 -61.03 -7.66 -5.73
N HIS F 127 -60.74 -7.99 -4.47
CA HIS F 127 -60.00 -7.05 -3.63
C HIS F 127 -58.58 -6.83 -4.14
N ARG F 128 -57.93 -7.89 -4.60
CA ARG F 128 -56.57 -7.75 -5.10
C ARG F 128 -56.53 -6.89 -6.37
N ALA F 129 -57.53 -7.04 -7.23
CA ALA F 129 -57.60 -6.26 -8.47
C ALA F 129 -58.09 -4.84 -8.24
N VAL F 130 -58.38 -4.45 -7.01
CA VAL F 130 -58.78 -3.08 -6.69
C VAL F 130 -57.68 -2.33 -5.97
N ILE F 131 -56.94 -3.00 -5.08
CA ILE F 131 -55.80 -2.35 -4.45
C ILE F 131 -54.66 -2.17 -5.44
N GLN F 132 -54.53 -3.08 -6.41
CA GLN F 132 -53.50 -2.94 -7.43
C GLN F 132 -53.85 -1.91 -8.49
N ARG F 133 -55.09 -1.41 -8.50
CA ARG F 133 -55.48 -0.33 -9.39
C ARG F 133 -55.58 1.02 -8.69
N SER F 134 -55.53 1.04 -7.35
CA SER F 134 -55.57 2.29 -6.59
C SER F 134 -54.20 2.70 -6.07
N TYR F 135 -53.39 1.74 -5.63
CA TYR F 135 -52.07 2.04 -5.09
C TYR F 135 -50.94 1.74 -6.06
N TYR F 136 -51.06 0.69 -6.87
CA TYR F 136 -50.04 0.37 -7.85
C TYR F 136 -50.20 1.13 -9.16
N ARG F 137 -51.43 1.43 -9.57
CA ARG F 137 -51.68 2.23 -10.75
C ARG F 137 -52.07 3.67 -10.43
N GLY F 138 -52.48 3.96 -9.19
CA GLY F 138 -52.73 5.33 -8.77
C GLY F 138 -53.96 5.97 -9.36
N TRP F 139 -54.92 5.17 -9.84
CA TRP F 139 -56.13 5.73 -10.43
C TRP F 139 -57.03 6.33 -9.35
N SER F 140 -58.04 7.06 -9.80
CA SER F 140 -59.04 7.62 -8.90
C SER F 140 -60.09 6.57 -8.55
N THR F 141 -60.99 6.94 -7.62
CA THR F 141 -62.07 6.04 -7.25
C THR F 141 -63.03 5.82 -8.41
N ALA F 142 -63.35 6.88 -9.14
CA ALA F 142 -64.25 6.75 -10.28
C ALA F 142 -63.58 6.05 -11.46
N GLN F 143 -62.25 6.16 -11.56
CA GLN F 143 -61.55 5.50 -12.65
C GLN F 143 -61.59 3.98 -12.49
N ILE F 144 -61.41 3.49 -11.26
CA ILE F 144 -61.50 2.05 -11.02
C ILE F 144 -62.94 1.59 -11.18
N ALA F 145 -63.90 2.42 -10.78
CA ALA F 145 -65.31 2.07 -10.95
C ALA F 145 -65.67 1.97 -12.43
N THR F 146 -65.07 2.83 -13.26
CA THR F 146 -65.36 2.78 -14.69
C THR F 146 -64.74 1.55 -15.33
N ASP F 147 -63.52 1.18 -14.92
CA ASP F 147 -62.83 0.06 -15.53
C ASP F 147 -63.51 -1.26 -15.18
N LEU F 148 -63.73 -1.51 -13.89
CA LEU F 148 -64.27 -2.79 -13.45
C LEU F 148 -65.77 -2.92 -13.66
N GLY F 149 -66.44 -1.87 -14.13
CA GLY F 149 -67.87 -1.94 -14.34
C GLY F 149 -68.66 -2.17 -13.07
N ILE F 150 -68.27 -1.51 -11.98
CA ILE F 150 -68.96 -1.63 -10.70
C ILE F 150 -69.26 -0.22 -10.19
N ALA F 151 -70.00 -0.18 -9.08
CA ALA F 151 -70.48 1.10 -8.56
C ALA F 151 -69.34 1.88 -7.91
N GLU F 152 -69.60 3.16 -7.65
CA GLU F 152 -68.63 4.02 -6.99
C GLU F 152 -68.37 3.54 -5.56
N GLY F 153 -69.43 3.36 -4.78
CA GLY F 153 -69.29 2.88 -3.42
C GLY F 153 -68.78 1.45 -3.34
N THR F 154 -68.95 0.67 -4.40
CA THR F 154 -68.39 -0.68 -4.41
C THR F 154 -66.87 -0.65 -4.36
N VAL F 155 -66.25 0.29 -5.09
CA VAL F 155 -64.80 0.42 -5.04
C VAL F 155 -64.35 0.96 -3.68
N LYS F 156 -65.13 1.88 -3.10
CA LYS F 156 -64.80 2.39 -1.78
C LYS F 156 -64.88 1.30 -0.72
N SER F 157 -65.87 0.41 -0.82
CA SER F 157 -66.03 -0.63 0.17
C SER F 157 -64.97 -1.72 0.02
N ARG F 158 -64.70 -2.13 -1.22
CA ARG F 158 -63.67 -3.15 -1.44
C ARG F 158 -62.31 -2.66 -0.97
N LEU F 159 -61.96 -1.40 -1.26
CA LEU F 159 -60.71 -0.83 -0.76
C LEU F 159 -60.71 -0.78 0.76
N HIS F 160 -61.86 -0.43 1.36
CA HIS F 160 -61.92 -0.30 2.81
C HIS F 160 -61.66 -1.63 3.51
N TYR F 161 -62.17 -2.73 2.94
CA TYR F 161 -61.95 -4.03 3.55
C TYR F 161 -60.57 -4.58 3.20
N ALA F 162 -60.19 -4.50 1.92
CA ALA F 162 -58.93 -5.08 1.47
C ALA F 162 -57.74 -4.52 2.25
N VAL F 163 -57.80 -3.24 2.62
CA VAL F 163 -56.75 -2.66 3.44
C VAL F 163 -56.73 -3.33 4.82
N ARG F 164 -57.91 -3.49 5.42
CA ARG F 164 -57.98 -4.15 6.72
C ARG F 164 -57.66 -5.63 6.62
N ALA F 165 -58.00 -6.27 5.50
CA ALA F 165 -57.63 -7.66 5.28
C ALA F 165 -56.11 -7.81 5.24
N LEU F 166 -55.43 -6.87 4.58
CA LEU F 166 -53.97 -6.91 4.55
C LEU F 166 -53.37 -6.63 5.92
N ARG F 167 -54.00 -5.72 6.68
CA ARG F 167 -53.53 -5.46 8.04
C ARG F 167 -53.69 -6.69 8.93
N LEU F 168 -54.74 -7.49 8.67
CA LEU F 168 -54.90 -8.75 9.41
C LEU F 168 -53.73 -9.69 9.13
N THR F 169 -53.41 -9.89 7.85
CA THR F 169 -52.36 -10.84 7.48
C THR F 169 -50.99 -10.36 7.95
N LEU F 170 -50.74 -9.05 7.91
CA LEU F 170 -49.43 -8.55 8.33
C LEU F 170 -49.27 -8.63 9.84
N GLN F 171 -50.28 -8.24 10.61
CA GLN F 171 -50.20 -8.34 12.06
C GLN F 171 -50.12 -9.80 12.51
N GLU F 172 -50.70 -10.72 11.75
CA GLU F 172 -50.55 -12.14 12.06
C GLU F 172 -49.14 -12.64 11.82
N LEU F 173 -48.37 -11.98 10.95
CA LEU F 173 -46.99 -12.35 10.69
C LEU F 173 -45.99 -11.50 11.46
N GLY F 174 -46.46 -10.58 12.29
CA GLY F 174 -45.57 -9.79 13.12
C GLY F 174 -44.98 -8.57 12.45
N VAL F 175 -45.67 -8.00 11.46
CA VAL F 175 -45.16 -6.80 10.81
C VAL F 175 -45.35 -5.60 11.73
N THR F 176 -44.30 -4.82 11.90
CA THR F 176 -44.32 -3.71 12.84
C THR F 176 -45.26 -2.62 12.37
N ARG F 177 -46.08 -2.11 13.29
CA ARG F 177 -47.02 -1.04 12.99
C ARG F 177 -46.30 0.23 12.54
ZN ZN J . -0.07 -28.63 -30.28
ZN ZN K . -46.29 20.68 -16.35
#